data_6VVT
#
_entry.id   6VVT
#
_cell.length_a   129.217
_cell.length_b   162.212
_cell.length_c   136.295
_cell.angle_alpha   90.000
_cell.angle_beta   111.360
_cell.angle_gamma   90.000
#
_symmetry.space_group_name_H-M   'P 1 21 1'
#
loop_
_entity.id
_entity.type
_entity.pdbx_description
1 polymer 'RNA polymerase-binding protein RbpA'
2 polymer 'DNA-directed RNA polymerase subunit alpha'
3 polymer 'DNA-directed RNA polymerase subunit beta'
4 polymer "DNA-directed RNA polymerase subunit beta'"
5 polymer 'DNA-directed RNA polymerase subunit omega'
6 polymer 'RNA polymerase sigma factor SigA'
7 polymer 'DNA (31-MER)'
8 polymer 'DNA (26-MER)'
9 non-polymer 'SORANGICIN A'
10 non-polymer 1,2-ETHANEDIOL
11 non-polymer 'ZINC ION'
12 non-polymer 'SULFATE ION'
13 water water
#
loop_
_entity_poly.entity_id
_entity_poly.type
_entity_poly.pdbx_seq_one_letter_code
_entity_poly.pdbx_strand_id
1 'polypeptide(L)'
;MADRVLRGSRLGAVSYETDRNHDLAPRQVARYRTDNGEEFDVPFADDAEIPGTWLCRNGLEGTLIEGDVPEPKKVKPPRT
HWDMLLERRSVEELEELLKERLDLIKAKRRGTGS
;
J
2 'polypeptide(L)'
;MLISQRPTLSEETVAENRSRFVIEPLEPGFGYTLGNSLRRTLLSSIPGAAVTSIRIDGVLHEFTTVPGVKEDVTDIILNL
KGLVVSSDDDEPVTMYLRKQGPGVVTAGDIVPPAGVTVHNPDMHIATLNDKGKLEVELVVERGRGYVPAVQNKASGAEIG
RIPVDSIYSPVLKVTYKVEATRVEQRTDFDKLIIDVETKNSISPRDALASAGGTLVELFGLARELNADSEHIEIGPSPAE
ADHIASFALPIDDLDLTVRSYNCLKREGVHTVGELVARTESDLLDIRNFGQKSIDEVKIKLHQLGLSLKDSPATFDPSEV
AGYDAATGTWTSDAGYDLDDNQDYAETEQL
;
A,B
3 'polypeptide(L)'
;MLEGCILAVSSQSKSNAITNNSVPGAPNRVSFAKLREPLEVPGLLDVQTDSFEWLVGSDRWRQAAIDRGEENPVGGLEEV
LAELSPIEDFSGSMSLSFSDPRFDEVKASVDECKDKDMTYAAPLFVTAEFINNNTGEIKSQTVFMGDFPMMTEKGTFIIN
GTERVVVSQLVRSPGVYFDETIDKSTEKTLHSVKVIPGRGAWLEFDVDKRDTVGVRIDRKRRQPVTVLLKALGWTNEQIV
ERFGFSEIMMGTLEKDTTSGTDEALLDIYRKLRPGEPPTKESAQTLLENLFFKEKRYDLARVGRYKVNKKLGLNAGKPIT
SSTLTEEDVVATIEYLVRLHEGQTSMTVPGGVEVPVEVDDIDHFGNRRLRTVGELIQNQIRVGLSRMERVVRERMTTQDV
EAITPQTLINIRPVVAAIKEFFGTSQLSQFMDQNNPLSGLTHKRRLLALGPGGLSRERAGLEVRDVHPSHYGRMCPIETP
EGPNIGLIGSLSVYARVNPFGFIETPYRKVENGVVTDQIDYLTADEEDRHVVAQANSPTDENGRFTEDRVMVRKKGGEVE
FVSADQVDYMDVSPRQMVSVATAMIPFLEHDDANRALMGANMQRQAVPLVRSEAPLVGTGMELRAAIDAGDVVVADKTGV
IEEVSADYITVMADDGTRQSYRLRKFARSNHGTCANQRPIVDAGQRVEAGQVIADGPCTQNGEMALGKNLLVAIMPWEGH
NYEDAIILSNRLVEEDVLTSIHIEEHEIDARDTKLGAEEITRDIPNVSDEVLADLDERGIVRIGAEVRDGDILVGKVTPK
GETELTPEERLLRAIFGEKAREVRDTSLKVPHGESGKVIGIRVFSREDDDELPAGVNELVRVYVAQKRKISDGDKLAGRH
GNKGVIGKILPVEDMPFLPDGTPVDIILNTHGVPRRMNIGQILETHLGWVAKAGWNIDVAAGVPDWASKLPEELYSAPAD
STVATPVFDGAQEGELAGLLGSTLPNRDGEVMVDADGKSTLFDGRSGEPFPYPVTVGYMYILKLHHLVDDKIHARSTGPY
SMITQQPLGGKAQFGGQRFGEMECWAMQAYGAAYTLQELLTIKSDDTVGRVKVYEAIVKGENIPEPGIPESFKVLLKELQ
SLCLNVEVLSSDGAAIEMRDGDDEDLERAAANLGINLSRNESASVEDLA
;
C
4 'polypeptide(L)'
;MLDVNFFDELRIGLATADDIRNWSYGEVKKPETINYRTLKPEKDGLFCEKIFGPTRDWECYCGKYKRVRFKGIICERCGV
EVTRAKVRRERMGHIELAAPVTHIWYFKGVPSRLGYLLDLAPKDLEKIIYFAAYVITSVDDEMRHNELSTLEAEMAVEKK
AVEDQRDADLEARAQKLEADLAELEAEGAKSDVRRKVRDSGEREMRQLRDRAQRELDRLDEIWNTFTKLAPKQLIVDEVL
YRELQDRYGEYFTGAMGAESIKKLIENFDIDAEAESLREVIRSGKGQKKLRALKRLKVVAAFQQSGNSPMGMVLDAVPVI
PPELRPMVQLDGGRFATSDLNDLYRRVINRNNRLKRLIDLGAPEIIVNNEKRMLQESVDALFDNGRRGRPVTGPGNRPLK
SLSDLLKGKQGRFRQNLLGKRVDYSGRSVIVVGPQLKLHQCGLPKLMALELFKPFVMKRLVDLNHAQNIKSAKRMVERQR
PQVWDVLEEVIAEHPVLLNRAPTLHRLGIQAFEPQLVEGKAIQLHPLVCEAFNADFDGDQMAVHLPLSAEAQAEARILML
SSNNILSPASGKPLAMPRLDMVTGLYYLTTLVEGATGEYQAATKDAPEQGVYSSPAEAIMAMDRGALSVRAKIKVRLTEL
RPPTDLEAQLFENGWKPGDAWTAETTLGRVMFNELLPKSYPFVNEQMHKKVQARIINDLAERFPMIVVAQTVDKLKDAGF
YWATRSGVTVSMADVLVPPQKQEILERHEAEADAIERKYQRGALNHTERNESLVKIWQDATEEVGKALEEFYPADNPIIT
IVKSGATGNLTQTRTLAGMKGLVTNPKGEFIPRPIKSSFREGLTVLEYFINTHGARKGLADTALRTADSGYLTRRLVDVS
QDVIVREHDCETERGINVTLAERGPDGTLIRDAHVETSAFARTLATDAVDANGNVIIERGHDLGDPAIDALLAAGITTVK
VRSVLTCTSATGVCAMCYGRSMATGKLVDIGEAVGIVAAQSIGEPGTQLTMRTFHQGGVTGGADIVGGLPRVQELFEARV
PRNKAPIADVAGRVRLEESDKFFKITIVPDDGGEEVVYDKLSKRQRLRVITHEDGTEGVLSDGDHVEVGDQLMEGAADPH
EVLRVQGPREVQIHLVKEVQEVYRAQGVSIHDKHIEVIVRQMLRRVTIIDSGSTEFLPGSLTERAEFEAENRRVVAEGGE
PAAGRPVLMGITKASLATDSWLSAASFQETTRVLTDAAINCRSDKLNGLKENVIIGKLIPAGTGISRYRNIQVQPTEEAR
AAAYTIPSYEDQYYSPDFGQATGAAVPLDDYGYSDYR
;
D
5 'polypeptide(L)'
;MSTPHADAQLNAADDLGIDSSAASAYDTPLGITNPPIDELLSRASSKYALVIYAAKRARQINDYYNQLGDGILEYVGPLV
EPGLQEKPLSIALREIHGDLLEHTEGE
;
E
6 'polypeptide(L)'
;MAATKASPATEEPVKRTATKTPAKKAPAKRAAKSAAAKAGGKAPAKKAPAKRAAKGTAAKPEDGVTDDLEVTDDLEAEPG
EDLDVEDTDLELDDLDSDDDTAVEDEEEEADAATPAVATAKAADDDIDEPSEKDKASGDFVWDEEESEALRQARKDAELT
ASADSVRAYLKQIGKVALLNAEEEVELAKRIEAGLYATQKLAELAEKGEKLPVQQRRDMQWICRDGDRAKNHLLEANLRL
VVSLAKRYTGRGMAFLDLIQEGNLGLIRAVEKFDYTKGYKFSTYATWWIRQAITRAMADQARTIRIPVHMVEVINKLGRI
QRELLQDLGREPTPEELAKEMDITPEKVLEIQQYAREPISLDQTIGDEGDSQLGDFIEDSEAVVAVDAVSFTLLQDQLQS
VLETLSEREAGVVRLRFGLTDGQPRTLDEIGQVYGVTRERIRQIESKTMSKLRHPSRSQVLRDYLD
;
F
7 'polydeoxyribonucleotide'
;(DG)(DC)(DT)(DT)(DG)(DA)(DC)(DA)(DA)(DA)(DA)(DG)(DT)(DG)(DT)(DT)(DA)(DA)(DA)(DT)
(DT)(DG)(DT)(DG)(DC)(DT)(DA)(DT)(DA)(DC)(DT)
;
O
8 'polydeoxyribonucleotide'
;(DA)(DG)(DC)(DA)(DC)(DA)(DA)(DT)(DT)(DT)(DA)(DA)(DC)(DA)(DC)(DT)(DT)(DT)(DT)(DG)
(DT)(DC)(DA)(DA)(DG)(DC)
;
P
#
loop_
_chem_comp.id
_chem_comp.type
_chem_comp.name
_chem_comp.formula
DA DNA linking 2'-DEOXYADENOSINE-5'-MONOPHOSPHATE 'C10 H14 N5 O6 P'
DC DNA linking 2'-DEOXYCYTIDINE-5'-MONOPHOSPHATE 'C9 H14 N3 O7 P'
DG DNA linking 2'-DEOXYGUANOSINE-5'-MONOPHOSPHATE 'C10 H14 N5 O7 P'
DT DNA linking THYMIDINE-5'-MONOPHOSPHATE 'C10 H15 N2 O8 P'
EDO non-polymer 1,2-ETHANEDIOL 'C2 H6 O2'
SO4 non-polymer 'SULFATE ION' 'O4 S -2'
SRN non-polymer 'SORANGICIN A' 'C47 H66 O11'
ZN non-polymer 'ZINC ION' 'Zn 2'
#
# COMPACT_ATOMS: atom_id res chain seq x y z
N PRO A 26 -16.04 24.18 46.03
CA PRO A 26 -15.53 23.84 47.37
C PRO A 26 -14.11 23.28 47.32
N ARG A 27 -13.16 23.98 47.93
CA ARG A 27 -11.76 23.55 47.89
C ARG A 27 -11.05 24.01 49.15
N GLN A 28 -10.40 23.08 49.84
CA GLN A 28 -9.54 23.38 50.97
C GLN A 28 -8.09 23.42 50.50
N VAL A 29 -7.34 24.41 50.97
CA VAL A 29 -5.96 24.62 50.58
C VAL A 29 -5.08 24.31 51.79
N ALA A 30 -4.35 23.20 51.72
CA ALA A 30 -3.43 22.78 52.76
C ALA A 30 -2.01 22.85 52.24
N ARG A 31 -1.08 23.25 53.12
CA ARG A 31 0.32 23.38 52.77
C ARG A 31 1.15 22.45 53.64
N TYR A 32 2.02 21.66 53.00
CA TYR A 32 2.92 20.76 53.68
C TYR A 32 4.36 21.23 53.53
N ARG A 33 5.21 20.79 54.45
CA ARG A 33 6.62 21.18 54.48
C ARG A 33 7.48 19.94 54.42
N THR A 34 8.41 19.90 53.48
CA THR A 34 9.32 18.77 53.31
C THR A 34 10.57 18.98 54.17
N ASP A 35 11.33 17.89 54.34
CA ASP A 35 12.52 17.94 55.17
C ASP A 35 13.58 18.87 54.57
N ASN A 36 13.65 18.95 53.24
CA ASN A 36 14.68 19.74 52.58
C ASN A 36 14.36 21.23 52.54
N GLY A 37 13.12 21.63 52.83
CA GLY A 37 12.75 23.03 52.91
C GLY A 37 11.75 23.47 51.87
N GLU A 38 11.36 22.62 50.92
CA GLU A 38 10.38 22.99 49.92
C GLU A 38 8.97 22.84 50.48
N GLU A 39 8.06 23.68 49.99
CA GLU A 39 6.68 23.68 50.42
C GLU A 39 5.77 23.42 49.24
N PHE A 40 4.60 22.83 49.52
CA PHE A 40 3.65 22.45 48.49
C PHE A 40 2.23 22.77 48.94
N ASP A 41 1.40 23.16 47.98
CA ASP A 41 -0.03 23.41 48.21
C ASP A 41 -0.83 22.25 47.63
N VAL A 42 -1.66 21.64 48.47
CA VAL A 42 -2.45 20.48 48.10
C VAL A 42 -3.92 20.79 48.34
N PRO A 43 -4.66 21.16 47.30
CA PRO A 43 -6.10 21.44 47.48
C PRO A 43 -6.86 20.17 47.83
N PHE A 44 -7.75 20.30 48.82
CA PHE A 44 -8.64 19.23 49.24
C PHE A 44 -10.08 19.71 49.21
N ALA A 45 -11.00 18.78 49.44
CA ALA A 45 -12.40 19.14 49.60
C ALA A 45 -12.64 19.75 50.97
N ASP A 46 -13.57 20.70 51.03
CA ASP A 46 -13.82 21.42 52.27
C ASP A 46 -14.28 20.48 53.38
N ASP A 47 -15.06 19.47 53.04
CA ASP A 47 -15.74 18.68 54.07
C ASP A 47 -14.87 17.57 54.64
N ALA A 48 -13.89 17.08 53.89
CA ALA A 48 -13.17 15.88 54.29
C ALA A 48 -12.01 16.21 55.23
N GLU A 49 -11.55 15.18 55.94
CA GLU A 49 -10.44 15.33 56.87
C GLU A 49 -9.17 15.69 56.12
N ILE A 50 -8.28 16.41 56.80
CA ILE A 50 -7.00 16.85 56.25
C ILE A 50 -5.90 16.00 56.87
N PRO A 51 -5.13 15.25 56.08
CA PRO A 51 -4.05 14.46 56.65
C PRO A 51 -2.95 15.33 57.24
N GLY A 52 -2.12 14.71 58.07
CA GLY A 52 -1.01 15.41 58.69
C GLY A 52 0.28 15.28 57.90
N THR A 53 0.43 14.19 57.17
CA THR A 53 1.58 13.94 56.32
C THR A 53 1.10 13.61 54.92
N TRP A 54 1.80 14.10 53.91
CA TRP A 54 1.36 13.97 52.54
C TRP A 54 2.55 13.71 51.62
N LEU A 55 2.43 12.66 50.81
CA LEU A 55 3.43 12.37 49.78
C LEU A 55 3.41 13.48 48.73
N CYS A 56 4.48 14.25 48.65
CA CYS A 56 4.52 15.44 47.82
C CYS A 56 5.21 15.19 46.50
N ARG A 57 5.05 16.14 45.57
CA ARG A 57 5.75 16.10 44.30
C ARG A 57 7.25 15.87 44.48
N ASN A 58 7.82 16.39 45.57
CA ASN A 58 9.25 16.22 45.82
C ASN A 58 9.64 14.75 45.85
N GLY A 59 8.71 13.87 46.20
CA GLY A 59 9.02 12.49 46.47
C GLY A 59 9.30 12.20 47.93
N LEU A 60 9.24 13.20 48.80
CA LEU A 60 9.46 13.05 50.23
C LEU A 60 8.17 13.30 50.99
N GLU A 61 8.15 12.88 52.25
CA GLU A 61 6.99 13.12 53.09
C GLU A 61 6.99 14.56 53.59
N GLY A 62 5.79 15.14 53.71
CA GLY A 62 5.66 16.48 54.24
C GLY A 62 4.65 16.63 55.37
N THR A 63 4.99 17.40 56.40
CA THR A 63 4.09 17.61 57.53
C THR A 63 3.33 18.91 57.35
N LEU A 64 2.03 18.88 57.64
CA LEU A 64 1.21 20.06 57.47
C LEU A 64 1.58 21.11 58.52
N ILE A 65 1.39 22.38 58.17
CA ILE A 65 1.90 23.47 59.01
C ILE A 65 0.93 23.79 60.14
N GLU A 66 -0.38 23.74 59.88
CA GLU A 66 -1.39 24.12 60.85
C GLU A 66 -2.39 23.00 61.04
N GLY A 67 -2.74 22.72 62.29
CA GLY A 67 -3.76 21.73 62.60
C GLY A 67 -3.31 20.61 63.51
N ASP A 68 -2.05 20.66 63.95
CA ASP A 68 -1.47 19.58 64.75
C ASP A 68 -1.35 18.31 63.92
N VAL A 69 -0.33 17.50 64.20
CA VAL A 69 0.08 16.44 63.29
C VAL A 69 -0.49 15.07 63.65
N PRO A 70 -0.83 14.80 64.93
CA PRO A 70 -0.90 13.41 65.40
C PRO A 70 -0.25 12.40 64.47
N GLU A 71 1.08 12.39 64.43
CA GLU A 71 1.83 11.49 63.56
C GLU A 71 2.18 10.21 64.30
N PRO A 72 1.39 9.12 64.13
CA PRO A 72 1.69 7.86 64.81
C PRO A 72 2.72 7.03 64.07
N LYS A 73 3.99 7.43 64.21
CA LYS A 73 5.08 6.75 63.56
C LYS A 73 5.03 5.26 63.83
N LYS A 74 5.15 4.46 62.77
CA LYS A 74 5.07 3.01 62.89
C LYS A 74 6.00 2.50 64.00
N VAL A 75 7.11 3.19 64.23
CA VAL A 75 8.03 2.86 65.32
C VAL A 75 8.55 1.42 65.22
N LYS A 76 8.67 0.91 64.00
CA LYS A 76 9.24 -0.42 63.80
C LYS A 76 10.75 -0.27 63.64
N PRO A 77 11.55 -0.73 64.60
CA PRO A 77 13.01 -0.61 64.46
C PRO A 77 13.53 -1.62 63.47
N PRO A 78 14.09 -1.16 62.35
CA PRO A 78 14.62 -2.11 61.35
C PRO A 78 15.70 -2.99 61.94
N ARG A 79 15.61 -4.29 61.64
CA ARG A 79 16.55 -5.26 62.19
C ARG A 79 17.96 -4.94 61.73
N THR A 80 18.90 -4.94 62.68
CA THR A 80 20.28 -4.56 62.43
C THR A 80 21.21 -5.76 62.64
N HIS A 81 22.47 -5.56 62.26
CA HIS A 81 23.47 -6.62 62.44
C HIS A 81 23.65 -6.97 63.91
N TRP A 82 23.47 -5.99 64.80
CA TRP A 82 23.59 -6.28 66.23
C TRP A 82 22.50 -7.25 66.68
N ASP A 83 21.28 -7.07 66.17
CA ASP A 83 20.19 -7.98 66.54
C ASP A 83 20.49 -9.41 66.13
N MET A 84 21.10 -9.59 64.95
CA MET A 84 21.40 -10.93 64.46
C MET A 84 22.52 -11.57 65.25
N LEU A 85 23.44 -10.78 65.79
CA LEU A 85 24.53 -11.33 66.60
C LEU A 85 24.09 -11.62 68.02
N LEU A 86 23.28 -10.74 68.61
CA LEU A 86 22.85 -10.94 69.99
C LEU A 86 22.03 -12.22 70.13
N GLU A 87 21.27 -12.60 69.09
CA GLU A 87 20.41 -13.76 69.17
C GLU A 87 21.16 -15.08 69.01
N ARG A 88 22.48 -15.05 68.85
CA ARG A 88 23.29 -16.26 68.85
C ARG A 88 24.38 -16.25 69.90
N ARG A 89 25.00 -15.10 70.15
CA ARG A 89 26.01 -14.95 71.18
C ARG A 89 25.37 -14.33 72.42
N SER A 90 25.53 -14.99 73.57
CA SER A 90 25.15 -14.37 74.83
C SER A 90 26.18 -13.29 75.20
N VAL A 91 25.71 -12.26 75.89
CA VAL A 91 26.58 -11.12 76.20
C VAL A 91 27.86 -11.58 76.88
N GLU A 92 27.80 -12.70 77.60
CA GLU A 92 29.01 -13.23 78.23
C GLU A 92 30.01 -13.73 77.19
N GLU A 93 29.53 -14.52 76.22
CA GLU A 93 30.41 -14.99 75.15
C GLU A 93 31.06 -13.83 74.43
N LEU A 94 30.31 -12.76 74.19
CA LEU A 94 30.86 -11.57 73.55
C LEU A 94 31.89 -10.89 74.44
N GLU A 95 31.59 -10.80 75.74
CA GLU A 95 32.53 -10.18 76.67
C GLU A 95 33.84 -10.95 76.71
N GLU A 96 33.77 -12.29 76.72
CA GLU A 96 34.99 -13.09 76.73
C GLU A 96 35.80 -12.88 75.45
N LEU A 97 35.11 -12.83 74.30
CA LEU A 97 35.81 -12.58 73.05
C LEU A 97 36.52 -11.24 73.08
N LEU A 98 35.84 -10.20 73.56
CA LEU A 98 36.44 -8.87 73.59
C LEU A 98 37.67 -8.85 74.48
N LYS A 99 37.66 -9.60 75.58
CA LYS A 99 38.84 -9.71 76.42
C LYS A 99 39.99 -10.36 75.65
N GLU A 100 39.69 -11.41 74.87
CA GLU A 100 40.72 -12.03 74.05
C GLU A 100 41.33 -11.01 73.10
N ARG A 101 40.49 -10.23 72.41
CA ARG A 101 40.99 -9.22 71.50
C ARG A 101 41.81 -8.17 72.23
N LEU A 102 41.31 -7.68 73.36
CA LEU A 102 42.05 -6.68 74.12
C LEU A 102 43.34 -7.23 74.68
N ASP A 103 43.29 -8.44 75.26
CA ASP A 103 44.53 -9.09 75.70
C ASP A 103 45.47 -9.32 74.52
N LEU A 104 44.95 -9.34 73.30
CA LEU A 104 45.82 -9.50 72.13
C LEU A 104 46.44 -8.17 71.72
N ILE A 105 45.66 -7.09 71.74
CA ILE A 105 46.20 -5.78 71.39
C ILE A 105 47.22 -5.32 72.44
N LYS A 106 46.97 -5.61 73.71
CA LYS A 106 47.94 -5.30 74.75
C LYS A 106 49.27 -6.00 74.47
N ALA A 107 49.22 -7.29 74.13
CA ALA A 107 50.45 -8.03 73.88
C ALA A 107 51.23 -7.43 72.72
N LYS A 108 50.54 -6.90 71.71
CA LYS A 108 51.23 -6.35 70.55
C LYS A 108 52.11 -5.16 70.92
N ARG A 109 51.69 -4.38 71.92
CA ARG A 109 52.48 -3.23 72.37
C ARG A 109 53.87 -3.65 72.84
N MET B 1 -38.73 11.28 -57.19
CA MET B 1 -38.42 9.87 -57.38
C MET B 1 -38.86 9.06 -56.16
N LEU B 2 -40.04 9.36 -55.63
CA LEU B 2 -40.56 8.68 -54.44
C LEU B 2 -41.29 7.42 -54.88
N ILE B 3 -40.51 6.40 -55.24
CA ILE B 3 -41.08 5.09 -55.53
C ILE B 3 -41.79 4.60 -54.27
N SER B 4 -43.12 4.69 -54.26
CA SER B 4 -43.92 4.50 -53.06
C SER B 4 -44.62 3.14 -53.13
N GLN B 5 -44.20 2.23 -52.23
CA GLN B 5 -44.91 0.97 -52.03
C GLN B 5 -44.63 0.56 -50.59
N ARG B 6 -45.62 0.75 -49.71
CA ARG B 6 -45.52 0.55 -48.28
C ARG B 6 -44.74 -0.73 -47.95
N PRO B 7 -44.01 -0.75 -46.84
CA PRO B 7 -43.29 -1.98 -46.47
C PRO B 7 -44.25 -3.11 -46.12
N THR B 8 -43.82 -4.34 -46.42
CA THR B 8 -44.63 -5.52 -46.20
C THR B 8 -43.87 -6.50 -45.31
N LEU B 9 -44.50 -6.93 -44.23
CA LEU B 9 -43.92 -7.87 -43.28
C LEU B 9 -44.60 -9.23 -43.45
N SER B 10 -43.88 -10.17 -44.05
CA SER B 10 -44.37 -11.53 -44.27
C SER B 10 -43.63 -12.50 -43.37
N GLU B 11 -44.37 -13.42 -42.76
CA GLU B 11 -43.79 -14.38 -41.83
C GLU B 11 -43.03 -15.47 -42.59
N GLU B 12 -42.55 -16.46 -41.86
CA GLU B 12 -41.87 -17.62 -42.42
C GLU B 12 -41.77 -18.66 -41.32
N THR B 13 -41.09 -19.77 -41.63
CA THR B 13 -40.87 -20.84 -40.66
C THR B 13 -39.60 -21.57 -41.03
N VAL B 14 -38.71 -21.74 -40.04
CA VAL B 14 -37.51 -22.54 -40.17
C VAL B 14 -37.53 -23.74 -39.24
N ALA B 15 -37.91 -23.53 -37.98
CA ALA B 15 -38.20 -24.59 -37.04
C ALA B 15 -39.51 -24.21 -36.34
N GLU B 16 -39.79 -24.86 -35.21
CA GLU B 16 -40.96 -24.49 -34.45
C GLU B 16 -40.68 -23.37 -33.46
N ASN B 17 -39.51 -23.40 -32.81
CA ASN B 17 -39.18 -22.35 -31.85
C ASN B 17 -38.76 -21.05 -32.53
N ARG B 18 -38.21 -21.12 -33.74
CA ARG B 18 -37.78 -19.93 -34.46
C ARG B 18 -38.36 -19.93 -35.87
N SER B 19 -38.54 -18.72 -36.40
CA SER B 19 -39.07 -18.52 -37.75
C SER B 19 -38.59 -17.18 -38.25
N ARG B 20 -38.28 -17.11 -39.55
CA ARG B 20 -37.76 -15.88 -40.12
C ARG B 20 -38.89 -14.89 -40.39
N PHE B 21 -38.51 -13.62 -40.48
CA PHE B 21 -39.43 -12.54 -40.84
C PHE B 21 -38.72 -11.61 -41.82
N VAL B 22 -39.39 -11.28 -42.92
CA VAL B 22 -38.83 -10.44 -43.96
C VAL B 22 -39.72 -9.22 -44.14
N ILE B 23 -39.08 -8.05 -44.26
CA ILE B 23 -39.78 -6.78 -44.46
C ILE B 23 -39.19 -6.11 -45.69
N GLU B 24 -40.03 -5.87 -46.69
CA GLU B 24 -39.60 -5.24 -47.93
C GLU B 24 -40.71 -4.38 -48.54
N PRO B 25 -40.32 -3.27 -49.16
CA PRO B 25 -38.95 -2.73 -49.12
C PRO B 25 -38.93 -1.36 -48.45
N LEU B 26 -37.76 -0.80 -48.17
CA LEU B 26 -37.68 0.56 -47.66
C LEU B 26 -36.28 1.12 -47.94
N GLU B 27 -36.06 2.34 -47.45
CA GLU B 27 -34.96 3.16 -47.93
C GLU B 27 -33.59 2.53 -47.60
N PRO B 28 -32.57 2.79 -48.41
CA PRO B 28 -31.26 2.20 -48.14
C PRO B 28 -30.66 2.73 -46.85
N GLY B 29 -29.83 1.90 -46.24
CA GLY B 29 -29.32 2.15 -44.91
C GLY B 29 -30.35 2.05 -43.79
N PHE B 30 -31.49 1.41 -44.04
CA PHE B 30 -32.54 1.23 -43.05
C PHE B 30 -32.58 -0.17 -42.46
N GLY B 31 -32.10 -1.17 -43.21
CA GLY B 31 -32.10 -2.55 -42.75
C GLY B 31 -31.35 -2.73 -41.45
N TYR B 32 -30.05 -2.47 -41.47
CA TYR B 32 -29.23 -2.65 -40.27
C TYR B 32 -29.80 -1.88 -39.09
N THR B 33 -30.22 -0.63 -39.31
CA THR B 33 -30.69 0.19 -38.21
C THR B 33 -32.00 -0.33 -37.64
N LEU B 34 -32.92 -0.74 -38.50
CA LEU B 34 -34.19 -1.27 -38.02
C LEU B 34 -34.05 -2.69 -37.47
N GLY B 35 -33.18 -3.49 -38.08
CA GLY B 35 -32.98 -4.85 -37.60
C GLY B 35 -32.49 -4.89 -36.16
N ASN B 36 -31.40 -4.17 -35.88
CA ASN B 36 -30.87 -4.15 -34.53
C ASN B 36 -31.81 -3.42 -33.57
N SER B 37 -32.63 -2.52 -34.09
CA SER B 37 -33.58 -1.82 -33.22
C SER B 37 -34.62 -2.78 -32.65
N LEU B 38 -34.98 -3.82 -33.40
CA LEU B 38 -35.85 -4.86 -32.86
C LEU B 38 -35.06 -5.86 -32.03
N ARG B 39 -33.86 -6.23 -32.50
CA ARG B 39 -33.04 -7.19 -31.77
C ARG B 39 -32.79 -6.71 -30.34
N ARG B 40 -32.30 -5.47 -30.19
CA ARG B 40 -32.08 -4.95 -28.84
C ARG B 40 -33.35 -4.99 -28.01
N THR B 41 -34.52 -4.93 -28.65
CA THR B 41 -35.78 -4.99 -27.91
C THR B 41 -36.18 -6.42 -27.61
N LEU B 42 -35.96 -7.34 -28.56
CA LEU B 42 -36.31 -8.74 -28.32
C LEU B 42 -35.49 -9.32 -27.17
N LEU B 43 -34.17 -9.14 -27.22
CA LEU B 43 -33.27 -9.78 -26.28
C LEU B 43 -33.44 -9.22 -24.87
N SER B 44 -34.37 -8.28 -24.69
CA SER B 44 -34.48 -7.59 -23.41
C SER B 44 -35.91 -7.61 -22.87
N SER B 45 -36.82 -6.90 -23.53
CA SER B 45 -38.12 -6.59 -22.93
C SER B 45 -39.22 -7.57 -23.32
N ILE B 46 -38.88 -8.80 -23.67
CA ILE B 46 -39.90 -9.83 -23.93
C ILE B 46 -40.28 -10.45 -22.60
N PRO B 47 -41.54 -10.32 -22.18
CA PRO B 47 -41.90 -10.69 -20.81
C PRO B 47 -41.91 -12.20 -20.57
N GLY B 48 -41.56 -12.58 -19.35
CA GLY B 48 -41.66 -13.94 -18.88
C GLY B 48 -42.53 -13.99 -17.62
N ALA B 49 -42.81 -15.15 -17.02
CA ALA B 49 -42.35 -16.49 -17.41
C ALA B 49 -40.95 -16.80 -16.83
N ALA B 50 -40.87 -16.86 -15.51
CA ALA B 50 -39.64 -17.20 -14.81
C ALA B 50 -39.96 -17.49 -13.35
N VAL B 51 -39.05 -18.22 -12.70
CA VAL B 51 -39.22 -18.65 -11.32
C VAL B 51 -38.44 -17.71 -10.41
N THR B 52 -39.08 -17.24 -9.34
CA THR B 52 -38.46 -16.31 -8.41
C THR B 52 -37.69 -17.05 -7.33
N SER B 53 -38.39 -17.47 -6.27
CA SER B 53 -37.77 -18.17 -5.15
C SER B 53 -38.29 -19.61 -5.09
N ILE B 54 -37.57 -20.44 -4.32
CA ILE B 54 -37.94 -21.83 -4.13
C ILE B 54 -37.67 -22.20 -2.67
N ARG B 55 -38.31 -23.27 -2.23
CA ARG B 55 -38.19 -23.74 -0.85
C ARG B 55 -38.09 -25.26 -0.85
N ILE B 56 -37.00 -25.79 -0.31
CA ILE B 56 -36.81 -27.22 -0.12
C ILE B 56 -36.98 -27.49 1.37
N ASP B 57 -38.01 -28.28 1.71
CA ASP B 57 -38.37 -28.45 3.12
C ASP B 57 -37.19 -28.95 3.94
N GLY B 58 -36.35 -29.82 3.36
CA GLY B 58 -35.26 -30.39 4.12
C GLY B 58 -34.15 -29.41 4.44
N VAL B 59 -33.96 -28.41 3.59
CA VAL B 59 -32.85 -27.48 3.71
C VAL B 59 -33.34 -26.14 4.21
N LEU B 60 -32.42 -25.38 4.82
CA LEU B 60 -32.70 -24.03 5.27
C LEU B 60 -31.99 -22.96 4.43
N HIS B 61 -30.90 -23.31 3.76
CA HIS B 61 -30.18 -22.37 2.92
C HIS B 61 -29.68 -23.10 1.68
N GLU B 62 -28.85 -22.42 0.89
CA GLU B 62 -28.45 -22.89 -0.43
C GLU B 62 -27.19 -23.73 -0.42
N PHE B 63 -26.43 -23.74 0.68
CA PHE B 63 -25.12 -24.39 0.68
C PHE B 63 -25.10 -25.68 1.50
N THR B 64 -26.07 -26.56 1.24
CA THR B 64 -26.13 -27.85 1.93
C THR B 64 -26.55 -28.91 0.94
N THR B 65 -26.56 -30.16 1.39
CA THR B 65 -26.95 -31.30 0.58
C THR B 65 -28.25 -31.90 1.10
N VAL B 66 -28.84 -32.76 0.28
CA VAL B 66 -30.06 -33.49 0.63
C VAL B 66 -29.72 -34.96 0.76
N PRO B 67 -30.15 -35.65 1.82
CA PRO B 67 -29.81 -37.07 1.96
C PRO B 67 -30.29 -37.87 0.76
N GLY B 68 -29.35 -38.57 0.13
CA GLY B 68 -29.64 -39.44 -0.98
C GLY B 68 -29.49 -38.80 -2.35
N VAL B 69 -29.70 -37.48 -2.46
CA VAL B 69 -29.56 -36.82 -3.75
C VAL B 69 -28.09 -36.75 -4.14
N LYS B 70 -27.83 -36.73 -5.45
CA LYS B 70 -26.47 -36.67 -5.97
C LYS B 70 -25.97 -35.24 -6.09
N GLU B 71 -26.82 -34.30 -6.49
CA GLU B 71 -26.44 -32.91 -6.62
C GLU B 71 -26.66 -32.17 -5.31
N ASP B 72 -25.72 -31.29 -4.96
CA ASP B 72 -25.93 -30.42 -3.82
C ASP B 72 -26.96 -29.35 -4.15
N VAL B 73 -27.47 -28.69 -3.12
CA VAL B 73 -28.53 -27.72 -3.30
C VAL B 73 -28.10 -26.63 -4.28
N THR B 74 -26.88 -26.12 -4.11
CA THR B 74 -26.41 -25.05 -4.98
C THR B 74 -26.33 -25.52 -6.43
N ASP B 75 -26.07 -26.80 -6.66
CA ASP B 75 -26.02 -27.32 -8.02
C ASP B 75 -27.41 -27.60 -8.56
N ILE B 76 -28.36 -27.94 -7.70
CA ILE B 76 -29.75 -28.08 -8.15
C ILE B 76 -30.32 -26.72 -8.52
N ILE B 77 -29.90 -25.65 -7.83
CA ILE B 77 -30.34 -24.31 -8.20
C ILE B 77 -29.85 -23.95 -9.59
N LEU B 78 -28.59 -24.29 -9.90
CA LEU B 78 -28.06 -24.00 -11.22
C LEU B 78 -28.72 -24.85 -12.29
N ASN B 79 -29.19 -26.05 -11.93
CA ASN B 79 -29.95 -26.85 -12.89
C ASN B 79 -31.35 -26.27 -13.11
N LEU B 80 -31.97 -25.78 -12.04
CA LEU B 80 -33.30 -25.18 -12.17
C LEU B 80 -33.27 -23.88 -12.96
N LYS B 81 -32.11 -23.22 -13.06
CA LYS B 81 -32.03 -22.01 -13.87
C LYS B 81 -32.39 -22.29 -15.32
N GLY B 82 -32.18 -23.52 -15.78
CA GLY B 82 -32.55 -23.87 -17.14
C GLY B 82 -34.03 -24.09 -17.36
N LEU B 83 -34.85 -23.82 -16.36
CA LEU B 83 -36.30 -23.98 -16.51
C LEU B 83 -36.86 -22.88 -17.40
N VAL B 84 -37.61 -23.28 -18.43
CA VAL B 84 -38.33 -22.35 -19.29
C VAL B 84 -39.81 -22.54 -18.99
N VAL B 85 -40.39 -21.62 -18.23
CA VAL B 85 -41.79 -21.69 -17.83
C VAL B 85 -42.54 -20.53 -18.46
N SER B 86 -43.87 -20.63 -18.45
CA SER B 86 -44.74 -19.59 -18.95
C SER B 86 -46.01 -19.58 -18.12
N SER B 87 -46.47 -18.39 -17.76
CA SER B 87 -47.62 -18.27 -16.87
C SER B 87 -48.39 -17.00 -17.19
N ASP B 88 -49.73 -17.11 -17.20
CA ASP B 88 -50.56 -15.93 -17.17
C ASP B 88 -50.39 -15.18 -15.85
N ASP B 89 -50.32 -15.93 -14.75
CA ASP B 89 -49.91 -15.40 -13.45
C ASP B 89 -50.67 -14.14 -13.06
N ASP B 90 -50.00 -12.99 -13.17
CA ASP B 90 -50.41 -11.70 -12.64
C ASP B 90 -50.21 -11.63 -11.14
N GLU B 91 -49.81 -12.73 -10.49
CA GLU B 91 -49.51 -12.76 -9.07
C GLU B 91 -48.59 -13.95 -8.81
N PRO B 92 -47.82 -13.91 -7.72
CA PRO B 92 -46.96 -15.04 -7.39
C PRO B 92 -47.74 -16.32 -7.13
N VAL B 93 -47.64 -17.27 -8.05
CA VAL B 93 -48.25 -18.59 -7.90
C VAL B 93 -47.14 -19.61 -7.67
N THR B 94 -47.35 -20.51 -6.71
CA THR B 94 -46.33 -21.48 -6.32
C THR B 94 -46.59 -22.81 -7.02
N MET B 95 -45.53 -23.40 -7.55
CA MET B 95 -45.57 -24.76 -8.08
C MET B 95 -45.12 -25.73 -6.99
N TYR B 96 -45.12 -27.02 -7.31
CA TYR B 96 -44.73 -28.04 -6.35
C TYR B 96 -43.99 -29.16 -7.07
N LEU B 97 -43.06 -29.77 -6.35
CA LEU B 97 -42.30 -30.91 -6.87
C LEU B 97 -41.99 -31.85 -5.72
N ARG B 98 -42.52 -33.06 -5.78
CA ARG B 98 -42.29 -34.08 -4.77
C ARG B 98 -41.88 -35.37 -5.46
N LYS B 99 -40.70 -35.87 -5.14
CA LYS B 99 -40.18 -37.11 -5.71
C LYS B 99 -39.63 -37.99 -4.60
N GLN B 100 -39.61 -39.30 -4.86
CA GLN B 100 -39.23 -40.26 -3.84
C GLN B 100 -38.66 -41.51 -4.50
N GLY B 101 -37.70 -42.13 -3.82
CA GLY B 101 -37.14 -43.38 -4.27
C GLY B 101 -36.17 -43.22 -5.41
N PRO B 102 -35.54 -44.33 -5.82
CA PRO B 102 -34.57 -44.25 -6.92
C PRO B 102 -35.23 -43.80 -8.21
N GLY B 103 -34.47 -43.07 -9.01
CA GLY B 103 -34.96 -42.53 -10.26
C GLY B 103 -34.25 -41.23 -10.57
N VAL B 104 -34.83 -40.48 -11.51
CA VAL B 104 -34.29 -39.20 -11.94
C VAL B 104 -35.40 -38.17 -11.90
N VAL B 105 -35.18 -37.08 -11.17
CA VAL B 105 -36.15 -35.99 -11.11
C VAL B 105 -35.91 -35.06 -12.30
N THR B 106 -36.98 -34.76 -13.03
CA THR B 106 -36.92 -33.89 -14.20
C THR B 106 -37.92 -32.76 -14.03
N ALA B 107 -38.01 -31.91 -15.06
CA ALA B 107 -38.99 -30.82 -15.01
C ALA B 107 -40.41 -31.35 -15.15
N GLY B 108 -40.60 -32.49 -15.81
CA GLY B 108 -41.92 -33.07 -15.92
C GLY B 108 -42.52 -33.41 -14.57
N ASP B 109 -41.70 -33.90 -13.65
CA ASP B 109 -42.17 -34.23 -12.31
C ASP B 109 -42.71 -33.01 -11.56
N ILE B 110 -42.55 -31.80 -12.11
CA ILE B 110 -43.05 -30.60 -11.46
C ILE B 110 -44.52 -30.43 -11.81
N VAL B 111 -45.37 -30.36 -10.80
CA VAL B 111 -46.81 -30.19 -10.98
C VAL B 111 -47.09 -28.69 -11.08
N PRO B 112 -47.43 -28.18 -12.26
CA PRO B 112 -47.72 -26.74 -12.40
C PRO B 112 -49.15 -26.44 -11.98
N PRO B 113 -49.37 -25.36 -11.23
CA PRO B 113 -50.73 -24.99 -10.86
C PRO B 113 -51.58 -24.60 -12.07
N ALA B 114 -52.84 -24.25 -11.83
CA ALA B 114 -53.73 -23.86 -12.91
C ALA B 114 -53.32 -22.51 -13.48
N GLY B 115 -53.02 -22.48 -14.78
CA GLY B 115 -52.63 -21.26 -15.46
C GLY B 115 -51.17 -21.18 -15.85
N VAL B 116 -50.33 -22.09 -15.34
CA VAL B 116 -48.92 -22.12 -15.68
C VAL B 116 -48.60 -23.43 -16.38
N THR B 117 -47.46 -23.46 -17.05
CA THR B 117 -47.06 -24.63 -17.83
C THR B 117 -45.55 -24.69 -17.94
N VAL B 118 -45.01 -25.91 -17.89
CA VAL B 118 -43.58 -26.16 -18.05
C VAL B 118 -43.34 -26.67 -19.46
N HIS B 119 -42.49 -25.97 -20.21
CA HIS B 119 -42.31 -26.22 -21.63
C HIS B 119 -41.12 -27.10 -21.96
N ASN B 120 -40.44 -27.66 -20.95
CA ASN B 120 -39.31 -28.55 -21.16
C ASN B 120 -39.26 -29.60 -20.06
N PRO B 121 -40.27 -30.48 -20.02
CA PRO B 121 -40.30 -31.50 -18.96
C PRO B 121 -39.13 -32.46 -18.99
N ASP B 122 -38.42 -32.56 -20.11
CA ASP B 122 -37.32 -33.50 -20.25
C ASP B 122 -36.04 -33.03 -19.58
N MET B 123 -36.03 -31.85 -18.97
CA MET B 123 -34.82 -31.34 -18.35
C MET B 123 -34.50 -32.11 -17.08
N HIS B 124 -33.21 -32.33 -16.84
CA HIS B 124 -32.74 -33.02 -15.65
C HIS B 124 -32.56 -32.02 -14.52
N ILE B 125 -33.10 -32.35 -13.35
CA ILE B 125 -32.96 -31.54 -12.14
C ILE B 125 -32.01 -32.19 -11.14
N ALA B 126 -32.34 -33.41 -10.71
CA ALA B 126 -31.52 -34.10 -9.73
C ALA B 126 -31.74 -35.60 -9.87
N THR B 127 -30.75 -36.36 -9.41
CA THR B 127 -30.80 -37.83 -9.45
C THR B 127 -30.92 -38.34 -8.02
N LEU B 128 -31.99 -39.07 -7.73
CA LEU B 128 -32.24 -39.61 -6.41
C LEU B 128 -31.97 -41.11 -6.39
N ASN B 129 -31.59 -41.61 -5.22
CA ASN B 129 -31.32 -43.01 -4.99
C ASN B 129 -32.37 -43.58 -4.01
N ASP B 130 -32.04 -44.70 -3.38
CA ASP B 130 -32.98 -45.34 -2.47
C ASP B 130 -33.36 -44.41 -1.34
N LYS B 131 -32.38 -43.79 -0.69
CA LYS B 131 -32.62 -42.93 0.46
C LYS B 131 -32.91 -41.48 0.04
N GLY B 132 -33.06 -41.21 -1.25
CA GLY B 132 -33.26 -39.86 -1.73
C GLY B 132 -34.71 -39.43 -1.77
N LYS B 133 -35.03 -38.36 -1.06
CA LYS B 133 -36.37 -37.78 -1.07
C LYS B 133 -36.23 -36.27 -1.25
N LEU B 134 -36.95 -35.73 -2.24
CA LEU B 134 -36.85 -34.31 -2.59
C LEU B 134 -38.25 -33.71 -2.67
N GLU B 135 -38.55 -32.82 -1.73
CA GLU B 135 -39.77 -32.03 -1.75
C GLU B 135 -39.38 -30.57 -1.88
N VAL B 136 -39.81 -29.94 -2.97
CA VAL B 136 -39.41 -28.56 -3.27
C VAL B 136 -40.56 -27.87 -3.99
N GLU B 137 -40.94 -26.69 -3.49
CA GLU B 137 -41.93 -25.84 -4.13
C GLU B 137 -41.22 -24.63 -4.75
N LEU B 138 -41.77 -24.14 -5.85
CA LEU B 138 -41.14 -23.09 -6.64
C LEU B 138 -42.15 -21.99 -6.90
N VAL B 139 -41.79 -20.76 -6.57
CA VAL B 139 -42.66 -19.60 -6.78
C VAL B 139 -42.37 -19.02 -8.16
N VAL B 140 -43.38 -18.98 -9.01
CA VAL B 140 -43.27 -18.47 -10.37
C VAL B 140 -43.89 -17.08 -10.43
N GLU B 141 -43.15 -16.13 -10.99
CA GLU B 141 -43.60 -14.77 -11.18
C GLU B 141 -43.48 -14.38 -12.64
N ARG B 142 -44.04 -13.22 -12.98
CA ARG B 142 -44.05 -12.73 -14.36
C ARG B 142 -43.31 -11.40 -14.41
N GLY B 143 -42.31 -11.32 -15.27
CA GLY B 143 -41.55 -10.10 -15.45
C GLY B 143 -40.89 -10.08 -16.81
N ARG B 144 -39.84 -9.27 -16.93
CA ARG B 144 -39.08 -9.17 -18.16
C ARG B 144 -37.63 -8.93 -17.84
N GLY B 145 -36.76 -9.30 -18.79
CA GLY B 145 -35.34 -9.10 -18.60
C GLY B 145 -34.76 -10.07 -17.58
N TYR B 146 -33.74 -9.59 -16.86
CA TYR B 146 -33.05 -10.37 -15.85
C TYR B 146 -33.03 -9.57 -14.55
N VAL B 147 -33.55 -10.16 -13.48
CA VAL B 147 -33.59 -9.54 -12.16
C VAL B 147 -32.74 -10.38 -11.22
N PRO B 148 -31.79 -9.80 -10.50
CA PRO B 148 -30.96 -10.58 -9.59
C PRO B 148 -31.78 -11.19 -8.45
N ALA B 149 -31.10 -11.84 -7.50
CA ALA B 149 -31.79 -12.48 -6.40
C ALA B 149 -32.66 -11.47 -5.64
N VAL B 150 -33.87 -11.89 -5.30
CA VAL B 150 -34.78 -11.05 -4.52
C VAL B 150 -34.58 -11.38 -3.04
N GLN B 151 -33.43 -10.96 -2.49
CA GLN B 151 -33.05 -11.31 -1.14
C GLN B 151 -34.20 -11.10 -0.17
N ASN B 152 -34.39 -12.08 0.72
CA ASN B 152 -35.48 -12.06 1.68
C ASN B 152 -35.24 -11.10 2.84
N LYS B 153 -34.20 -10.27 2.77
CA LYS B 153 -34.05 -9.16 3.71
C LYS B 153 -34.70 -7.89 3.20
N ALA B 154 -34.65 -7.65 1.89
CA ALA B 154 -35.40 -6.56 1.30
C ALA B 154 -36.90 -6.86 1.31
N SER B 155 -37.26 -8.08 0.92
CA SER B 155 -38.64 -8.55 1.07
C SER B 155 -38.78 -9.26 2.42
N GLY B 156 -40.03 -9.61 2.75
CA GLY B 156 -40.30 -10.31 3.99
C GLY B 156 -40.57 -11.79 3.76
N ALA B 157 -39.51 -12.57 3.58
CA ALA B 157 -39.64 -13.98 3.23
C ALA B 157 -39.24 -14.94 4.34
N GLU B 158 -38.57 -14.46 5.39
CA GLU B 158 -38.15 -15.32 6.49
C GLU B 158 -37.01 -16.24 6.07
N ILE B 159 -36.65 -17.20 6.94
CA ILE B 159 -35.45 -17.98 6.72
C ILE B 159 -35.67 -19.13 5.75
N GLY B 160 -36.89 -19.63 5.64
CA GLY B 160 -37.15 -20.76 4.76
C GLY B 160 -36.76 -20.51 3.32
N ARG B 161 -37.39 -19.52 2.69
CA ARG B 161 -37.21 -19.29 1.26
C ARG B 161 -35.76 -19.02 0.92
N ILE B 162 -35.37 -19.41 -0.29
CA ILE B 162 -34.06 -19.05 -0.85
C ILE B 162 -34.29 -18.39 -2.20
N PRO B 163 -34.06 -17.07 -2.33
CA PRO B 163 -34.27 -16.41 -3.62
C PRO B 163 -33.33 -16.95 -4.68
N VAL B 164 -33.75 -16.84 -5.94
CA VAL B 164 -32.98 -17.33 -7.07
C VAL B 164 -32.98 -16.28 -8.16
N ASP B 165 -31.89 -16.24 -8.92
CA ASP B 165 -31.81 -15.33 -10.05
C ASP B 165 -32.87 -15.69 -11.09
N SER B 166 -33.67 -14.70 -11.47
CA SER B 166 -34.76 -14.90 -12.42
C SER B 166 -34.36 -14.37 -13.79
N ILE B 167 -34.82 -15.05 -14.84
CA ILE B 167 -34.50 -14.70 -16.22
C ILE B 167 -35.80 -14.79 -17.02
N TYR B 168 -36.46 -13.65 -17.22
CA TYR B 168 -37.66 -13.56 -18.05
C TYR B 168 -37.23 -13.17 -19.45
N SER B 169 -36.92 -14.16 -20.29
CA SER B 169 -36.47 -13.89 -21.66
C SER B 169 -36.85 -15.07 -22.54
N PRO B 170 -38.05 -15.06 -23.12
CA PRO B 170 -38.44 -16.14 -24.03
C PRO B 170 -37.56 -16.22 -25.25
N VAL B 171 -36.93 -15.13 -25.66
CA VAL B 171 -36.09 -15.12 -26.86
C VAL B 171 -34.74 -15.73 -26.56
N LEU B 172 -34.24 -16.54 -27.48
CA LEU B 172 -32.99 -17.27 -27.30
C LEU B 172 -31.86 -16.64 -28.10
N LYS B 173 -31.90 -16.73 -29.43
CA LYS B 173 -30.88 -16.12 -30.28
C LYS B 173 -31.53 -15.36 -31.43
N VAL B 174 -30.97 -14.21 -31.76
CA VAL B 174 -31.50 -13.35 -32.81
C VAL B 174 -30.37 -12.81 -33.67
N THR B 175 -30.63 -12.70 -34.98
CA THR B 175 -29.68 -12.12 -35.91
C THR B 175 -30.47 -11.50 -37.05
N TYR B 176 -29.74 -11.01 -38.06
CA TYR B 176 -30.38 -10.45 -39.24
C TYR B 176 -29.34 -10.24 -40.32
N LYS B 177 -29.83 -10.00 -41.54
CA LYS B 177 -28.97 -9.74 -42.68
C LYS B 177 -29.77 -8.94 -43.71
N VAL B 178 -29.07 -8.09 -44.45
CA VAL B 178 -29.69 -7.23 -45.45
C VAL B 178 -29.20 -7.65 -46.83
N GLU B 179 -30.04 -7.43 -47.83
CA GLU B 179 -29.70 -7.73 -49.23
C GLU B 179 -30.30 -6.66 -50.13
N ALA B 180 -29.84 -5.42 -49.95
CA ALA B 180 -30.26 -4.34 -50.82
C ALA B 180 -29.86 -4.65 -52.26
N THR B 181 -30.86 -4.82 -53.12
CA THR B 181 -30.64 -5.21 -54.51
C THR B 181 -30.65 -3.99 -55.41
N ARG B 182 -29.78 -4.01 -56.41
CA ARG B 182 -29.69 -2.94 -57.42
C ARG B 182 -29.54 -1.58 -56.75
N VAL B 183 -28.47 -1.45 -55.97
CA VAL B 183 -28.17 -0.19 -55.29
C VAL B 183 -27.85 0.86 -56.33
N GLU B 184 -28.88 1.60 -56.76
CA GLU B 184 -28.78 2.67 -57.76
C GLU B 184 -28.66 2.13 -59.19
N GLN B 185 -28.76 0.82 -59.39
CA GLN B 185 -28.73 0.28 -60.75
C GLN B 185 -29.83 0.92 -61.60
N ARG B 186 -31.07 0.88 -61.12
CA ARG B 186 -32.17 1.60 -61.72
C ARG B 186 -32.88 2.41 -60.63
N THR B 187 -33.36 1.72 -59.60
CA THR B 187 -33.89 2.35 -58.40
C THR B 187 -33.33 1.61 -57.20
N ASP B 188 -33.02 2.34 -56.14
CA ASP B 188 -32.32 1.79 -54.99
C ASP B 188 -33.29 1.49 -53.86
N PHE B 189 -33.13 0.32 -53.24
CA PHE B 189 -33.97 -0.09 -52.12
C PHE B 189 -33.32 -1.29 -51.43
N ASP B 190 -33.67 -1.46 -50.16
CA ASP B 190 -33.14 -2.53 -49.33
C ASP B 190 -34.29 -3.32 -48.72
N LYS B 191 -34.01 -4.58 -48.40
CA LYS B 191 -34.96 -5.45 -47.71
C LYS B 191 -34.20 -6.26 -46.68
N LEU B 192 -34.73 -6.32 -45.47
CA LEU B 192 -34.08 -7.03 -44.37
C LEU B 192 -34.85 -8.29 -44.02
N ILE B 193 -34.14 -9.24 -43.42
CA ILE B 193 -34.73 -10.48 -42.92
C ILE B 193 -34.20 -10.71 -41.51
N ILE B 194 -35.10 -11.05 -40.60
CA ILE B 194 -34.78 -11.27 -39.19
C ILE B 194 -34.94 -12.74 -38.87
N ASP B 195 -34.04 -13.27 -38.05
CA ASP B 195 -34.09 -14.66 -37.61
C ASP B 195 -34.33 -14.66 -36.09
N VAL B 196 -35.59 -14.80 -35.70
CA VAL B 196 -35.98 -14.78 -34.29
C VAL B 196 -36.16 -16.20 -33.79
N GLU B 197 -35.70 -16.46 -32.57
CA GLU B 197 -35.81 -17.77 -31.95
C GLU B 197 -36.21 -17.61 -30.49
N THR B 198 -37.07 -18.51 -30.02
CA THR B 198 -37.59 -18.46 -28.66
C THR B 198 -37.21 -19.73 -27.91
N LYS B 199 -37.54 -19.76 -26.63
CA LYS B 199 -37.24 -20.88 -25.74
C LYS B 199 -38.40 -21.87 -25.63
N ASN B 200 -39.37 -21.79 -26.53
CA ASN B 200 -40.61 -22.55 -26.51
C ASN B 200 -41.65 -21.92 -25.58
N SER B 201 -41.27 -20.94 -24.75
CA SER B 201 -42.26 -20.26 -23.92
C SER B 201 -43.31 -19.55 -24.78
N ILE B 202 -42.88 -18.97 -25.90
CA ILE B 202 -43.78 -18.33 -26.85
C ILE B 202 -43.19 -18.52 -28.24
N SER B 203 -43.99 -18.19 -29.26
CA SER B 203 -43.57 -18.32 -30.65
C SER B 203 -42.84 -17.07 -31.12
N PRO B 204 -41.98 -17.21 -32.13
CA PRO B 204 -41.28 -16.03 -32.67
C PRO B 204 -42.23 -14.92 -33.06
N ARG B 205 -43.37 -15.26 -33.67
CA ARG B 205 -44.32 -14.24 -34.11
C ARG B 205 -44.83 -13.44 -32.91
N ASP B 206 -45.20 -14.13 -31.84
CA ASP B 206 -45.69 -13.43 -30.66
C ASP B 206 -44.63 -12.53 -30.05
N ALA B 207 -43.39 -13.03 -29.97
CA ALA B 207 -42.29 -12.20 -29.45
C ALA B 207 -42.10 -10.96 -30.32
N LEU B 208 -41.89 -11.14 -31.62
CA LEU B 208 -41.75 -10.01 -32.52
C LEU B 208 -42.95 -9.08 -32.42
N ALA B 209 -44.14 -9.64 -32.25
CA ALA B 209 -45.33 -8.81 -32.04
C ALA B 209 -45.23 -8.04 -30.72
N SER B 210 -44.70 -8.68 -29.68
CA SER B 210 -44.51 -7.99 -28.41
C SER B 210 -43.45 -6.89 -28.54
N ALA B 211 -42.36 -7.17 -29.27
CA ALA B 211 -41.36 -6.15 -29.51
C ALA B 211 -41.93 -5.01 -30.35
N GLY B 212 -42.70 -5.34 -31.40
CA GLY B 212 -43.33 -4.31 -32.20
C GLY B 212 -44.21 -3.40 -31.36
N GLY B 213 -45.05 -3.99 -30.52
CA GLY B 213 -45.88 -3.19 -29.65
C GLY B 213 -45.07 -2.33 -28.70
N THR B 214 -43.89 -2.80 -28.31
CA THR B 214 -43.04 -2.02 -27.42
C THR B 214 -42.47 -0.80 -28.12
N LEU B 215 -41.93 -1.00 -29.33
CA LEU B 215 -41.37 0.12 -30.08
C LEU B 215 -42.47 1.08 -30.54
N VAL B 216 -43.55 0.54 -31.10
CA VAL B 216 -44.65 1.39 -31.57
C VAL B 216 -45.10 2.33 -30.46
N GLU B 217 -45.43 1.76 -29.29
CA GLU B 217 -45.84 2.58 -28.16
C GLU B 217 -44.74 3.53 -27.72
N LEU B 218 -43.50 3.29 -28.11
CA LEU B 218 -42.39 4.06 -27.56
C LEU B 218 -42.15 5.35 -28.34
N PHE B 219 -42.14 5.27 -29.68
CA PHE B 219 -41.90 6.44 -30.53
C PHE B 219 -43.07 7.41 -30.37
N GLY B 220 -42.90 8.40 -29.50
CA GLY B 220 -43.93 9.39 -29.21
C GLY B 220 -43.62 10.70 -29.88
N LEU B 221 -44.65 11.30 -30.49
CA LEU B 221 -44.55 12.58 -31.16
C LEU B 221 -45.53 13.55 -30.53
N ALA B 222 -45.01 14.58 -29.89
CA ALA B 222 -45.86 15.58 -29.23
C ALA B 222 -45.12 16.91 -29.07
N LEU C 2 -47.20 -4.44 -18.83
CA LEU C 2 -46.01 -3.79 -18.28
C LEU C 2 -46.15 -2.27 -18.34
N ILE C 3 -45.49 -1.59 -17.40
CA ILE C 3 -45.53 -0.13 -17.31
C ILE C 3 -44.11 0.39 -17.15
N SER C 4 -43.81 1.50 -17.84
CA SER C 4 -42.48 2.09 -17.77
C SER C 4 -42.39 3.16 -16.69
N GLN C 5 -41.54 4.16 -16.90
CA GLN C 5 -41.30 5.20 -15.90
C GLN C 5 -41.57 6.60 -16.45
N ARG C 6 -42.35 6.70 -17.53
CA ARG C 6 -42.77 7.98 -18.08
C ARG C 6 -41.59 8.75 -18.67
N PRO C 7 -41.03 8.29 -19.78
CA PRO C 7 -40.00 9.09 -20.47
C PRO C 7 -40.63 10.29 -21.16
N THR C 8 -39.95 11.42 -21.08
CA THR C 8 -40.46 12.68 -21.60
C THR C 8 -39.66 13.11 -22.83
N LEU C 9 -40.24 14.03 -23.60
CA LEU C 9 -39.63 14.55 -24.81
C LEU C 9 -39.49 16.07 -24.67
N SER C 10 -38.24 16.53 -24.54
CA SER C 10 -37.94 17.94 -24.40
C SER C 10 -37.15 18.43 -25.61
N GLU C 11 -37.31 19.71 -25.94
CA GLU C 11 -36.66 20.32 -27.09
C GLU C 11 -36.07 21.66 -26.71
N GLU C 12 -34.81 21.87 -27.07
CA GLU C 12 -34.12 23.14 -26.87
C GLU C 12 -33.72 23.69 -28.23
N THR C 13 -34.13 24.91 -28.52
CA THR C 13 -33.89 25.52 -29.83
C THR C 13 -32.49 26.12 -29.88
N VAL C 14 -31.65 25.57 -30.76
CA VAL C 14 -30.30 26.08 -30.92
C VAL C 14 -30.30 27.32 -31.80
N ALA C 15 -30.99 27.27 -32.93
CA ALA C 15 -31.10 28.39 -33.85
C ALA C 15 -32.47 28.35 -34.49
N GLU C 16 -32.67 29.20 -35.51
CA GLU C 16 -33.96 29.22 -36.19
C GLU C 16 -34.25 27.90 -36.88
N ASN C 17 -33.23 27.21 -37.36
CA ASN C 17 -33.38 25.93 -38.05
C ASN C 17 -32.50 24.86 -37.45
N ARG C 18 -32.21 24.96 -36.15
CA ARG C 18 -31.37 23.98 -35.46
C ARG C 18 -31.89 23.82 -34.05
N SER C 19 -32.28 22.59 -33.69
CA SER C 19 -32.79 22.32 -32.36
C SER C 19 -32.36 20.92 -31.93
N ARG C 20 -32.07 20.78 -30.64
CA ARG C 20 -31.68 19.50 -30.06
C ARG C 20 -32.80 18.99 -29.16
N PHE C 21 -33.01 17.67 -29.16
CA PHE C 21 -34.07 17.05 -28.39
C PHE C 21 -33.47 16.08 -27.38
N VAL C 22 -34.23 15.84 -26.31
CA VAL C 22 -33.80 14.96 -25.23
C VAL C 22 -34.99 14.12 -24.78
N ILE C 23 -34.74 12.84 -24.53
CA ILE C 23 -35.75 11.91 -24.02
C ILE C 23 -35.25 11.37 -22.69
N GLU C 24 -36.06 11.53 -21.64
CA GLU C 24 -35.63 11.18 -20.30
C GLU C 24 -36.78 10.70 -19.43
N PRO C 25 -36.62 9.53 -18.78
CA PRO C 25 -35.46 8.67 -18.97
C PRO C 25 -35.83 7.40 -19.74
N LEU C 26 -34.85 6.78 -20.39
CA LEU C 26 -35.07 5.54 -21.10
C LEU C 26 -34.47 4.37 -20.32
N GLU C 27 -35.08 3.20 -20.49
CA GLU C 27 -34.60 2.02 -19.79
C GLU C 27 -33.34 1.47 -20.46
N PRO C 28 -32.32 1.09 -19.68
CA PRO C 28 -31.08 0.50 -20.20
C PRO C 28 -31.34 -0.77 -21.02
N GLY C 29 -30.93 -0.75 -22.28
CA GLY C 29 -30.30 0.42 -22.87
C GLY C 29 -31.00 0.89 -24.12
N PHE C 30 -32.23 1.38 -23.97
CA PHE C 30 -33.01 1.82 -25.12
C PHE C 30 -32.45 3.08 -25.77
N GLY C 31 -31.48 3.75 -25.14
CA GLY C 31 -30.90 4.93 -25.75
C GLY C 31 -30.37 4.64 -27.15
N TYR C 32 -29.55 3.59 -27.29
CA TYR C 32 -28.95 3.27 -28.57
C TYR C 32 -29.90 2.53 -29.49
N THR C 33 -30.87 1.81 -28.94
CA THR C 33 -31.78 1.02 -29.77
C THR C 33 -32.53 1.91 -30.77
N LEU C 34 -33.38 2.79 -30.26
CA LEU C 34 -34.15 3.68 -31.11
C LEU C 34 -33.35 4.87 -31.61
N GLY C 35 -32.26 5.22 -30.92
CA GLY C 35 -31.44 6.35 -31.31
C GLY C 35 -30.98 6.29 -32.76
N ASN C 36 -30.15 5.29 -33.09
CA ASN C 36 -29.65 5.20 -34.45
C ASN C 36 -30.78 5.09 -35.46
N SER C 37 -31.90 4.47 -35.07
CA SER C 37 -33.02 4.36 -35.98
C SER C 37 -33.71 5.70 -36.20
N LEU C 38 -33.66 6.59 -35.21
CA LEU C 38 -34.23 7.92 -35.39
C LEU C 38 -33.41 8.74 -36.39
N ARG C 39 -32.10 8.81 -36.17
CA ARG C 39 -31.24 9.54 -37.12
C ARG C 39 -31.42 8.99 -38.53
N ARG C 40 -31.55 7.68 -38.67
CA ARG C 40 -31.72 7.10 -40.00
C ARG C 40 -33.08 7.44 -40.58
N THR C 41 -34.11 7.56 -39.75
CA THR C 41 -35.44 7.87 -40.26
C THR C 41 -35.55 9.34 -40.66
N LEU C 42 -35.05 10.25 -39.81
CA LEU C 42 -35.07 11.67 -40.16
C LEU C 42 -34.31 11.94 -41.44
N LEU C 43 -33.18 11.26 -41.64
CA LEU C 43 -32.28 11.62 -42.74
C LEU C 43 -32.79 11.12 -44.08
N SER C 44 -33.35 9.90 -44.13
CA SER C 44 -33.65 9.26 -45.40
C SER C 44 -35.08 8.75 -45.47
N SER C 45 -36.00 9.37 -44.72
CA SER C 45 -37.39 8.90 -44.72
C SER C 45 -38.41 10.04 -44.73
N ILE C 46 -37.98 11.28 -44.91
CA ILE C 46 -38.88 12.42 -44.95
C ILE C 46 -39.02 12.89 -46.40
N PRO C 47 -40.23 12.98 -46.93
CA PRO C 47 -40.38 13.38 -48.34
C PRO C 47 -40.00 14.85 -48.54
N GLY C 48 -39.39 15.12 -49.69
CA GLY C 48 -38.99 16.47 -50.04
C GLY C 48 -38.52 16.59 -51.48
N ALA C 49 -38.68 17.76 -52.07
CA ALA C 49 -38.30 18.01 -53.45
C ALA C 49 -36.94 18.68 -53.52
N ALA C 50 -36.18 18.34 -54.56
CA ALA C 50 -34.85 18.89 -54.77
C ALA C 50 -34.53 18.83 -56.25
N VAL C 51 -33.35 19.33 -56.60
CA VAL C 51 -32.90 19.38 -57.99
C VAL C 51 -32.25 18.05 -58.36
N THR C 52 -32.62 17.52 -59.52
CA THR C 52 -32.05 16.29 -60.04
C THR C 52 -30.94 16.56 -61.05
N SER C 53 -31.26 17.18 -62.17
CA SER C 53 -30.29 17.52 -63.19
C SER C 53 -30.59 18.90 -63.74
N ILE C 54 -29.55 19.58 -64.23
CA ILE C 54 -29.68 20.91 -64.80
C ILE C 54 -28.83 20.99 -66.06
N ARG C 55 -29.24 21.88 -66.96
CA ARG C 55 -28.49 22.16 -68.18
C ARG C 55 -28.37 23.66 -68.34
N ILE C 56 -27.16 24.13 -68.68
CA ILE C 56 -26.86 25.55 -68.80
C ILE C 56 -26.47 25.84 -70.24
N ASP C 57 -27.03 26.92 -70.79
CA ASP C 57 -26.73 27.29 -72.17
C ASP C 57 -25.26 27.65 -72.32
N GLY C 58 -24.63 27.08 -73.35
CA GLY C 58 -23.25 27.37 -73.66
C GLY C 58 -22.25 26.30 -73.24
N VAL C 59 -22.66 25.36 -72.40
CA VAL C 59 -21.78 24.31 -71.91
C VAL C 59 -22.38 22.98 -72.33
N LEU C 60 -21.82 22.40 -73.40
CA LEU C 60 -22.19 21.06 -73.83
C LEU C 60 -21.01 20.10 -73.75
N HIS C 61 -19.85 20.49 -74.29
CA HIS C 61 -18.61 19.76 -74.11
C HIS C 61 -17.60 20.55 -73.28
N GLU C 62 -17.91 21.80 -72.93
CA GLU C 62 -17.04 22.58 -72.06
C GLU C 62 -17.24 22.15 -70.62
N PHE C 63 -16.15 21.80 -69.96
CA PHE C 63 -16.21 21.22 -68.62
C PHE C 63 -15.91 22.22 -67.51
N THR C 64 -15.03 23.18 -67.75
CA THR C 64 -14.48 23.95 -66.64
C THR C 64 -15.24 25.24 -66.39
N THR C 65 -15.36 26.08 -67.43
CA THR C 65 -15.79 27.47 -67.25
C THR C 65 -17.10 27.75 -67.98
N VAL C 66 -17.73 28.84 -67.55
CA VAL C 66 -18.91 29.40 -68.19
C VAL C 66 -18.61 30.86 -68.50
N PRO C 67 -18.62 31.27 -69.77
CA PRO C 67 -18.27 32.66 -70.09
C PRO C 67 -19.31 33.65 -69.57
N GLY C 68 -18.83 34.81 -69.13
CA GLY C 68 -19.69 35.86 -68.64
C GLY C 68 -20.16 35.69 -67.20
N VAL C 69 -19.63 34.71 -66.47
CA VAL C 69 -20.00 34.48 -65.08
C VAL C 69 -18.74 34.20 -64.28
N LYS C 70 -18.64 34.82 -63.11
CA LYS C 70 -17.44 34.66 -62.29
C LYS C 70 -17.31 33.25 -61.73
N GLU C 71 -18.43 32.67 -61.29
CA GLU C 71 -18.40 31.32 -60.71
C GLU C 71 -18.17 30.28 -61.80
N ASP C 72 -17.27 29.35 -61.51
CA ASP C 72 -17.01 28.26 -62.44
C ASP C 72 -18.16 27.26 -62.43
N VAL C 73 -18.07 26.28 -63.34
CA VAL C 73 -19.13 25.27 -63.46
C VAL C 73 -19.35 24.58 -62.12
N THR C 74 -18.28 24.04 -61.54
CA THR C 74 -18.40 23.33 -60.27
C THR C 74 -19.02 24.21 -59.19
N ASP C 75 -18.44 25.39 -58.97
CA ASP C 75 -18.94 26.27 -57.91
C ASP C 75 -20.40 26.64 -58.14
N ILE C 76 -20.81 26.78 -59.41
CA ILE C 76 -22.20 27.12 -59.69
C ILE C 76 -23.14 26.02 -59.21
N ILE C 77 -22.78 24.77 -59.45
CA ILE C 77 -23.64 23.65 -59.05
C ILE C 77 -23.83 23.65 -57.53
N LEU C 78 -22.73 23.84 -56.79
CA LEU C 78 -22.80 23.78 -55.34
C LEU C 78 -23.82 24.78 -54.79
N ASN C 79 -23.93 25.94 -55.44
CA ASN C 79 -24.92 26.93 -55.02
C ASN C 79 -26.34 26.39 -55.24
N LEU C 80 -26.62 25.91 -56.45
CA LEU C 80 -27.96 25.40 -56.74
C LEU C 80 -28.34 24.25 -55.82
N LYS C 81 -27.36 23.44 -55.40
CA LYS C 81 -27.66 22.35 -54.47
C LYS C 81 -28.31 22.88 -53.21
N GLY C 82 -27.87 24.04 -52.72
CA GLY C 82 -28.49 24.65 -51.56
C GLY C 82 -29.89 25.18 -51.79
N LEU C 83 -30.36 25.16 -53.04
CA LEU C 83 -31.71 25.63 -53.34
C LEU C 83 -32.74 24.73 -52.69
N VAL C 84 -33.60 25.31 -51.84
CA VAL C 84 -34.66 24.59 -51.16
C VAL C 84 -35.99 25.00 -51.79
N VAL C 85 -36.71 24.04 -52.36
CA VAL C 85 -37.96 24.30 -53.05
C VAL C 85 -38.88 23.10 -52.84
N SER C 86 -40.10 23.36 -52.36
CA SER C 86 -41.09 22.33 -52.12
C SER C 86 -41.98 22.19 -53.35
N SER C 87 -41.94 21.01 -53.98
CA SER C 87 -42.74 20.72 -55.16
C SER C 87 -43.66 19.54 -54.85
N ASP C 88 -44.96 19.79 -54.91
CA ASP C 88 -45.96 18.72 -54.72
C ASP C 88 -46.34 18.04 -56.02
N ASP C 89 -45.71 18.40 -57.14
CA ASP C 89 -46.05 17.80 -58.42
C ASP C 89 -45.58 16.35 -58.52
N ASP C 90 -44.64 15.94 -57.66
CA ASP C 90 -44.19 14.55 -57.62
C ASP C 90 -43.27 14.22 -58.80
N GLU C 91 -43.69 14.55 -60.00
CA GLU C 91 -42.93 14.23 -61.20
C GLU C 91 -41.94 15.34 -61.53
N PRO C 92 -40.99 15.07 -62.43
CA PRO C 92 -39.93 16.05 -62.72
C PRO C 92 -40.51 17.28 -63.41
N VAL C 93 -40.39 18.43 -62.74
CA VAL C 93 -40.79 19.72 -63.30
C VAL C 93 -39.52 20.47 -63.68
N THR C 94 -39.60 21.22 -64.78
CA THR C 94 -38.45 21.94 -65.32
C THR C 94 -38.67 23.44 -65.12
N MET C 95 -38.02 24.01 -64.11
CA MET C 95 -38.05 25.44 -63.89
C MET C 95 -37.02 26.12 -64.77
N TYR C 96 -37.19 27.42 -64.97
CA TYR C 96 -36.31 28.20 -65.83
C TYR C 96 -35.84 29.45 -65.10
N LEU C 97 -34.55 29.74 -65.23
CA LEU C 97 -33.94 30.93 -64.66
C LEU C 97 -33.02 31.55 -65.70
N ARG C 98 -33.35 32.75 -66.16
CA ARG C 98 -32.60 33.42 -67.22
C ARG C 98 -32.55 34.91 -66.92
N LYS C 99 -31.37 35.41 -66.58
CA LYS C 99 -31.16 36.82 -66.32
C LYS C 99 -29.99 37.32 -67.16
N GLN C 100 -30.08 38.56 -67.60
CA GLN C 100 -29.08 39.18 -68.46
C GLN C 100 -28.45 40.37 -67.74
N GLY C 101 -27.46 40.98 -68.40
CA GLY C 101 -26.81 42.16 -67.88
C GLY C 101 -26.04 41.89 -66.60
N PRO C 102 -25.04 42.71 -66.32
CA PRO C 102 -24.27 42.55 -65.08
C PRO C 102 -25.18 42.65 -63.86
N GLY C 103 -25.07 41.68 -62.98
CA GLY C 103 -25.90 41.66 -61.79
C GLY C 103 -25.65 40.40 -60.98
N VAL C 104 -26.56 40.16 -60.03
CA VAL C 104 -26.47 39.02 -59.13
C VAL C 104 -27.76 38.22 -59.23
N VAL C 105 -27.65 36.99 -59.71
CA VAL C 105 -28.81 36.10 -59.81
C VAL C 105 -29.00 35.43 -58.46
N THR C 106 -30.17 35.66 -57.86
CA THR C 106 -30.43 35.24 -56.48
C THR C 106 -31.71 34.43 -56.38
N ALA C 107 -31.84 33.40 -57.22
CA ALA C 107 -32.95 32.47 -57.11
C ALA C 107 -34.30 33.14 -57.34
N GLY C 108 -34.55 34.26 -56.66
CA GLY C 108 -35.77 35.01 -56.87
C GLY C 108 -36.00 35.32 -58.35
N ASP C 109 -34.92 35.25 -59.13
CA ASP C 109 -35.02 35.46 -60.57
C ASP C 109 -35.58 34.25 -61.31
N ILE C 110 -35.49 33.06 -60.73
CA ILE C 110 -36.00 31.85 -61.39
C ILE C 110 -37.52 31.82 -61.25
N VAL C 111 -38.20 31.67 -62.38
CA VAL C 111 -39.67 31.60 -62.39
C VAL C 111 -40.09 30.17 -62.10
N PRO C 112 -40.69 29.90 -60.93
CA PRO C 112 -41.08 28.54 -60.60
C PRO C 112 -42.43 28.19 -61.22
N PRO C 113 -42.52 27.05 -61.91
CA PRO C 113 -43.82 26.63 -62.46
C PRO C 113 -44.82 26.36 -61.35
N ALA C 114 -46.10 26.40 -61.72
CA ALA C 114 -47.16 26.16 -60.75
C ALA C 114 -46.97 24.80 -60.08
N GLY C 115 -46.87 24.81 -58.76
CA GLY C 115 -46.71 23.60 -57.98
C GLY C 115 -45.42 23.52 -57.21
N VAL C 116 -44.43 24.36 -57.55
CA VAL C 116 -43.14 24.39 -56.87
C VAL C 116 -42.95 25.78 -56.27
N THR C 117 -42.38 25.81 -55.07
CA THR C 117 -42.19 27.06 -54.34
C THR C 117 -40.79 27.07 -53.71
N VAL C 118 -39.97 28.03 -54.12
CA VAL C 118 -38.65 28.21 -53.54
C VAL C 118 -38.79 28.89 -52.19
N HIS C 119 -37.99 28.45 -51.21
CA HIS C 119 -38.09 28.94 -49.84
C HIS C 119 -36.92 29.82 -49.43
N ASN C 120 -35.90 29.97 -50.28
CA ASN C 120 -34.74 30.81 -49.98
C ASN C 120 -34.52 31.80 -51.12
N PRO C 121 -35.44 32.76 -51.28
CA PRO C 121 -35.31 33.71 -52.40
C PRO C 121 -34.06 34.57 -52.34
N ASP C 122 -33.41 34.68 -51.19
CA ASP C 122 -32.20 35.48 -51.05
C ASP C 122 -30.94 34.69 -51.39
N MET C 123 -31.07 33.45 -51.85
CA MET C 123 -29.90 32.61 -52.09
C MET C 123 -29.11 33.15 -53.26
N HIS C 124 -27.78 33.22 -53.08
CA HIS C 124 -26.89 33.67 -54.13
C HIS C 124 -26.59 32.50 -55.06
N ILE C 125 -27.09 32.56 -56.28
CA ILE C 125 -26.81 31.51 -57.27
C ILE C 125 -25.56 31.85 -58.08
N ALA C 126 -25.42 33.10 -58.51
CA ALA C 126 -24.29 33.46 -59.34
C ALA C 126 -24.17 34.97 -59.43
N THR C 127 -23.00 35.42 -59.88
CA THR C 127 -22.74 36.81 -60.19
C THR C 127 -22.61 36.96 -61.70
N LEU C 128 -23.14 38.06 -62.24
CA LEU C 128 -23.22 38.29 -63.68
C LEU C 128 -22.12 39.25 -64.13
N ASN C 129 -21.51 38.94 -65.27
CA ASN C 129 -20.48 39.78 -65.86
C ASN C 129 -21.11 40.86 -66.73
N ASP C 130 -20.26 41.66 -67.38
CA ASP C 130 -20.74 42.77 -68.18
C ASP C 130 -21.49 42.28 -69.41
N LYS C 131 -22.64 42.91 -69.67
CA LYS C 131 -23.44 42.64 -70.87
C LYS C 131 -23.60 41.13 -71.10
N GLY C 132 -23.74 40.37 -70.03
CA GLY C 132 -23.83 38.92 -70.11
C GLY C 132 -25.19 38.41 -69.64
N LYS C 133 -25.73 37.46 -70.37
CA LYS C 133 -26.97 36.79 -70.01
C LYS C 133 -26.68 35.33 -69.69
N LEU C 134 -27.56 34.72 -68.89
CA LEU C 134 -27.42 33.33 -68.48
C LEU C 134 -28.80 32.71 -68.40
N GLU C 135 -29.05 31.69 -69.22
CA GLU C 135 -30.30 30.93 -69.19
C GLU C 135 -30.01 29.55 -68.64
N VAL C 136 -30.63 29.23 -67.50
CA VAL C 136 -30.41 27.96 -66.81
C VAL C 136 -31.73 27.22 -66.71
N GLU C 137 -31.73 25.96 -67.11
CA GLU C 137 -32.87 25.07 -66.94
C GLU C 137 -32.48 23.99 -65.94
N LEU C 138 -33.36 23.73 -64.98
CA LEU C 138 -33.04 22.80 -63.89
C LEU C 138 -34.25 21.92 -63.61
N VAL C 139 -34.00 20.61 -63.51
CA VAL C 139 -35.05 19.62 -63.23
C VAL C 139 -35.22 19.53 -61.72
N VAL C 140 -36.47 19.35 -61.28
CA VAL C 140 -36.79 19.24 -59.86
C VAL C 140 -37.88 18.19 -59.69
N GLU C 141 -37.56 17.11 -58.99
CA GLU C 141 -38.52 16.06 -58.68
C GLU C 141 -38.37 15.68 -57.21
N ARG C 142 -39.50 15.43 -56.56
CA ARG C 142 -39.47 15.05 -55.16
C ARG C 142 -38.66 13.77 -54.96
N GLY C 143 -38.27 13.52 -53.72
CA GLY C 143 -37.51 12.34 -53.41
C GLY C 143 -37.43 12.09 -51.93
N ARG C 144 -36.47 11.25 -51.55
CA ARG C 144 -36.28 10.88 -50.15
C ARG C 144 -34.79 10.68 -49.89
N GLY C 145 -34.30 11.26 -48.79
CA GLY C 145 -32.92 11.01 -48.39
C GLY C 145 -31.93 11.76 -49.27
N TYR C 146 -30.93 11.04 -49.74
CA TYR C 146 -29.85 11.61 -50.54
C TYR C 146 -29.47 10.60 -51.62
N VAL C 147 -29.80 10.89 -52.86
CA VAL C 147 -29.50 10.01 -53.99
C VAL C 147 -28.35 10.65 -54.77
N PRO C 148 -27.24 9.94 -54.95
CA PRO C 148 -26.11 10.52 -55.70
C PRO C 148 -26.46 10.74 -57.16
N ALA C 149 -25.53 11.37 -57.87
CA ALA C 149 -25.74 11.70 -59.27
C ALA C 149 -25.52 10.48 -60.15
N VAL C 150 -26.27 10.41 -61.24
CA VAL C 150 -26.18 9.31 -62.19
C VAL C 150 -25.49 9.76 -63.47
N GLU C 158 -28.35 12.70 -74.12
CA GLU C 158 -28.52 14.14 -74.04
C GLU C 158 -27.18 14.85 -73.95
N ILE C 159 -26.99 15.86 -74.78
CA ILE C 159 -25.77 16.65 -74.79
C ILE C 159 -25.93 17.88 -73.89
N GLY C 160 -24.92 18.14 -73.06
CA GLY C 160 -24.96 19.28 -72.17
C GLY C 160 -25.82 19.10 -70.94
N ARG C 161 -26.29 17.89 -70.66
CA ARG C 161 -27.09 17.63 -69.47
C ARG C 161 -26.18 17.13 -68.36
N ILE C 162 -26.23 17.79 -67.21
CA ILE C 162 -25.35 17.51 -66.09
C ILE C 162 -26.19 16.98 -64.94
N PRO C 163 -26.09 15.70 -64.60
CA PRO C 163 -26.74 15.21 -63.38
C PRO C 163 -26.00 15.69 -62.15
N VAL C 164 -26.76 16.09 -61.13
CA VAL C 164 -26.19 16.62 -59.90
C VAL C 164 -26.66 15.78 -58.73
N ASP C 165 -25.86 15.78 -57.67
CA ASP C 165 -26.24 15.11 -56.44
C ASP C 165 -27.50 15.75 -55.87
N SER C 166 -28.44 14.92 -55.41
CA SER C 166 -29.75 15.37 -54.98
C SER C 166 -29.87 15.25 -53.47
N ILE C 167 -30.06 16.39 -52.79
CA ILE C 167 -30.31 16.42 -51.36
C ILE C 167 -31.81 16.47 -51.11
N TYR C 168 -32.46 15.30 -51.19
CA TYR C 168 -33.93 15.27 -51.15
C TYR C 168 -34.48 15.67 -49.79
N SER C 169 -33.88 15.15 -48.71
CA SER C 169 -34.49 15.32 -47.38
C SER C 169 -34.29 16.73 -46.86
N PRO C 170 -35.31 17.32 -46.22
CA PRO C 170 -35.11 18.62 -45.58
C PRO C 170 -34.05 18.59 -44.49
N VAL C 171 -33.97 17.48 -43.74
CA VAL C 171 -32.94 17.36 -42.71
C VAL C 171 -31.56 17.41 -43.37
N LEU C 172 -30.68 18.25 -42.82
CA LEU C 172 -29.35 18.46 -43.38
C LEU C 172 -28.25 17.78 -42.59
N LYS C 173 -28.28 17.87 -41.27
CA LYS C 173 -27.29 17.20 -40.43
C LYS C 173 -27.97 16.72 -39.15
N VAL C 174 -27.77 15.45 -38.81
CA VAL C 174 -28.36 14.85 -37.62
C VAL C 174 -27.31 14.04 -36.90
N THR C 175 -27.24 14.19 -35.58
CA THR C 175 -26.32 13.44 -34.74
C THR C 175 -26.97 13.25 -33.37
N TYR C 176 -26.56 12.18 -32.68
CA TYR C 176 -27.15 11.85 -31.40
C TYR C 176 -26.08 11.37 -30.43
N LYS C 177 -26.36 11.54 -29.14
CA LYS C 177 -25.47 11.13 -28.07
C LYS C 177 -26.32 10.68 -26.89
N VAL C 178 -25.72 9.89 -26.00
CA VAL C 178 -26.45 9.29 -24.89
C VAL C 178 -25.67 9.49 -23.60
N GLU C 179 -26.40 9.62 -22.50
CA GLU C 179 -25.82 9.87 -21.18
C GLU C 179 -26.59 9.04 -20.15
N ALA C 180 -26.27 9.25 -18.88
CA ALA C 180 -26.91 8.53 -17.79
C ALA C 180 -27.42 9.52 -16.76
N THR C 181 -28.68 9.35 -16.35
CA THR C 181 -29.29 10.24 -15.36
C THR C 181 -30.25 9.40 -14.52
N ARG C 182 -31.18 10.07 -13.85
CA ARG C 182 -32.18 9.41 -13.03
C ARG C 182 -31.52 8.50 -12.00
N VAL C 183 -31.03 9.08 -10.91
CA VAL C 183 -30.35 8.31 -9.87
C VAL C 183 -31.32 7.31 -9.25
N GLU C 184 -32.16 7.78 -8.34
CA GLU C 184 -33.05 6.90 -7.60
C GLU C 184 -32.26 5.75 -6.97
N GLN C 185 -32.52 4.52 -7.42
CA GLN C 185 -31.74 3.36 -6.99
C GLN C 185 -30.76 2.88 -8.04
N ARG C 186 -31.05 3.11 -9.32
CA ARG C 186 -30.19 2.67 -10.42
C ARG C 186 -29.79 3.91 -11.22
N THR C 187 -28.49 4.15 -11.32
CA THR C 187 -27.96 5.36 -11.93
C THR C 187 -27.54 5.16 -13.39
N ASP C 188 -27.92 4.05 -14.02
CA ASP C 188 -27.52 3.77 -15.40
C ASP C 188 -28.69 3.93 -16.37
N PHE C 189 -29.66 4.77 -16.03
CA PHE C 189 -30.75 5.06 -16.95
C PHE C 189 -30.26 5.93 -18.10
N ASP C 190 -30.80 5.69 -19.29
CA ASP C 190 -30.32 6.34 -20.50
C ASP C 190 -31.04 7.65 -20.76
N LYS C 191 -30.28 8.63 -21.25
CA LYS C 191 -30.83 9.90 -21.72
C LYS C 191 -30.40 10.07 -23.17
N LEU C 192 -31.37 10.24 -24.06
CA LEU C 192 -31.11 10.31 -25.49
C LEU C 192 -31.05 11.77 -25.93
N ILE C 193 -29.93 12.16 -26.53
CA ILE C 193 -29.75 13.50 -27.09
C ILE C 193 -29.63 13.36 -28.60
N ILE C 194 -30.43 14.12 -29.33
CA ILE C 194 -30.43 14.11 -30.79
C ILE C 194 -30.32 15.54 -31.29
N ASP C 195 -29.45 15.76 -32.26
CA ASP C 195 -29.19 17.09 -32.80
C ASP C 195 -29.52 17.08 -34.29
N VAL C 196 -30.46 17.93 -34.68
CA VAL C 196 -30.96 17.97 -36.05
C VAL C 196 -30.92 19.41 -36.55
N GLU C 197 -30.30 19.62 -37.71
CA GLU C 197 -30.28 20.91 -38.39
C GLU C 197 -31.15 20.78 -39.63
N THR C 198 -32.18 21.63 -39.72
CA THR C 198 -33.19 21.52 -40.77
C THR C 198 -33.14 22.72 -41.69
N LYS C 199 -33.50 22.50 -42.95
CA LYS C 199 -33.69 23.61 -43.86
C LYS C 199 -35.06 24.25 -43.63
N ASN C 200 -35.18 25.51 -44.05
CA ASN C 200 -36.36 26.32 -43.74
C ASN C 200 -37.63 25.79 -44.39
N SER C 201 -37.58 24.68 -45.13
CA SER C 201 -38.81 24.13 -45.72
C SER C 201 -39.73 23.58 -44.64
N ILE C 202 -39.16 22.93 -43.62
CA ILE C 202 -39.92 22.41 -42.49
C ILE C 202 -39.11 22.59 -41.23
N SER C 203 -39.81 22.76 -40.10
CA SER C 203 -39.16 23.01 -38.83
C SER C 203 -38.60 21.72 -38.25
N PRO C 204 -37.65 21.82 -37.33
CA PRO C 204 -37.12 20.59 -36.69
C PRO C 204 -38.19 19.79 -35.98
N ARG C 205 -39.16 20.47 -35.34
CA ARG C 205 -40.21 19.76 -34.63
C ARG C 205 -41.03 18.89 -35.59
N ASP C 206 -41.51 19.48 -36.69
CA ASP C 206 -42.30 18.70 -37.64
C ASP C 206 -41.51 17.53 -38.19
N ALA C 207 -40.23 17.73 -38.48
CA ALA C 207 -39.40 16.64 -39.00
C ALA C 207 -39.41 15.45 -38.05
N LEU C 208 -39.36 15.71 -36.75
CA LEU C 208 -39.39 14.62 -35.79
C LEU C 208 -40.72 13.88 -35.81
N ALA C 209 -41.83 14.62 -35.88
CA ALA C 209 -43.14 13.99 -35.95
C ALA C 209 -43.26 13.11 -37.19
N SER C 210 -42.78 13.61 -38.35
CA SER C 210 -42.79 12.79 -39.56
C SER C 210 -41.94 11.54 -39.38
N ALA C 211 -40.70 11.72 -38.90
CA ALA C 211 -39.84 10.57 -38.67
C ALA C 211 -40.44 9.63 -37.63
N GLY C 212 -41.00 10.17 -36.56
CA GLY C 212 -41.64 9.33 -35.56
C GLY C 212 -42.87 8.63 -36.09
N GLY C 213 -43.70 9.36 -36.85
CA GLY C 213 -44.88 8.74 -37.43
C GLY C 213 -44.54 7.61 -38.38
N THR C 214 -43.53 7.82 -39.23
CA THR C 214 -43.14 6.77 -40.17
C THR C 214 -42.55 5.57 -39.45
N LEU C 215 -41.89 5.77 -38.31
CA LEU C 215 -41.34 4.65 -37.56
C LEU C 215 -42.45 3.82 -36.94
N VAL C 216 -43.33 4.45 -36.17
CA VAL C 216 -44.44 3.71 -35.55
C VAL C 216 -45.23 2.96 -36.61
N GLU C 217 -45.54 3.63 -37.72
CA GLU C 217 -46.24 2.95 -38.81
C GLU C 217 -45.42 1.77 -39.33
N LEU C 218 -44.10 1.96 -39.45
CA LEU C 218 -43.25 0.89 -39.95
C LEU C 218 -43.20 -0.27 -38.96
N PHE C 219 -43.13 0.03 -37.66
CA PHE C 219 -43.13 -1.00 -36.64
C PHE C 219 -44.51 -1.56 -36.36
N GLY C 220 -45.58 -0.94 -36.88
CA GLY C 220 -46.89 -1.53 -36.80
C GLY C 220 -47.03 -2.84 -37.56
N LEU C 221 -46.05 -3.17 -38.40
CA LEU C 221 -46.10 -4.43 -39.14
C LEU C 221 -45.80 -5.61 -38.23
N ALA C 222 -44.97 -5.43 -37.21
CA ALA C 222 -44.75 -6.49 -36.23
C ALA C 222 -45.87 -6.54 -35.20
N ARG C 223 -46.46 -5.39 -34.88
CA ARG C 223 -47.57 -5.37 -33.93
C ARG C 223 -48.78 -6.11 -34.47
N GLU C 224 -49.08 -5.95 -35.75
CA GLU C 224 -50.28 -6.57 -36.32
C GLU C 224 -50.23 -8.09 -36.25
N LEU C 225 -49.04 -8.68 -36.13
CA LEU C 225 -48.95 -10.12 -35.92
C LEU C 225 -49.68 -10.57 -34.66
N ASN C 226 -49.86 -9.68 -33.69
CA ASN C 226 -50.61 -9.97 -32.48
C ASN C 226 -50.62 -8.75 -31.57
N ALA C 227 -51.78 -8.10 -31.43
CA ALA C 227 -51.89 -6.92 -30.57
C ALA C 227 -52.14 -7.29 -29.11
N ASP C 228 -52.11 -8.58 -28.76
CA ASP C 228 -52.35 -9.01 -27.39
C ASP C 228 -51.08 -9.22 -26.59
N SER C 229 -49.91 -9.25 -27.24
CA SER C 229 -48.66 -9.43 -26.51
C SER C 229 -48.46 -8.30 -25.51
N GLU C 230 -47.54 -8.53 -24.57
CA GLU C 230 -47.43 -7.64 -23.42
C GLU C 230 -46.77 -6.31 -23.78
N HIS C 231 -45.68 -6.36 -24.55
CA HIS C 231 -44.83 -5.20 -24.80
C HIS C 231 -44.73 -4.31 -23.56
N ILE C 232 -44.69 -2.99 -23.74
CA ILE C 232 -44.55 -2.06 -22.63
C ILE C 232 -45.61 -0.97 -22.75
N GLU C 233 -45.91 -0.35 -21.61
CA GLU C 233 -46.89 0.73 -21.55
C GLU C 233 -46.60 1.81 -22.58
N ASN D 21 -3.82 -39.51 -20.44
CA ASN D 21 -3.07 -40.66 -20.94
C ASN D 21 -2.41 -41.41 -19.80
N SER D 22 -2.52 -42.74 -19.85
CA SER D 22 -1.97 -43.67 -18.86
C SER D 22 -2.76 -43.65 -17.55
N VAL D 23 -3.78 -42.82 -17.41
CA VAL D 23 -4.62 -42.80 -16.23
C VAL D 23 -5.95 -43.46 -16.58
N PRO D 24 -6.52 -44.27 -15.68
CA PRO D 24 -7.74 -45.03 -16.03
C PRO D 24 -8.86 -44.16 -16.59
N GLY D 25 -9.46 -43.32 -15.75
CA GLY D 25 -10.58 -42.51 -16.17
C GLY D 25 -10.19 -41.20 -16.81
N ALA D 26 -9.04 -41.17 -17.46
CA ALA D 26 -8.56 -39.94 -18.09
C ALA D 26 -9.49 -39.54 -19.23
N PRO D 27 -9.91 -38.28 -19.30
CA PRO D 27 -10.72 -37.83 -20.43
C PRO D 27 -9.89 -37.74 -21.71
N ASN D 28 -10.60 -37.74 -22.84
CA ASN D 28 -9.94 -37.76 -24.14
C ASN D 28 -9.54 -36.34 -24.52
N ARG D 29 -8.25 -36.05 -24.45
CA ARG D 29 -7.70 -34.75 -24.82
C ARG D 29 -6.55 -35.00 -25.80
N VAL D 30 -6.81 -34.79 -27.09
CA VAL D 30 -5.81 -35.08 -28.11
C VAL D 30 -4.61 -34.15 -27.95
N SER D 31 -3.43 -34.68 -28.25
CA SER D 31 -2.17 -33.96 -28.04
C SER D 31 -1.43 -33.79 -29.37
N PHE D 32 -0.83 -32.62 -29.55
CA PHE D 32 0.02 -32.32 -30.70
C PHE D 32 1.46 -32.74 -30.47
N ALA D 33 1.73 -33.59 -29.49
CA ALA D 33 3.10 -33.94 -29.14
C ALA D 33 3.73 -34.77 -30.26
N LYS D 34 4.90 -34.33 -30.71
CA LYS D 34 5.70 -35.07 -31.68
C LYS D 34 6.69 -36.02 -31.03
N LEU D 35 6.71 -36.08 -29.70
CA LEU D 35 7.65 -36.90 -28.96
C LEU D 35 6.92 -37.64 -27.85
N ARG D 36 7.23 -38.93 -27.69
CA ARG D 36 6.63 -39.70 -26.62
C ARG D 36 7.22 -39.30 -25.27
N GLU D 37 6.37 -39.34 -24.24
CA GLU D 37 6.80 -39.11 -22.87
C GLU D 37 7.35 -40.42 -22.29
N PRO D 38 8.67 -40.62 -22.33
CA PRO D 38 9.20 -41.92 -21.89
C PRO D 38 8.94 -42.22 -20.43
N LEU D 39 9.17 -41.26 -19.54
CA LEU D 39 9.00 -41.45 -18.11
C LEU D 39 7.72 -40.77 -17.65
N GLU D 40 6.88 -41.52 -16.94
CA GLU D 40 5.68 -40.93 -16.35
C GLU D 40 6.07 -39.92 -15.28
N VAL D 41 5.31 -38.84 -15.18
CA VAL D 41 5.56 -37.78 -14.21
C VAL D 41 5.61 -38.38 -12.82
N PRO D 42 6.65 -38.13 -12.04
CA PRO D 42 6.72 -38.68 -10.68
C PRO D 42 5.66 -38.04 -9.79
N GLY D 43 5.33 -38.75 -8.72
CA GLY D 43 4.39 -38.24 -7.73
C GLY D 43 4.87 -36.91 -7.20
N LEU D 44 4.41 -35.83 -7.84
CA LEU D 44 5.00 -34.51 -7.60
C LEU D 44 4.69 -34.01 -6.20
N LEU D 45 4.08 -34.87 -5.38
CA LEU D 45 3.90 -34.60 -3.96
C LEU D 45 4.87 -35.40 -3.10
N ASP D 46 5.89 -36.01 -3.71
CA ASP D 46 6.81 -36.87 -2.97
C ASP D 46 7.84 -36.08 -2.18
N VAL D 47 8.21 -34.88 -2.64
CA VAL D 47 9.25 -34.10 -1.97
C VAL D 47 8.96 -33.94 -0.48
N GLN D 48 7.69 -33.81 -0.12
CA GLN D 48 7.28 -33.65 1.27
C GLN D 48 7.13 -34.99 2.00
N THR D 49 6.61 -36.00 1.31
CA THR D 49 6.35 -37.27 1.99
C THR D 49 7.65 -38.04 2.25
N ASP D 50 8.50 -38.16 1.23
CA ASP D 50 9.73 -38.93 1.39
C ASP D 50 10.58 -38.40 2.55
N SER D 51 10.67 -37.07 2.68
CA SER D 51 11.50 -36.50 3.73
C SER D 51 10.92 -36.77 5.11
N PHE D 52 9.60 -36.61 5.28
CA PHE D 52 9.00 -36.88 6.57
C PHE D 52 8.96 -38.37 6.87
N GLU D 53 8.70 -39.20 5.84
CA GLU D 53 8.72 -40.64 6.05
C GLU D 53 10.10 -41.14 6.42
N TRP D 54 11.15 -40.58 5.80
CA TRP D 54 12.50 -40.89 6.21
C TRP D 54 12.76 -40.43 7.64
N LEU D 55 12.19 -39.28 8.02
CA LEU D 55 12.33 -38.77 9.38
C LEU D 55 11.79 -39.78 10.38
N VAL D 56 10.47 -39.97 10.37
CA VAL D 56 9.84 -40.92 11.28
C VAL D 56 10.37 -42.33 11.07
N GLY D 57 10.90 -42.62 9.89
CA GLY D 57 11.43 -43.95 9.61
C GLY D 57 10.35 -44.99 9.42
N SER D 58 9.40 -44.71 8.54
CA SER D 58 8.32 -45.65 8.29
C SER D 58 8.86 -46.91 7.64
N ASP D 59 8.14 -48.02 7.85
CA ASP D 59 8.56 -49.29 7.26
C ASP D 59 8.51 -49.24 5.74
N ARG D 60 7.64 -48.39 5.18
CA ARG D 60 7.57 -48.28 3.73
C ARG D 60 8.87 -47.73 3.15
N TRP D 61 9.50 -46.79 3.88
CA TRP D 61 10.79 -46.26 3.44
C TRP D 61 11.89 -47.31 3.58
N ARG D 62 11.94 -47.98 4.73
CA ARG D 62 12.91 -49.05 4.90
C ARG D 62 12.74 -50.13 3.84
N GLN D 63 11.51 -50.51 3.55
CA GLN D 63 11.26 -51.51 2.52
C GLN D 63 11.64 -50.98 1.14
N ALA D 64 11.41 -49.69 0.90
CA ALA D 64 11.73 -49.11 -0.40
C ALA D 64 13.23 -48.85 -0.56
N ALA D 65 13.90 -48.48 0.53
CA ALA D 65 15.33 -48.21 0.46
C ALA D 65 16.16 -49.49 0.47
N ILE D 66 15.72 -50.50 1.24
CA ILE D 66 16.49 -51.73 1.34
C ILE D 66 16.54 -52.47 0.01
N ASP D 67 15.44 -52.45 -0.73
CA ASP D 67 15.39 -53.15 -2.01
C ASP D 67 16.54 -52.76 -2.94
N ARG D 68 16.81 -51.47 -3.03
CA ARG D 68 17.88 -50.93 -3.88
C ARG D 68 18.64 -49.87 -3.07
N GLY D 69 19.32 -50.32 -2.02
CA GLY D 69 20.07 -49.41 -1.19
C GLY D 69 20.68 -50.12 -0.01
N GLU D 70 21.24 -49.32 0.91
CA GLU D 70 21.88 -49.88 2.10
C GLU D 70 20.89 -50.74 2.89
N GLU D 71 21.40 -51.84 3.44
CA GLU D 71 20.57 -52.78 4.19
C GLU D 71 20.28 -52.34 5.62
N ASN D 72 20.94 -51.29 6.10
CA ASN D 72 20.78 -50.81 7.47
C ASN D 72 20.53 -49.30 7.46
N PRO D 73 19.41 -48.86 6.90
CA PRO D 73 19.08 -47.44 6.95
C PRO D 73 18.65 -47.01 8.35
N VAL D 74 18.96 -45.77 8.69
CA VAL D 74 18.68 -45.21 10.00
C VAL D 74 17.68 -44.07 9.83
N GLY D 75 16.59 -44.11 10.60
CA GLY D 75 15.63 -43.04 10.57
C GLY D 75 16.19 -41.76 11.18
N GLY D 76 15.59 -40.63 10.79
CA GLY D 76 16.04 -39.35 11.29
C GLY D 76 16.15 -39.32 12.80
N LEU D 77 15.08 -39.73 13.49
CA LEU D 77 15.14 -39.81 14.95
C LEU D 77 16.04 -40.95 15.40
N GLU D 78 16.00 -42.08 14.69
CA GLU D 78 16.92 -43.17 15.01
C GLU D 78 18.36 -42.73 14.88
N GLU D 79 18.68 -41.95 13.84
CA GLU D 79 20.04 -41.44 13.68
C GLU D 79 20.39 -40.41 14.75
N VAL D 80 19.40 -39.66 15.23
CA VAL D 80 19.68 -38.67 16.28
C VAL D 80 20.05 -39.36 17.58
N LEU D 81 19.35 -40.45 17.93
CA LEU D 81 19.69 -41.18 19.14
C LEU D 81 21.01 -41.92 18.99
N ALA D 82 21.29 -42.44 17.79
CA ALA D 82 22.54 -43.17 17.57
C ALA D 82 23.74 -42.30 17.94
N GLU D 83 23.74 -41.04 17.51
CA GLU D 83 24.84 -40.16 17.85
C GLU D 83 24.77 -39.70 19.30
N LEU D 84 23.57 -39.64 19.88
CA LEU D 84 23.42 -39.17 21.25
C LEU D 84 23.69 -40.28 22.26
N SER D 85 23.43 -41.54 21.91
CA SER D 85 23.70 -42.66 22.80
C SER D 85 25.10 -43.23 22.55
N PRO D 86 25.83 -43.51 23.64
CA PRO D 86 25.41 -43.31 25.03
C PRO D 86 25.30 -41.84 25.42
N ILE D 87 24.46 -41.55 26.42
CA ILE D 87 24.25 -40.19 26.88
C ILE D 87 25.57 -39.51 27.22
N PHE D 98 19.07 -43.96 25.73
CA PHE D 98 18.06 -43.50 24.78
C PHE D 98 18.10 -44.32 23.49
N SER D 99 17.04 -45.09 23.25
CA SER D 99 16.95 -45.90 22.04
C SER D 99 15.53 -46.46 21.96
N ASP D 100 15.21 -47.01 20.78
CA ASP D 100 13.91 -47.59 20.49
C ASP D 100 12.79 -46.63 20.85
N PRO D 101 12.61 -45.55 20.08
CA PRO D 101 11.49 -44.64 20.34
C PRO D 101 10.19 -45.19 19.75
N ARG D 102 9.09 -44.96 20.47
CA ARG D 102 7.78 -45.44 20.07
C ARG D 102 6.94 -44.30 19.53
N PHE D 103 5.93 -44.67 18.75
CA PHE D 103 4.98 -43.72 18.16
C PHE D 103 3.60 -44.36 18.14
N ASP D 104 2.72 -43.93 19.04
CA ASP D 104 1.36 -44.45 19.06
C ASP D 104 0.57 -43.89 17.89
N GLU D 105 -0.60 -44.49 17.66
CA GLU D 105 -1.48 -44.04 16.59
C GLU D 105 -1.96 -42.61 16.87
N VAL D 106 -2.26 -41.89 15.79
CA VAL D 106 -2.57 -40.47 15.93
C VAL D 106 -3.72 -40.29 16.92
N LYS D 107 -3.68 -39.18 17.65
CA LYS D 107 -4.72 -38.88 18.63
C LYS D 107 -6.08 -38.73 17.96
N ALA D 108 -6.20 -37.73 17.08
CA ALA D 108 -7.46 -37.45 16.40
C ALA D 108 -7.21 -37.35 14.90
N SER D 109 -8.30 -37.43 14.14
CA SER D 109 -8.21 -37.37 12.68
C SER D 109 -7.97 -35.94 12.21
N VAL D 110 -7.48 -35.82 10.98
CA VAL D 110 -7.20 -34.50 10.40
C VAL D 110 -8.42 -33.61 10.49
N ASP D 111 -9.55 -34.09 9.97
CA ASP D 111 -10.79 -33.32 10.08
C ASP D 111 -11.11 -33.00 11.53
N GLU D 112 -10.91 -33.96 12.43
CA GLU D 112 -11.19 -33.71 13.83
C GLU D 112 -10.23 -32.71 14.44
N CYS D 113 -9.00 -32.64 13.92
CA CYS D 113 -8.04 -31.66 14.43
C CYS D 113 -8.38 -30.27 13.92
N LYS D 114 -8.66 -30.13 12.62
CA LYS D 114 -9.02 -28.82 12.08
C LYS D 114 -10.28 -28.29 12.72
N ASP D 115 -11.19 -29.18 13.15
CA ASP D 115 -12.42 -28.73 13.79
C ASP D 115 -12.15 -28.22 15.21
N LYS D 116 -11.48 -29.03 16.02
CA LYS D 116 -11.22 -28.69 17.42
C LYS D 116 -10.04 -27.74 17.60
N ASP D 117 -9.41 -27.30 16.51
CA ASP D 117 -8.30 -26.36 16.57
C ASP D 117 -7.10 -26.93 17.32
N MET D 118 -6.90 -28.25 17.23
CA MET D 118 -5.75 -28.91 17.82
C MET D 118 -4.77 -29.33 16.74
N THR D 119 -3.61 -29.82 17.18
CA THR D 119 -2.51 -30.16 16.29
C THR D 119 -2.49 -31.66 16.01
N TYR D 120 -2.46 -32.01 14.72
CA TYR D 120 -2.38 -33.39 14.27
C TYR D 120 -1.02 -33.95 14.69
N ALA D 121 -1.00 -34.74 15.76
CA ALA D 121 0.25 -35.25 16.29
C ALA D 121 0.04 -36.65 16.85
N ALA D 122 1.14 -37.38 16.98
CA ALA D 122 1.15 -38.71 17.58
C ALA D 122 2.22 -38.72 18.67
N PRO D 123 1.88 -38.99 19.92
CA PRO D 123 2.88 -38.97 20.98
C PRO D 123 3.98 -39.99 20.72
N LEU D 124 5.19 -39.66 21.17
CA LEU D 124 6.33 -40.55 21.05
C LEU D 124 6.89 -40.88 22.43
N PHE D 125 7.42 -42.09 22.55
CA PHE D 125 8.02 -42.57 23.79
C PHE D 125 9.48 -42.93 23.54
N VAL D 126 10.21 -43.10 24.63
CA VAL D 126 11.62 -43.49 24.55
C VAL D 126 11.95 -44.47 25.67
N SER D 140 15.52 -49.12 31.39
CA SER D 140 15.28 -48.40 32.62
C SER D 140 13.96 -47.62 32.57
N GLN D 141 13.99 -46.40 33.11
CA GLN D 141 12.80 -45.57 33.15
C GLN D 141 12.35 -45.18 31.75
N THR D 142 11.09 -45.43 31.44
CA THR D 142 10.52 -44.97 30.18
C THR D 142 10.10 -43.52 30.28
N VAL D 143 10.16 -42.82 29.15
CA VAL D 143 9.93 -41.38 29.11
C VAL D 143 9.04 -41.04 27.93
N PHE D 144 8.02 -40.21 28.18
CA PHE D 144 7.20 -39.65 27.11
C PHE D 144 7.77 -38.29 26.72
N MET D 145 8.23 -38.18 25.47
CA MET D 145 8.89 -36.97 25.00
C MET D 145 7.94 -35.87 24.55
N GLY D 146 6.70 -36.21 24.17
CA GLY D 146 5.76 -35.20 23.73
C GLY D 146 4.97 -35.57 22.50
N ASP D 147 3.87 -34.84 22.25
CA ASP D 147 3.07 -35.08 21.06
C ASP D 147 3.88 -34.69 19.84
N PHE D 148 3.98 -35.61 18.87
CA PHE D 148 4.81 -35.40 17.70
C PHE D 148 3.93 -35.11 16.48
N PRO D 149 4.05 -33.93 15.88
CA PRO D 149 3.23 -33.62 14.71
C PRO D 149 3.43 -34.64 13.60
N MET D 150 2.41 -34.81 12.77
CA MET D 150 2.42 -35.79 11.69
C MET D 150 2.00 -35.13 10.39
N MET D 151 2.49 -35.69 9.29
CA MET D 151 2.22 -35.18 7.95
C MET D 151 1.06 -35.92 7.32
N THR D 152 0.09 -35.17 6.80
CA THR D 152 -1.08 -35.75 6.16
C THR D 152 -0.67 -36.42 4.84
N GLU D 153 -1.64 -37.05 4.19
CA GLU D 153 -1.38 -37.62 2.87
C GLU D 153 -1.09 -36.53 1.84
N LYS D 154 -1.64 -35.33 2.04
CA LYS D 154 -1.38 -34.20 1.17
C LYS D 154 -0.03 -33.53 1.44
N GLY D 155 0.80 -34.14 2.29
CA GLY D 155 2.09 -33.56 2.61
C GLY D 155 2.03 -32.31 3.45
N THR D 156 1.00 -32.18 4.29
CA THR D 156 0.81 -31.01 5.11
C THR D 156 0.76 -31.40 6.59
N PHE D 157 0.77 -30.38 7.44
CA PHE D 157 0.66 -30.56 8.89
C PHE D 157 -0.50 -29.75 9.42
N ILE D 158 -1.09 -30.23 10.51
CA ILE D 158 -2.15 -29.52 11.22
C ILE D 158 -1.56 -29.06 12.55
N ILE D 159 -1.21 -27.78 12.62
CA ILE D 159 -0.59 -27.20 13.81
C ILE D 159 -1.61 -26.22 14.39
N ASN D 160 -2.31 -26.64 15.45
CA ASN D 160 -3.29 -25.81 16.12
C ASN D 160 -4.51 -25.55 15.23
N GLY D 161 -4.94 -26.58 14.52
CA GLY D 161 -6.14 -26.51 13.71
C GLY D 161 -5.98 -25.92 12.32
N THR D 162 -4.78 -25.47 11.96
CA THR D 162 -4.53 -24.88 10.65
C THR D 162 -3.61 -25.80 9.85
N GLU D 163 -3.83 -25.83 8.54
CA GLU D 163 -3.06 -26.70 7.64
C GLU D 163 -1.83 -25.95 7.16
N ARG D 164 -0.66 -26.35 7.66
CA ARG D 164 0.61 -25.72 7.31
C ARG D 164 1.40 -26.60 6.36
N VAL D 165 2.38 -25.98 5.70
CA VAL D 165 3.25 -26.67 4.76
C VAL D 165 4.69 -26.20 4.98
N VAL D 166 5.58 -27.15 5.20
CA VAL D 166 6.99 -26.85 5.40
C VAL D 166 7.68 -26.75 4.04
N VAL D 167 8.43 -25.67 3.83
CA VAL D 167 9.09 -25.40 2.56
C VAL D 167 10.51 -25.93 2.64
N SER D 168 10.89 -26.74 1.66
CA SER D 168 12.24 -27.28 1.61
C SER D 168 13.25 -26.16 1.32
N GLN D 169 14.34 -26.16 2.09
CA GLN D 169 15.38 -25.14 1.98
C GLN D 169 16.57 -25.69 1.21
N LEU D 170 17.10 -24.86 0.31
CA LEU D 170 18.27 -25.21 -0.50
C LEU D 170 19.47 -24.47 0.07
N VAL D 171 20.27 -25.16 0.86
CA VAL D 171 21.49 -24.60 1.43
C VAL D 171 22.69 -25.31 0.82
N ARG D 172 23.85 -24.68 0.96
CA ARG D 172 25.09 -25.23 0.42
C ARG D 172 25.69 -26.24 1.38
N SER D 173 26.22 -27.32 0.81
CA SER D 173 26.84 -28.38 1.62
C SER D 173 28.27 -28.03 1.99
N ASP D 362 28.70 -21.21 -3.06
CA ASP D 362 29.72 -21.13 -4.09
C ASP D 362 29.16 -21.56 -5.44
N HIS D 363 29.66 -22.68 -5.95
CA HIS D 363 29.17 -23.22 -7.20
C HIS D 363 27.69 -23.63 -7.06
N PHE D 364 27.00 -23.70 -8.19
CA PHE D 364 25.58 -24.03 -8.16
C PHE D 364 25.36 -25.44 -7.60
N GLY D 365 26.08 -26.43 -8.15
CA GLY D 365 26.01 -27.80 -7.66
C GLY D 365 26.26 -27.95 -6.17
N ASN D 366 27.05 -27.07 -5.57
CA ASN D 366 27.28 -27.06 -4.13
C ASN D 366 26.03 -26.84 -3.30
N ARG D 367 24.87 -26.66 -3.91
CA ARG D 367 23.66 -26.49 -3.10
C ARG D 367 23.17 -27.85 -2.60
N ARG D 368 22.79 -27.92 -1.32
CA ARG D 368 22.39 -29.19 -0.71
C ARG D 368 20.89 -29.44 -0.78
N LEU D 369 20.08 -28.50 -0.29
CA LEU D 369 18.63 -28.60 -0.32
C LEU D 369 18.13 -29.47 0.82
N ARG D 370 17.83 -28.85 1.96
CA ARG D 370 17.25 -29.57 3.08
C ARG D 370 15.80 -29.95 2.78
N THR D 371 15.47 -31.21 2.98
CA THR D 371 14.10 -31.67 2.83
C THR D 371 13.35 -31.52 4.14
N VAL D 372 12.01 -31.61 4.05
CA VAL D 372 11.17 -31.30 5.20
C VAL D 372 11.56 -32.14 6.41
N GLY D 373 11.72 -33.46 6.20
CA GLY D 373 12.07 -34.31 7.32
C GLY D 373 13.43 -33.99 7.91
N GLU D 374 14.39 -33.60 7.05
CA GLU D 374 15.74 -33.36 7.52
C GLU D 374 15.82 -32.10 8.38
N LEU D 375 15.32 -30.98 7.87
CA LEU D 375 15.36 -29.75 8.64
C LEU D 375 14.46 -29.81 9.87
N ILE D 376 13.54 -30.78 9.93
CA ILE D 376 12.81 -31.03 11.17
C ILE D 376 13.71 -31.73 12.17
N GLN D 377 14.48 -32.72 11.71
CA GLN D 377 15.39 -33.43 12.59
C GLN D 377 16.40 -32.48 13.24
N ASN D 378 16.96 -31.56 12.44
CA ASN D 378 17.95 -30.63 12.99
C ASN D 378 17.37 -29.83 14.14
N GLN D 379 16.09 -29.45 14.06
CA GLN D 379 15.45 -28.77 15.17
C GLN D 379 15.34 -29.68 16.38
N ILE D 380 15.21 -30.99 16.16
CA ILE D 380 15.17 -31.93 17.26
C ILE D 380 16.54 -32.05 17.92
N ARG D 381 17.61 -32.02 17.12
CA ARG D 381 18.96 -32.05 17.68
C ARG D 381 19.13 -30.98 18.75
N VAL D 382 18.70 -29.75 18.45
CA VAL D 382 18.77 -28.68 19.44
C VAL D 382 17.97 -29.05 20.69
N GLY D 383 16.82 -29.68 20.51
CA GLY D 383 16.01 -30.08 21.66
C GLY D 383 16.68 -31.15 22.49
N LEU D 384 17.21 -32.19 21.84
CA LEU D 384 17.87 -33.26 22.58
C LEU D 384 19.14 -32.77 23.25
N SER D 385 19.99 -32.06 22.50
CA SER D 385 21.28 -31.63 23.04
C SER D 385 21.09 -30.76 24.28
N ARG D 386 20.26 -29.72 24.18
CA ARG D 386 20.00 -28.89 25.36
C ARG D 386 19.26 -29.65 26.45
N MET D 387 18.59 -30.75 26.10
CA MET D 387 18.01 -31.61 27.14
C MET D 387 19.11 -32.32 27.92
N GLU D 388 20.16 -32.75 27.24
CA GLU D 388 21.29 -33.37 27.93
C GLU D 388 22.08 -32.35 28.74
N ARG D 389 22.07 -31.08 28.32
CA ARG D 389 22.70 -30.04 29.12
C ARG D 389 21.99 -29.85 30.45
N VAL D 390 20.68 -30.11 30.49
CA VAL D 390 19.93 -30.01 31.74
C VAL D 390 20.16 -31.23 32.63
N VAL D 391 20.28 -32.42 32.02
CA VAL D 391 20.50 -33.63 32.80
C VAL D 391 21.88 -33.62 33.45
N ARG D 392 22.88 -33.04 32.77
CA ARG D 392 24.20 -32.96 33.36
C ARG D 392 24.17 -32.14 34.66
N GLU D 393 23.48 -31.00 34.64
CA GLU D 393 23.40 -30.18 35.84
C GLU D 393 22.57 -30.87 36.92
N ARG D 394 21.51 -31.56 36.51
CA ARG D 394 20.59 -32.14 37.50
C ARG D 394 21.24 -33.28 38.28
N MET D 395 22.01 -34.13 37.59
CA MET D 395 22.54 -35.32 38.24
C MET D 395 23.60 -34.99 39.29
N THR D 396 24.35 -33.89 39.09
CA THR D 396 25.37 -33.52 40.07
C THR D 396 24.73 -33.10 41.38
N THR D 397 23.76 -32.17 41.32
CA THR D 397 23.11 -31.71 42.54
C THR D 397 22.22 -32.79 43.15
N GLN D 398 21.60 -33.63 42.34
CA GLN D 398 20.70 -34.65 42.86
C GLN D 398 21.50 -35.79 43.47
N ASP D 399 20.90 -36.42 44.49
CA ASP D 399 21.54 -37.55 45.15
C ASP D 399 21.60 -38.75 44.20
N VAL D 400 22.70 -39.50 44.28
CA VAL D 400 22.88 -40.65 43.40
C VAL D 400 21.96 -41.78 43.85
N GLU D 401 21.43 -42.52 42.87
CA GLU D 401 20.54 -43.65 43.12
C GLU D 401 19.17 -43.18 43.57
N ALA D 402 19.07 -41.92 44.01
CA ALA D 402 17.80 -41.30 44.34
C ALA D 402 17.18 -40.59 43.16
N ILE D 403 17.76 -40.70 41.97
CA ILE D 403 17.25 -40.08 40.76
C ILE D 403 17.06 -41.12 39.68
N THR D 404 16.07 -40.88 38.83
CA THR D 404 15.72 -41.76 37.72
C THR D 404 15.69 -40.95 36.44
N PRO D 405 15.67 -41.62 35.28
CA PRO D 405 15.54 -40.87 34.02
C PRO D 405 14.38 -39.88 34.03
N GLN D 406 13.26 -40.24 34.66
CA GLN D 406 12.12 -39.33 34.71
C GLN D 406 12.44 -38.08 35.52
N THR D 407 13.19 -38.23 36.62
CA THR D 407 13.53 -37.08 37.43
C THR D 407 14.62 -36.23 36.80
N LEU D 408 15.53 -36.83 36.03
CA LEU D 408 16.60 -36.08 35.41
C LEU D 408 16.17 -35.46 34.09
N ILE D 409 15.19 -36.06 33.41
CA ILE D 409 14.77 -35.61 32.10
C ILE D 409 13.65 -34.59 32.26
N ASN D 410 13.90 -33.35 31.83
CA ASN D 410 12.90 -32.29 31.74
C ASN D 410 12.71 -31.96 30.25
N ILE D 411 11.79 -32.68 29.59
CA ILE D 411 11.63 -32.59 28.14
C ILE D 411 11.07 -31.26 27.67
N ARG D 412 10.86 -30.31 28.57
CA ARG D 412 10.30 -29.03 28.15
C ARG D 412 11.03 -28.41 26.97
N PRO D 413 12.37 -28.32 26.97
CA PRO D 413 13.04 -27.73 25.80
C PRO D 413 12.90 -28.57 24.54
N VAL D 414 12.53 -29.84 24.67
CA VAL D 414 12.34 -30.68 23.49
C VAL D 414 10.99 -30.41 22.84
N VAL D 415 9.91 -30.59 23.61
CA VAL D 415 8.57 -30.32 23.08
C VAL D 415 8.45 -28.87 22.66
N ALA D 416 9.02 -27.96 23.44
CA ALA D 416 8.96 -26.53 23.10
C ALA D 416 9.80 -26.20 21.86
N ALA D 417 10.73 -27.08 21.49
CA ALA D 417 11.55 -26.85 20.30
C ALA D 417 10.76 -27.11 19.03
N ILE D 418 9.95 -28.16 19.01
CA ILE D 418 9.14 -28.47 17.84
C ILE D 418 7.95 -27.52 17.75
N LYS D 419 7.30 -27.24 18.88
CA LYS D 419 6.23 -26.24 18.87
C LYS D 419 6.75 -24.88 18.45
N GLU D 420 8.00 -24.56 18.80
CA GLU D 420 8.62 -23.31 18.37
C GLU D 420 9.00 -23.31 16.90
N PHE D 421 9.02 -24.47 16.25
CA PHE D 421 9.36 -24.55 14.83
C PHE D 421 8.11 -24.41 13.97
N PHE D 422 7.22 -25.41 14.02
CA PHE D 422 6.03 -25.40 13.18
C PHE D 422 5.30 -24.06 13.25
N GLY D 423 5.42 -23.35 14.37
CA GLY D 423 4.94 -22.00 14.49
C GLY D 423 6.11 -21.02 14.54
N THR D 424 5.88 -19.82 14.01
CA THR D 424 6.88 -18.75 14.04
C THR D 424 8.00 -18.98 13.04
N SER D 425 8.43 -20.23 12.85
CA SER D 425 9.51 -20.51 11.92
C SER D 425 9.17 -19.97 10.53
N GLN D 426 10.18 -19.41 9.86
CA GLN D 426 9.95 -18.82 8.55
C GLN D 426 9.72 -19.87 7.48
N LEU D 427 10.26 -21.08 7.65
CA LEU D 427 10.02 -22.15 6.69
C LEU D 427 8.67 -22.82 6.89
N SER D 428 8.07 -22.71 8.07
CA SER D 428 6.73 -23.21 8.32
C SER D 428 5.73 -22.13 7.91
N GLN D 429 4.84 -22.45 6.97
CA GLN D 429 3.93 -21.47 6.41
C GLN D 429 2.53 -22.04 6.32
N PHE D 430 1.53 -21.16 6.42
CA PHE D 430 0.15 -21.55 6.18
C PHE D 430 -0.03 -21.94 4.71
N MET D 431 -0.61 -23.10 4.48
CA MET D 431 -0.78 -23.59 3.11
C MET D 431 -1.63 -22.62 2.31
N ASP D 432 -1.04 -22.05 1.26
CA ASP D 432 -1.77 -21.18 0.34
C ASP D 432 -2.66 -22.04 -0.53
N GLN D 433 -3.97 -22.02 -0.25
CA GLN D 433 -4.92 -22.89 -0.96
C GLN D 433 -6.21 -22.13 -1.26
N ASN D 434 -6.19 -21.34 -2.33
CA ASN D 434 -7.42 -20.86 -2.94
C ASN D 434 -7.76 -21.62 -4.22
N ASN D 435 -6.80 -22.39 -4.76
CA ASN D 435 -7.05 -23.34 -5.84
C ASN D 435 -6.12 -24.52 -5.64
N PRO D 436 -6.50 -25.71 -6.10
CA PRO D 436 -5.63 -26.89 -5.89
C PRO D 436 -4.21 -26.69 -6.36
N LEU D 437 -3.98 -25.90 -7.43
CA LEU D 437 -2.63 -25.72 -7.93
C LEU D 437 -1.80 -24.85 -6.98
N SER D 438 -2.41 -23.83 -6.39
CA SER D 438 -1.69 -22.98 -5.45
C SER D 438 -1.08 -23.79 -4.33
N GLY D 439 -1.89 -24.63 -3.68
CA GLY D 439 -1.36 -25.49 -2.63
C GLY D 439 -0.31 -26.46 -3.12
N LEU D 440 -0.47 -26.94 -4.37
CA LEU D 440 0.51 -27.87 -4.92
C LEU D 440 1.86 -27.21 -5.13
N THR D 441 1.87 -25.98 -5.64
CA THR D 441 3.12 -25.24 -5.82
C THR D 441 3.68 -24.71 -4.51
N HIS D 442 2.83 -24.49 -3.49
CA HIS D 442 3.35 -24.11 -2.19
C HIS D 442 4.32 -25.16 -1.68
N LYS D 443 3.88 -26.41 -1.64
CA LYS D 443 4.83 -27.51 -1.55
C LYS D 443 5.62 -27.56 -2.86
N ARG D 444 6.79 -28.22 -2.80
CA ARG D 444 7.70 -28.28 -3.94
C ARG D 444 8.50 -26.98 -4.06
N ARG D 445 7.94 -25.88 -3.58
CA ARG D 445 8.67 -24.62 -3.61
C ARG D 445 9.83 -24.65 -2.63
N LEU D 446 10.94 -24.02 -3.00
CA LEU D 446 12.16 -24.10 -2.23
C LEU D 446 12.81 -22.72 -2.10
N LEU D 447 13.65 -22.58 -1.09
CA LEU D 447 14.41 -21.36 -0.86
C LEU D 447 15.79 -21.51 -1.46
N ALA D 448 16.30 -20.42 -2.04
CA ALA D 448 17.55 -20.46 -2.79
C ALA D 448 18.78 -20.18 -1.95
N LEU D 449 18.67 -19.30 -0.94
CA LEU D 449 19.81 -18.92 -0.12
C LEU D 449 19.58 -19.37 1.31
N GLY D 450 20.64 -19.88 1.94
CA GLY D 450 20.57 -20.33 3.32
C GLY D 450 21.28 -19.43 4.29
N GLU D 462 23.33 -11.69 -9.40
CA GLU D 462 24.34 -12.41 -8.62
C GLU D 462 23.76 -13.69 -8.03
N VAL D 463 23.38 -13.64 -6.75
CA VAL D 463 22.78 -14.79 -6.10
C VAL D 463 21.37 -15.08 -6.61
N ARG D 464 20.71 -14.09 -7.22
CA ARG D 464 19.36 -14.28 -7.73
C ARG D 464 19.36 -14.88 -9.13
N ASP D 465 20.42 -14.66 -9.90
CA ASP D 465 20.43 -15.11 -11.29
C ASP D 465 20.39 -16.63 -11.36
N VAL D 466 19.75 -17.14 -12.42
CA VAL D 466 19.66 -18.58 -12.60
C VAL D 466 21.03 -19.13 -13.00
N HIS D 467 21.21 -20.43 -12.78
CA HIS D 467 22.47 -21.09 -13.09
C HIS D 467 22.24 -22.25 -14.04
N PRO D 468 23.20 -22.51 -14.94
CA PRO D 468 23.09 -23.68 -15.83
C PRO D 468 22.67 -24.94 -15.11
N SER D 469 23.13 -25.10 -13.86
CA SER D 469 22.81 -26.31 -13.10
C SER D 469 21.31 -26.41 -12.80
N HIS D 470 20.62 -25.27 -12.76
CA HIS D 470 19.19 -25.27 -12.44
C HIS D 470 18.34 -25.95 -13.52
N TYR D 471 18.95 -26.38 -14.62
CA TYR D 471 18.19 -27.07 -15.66
C TYR D 471 17.63 -28.38 -15.12
N GLY D 472 16.32 -28.57 -15.28
CA GLY D 472 15.66 -29.77 -14.82
C GLY D 472 15.53 -29.91 -13.31
N ARG D 473 16.01 -28.94 -12.54
CA ARG D 473 15.92 -28.98 -11.09
C ARG D 473 14.98 -27.89 -10.58
N MET D 474 15.42 -26.63 -10.60
CA MET D 474 14.59 -25.51 -10.17
C MET D 474 14.08 -24.75 -11.38
N CYS D 475 12.80 -24.39 -11.35
CA CYS D 475 12.19 -23.68 -12.46
C CYS D 475 12.63 -22.22 -12.48
N PRO D 476 13.33 -21.77 -13.53
CA PRO D 476 13.71 -20.35 -13.61
C PRO D 476 12.58 -19.43 -14.00
N ILE D 477 11.47 -19.97 -14.53
CA ILE D 477 10.36 -19.15 -14.98
C ILE D 477 9.38 -18.82 -13.87
N GLU D 478 9.59 -19.34 -12.66
CA GLU D 478 8.65 -19.20 -11.57
C GLU D 478 9.36 -18.56 -10.38
N THR D 479 8.93 -17.36 -10.00
CA THR D 479 9.49 -16.65 -8.87
C THR D 479 8.68 -15.38 -8.60
N PRO D 480 8.56 -14.96 -7.34
CA PRO D 480 7.74 -13.77 -7.04
C PRO D 480 8.20 -12.55 -7.82
N GLU D 481 7.24 -11.67 -8.11
CA GLU D 481 7.56 -10.43 -8.80
C GLU D 481 8.19 -9.40 -7.85
N GLY D 482 7.84 -9.45 -6.57
CA GLY D 482 8.35 -8.52 -5.60
C GLY D 482 9.85 -8.61 -5.44
N PRO D 483 10.40 -7.89 -4.46
CA PRO D 483 11.86 -7.91 -4.25
C PRO D 483 12.37 -9.22 -3.66
N ASN D 484 11.77 -10.34 -4.07
CA ASN D 484 12.22 -11.67 -3.65
C ASN D 484 12.55 -12.55 -4.84
N ILE D 485 12.74 -11.95 -6.02
CA ILE D 485 13.02 -12.72 -7.22
C ILE D 485 14.31 -13.50 -7.03
N GLY D 486 14.32 -14.74 -7.50
CA GLY D 486 15.52 -15.54 -7.43
C GLY D 486 15.65 -16.28 -6.13
N LEU D 487 15.34 -15.60 -5.02
CA LEU D 487 15.41 -16.24 -3.70
C LEU D 487 14.46 -17.43 -3.62
N ILE D 488 13.26 -17.30 -4.18
CA ILE D 488 12.22 -18.32 -4.08
C ILE D 488 12.02 -18.96 -5.46
N GLY D 489 11.91 -20.27 -5.48
CA GLY D 489 11.70 -20.99 -6.74
C GLY D 489 11.01 -22.30 -6.48
N SER D 490 10.18 -22.71 -7.43
CA SER D 490 9.46 -23.97 -7.34
C SER D 490 10.24 -25.08 -8.03
N LEU D 491 10.07 -26.29 -7.51
CA LEU D 491 10.80 -27.44 -8.04
C LEU D 491 10.31 -27.80 -9.44
N SER D 492 11.21 -28.37 -10.23
CA SER D 492 10.85 -28.80 -11.58
C SER D 492 9.94 -30.03 -11.53
N VAL D 493 9.34 -30.34 -12.68
CA VAL D 493 8.36 -31.42 -12.75
C VAL D 493 8.99 -32.74 -12.33
N TYR D 494 10.01 -33.17 -13.07
CA TYR D 494 10.60 -34.48 -12.90
C TYR D 494 11.74 -34.51 -11.87
N ALA D 495 11.98 -33.40 -11.19
CA ALA D 495 13.06 -33.34 -10.21
C ALA D 495 12.86 -34.41 -9.12
N ARG D 496 13.92 -35.13 -8.82
CA ARG D 496 13.93 -36.13 -7.77
C ARG D 496 15.10 -35.85 -6.83
N VAL D 497 14.86 -36.00 -5.53
CA VAL D 497 15.85 -35.71 -4.51
C VAL D 497 16.50 -37.01 -4.05
N ASN D 498 17.83 -36.98 -3.89
CA ASN D 498 18.57 -38.15 -3.45
C ASN D 498 18.56 -38.24 -1.92
N PRO D 499 19.09 -39.33 -1.36
CA PRO D 499 19.00 -39.51 0.10
C PRO D 499 19.47 -38.32 0.91
N PHE D 500 20.62 -37.74 0.59
CA PHE D 500 21.09 -36.58 1.34
C PHE D 500 20.16 -35.38 1.16
N GLY D 501 19.81 -35.08 -0.09
CA GLY D 501 19.00 -33.91 -0.38
C GLY D 501 19.42 -33.25 -1.68
N PHE D 502 20.60 -33.62 -2.18
CA PHE D 502 21.06 -33.12 -3.46
C PHE D 502 20.09 -33.53 -4.55
N ILE D 503 19.48 -32.53 -5.20
CA ILE D 503 18.47 -32.81 -6.22
C ILE D 503 19.09 -33.59 -7.36
N GLU D 504 18.35 -34.57 -7.86
CA GLU D 504 18.73 -35.34 -9.03
C GLU D 504 17.74 -35.08 -10.16
N THR D 505 18.22 -35.21 -11.40
CA THR D 505 17.35 -34.99 -12.54
C THR D 505 17.30 -36.23 -13.40
N PRO D 506 16.14 -36.58 -13.94
CA PRO D 506 16.04 -37.77 -14.80
C PRO D 506 16.81 -37.57 -16.10
N TYR D 507 17.66 -38.53 -16.43
CA TYR D 507 18.43 -38.49 -17.65
C TYR D 507 18.44 -39.88 -18.29
N ARG D 508 18.29 -39.92 -19.61
CA ARG D 508 18.38 -41.14 -20.40
C ARG D 508 19.70 -41.10 -21.16
N LYS D 509 20.67 -41.90 -20.72
CA LYS D 509 21.98 -41.92 -21.35
C LYS D 509 21.86 -42.30 -22.83
N VAL D 510 22.47 -41.49 -23.69
CA VAL D 510 22.45 -41.72 -25.13
C VAL D 510 23.79 -42.31 -25.55
N GLU D 511 23.76 -43.49 -26.17
CA GLU D 511 24.96 -44.20 -26.59
C GLU D 511 24.86 -44.53 -28.06
N ASN D 512 25.90 -44.16 -28.82
CA ASN D 512 25.98 -44.46 -30.25
C ASN D 512 24.89 -43.76 -31.05
N GLY D 513 24.44 -42.59 -30.57
CA GLY D 513 23.41 -41.86 -31.26
C GLY D 513 22.03 -42.49 -31.21
N VAL D 514 21.79 -43.38 -30.25
CA VAL D 514 20.48 -44.01 -30.07
C VAL D 514 20.03 -43.82 -28.64
N VAL D 515 18.82 -43.33 -28.47
CA VAL D 515 18.28 -43.06 -27.14
C VAL D 515 18.11 -44.36 -26.37
N THR D 516 18.72 -44.43 -25.18
CA THR D 516 18.61 -45.59 -24.32
C THR D 516 17.54 -45.35 -23.27
N ASP D 517 16.58 -46.28 -23.17
CA ASP D 517 15.48 -46.13 -22.23
C ASP D 517 15.94 -46.16 -20.78
N GLN D 518 17.21 -46.48 -20.51
CA GLN D 518 17.71 -46.48 -19.15
C GLN D 518 17.81 -45.06 -18.63
N ILE D 519 16.92 -44.70 -17.71
CA ILE D 519 16.92 -43.38 -17.09
C ILE D 519 17.65 -43.46 -15.75
N ASP D 520 18.69 -42.67 -15.59
CA ASP D 520 19.53 -42.69 -14.39
C ASP D 520 19.51 -41.32 -13.72
N TYR D 521 19.86 -41.32 -12.44
CA TYR D 521 19.94 -40.09 -11.65
C TYR D 521 21.32 -39.48 -11.84
N LEU D 522 21.36 -38.22 -12.29
CA LEU D 522 22.61 -37.49 -12.46
C LEU D 522 22.49 -36.17 -11.69
N THR D 523 23.17 -36.09 -10.55
CA THR D 523 23.18 -34.87 -9.76
C THR D 523 23.85 -33.75 -10.54
N ALA D 524 23.92 -32.54 -9.96
CA ALA D 524 24.53 -31.42 -10.64
C ALA D 524 25.96 -31.74 -11.06
N ASP D 525 26.75 -32.31 -10.14
CA ASP D 525 28.14 -32.64 -10.44
C ASP D 525 28.21 -33.75 -11.48
N GLU D 526 27.47 -34.84 -11.27
CA GLU D 526 27.47 -35.95 -12.23
C GLU D 526 26.97 -35.53 -13.60
N GLU D 527 26.39 -34.33 -13.74
CA GLU D 527 25.87 -33.90 -15.03
C GLU D 527 27.00 -33.57 -16.00
N ASP D 528 28.08 -32.98 -15.49
CA ASP D 528 29.18 -32.59 -16.38
C ASP D 528 29.94 -33.80 -16.91
N ARG D 529 29.92 -34.93 -16.19
CA ARG D 529 30.69 -36.09 -16.60
C ARG D 529 30.30 -36.55 -18.00
N HIS D 530 28.99 -36.58 -18.29
CA HIS D 530 28.47 -37.02 -19.58
C HIS D 530 27.76 -35.87 -20.26
N VAL D 531 28.08 -35.64 -21.54
CA VAL D 531 27.43 -34.59 -22.29
C VAL D 531 25.93 -34.85 -22.34
N VAL D 532 25.14 -33.80 -22.11
CA VAL D 532 23.69 -33.90 -22.06
C VAL D 532 23.12 -33.40 -23.38
N ALA D 533 22.20 -34.17 -23.96
CA ALA D 533 21.59 -33.84 -25.24
C ALA D 533 20.29 -33.06 -25.04
N GLN D 534 19.85 -32.40 -26.10
CA GLN D 534 18.67 -31.56 -26.06
C GLN D 534 17.41 -32.41 -26.29
N ALA D 535 16.33 -32.01 -25.62
CA ALA D 535 15.06 -32.73 -25.73
C ALA D 535 14.58 -32.77 -27.18
N ASN D 536 14.24 -31.62 -27.74
CA ASN D 536 13.80 -31.53 -29.12
C ASN D 536 14.95 -31.91 -30.04
N SER D 537 14.96 -33.16 -30.48
CA SER D 537 16.02 -33.69 -31.33
C SER D 537 15.44 -34.43 -32.52
N PRO D 538 16.09 -34.37 -33.68
CA PRO D 538 15.58 -35.06 -34.87
C PRO D 538 15.86 -36.56 -34.83
N THR D 539 14.88 -37.34 -34.39
CA THR D 539 14.97 -38.80 -34.36
C THR D 539 14.08 -39.36 -35.45
N ASP D 540 14.68 -40.09 -36.39
CA ASP D 540 13.96 -40.62 -37.54
C ASP D 540 13.51 -42.05 -37.25
N GLU D 541 12.20 -42.27 -37.33
CA GLU D 541 11.63 -43.60 -37.13
C GLU D 541 12.18 -44.27 -35.87
N ASN D 542 12.49 -45.55 -35.96
CA ASN D 542 13.08 -46.26 -34.83
C ASN D 542 14.46 -45.72 -34.53
N GLY D 543 14.67 -45.30 -33.29
CA GLY D 543 15.96 -44.74 -32.95
C GLY D 543 16.18 -43.41 -33.66
N ARG D 544 17.47 -43.04 -33.75
CA ARG D 544 17.86 -41.81 -34.41
C ARG D 544 18.24 -42.09 -35.86
N MET D 551 23.34 -29.53 -30.62
CA MET D 551 22.93 -28.70 -29.49
C MET D 551 22.85 -29.53 -28.21
N VAL D 552 23.91 -29.47 -27.41
CA VAL D 552 23.98 -30.21 -26.16
C VAL D 552 24.72 -29.36 -25.13
N ARG D 553 24.43 -29.61 -23.85
CA ARG D 553 25.02 -28.84 -22.78
C ARG D 553 26.39 -29.39 -22.41
N LYS D 554 27.41 -28.54 -22.50
CA LYS D 554 28.75 -28.92 -22.12
C LYS D 554 28.84 -29.08 -20.60
N LYS D 555 29.95 -29.67 -20.14
CA LYS D 555 30.11 -29.92 -18.72
C LYS D 555 30.02 -28.62 -17.92
N GLY D 556 30.61 -27.54 -18.42
CA GLY D 556 30.58 -26.28 -17.70
C GLY D 556 29.94 -25.15 -18.48
N GLY D 557 29.77 -25.34 -19.79
CA GLY D 557 29.24 -24.29 -20.63
C GLY D 557 27.90 -24.62 -21.25
N GLU D 558 27.64 -24.08 -22.44
CA GLU D 558 26.37 -24.26 -23.13
C GLU D 558 26.62 -24.65 -24.59
N VAL D 559 25.67 -25.37 -25.15
CA VAL D 559 25.72 -25.80 -26.55
C VAL D 559 27.06 -26.45 -26.88
N ASP D 568 26.29 -38.12 -24.75
CA ASP D 568 26.46 -39.04 -23.63
C ASP D 568 25.11 -39.39 -23.00
N TYR D 569 24.38 -38.37 -22.58
CA TYR D 569 23.07 -38.54 -21.97
C TYR D 569 22.04 -37.66 -22.67
N MET D 570 20.82 -38.16 -22.76
CA MET D 570 19.71 -37.46 -23.39
C MET D 570 18.67 -37.08 -22.35
N ASP D 571 18.00 -35.95 -22.58
CA ASP D 571 16.95 -35.51 -21.67
C ASP D 571 15.76 -36.46 -21.72
N VAL D 572 15.12 -36.64 -20.56
CA VAL D 572 13.96 -37.52 -20.48
C VAL D 572 12.78 -36.96 -21.25
N SER D 573 12.74 -35.66 -21.49
CA SER D 573 11.64 -35.01 -22.21
C SER D 573 11.78 -33.49 -22.11
N PRO D 574 10.93 -32.73 -22.79
CA PRO D 574 10.94 -31.28 -22.59
C PRO D 574 10.40 -30.93 -21.21
N ARG D 575 10.31 -29.64 -20.91
CA ARG D 575 9.73 -29.11 -19.69
C ARG D 575 10.39 -29.65 -18.42
N GLN D 576 11.54 -30.32 -18.54
CA GLN D 576 12.29 -30.70 -17.35
C GLN D 576 12.61 -29.48 -16.51
N MET D 577 13.07 -28.41 -17.16
CA MET D 577 13.32 -27.15 -16.46
C MET D 577 12.04 -26.51 -15.95
N VAL D 578 10.92 -26.80 -16.61
CA VAL D 578 9.64 -26.16 -16.28
C VAL D 578 9.02 -26.82 -15.06
N SER D 579 8.24 -26.05 -14.31
CA SER D 579 7.51 -26.55 -13.16
C SER D 579 6.09 -26.92 -13.57
N VAL D 580 5.28 -27.33 -12.59
CA VAL D 580 3.90 -27.71 -12.89
C VAL D 580 3.10 -26.50 -13.36
N ALA D 581 3.11 -25.43 -12.56
CA ALA D 581 2.37 -24.23 -12.95
C ALA D 581 2.83 -23.71 -14.31
N THR D 582 4.15 -23.69 -14.54
CA THR D 582 4.67 -23.21 -15.81
C THR D 582 4.31 -24.16 -16.95
N ALA D 583 4.31 -25.47 -16.68
CA ALA D 583 4.02 -26.47 -17.70
C ALA D 583 2.54 -26.50 -18.08
N MET D 584 1.69 -25.67 -17.50
CA MET D 584 0.28 -25.64 -17.82
C MET D 584 -0.09 -24.46 -18.72
N ILE D 585 0.89 -23.68 -19.17
CA ILE D 585 0.65 -22.52 -20.03
C ILE D 585 0.76 -22.98 -21.47
N PRO D 586 -0.35 -23.08 -22.21
CA PRO D 586 -0.24 -23.46 -23.62
C PRO D 586 0.57 -22.44 -24.40
N PHE D 587 1.38 -22.94 -25.34
CA PHE D 587 2.24 -22.09 -26.17
C PHE D 587 3.25 -21.33 -25.30
N LEU D 588 3.82 -22.02 -24.31
CA LEU D 588 4.80 -21.37 -23.44
C LEU D 588 6.02 -20.90 -24.21
N GLU D 589 6.40 -21.63 -25.27
CA GLU D 589 7.60 -21.29 -26.03
C GLU D 589 7.49 -19.94 -26.75
N HIS D 590 6.31 -19.35 -26.82
CA HIS D 590 6.12 -18.09 -27.53
C HIS D 590 6.11 -16.87 -26.61
N ASP D 591 5.66 -17.02 -25.37
CA ASP D 591 5.58 -15.89 -24.47
C ASP D 591 6.94 -15.59 -23.84
N ASP D 592 7.15 -14.33 -23.50
CA ASP D 592 8.39 -13.92 -22.85
C ASP D 592 8.40 -14.41 -21.40
N ALA D 593 9.61 -14.62 -20.88
CA ALA D 593 9.75 -15.13 -19.52
C ALA D 593 8.98 -14.27 -18.52
N ASN D 594 8.95 -12.95 -18.74
CA ASN D 594 8.20 -12.08 -17.85
C ASN D 594 6.73 -12.46 -17.81
N ARG D 595 6.09 -12.53 -18.97
CA ARG D 595 4.67 -12.89 -19.00
C ARG D 595 4.44 -14.32 -18.56
N ALA D 596 5.36 -15.23 -18.92
CA ALA D 596 5.24 -16.61 -18.47
C ALA D 596 5.28 -16.69 -16.95
N LEU D 597 6.27 -16.05 -16.33
CA LEU D 597 6.30 -15.96 -14.87
C LEU D 597 5.01 -15.33 -14.35
N MET D 598 4.59 -14.22 -14.96
CA MET D 598 3.32 -13.61 -14.59
C MET D 598 2.18 -14.60 -14.74
N GLY D 599 2.15 -15.33 -15.86
CA GLY D 599 1.08 -16.28 -16.08
C GLY D 599 1.00 -17.35 -15.01
N ALA D 600 2.16 -17.93 -14.66
CA ALA D 600 2.19 -18.96 -13.64
C ALA D 600 1.68 -18.42 -12.31
N ASN D 601 2.15 -17.25 -11.90
CA ASN D 601 1.72 -16.67 -10.64
C ASN D 601 0.21 -16.45 -10.63
N MET D 602 -0.35 -15.96 -11.73
CA MET D 602 -1.78 -15.67 -11.77
C MET D 602 -2.62 -16.94 -11.86
N GLN D 603 -2.05 -18.03 -12.37
CA GLN D 603 -2.78 -19.30 -12.37
C GLN D 603 -3.10 -19.74 -10.94
N ARG D 604 -2.15 -19.59 -10.02
CA ARG D 604 -2.39 -19.93 -8.64
C ARG D 604 -3.15 -18.83 -7.90
N GLN D 605 -3.49 -17.73 -8.56
CA GLN D 605 -4.31 -16.69 -7.97
C GLN D 605 -5.78 -16.84 -8.33
N ALA D 606 -6.13 -17.78 -9.20
CA ALA D 606 -7.52 -17.97 -9.59
C ALA D 606 -8.35 -18.42 -8.39
N VAL D 607 -9.67 -18.30 -8.54
CA VAL D 607 -10.59 -18.67 -7.47
C VAL D 607 -11.50 -19.79 -7.99
N PRO D 608 -11.95 -20.71 -7.13
CA PRO D 608 -12.82 -21.79 -7.59
C PRO D 608 -14.20 -21.25 -7.95
N LEU D 609 -14.63 -21.54 -9.17
CA LEU D 609 -15.95 -21.15 -9.64
C LEU D 609 -16.97 -22.22 -9.30
N VAL D 610 -18.24 -21.80 -9.22
CA VAL D 610 -19.30 -22.73 -8.85
C VAL D 610 -19.44 -23.84 -9.89
N ARG D 611 -19.25 -23.51 -11.17
CA ARG D 611 -19.40 -24.50 -12.24
C ARG D 611 -18.09 -25.22 -12.54
N SER D 612 -16.98 -24.50 -12.58
CA SER D 612 -15.68 -25.12 -12.82
C SER D 612 -15.67 -25.84 -14.17
N GLU D 613 -15.41 -25.08 -15.24
CA GLU D 613 -15.32 -25.62 -16.58
C GLU D 613 -13.86 -25.87 -16.94
N ALA D 614 -13.59 -27.00 -17.58
CA ALA D 614 -12.22 -27.34 -17.93
C ALA D 614 -11.76 -26.51 -19.12
N PRO D 615 -10.46 -26.24 -19.23
CA PRO D 615 -9.96 -25.43 -20.34
C PRO D 615 -10.14 -26.13 -21.67
N LEU D 616 -10.62 -25.39 -22.66
CA LEU D 616 -10.86 -25.97 -23.99
C LEU D 616 -9.55 -26.27 -24.71
N VAL D 617 -8.57 -25.38 -24.57
CA VAL D 617 -7.24 -25.56 -25.15
C VAL D 617 -6.26 -25.63 -23.99
N GLY D 618 -5.76 -26.82 -23.72
CA GLY D 618 -4.84 -26.95 -22.60
C GLY D 618 -3.58 -27.70 -22.94
N THR D 619 -2.77 -27.98 -21.92
CA THR D 619 -1.57 -28.78 -22.13
C THR D 619 -1.80 -30.22 -21.66
N GLY D 620 -0.87 -30.73 -20.85
CA GLY D 620 -0.90 -32.12 -20.44
C GLY D 620 -0.98 -32.27 -18.93
N MET D 621 -0.50 -31.25 -18.22
CA MET D 621 -0.37 -31.34 -16.78
C MET D 621 -1.71 -31.28 -16.05
N GLU D 622 -2.76 -30.77 -16.70
CA GLU D 622 -4.05 -30.61 -16.03
C GLU D 622 -4.45 -31.86 -15.28
N LEU D 623 -4.51 -33.00 -15.98
CA LEU D 623 -4.94 -34.24 -15.34
C LEU D 623 -4.01 -34.63 -14.21
N ARG D 624 -2.70 -34.68 -14.48
CA ARG D 624 -1.74 -35.10 -13.47
C ARG D 624 -1.70 -34.11 -12.30
N ALA D 625 -1.76 -32.81 -12.60
CA ALA D 625 -1.66 -31.82 -11.53
C ALA D 625 -2.86 -31.89 -10.60
N ALA D 626 -4.05 -32.12 -11.13
CA ALA D 626 -5.24 -32.15 -10.30
C ALA D 626 -5.20 -33.31 -9.31
N ILE D 627 -5.02 -34.53 -9.81
CA ILE D 627 -5.09 -35.70 -8.94
C ILE D 627 -3.96 -35.70 -7.93
N ASP D 628 -2.81 -35.12 -8.28
CA ASP D 628 -1.67 -35.08 -7.35
C ASP D 628 -1.81 -33.98 -6.30
N ALA D 629 -2.62 -32.96 -6.56
CA ALA D 629 -2.80 -31.90 -5.58
C ALA D 629 -3.40 -32.43 -4.29
N GLY D 630 -4.24 -33.47 -4.38
CA GLY D 630 -4.92 -34.00 -3.22
C GLY D 630 -6.33 -33.49 -3.02
N ASP D 631 -6.78 -32.55 -3.85
CA ASP D 631 -8.12 -31.99 -3.74
C ASP D 631 -9.14 -32.71 -4.63
N VAL D 632 -8.80 -33.90 -5.11
CA VAL D 632 -9.70 -34.70 -5.95
C VAL D 632 -9.79 -36.10 -5.36
N VAL D 633 -10.98 -36.69 -5.39
CA VAL D 633 -11.20 -38.01 -4.81
C VAL D 633 -10.76 -39.07 -5.82
N VAL D 634 -9.87 -39.96 -5.40
CA VAL D 634 -9.33 -41.01 -6.23
C VAL D 634 -9.75 -42.35 -5.67
N ALA D 635 -10.06 -43.31 -6.54
CA ALA D 635 -10.44 -44.65 -6.13
C ALA D 635 -9.18 -45.47 -5.88
N ASP D 636 -9.04 -45.99 -4.65
CA ASP D 636 -7.85 -46.73 -4.27
C ASP D 636 -7.82 -48.13 -4.88
N LYS D 637 -8.98 -48.75 -5.08
CA LYS D 637 -9.04 -50.13 -5.53
C LYS D 637 -10.11 -50.29 -6.61
N THR D 638 -9.76 -50.99 -7.68
CA THR D 638 -10.70 -51.20 -8.77
C THR D 638 -11.96 -51.90 -8.26
N GLY D 639 -13.10 -51.56 -8.87
CA GLY D 639 -14.35 -52.16 -8.47
C GLY D 639 -15.57 -51.49 -9.08
N VAL D 640 -16.65 -51.40 -8.29
CA VAL D 640 -17.90 -50.82 -8.74
C VAL D 640 -18.50 -50.00 -7.59
N ILE D 641 -19.24 -48.95 -7.94
CA ILE D 641 -19.86 -48.09 -6.96
C ILE D 641 -21.10 -48.76 -6.40
N GLU D 642 -21.27 -48.67 -5.08
CA GLU D 642 -22.46 -49.18 -4.41
C GLU D 642 -23.49 -48.09 -4.13
N GLU D 643 -23.04 -46.90 -3.72
CA GLU D 643 -23.92 -45.77 -3.49
C GLU D 643 -23.22 -44.50 -3.93
N VAL D 644 -23.98 -43.57 -4.47
CA VAL D 644 -23.48 -42.26 -4.90
C VAL D 644 -24.44 -41.21 -4.35
N SER D 645 -23.97 -40.46 -3.36
CA SER D 645 -24.75 -39.40 -2.74
C SER D 645 -23.89 -38.14 -2.60
N ALA D 646 -24.56 -37.00 -2.56
CA ALA D 646 -23.84 -35.74 -2.38
C ALA D 646 -22.96 -35.74 -1.13
N ASP D 647 -23.24 -36.64 -0.18
CA ASP D 647 -22.50 -36.68 1.08
C ASP D 647 -21.28 -37.59 0.99
N TYR D 648 -21.43 -38.78 0.40
CA TYR D 648 -20.33 -39.73 0.33
C TYR D 648 -20.51 -40.63 -0.88
N ILE D 649 -19.47 -41.41 -1.17
CA ILE D 649 -19.47 -42.38 -2.26
C ILE D 649 -18.82 -43.67 -1.76
N THR D 650 -19.44 -44.79 -2.08
CA THR D 650 -18.96 -46.12 -1.67
C THR D 650 -18.70 -46.97 -2.89
N VAL D 651 -17.60 -47.73 -2.86
CA VAL D 651 -17.18 -48.58 -3.96
C VAL D 651 -17.04 -50.00 -3.46
N MET D 652 -17.66 -50.95 -4.17
CA MET D 652 -17.59 -52.37 -3.84
C MET D 652 -16.52 -53.00 -4.71
N ALA D 653 -15.30 -53.05 -4.18
CA ALA D 653 -14.18 -53.62 -4.93
C ALA D 653 -14.39 -55.11 -5.16
N ASP D 654 -13.91 -55.60 -6.31
CA ASP D 654 -13.95 -57.03 -6.58
C ASP D 654 -13.26 -57.83 -5.49
N ASP D 655 -12.21 -57.27 -4.90
CA ASP D 655 -11.53 -57.92 -3.78
C ASP D 655 -12.51 -58.28 -2.67
N GLY D 656 -13.61 -57.55 -2.57
CA GLY D 656 -14.58 -57.72 -1.51
C GLY D 656 -14.54 -56.64 -0.46
N THR D 657 -13.42 -55.94 -0.33
CA THR D 657 -13.34 -54.81 0.59
C THR D 657 -14.38 -53.76 0.22
N ARG D 658 -14.56 -52.79 1.12
CA ARG D 658 -15.63 -51.80 1.00
C ARG D 658 -15.09 -50.46 1.46
N GLN D 659 -14.79 -49.58 0.52
CA GLN D 659 -14.23 -48.27 0.80
C GLN D 659 -15.28 -47.19 0.55
N SER D 660 -15.25 -46.14 1.37
CA SER D 660 -16.15 -45.00 1.24
C SER D 660 -15.35 -43.71 1.34
N TYR D 661 -15.88 -42.66 0.73
CA TYR D 661 -15.20 -41.37 0.67
C TYR D 661 -16.20 -40.27 1.01
N ARG D 662 -15.98 -39.58 2.12
CA ARG D 662 -16.80 -38.43 2.48
C ARG D 662 -16.32 -37.21 1.73
N LEU D 663 -17.26 -36.47 1.14
CA LEU D 663 -16.94 -35.36 0.25
C LEU D 663 -16.95 -34.04 1.01
N ARG D 664 -15.90 -33.25 0.82
CA ARG D 664 -15.90 -31.88 1.32
C ARG D 664 -17.00 -31.08 0.64
N LYS D 665 -17.95 -30.58 1.43
CA LYS D 665 -19.07 -29.81 0.92
C LYS D 665 -19.02 -28.40 1.51
N PHE D 666 -18.80 -27.41 0.65
CA PHE D 666 -18.78 -26.01 1.06
C PHE D 666 -17.86 -25.80 2.26
N ALA D 667 -16.65 -26.36 2.16
CA ALA D 667 -15.65 -26.21 3.21
C ALA D 667 -14.82 -24.95 2.93
N ARG D 668 -14.78 -24.05 3.91
CA ARG D 668 -14.00 -22.83 3.75
C ARG D 668 -12.51 -23.13 3.72
N SER D 669 -11.81 -22.57 2.73
CA SER D 669 -10.37 -22.73 2.63
C SER D 669 -9.68 -21.70 3.53
N ASN D 670 -8.36 -21.57 3.39
CA ASN D 670 -7.60 -20.71 4.28
C ASN D 670 -7.84 -19.22 4.02
N HIS D 671 -8.26 -18.85 2.81
CA HIS D 671 -8.53 -17.46 2.48
C HIS D 671 -9.96 -17.26 1.99
N GLY D 672 -10.89 -18.03 2.55
CA GLY D 672 -12.30 -17.84 2.26
C GLY D 672 -12.79 -18.44 0.97
N THR D 673 -11.96 -19.17 0.24
CA THR D 673 -12.39 -19.79 -1.02
C THR D 673 -13.10 -21.10 -0.74
N CYS D 674 -14.30 -21.24 -1.30
CA CYS D 674 -15.10 -22.44 -1.05
C CYS D 674 -14.53 -23.62 -1.82
N ALA D 675 -14.37 -24.74 -1.13
CA ALA D 675 -13.90 -25.99 -1.71
C ALA D 675 -15.04 -27.00 -1.63
N ASN D 676 -15.69 -27.25 -2.76
CA ASN D 676 -16.83 -28.14 -2.84
C ASN D 676 -16.52 -29.26 -3.83
N GLN D 677 -16.66 -30.50 -3.38
CA GLN D 677 -16.40 -31.66 -4.22
C GLN D 677 -17.68 -32.16 -4.86
N ARG D 678 -17.59 -32.52 -6.13
CA ARG D 678 -18.71 -33.00 -6.92
C ARG D 678 -18.47 -34.44 -7.34
N PRO D 679 -19.43 -35.34 -7.11
CA PRO D 679 -19.28 -36.72 -7.62
C PRO D 679 -19.51 -36.77 -9.12
N ILE D 680 -18.61 -37.44 -9.84
CA ILE D 680 -18.70 -37.55 -11.30
C ILE D 680 -19.10 -38.94 -11.74
N VAL D 681 -19.37 -39.86 -10.81
CA VAL D 681 -19.69 -41.24 -11.14
C VAL D 681 -21.15 -41.51 -10.79
N ASP D 682 -21.64 -42.64 -11.25
CA ASP D 682 -23.01 -43.07 -11.02
C ASP D 682 -23.02 -44.40 -10.26
N ALA D 683 -24.21 -44.95 -10.07
CA ALA D 683 -24.40 -46.16 -9.28
C ALA D 683 -23.61 -47.34 -9.83
N GLY D 684 -24.03 -47.88 -10.97
CA GLY D 684 -23.44 -49.08 -11.52
C GLY D 684 -22.09 -48.94 -12.18
N GLN D 685 -21.51 -47.74 -12.19
CA GLN D 685 -20.24 -47.53 -12.86
C GLN D 685 -19.16 -48.45 -12.28
N ARG D 686 -18.38 -49.06 -13.17
CA ARG D 686 -17.23 -49.87 -12.79
C ARG D 686 -15.97 -49.03 -12.94
N VAL D 687 -15.30 -48.77 -11.82
CA VAL D 687 -14.17 -47.84 -11.77
C VAL D 687 -12.90 -48.63 -11.52
N GLU D 688 -11.82 -48.19 -12.16
CA GLU D 688 -10.50 -48.78 -11.97
C GLU D 688 -9.72 -48.02 -10.90
N ALA D 689 -8.69 -48.68 -10.37
CA ALA D 689 -7.87 -48.06 -9.34
C ALA D 689 -7.20 -46.80 -9.87
N GLY D 690 -6.98 -45.84 -8.98
CA GLY D 690 -6.39 -44.57 -9.35
C GLY D 690 -7.28 -43.67 -10.17
N GLN D 691 -8.53 -44.05 -10.41
CA GLN D 691 -9.44 -43.24 -11.19
C GLN D 691 -10.01 -42.09 -10.33
N VAL D 692 -10.61 -41.12 -11.01
CA VAL D 692 -11.21 -39.96 -10.35
C VAL D 692 -12.68 -40.25 -10.11
N ILE D 693 -13.11 -40.10 -8.86
CA ILE D 693 -14.49 -40.36 -8.46
C ILE D 693 -15.29 -39.07 -8.33
N ALA D 694 -14.68 -38.03 -7.77
CA ALA D 694 -15.35 -36.75 -7.56
C ALA D 694 -14.41 -35.60 -7.91
N ASP D 695 -14.97 -34.55 -8.49
CA ASP D 695 -14.19 -33.39 -8.87
C ASP D 695 -13.96 -32.47 -7.67
N GLY D 696 -12.77 -31.88 -7.60
CA GLY D 696 -12.43 -30.94 -6.56
C GLY D 696 -13.03 -29.58 -6.82
N PRO D 697 -12.43 -28.54 -6.23
CA PRO D 697 -12.95 -27.18 -6.42
C PRO D 697 -12.72 -26.67 -7.84
N CYS D 698 -11.47 -26.66 -8.27
CA CYS D 698 -11.13 -26.16 -9.61
C CYS D 698 -10.74 -27.30 -10.53
N THR D 699 -11.59 -28.33 -10.61
CA THR D 699 -11.32 -29.48 -11.45
C THR D 699 -12.61 -29.90 -12.14
N GLN D 700 -12.47 -30.50 -13.32
CA GLN D 700 -13.60 -31.07 -14.04
C GLN D 700 -13.14 -32.35 -14.72
N ASN D 701 -13.77 -33.47 -14.35
CA ASN D 701 -13.47 -34.78 -14.91
C ASN D 701 -12.02 -35.21 -14.66
N GLY D 702 -11.36 -34.60 -13.67
CA GLY D 702 -10.04 -35.02 -13.24
C GLY D 702 -8.93 -34.03 -13.52
N GLU D 703 -9.15 -33.06 -14.40
CA GLU D 703 -8.11 -32.10 -14.77
C GLU D 703 -8.44 -30.72 -14.24
N MET D 704 -7.40 -29.97 -13.88
CA MET D 704 -7.56 -28.63 -13.33
C MET D 704 -8.42 -27.77 -14.25
N ALA D 705 -9.37 -27.05 -13.65
CA ALA D 705 -10.22 -26.09 -14.35
C ALA D 705 -10.21 -24.80 -13.53
N LEU D 706 -9.19 -23.99 -13.75
CA LEU D 706 -9.02 -22.74 -12.99
C LEU D 706 -9.81 -21.58 -13.57
N GLY D 707 -10.43 -21.74 -14.74
CA GLY D 707 -11.17 -20.66 -15.34
C GLY D 707 -12.33 -21.13 -16.20
N LYS D 708 -12.75 -20.28 -17.15
CA LYS D 708 -13.83 -20.59 -18.05
C LYS D 708 -13.42 -20.23 -19.48
N ASN D 709 -14.06 -20.89 -20.44
CA ASN D 709 -13.83 -20.62 -21.85
C ASN D 709 -14.85 -19.60 -22.34
N LEU D 710 -14.36 -18.45 -22.81
CA LEU D 710 -15.22 -17.36 -23.21
C LEU D 710 -14.95 -16.96 -24.66
N LEU D 711 -15.99 -16.43 -25.32
CA LEU D 711 -15.87 -15.92 -26.67
C LEU D 711 -15.24 -14.53 -26.62
N VAL D 712 -14.12 -14.35 -27.33
CA VAL D 712 -13.34 -13.13 -27.26
C VAL D 712 -13.32 -12.45 -28.62
N ALA D 713 -13.25 -11.12 -28.59
CA ALA D 713 -13.04 -10.30 -29.78
C ALA D 713 -11.94 -9.29 -29.45
N ILE D 714 -10.93 -9.22 -30.32
CA ILE D 714 -9.74 -8.43 -30.04
C ILE D 714 -9.83 -7.07 -30.72
N MET D 715 -10.93 -6.37 -30.52
CA MET D 715 -11.09 -5.06 -31.11
C MET D 715 -11.30 -4.01 -30.03
N PRO D 716 -10.73 -2.81 -30.20
CA PRO D 716 -10.99 -1.73 -29.25
C PRO D 716 -12.42 -1.23 -29.38
N TRP D 717 -13.14 -1.18 -28.24
CA TRP D 717 -14.58 -0.95 -28.23
C TRP D 717 -14.88 0.36 -27.48
N GLU D 718 -14.88 1.45 -28.22
CA GLU D 718 -15.39 2.74 -27.75
C GLU D 718 -14.78 3.11 -26.39
N GLY D 719 -13.48 2.84 -26.25
CA GLY D 719 -12.70 3.29 -25.10
C GLY D 719 -13.00 2.61 -23.78
N HIS D 720 -13.98 1.71 -23.72
CA HIS D 720 -14.27 1.06 -22.45
C HIS D 720 -13.27 -0.04 -22.12
N ASN D 721 -12.64 -0.62 -23.13
CA ASN D 721 -11.53 -1.57 -22.92
C ASN D 721 -10.22 -0.87 -23.30
N TYR D 722 -9.84 0.07 -22.45
CA TYR D 722 -8.71 0.96 -22.68
C TYR D 722 -7.53 0.55 -21.81
N GLU D 723 -6.33 0.58 -22.41
CA GLU D 723 -5.13 0.10 -21.72
C GLU D 723 -5.25 -1.37 -21.37
N ASP D 724 -5.62 -1.66 -20.11
CA ASP D 724 -5.76 -3.04 -19.65
C ASP D 724 -7.17 -3.36 -19.17
N ALA D 725 -8.14 -2.48 -19.42
CA ALA D 725 -9.50 -2.73 -18.99
C ALA D 725 -10.18 -3.77 -19.90
N ILE D 726 -11.26 -4.36 -19.38
CA ILE D 726 -11.99 -5.41 -20.08
C ILE D 726 -13.49 -5.14 -19.97
N ILE D 727 -14.22 -5.55 -20.99
CA ILE D 727 -15.68 -5.45 -21.01
C ILE D 727 -16.25 -6.85 -21.16
N LEU D 728 -17.29 -7.15 -20.39
CA LEU D 728 -17.91 -8.47 -20.40
C LEU D 728 -19.38 -8.37 -20.78
N SER D 729 -19.90 -9.46 -21.33
CA SER D 729 -21.32 -9.58 -21.59
C SER D 729 -22.05 -9.87 -20.29
N ASN D 730 -23.22 -9.26 -20.11
CA ASN D 730 -24.02 -9.54 -18.92
C ASN D 730 -24.36 -11.02 -18.79
N ARG D 731 -24.13 -11.82 -19.83
CA ARG D 731 -24.38 -13.25 -19.73
C ARG D 731 -23.56 -13.88 -18.63
N LEU D 732 -22.31 -13.43 -18.45
CA LEU D 732 -21.46 -13.98 -17.41
C LEU D 732 -22.04 -13.76 -16.01
N VAL D 733 -22.94 -12.79 -15.86
CA VAL D 733 -23.64 -12.61 -14.59
C VAL D 733 -24.93 -13.42 -14.55
N GLU D 734 -25.68 -13.41 -15.66
CA GLU D 734 -26.97 -14.11 -15.68
C GLU D 734 -26.78 -15.62 -15.60
N GLU D 735 -25.77 -16.16 -16.27
CA GLU D 735 -25.53 -17.60 -16.31
C GLU D 735 -24.52 -18.07 -15.27
N ASP D 736 -24.13 -17.20 -14.34
CA ASP D 736 -23.24 -17.59 -13.23
C ASP D 736 -22.02 -18.37 -13.72
N VAL D 737 -21.42 -17.89 -14.81
CA VAL D 737 -20.23 -18.55 -15.33
C VAL D 737 -18.99 -18.15 -14.54
N LEU D 738 -18.88 -16.87 -14.18
CA LEU D 738 -17.78 -16.38 -13.36
C LEU D 738 -18.20 -16.12 -11.92
N THR D 739 -19.24 -16.78 -11.45
CA THR D 739 -19.66 -16.66 -10.06
C THR D 739 -18.88 -17.63 -9.20
N SER D 740 -18.37 -17.14 -8.07
CA SER D 740 -17.58 -17.95 -7.15
C SER D 740 -18.06 -17.71 -5.72
N ILE D 741 -18.15 -18.78 -4.95
CA ILE D 741 -18.58 -18.70 -3.56
C ILE D 741 -17.39 -18.35 -2.69
N HIS D 742 -17.63 -17.54 -1.66
CA HIS D 742 -16.59 -17.15 -0.73
C HIS D 742 -17.13 -17.22 0.69
N ILE D 743 -16.45 -17.97 1.55
CA ILE D 743 -16.88 -18.21 2.92
C ILE D 743 -16.00 -17.41 3.87
N GLU D 744 -16.62 -16.85 4.90
CA GLU D 744 -15.92 -16.06 5.90
C GLU D 744 -16.19 -16.65 7.28
N GLU D 745 -15.18 -16.60 8.14
CA GLU D 745 -15.27 -17.15 9.49
C GLU D 745 -15.17 -16.02 10.50
N HIS D 746 -16.12 -15.99 11.43
CA HIS D 746 -16.11 -15.05 12.54
C HIS D 746 -16.15 -15.82 13.85
N GLU D 747 -15.54 -15.24 14.88
CA GLU D 747 -15.36 -15.95 16.14
C GLU D 747 -15.51 -14.97 17.30
N ILE D 748 -16.03 -15.48 18.41
CA ILE D 748 -16.17 -14.72 19.64
C ILE D 748 -15.94 -15.66 20.82
N ASP D 749 -15.49 -15.09 21.93
CA ASP D 749 -15.09 -15.88 23.09
C ASP D 749 -15.64 -15.28 24.36
N ALA D 750 -15.98 -16.15 25.32
CA ALA D 750 -16.47 -15.75 26.63
C ALA D 750 -15.52 -16.29 27.68
N ARG D 751 -14.80 -15.39 28.35
CA ARG D 751 -13.79 -15.76 29.34
C ARG D 751 -14.02 -14.98 30.62
N ASP D 752 -13.20 -15.27 31.62
CA ASP D 752 -13.20 -14.49 32.84
C ASP D 752 -12.33 -13.25 32.66
N THR D 753 -12.76 -12.15 33.25
CA THR D 753 -12.07 -10.87 33.11
C THR D 753 -11.68 -10.34 34.50
N LYS D 754 -11.17 -9.11 34.51
CA LYS D 754 -10.68 -8.51 35.74
C LYS D 754 -11.79 -8.41 36.80
N LEU D 755 -12.96 -7.90 36.40
CA LEU D 755 -14.05 -7.63 37.33
C LEU D 755 -15.27 -8.52 37.11
N GLY D 756 -15.20 -9.46 36.17
CA GLY D 756 -16.34 -10.34 35.93
C GLY D 756 -16.01 -11.32 34.82
N ALA D 757 -16.98 -12.20 34.56
CA ALA D 757 -16.85 -13.23 33.54
C ALA D 757 -17.81 -12.91 32.39
N GLU D 758 -17.27 -12.87 31.18
CA GLU D 758 -18.09 -12.58 30.01
C GLU D 758 -19.20 -13.62 29.87
N GLU D 759 -20.36 -13.19 29.40
CA GLU D 759 -21.51 -14.07 29.21
C GLU D 759 -22.15 -13.76 27.86
N ILE D 760 -22.11 -14.73 26.96
CA ILE D 760 -22.72 -14.59 25.64
C ILE D 760 -24.20 -14.93 25.74
N THR D 761 -25.05 -13.90 25.71
CA THR D 761 -26.49 -14.08 25.86
C THR D 761 -27.23 -13.28 24.79
N ARG D 762 -28.49 -13.65 24.57
CA ARG D 762 -29.28 -12.97 23.55
C ARG D 762 -29.61 -11.54 23.97
N ASP D 763 -29.96 -11.34 25.23
CA ASP D 763 -30.43 -10.02 25.68
C ASP D 763 -29.32 -8.99 25.52
N ILE D 764 -29.59 -7.96 24.72
CA ILE D 764 -28.64 -6.87 24.50
C ILE D 764 -29.17 -5.64 25.22
N PRO D 765 -28.30 -4.80 25.80
CA PRO D 765 -28.78 -3.64 26.56
C PRO D 765 -29.78 -2.78 25.81
N ASN D 766 -29.30 -1.96 24.89
CA ASN D 766 -30.14 -1.00 24.17
C ASN D 766 -30.30 -1.48 22.72
N VAL D 767 -31.41 -2.16 22.44
CA VAL D 767 -31.67 -2.68 21.11
C VAL D 767 -33.18 -2.84 20.95
N SER D 768 -33.64 -2.86 19.71
CA SER D 768 -35.03 -3.16 19.41
C SER D 768 -35.21 -4.65 19.17
N ASP D 769 -36.46 -5.10 19.25
CA ASP D 769 -36.76 -6.51 19.04
C ASP D 769 -36.52 -6.93 17.60
N GLU D 770 -36.47 -5.99 16.66
CA GLU D 770 -36.24 -6.32 15.26
C GLU D 770 -34.78 -6.69 15.01
N VAL D 771 -33.85 -5.95 15.60
CA VAL D 771 -32.44 -6.25 15.40
C VAL D 771 -32.08 -7.62 15.98
N LEU D 772 -32.77 -8.02 17.04
CA LEU D 772 -32.59 -9.35 17.63
C LEU D 772 -33.54 -10.38 17.02
N ALA D 773 -34.30 -10.00 15.99
CA ALA D 773 -35.29 -10.91 15.42
C ALA D 773 -34.64 -12.16 14.85
N ASP D 774 -33.44 -12.05 14.29
CA ASP D 774 -32.78 -13.16 13.64
C ASP D 774 -31.83 -13.93 14.56
N LEU D 775 -31.79 -13.58 15.84
CA LEU D 775 -30.98 -14.32 16.79
C LEU D 775 -31.80 -15.44 17.42
N ASP D 776 -31.11 -16.51 17.83
CA ASP D 776 -31.76 -17.66 18.43
C ASP D 776 -31.94 -17.42 19.93
N GLU D 777 -32.30 -18.47 20.66
CA GLU D 777 -32.53 -18.33 22.10
C GLU D 777 -31.23 -18.07 22.85
N ARG D 778 -30.11 -18.60 22.37
CA ARG D 778 -28.85 -18.37 23.07
C ARG D 778 -28.26 -17.01 22.75
N GLY D 779 -28.61 -16.43 21.59
CA GLY D 779 -28.06 -15.16 21.15
C GLY D 779 -27.19 -15.24 19.92
N ILE D 780 -27.08 -16.41 19.30
CA ILE D 780 -26.28 -16.59 18.09
C ILE D 780 -27.22 -16.56 16.89
N VAL D 781 -26.75 -16.01 15.78
CA VAL D 781 -27.58 -15.90 14.59
C VAL D 781 -28.03 -17.29 14.15
N ARG D 782 -29.31 -17.40 13.80
CA ARG D 782 -29.85 -18.68 13.37
C ARG D 782 -29.30 -19.08 12.01
N ILE D 783 -29.18 -20.39 11.79
CA ILE D 783 -28.64 -20.90 10.53
C ILE D 783 -29.53 -20.46 9.38
N GLY D 784 -28.92 -20.20 8.23
CA GLY D 784 -29.65 -19.80 7.05
C GLY D 784 -30.15 -18.37 7.05
N ALA D 785 -29.79 -17.58 8.05
CA ALA D 785 -30.25 -16.20 8.13
C ALA D 785 -29.40 -15.27 7.29
N GLU D 786 -30.04 -14.28 6.68
CA GLU D 786 -29.35 -13.27 5.89
C GLU D 786 -28.88 -12.14 6.81
N VAL D 787 -27.60 -11.79 6.71
CA VAL D 787 -26.98 -10.81 7.59
C VAL D 787 -26.44 -9.66 6.75
N ARG D 788 -26.87 -8.44 7.07
CA ARG D 788 -26.39 -7.23 6.42
C ARG D 788 -25.30 -6.58 7.27
N ASP D 789 -24.67 -5.56 6.69
CA ASP D 789 -23.60 -4.86 7.39
C ASP D 789 -24.10 -4.27 8.70
N GLY D 790 -23.51 -4.70 9.80
CA GLY D 790 -23.87 -4.22 11.12
C GLY D 790 -24.78 -5.13 11.92
N ASP D 791 -25.39 -6.13 11.29
CA ASP D 791 -26.29 -7.02 12.00
C ASP D 791 -25.52 -7.85 13.03
N ILE D 792 -26.23 -8.29 14.07
CA ILE D 792 -25.61 -9.02 15.16
C ILE D 792 -25.49 -10.49 14.79
N LEU D 793 -24.31 -11.07 14.98
CA LEU D 793 -24.08 -12.49 14.80
C LEU D 793 -24.15 -13.25 16.12
N VAL D 794 -23.44 -12.76 17.15
CA VAL D 794 -23.43 -13.37 18.47
C VAL D 794 -23.59 -12.25 19.50
N GLY D 795 -24.53 -12.43 20.42
CA GLY D 795 -24.72 -11.48 21.49
C GLY D 795 -23.93 -11.82 22.74
N LYS D 796 -22.86 -11.07 22.98
CA LYS D 796 -22.02 -11.26 24.15
C LYS D 796 -22.16 -10.07 25.07
N VAL D 797 -22.10 -10.33 26.39
CA VAL D 797 -22.23 -9.29 27.39
C VAL D 797 -21.13 -9.51 28.44
N THR D 798 -20.44 -8.44 28.80
CA THR D 798 -19.38 -8.49 29.79
C THR D 798 -19.64 -7.48 30.89
N PRO D 799 -19.16 -7.76 32.10
CA PRO D 799 -19.46 -6.86 33.23
C PRO D 799 -18.83 -5.49 33.05
N LYS D 800 -19.60 -4.46 33.40
CA LYS D 800 -19.12 -3.08 33.40
C LYS D 800 -19.01 -2.58 34.84
N GLY D 801 -17.94 -1.85 35.11
CA GLY D 801 -17.67 -1.37 36.45
C GLY D 801 -18.70 -0.39 36.97
N GLU D 802 -18.31 0.46 37.91
CA GLU D 802 -19.21 1.48 38.44
C GLU D 802 -19.81 2.29 37.31
N THR D 803 -21.13 2.21 37.18
CA THR D 803 -21.83 2.86 36.07
C THR D 803 -21.47 4.35 36.00
N GLU D 804 -21.77 5.09 37.07
CA GLU D 804 -21.57 6.53 37.10
C GLU D 804 -22.15 7.18 35.84
N LEU D 805 -23.40 6.85 35.55
CA LEU D 805 -24.05 7.30 34.33
C LEU D 805 -24.25 8.81 34.35
N THR D 806 -24.61 9.34 33.18
CA THR D 806 -24.89 10.76 33.04
C THR D 806 -26.30 11.07 33.53
N PRO D 807 -26.50 12.16 34.26
CA PRO D 807 -27.85 12.49 34.73
C PRO D 807 -28.84 12.66 33.59
N GLU D 808 -28.43 13.30 32.49
CA GLU D 808 -29.32 13.46 31.35
C GLU D 808 -29.81 12.12 30.83
N GLU D 809 -29.05 11.04 31.07
CA GLU D 809 -29.47 9.71 30.69
C GLU D 809 -30.34 9.05 31.76
N ARG D 810 -30.04 9.31 33.03
CA ARG D 810 -30.83 8.75 34.11
C ARG D 810 -32.26 9.27 34.07
N LEU D 811 -32.43 10.55 33.73
CA LEU D 811 -33.78 11.13 33.66
C LEU D 811 -34.65 10.36 32.67
N LEU D 812 -34.14 10.17 31.44
CA LEU D 812 -34.87 9.36 30.47
C LEU D 812 -35.06 7.93 30.98
N ARG D 813 -34.15 7.44 31.81
CA ARG D 813 -34.32 6.12 32.40
C ARG D 813 -35.62 6.01 33.16
N ALA D 814 -35.86 6.95 34.09
CA ALA D 814 -37.09 6.91 34.87
C ALA D 814 -38.30 7.26 34.02
N ILE D 815 -38.14 8.19 33.08
CA ILE D 815 -39.26 8.62 32.24
C ILE D 815 -39.86 7.43 31.52
N PHE D 816 -39.04 6.71 30.76
CA PHE D 816 -39.51 5.56 30.00
C PHE D 816 -39.41 4.25 30.77
N GLY D 817 -39.00 4.29 32.03
CA GLY D 817 -39.01 3.10 32.87
C GLY D 817 -38.12 1.98 32.38
N GLU D 818 -36.99 2.31 31.76
CA GLU D 818 -36.01 1.32 31.34
C GLU D 818 -34.86 1.34 32.36
N LYS D 819 -34.78 0.28 33.18
CA LYS D 819 -33.74 0.21 34.20
C LYS D 819 -32.37 0.15 33.56
N ALA D 820 -31.50 1.08 33.94
CA ALA D 820 -30.12 1.07 33.47
C ALA D 820 -29.45 -0.25 33.79
N ARG D 821 -29.24 -1.07 32.76
CA ARG D 821 -28.73 -2.42 32.98
C ARG D 821 -27.34 -2.37 33.63
N GLU D 822 -26.90 -3.53 34.11
CA GLU D 822 -25.72 -3.58 34.97
C GLU D 822 -24.42 -3.46 34.17
N VAL D 823 -24.33 -4.19 33.05
CA VAL D 823 -23.05 -4.32 32.36
C VAL D 823 -23.16 -3.80 30.94
N ARG D 824 -22.04 -3.83 30.22
CA ARG D 824 -21.91 -3.21 28.91
C ARG D 824 -22.26 -4.18 27.79
N ASP D 825 -22.39 -3.63 26.59
CA ASP D 825 -22.75 -4.39 25.40
C ASP D 825 -21.49 -4.75 24.62
N THR D 826 -21.38 -6.03 24.23
CA THR D 826 -20.23 -6.50 23.45
C THR D 826 -20.73 -7.60 22.51
N SER D 827 -21.35 -7.18 21.42
CA SER D 827 -21.91 -8.10 20.43
C SER D 827 -21.01 -8.15 19.20
N LEU D 828 -21.02 -9.30 18.53
CA LEU D 828 -20.21 -9.51 17.33
C LEU D 828 -21.08 -9.22 16.11
N LYS D 829 -20.85 -8.09 15.47
CA LYS D 829 -21.59 -7.68 14.28
C LYS D 829 -20.76 -7.98 13.04
N VAL D 830 -21.44 -7.97 11.89
CA VAL D 830 -20.75 -8.28 10.63
C VAL D 830 -19.89 -7.08 10.23
N PRO D 831 -18.69 -7.30 9.69
CA PRO D 831 -17.85 -6.17 9.29
C PRO D 831 -18.51 -5.32 8.22
N HIS D 832 -18.25 -4.02 8.27
CA HIS D 832 -18.81 -3.09 7.30
C HIS D 832 -18.46 -3.52 5.89
N GLY D 833 -19.45 -3.46 5.00
CA GLY D 833 -19.26 -3.82 3.61
C GLY D 833 -19.34 -5.30 3.32
N GLU D 834 -19.75 -6.11 4.29
CA GLU D 834 -19.88 -7.55 4.10
C GLU D 834 -21.34 -7.95 4.22
N SER D 835 -21.67 -9.10 3.63
CA SER D 835 -23.04 -9.60 3.63
C SER D 835 -23.05 -11.02 3.08
N GLY D 836 -24.05 -11.79 3.49
CA GLY D 836 -24.18 -13.15 3.05
C GLY D 836 -25.12 -13.93 3.96
N LYS D 837 -25.19 -15.22 3.69
CA LYS D 837 -26.00 -16.14 4.48
C LYS D 837 -25.11 -16.88 5.49
N VAL D 838 -25.72 -17.29 6.60
CA VAL D 838 -25.01 -18.02 7.63
C VAL D 838 -25.08 -19.51 7.29
N ILE D 839 -23.92 -20.15 7.16
CA ILE D 839 -23.85 -21.56 6.80
C ILE D 839 -23.92 -22.42 8.05
N GLY D 840 -22.91 -22.30 8.92
CA GLY D 840 -22.84 -23.15 10.09
C GLY D 840 -22.41 -22.35 11.31
N ILE D 841 -22.64 -22.95 12.47
CA ILE D 841 -22.26 -22.40 13.76
C ILE D 841 -21.59 -23.50 14.58
N ARG D 842 -20.44 -23.19 15.15
CA ARG D 842 -19.72 -24.12 16.02
C ARG D 842 -19.67 -23.53 17.41
N VAL D 843 -20.27 -24.24 18.38
CA VAL D 843 -20.37 -23.77 19.76
C VAL D 843 -19.52 -24.68 20.64
N PHE D 844 -18.57 -24.07 21.36
CA PHE D 844 -17.72 -24.78 22.30
C PHE D 844 -17.96 -24.19 23.68
N SER D 845 -18.61 -24.96 24.55
CA SER D 845 -19.04 -24.49 25.86
C SER D 845 -18.08 -24.98 26.95
N ARG D 846 -18.33 -24.52 28.18
CA ARG D 846 -17.59 -24.98 29.36
C ARG D 846 -18.36 -26.03 30.13
N GLU D 847 -19.65 -25.82 30.38
CA GLU D 847 -20.50 -26.87 30.94
C GLU D 847 -20.30 -28.16 30.16
N ASP D 848 -20.48 -28.11 28.85
CA ASP D 848 -19.95 -29.14 27.97
C ASP D 848 -18.44 -29.09 28.05
N ASP D 849 -17.84 -30.04 28.76
CA ASP D 849 -16.42 -30.02 29.12
C ASP D 849 -15.55 -29.33 28.07
N ASP D 850 -15.40 -29.96 26.92
CA ASP D 850 -14.64 -29.35 25.81
C ASP D 850 -13.20 -29.12 26.29
N GLU D 851 -12.54 -28.08 25.77
CA GLU D 851 -11.18 -27.75 26.16
C GLU D 851 -10.79 -26.38 25.62
N LEU D 852 -10.93 -25.35 26.44
CA LEU D 852 -10.68 -23.98 26.02
C LEU D 852 -9.57 -23.36 26.86
N PRO D 853 -8.86 -22.37 26.34
CA PRO D 853 -7.81 -21.72 27.12
C PRO D 853 -8.34 -21.25 28.48
N ALA D 854 -7.44 -21.22 29.47
CA ALA D 854 -7.83 -20.88 30.83
C ALA D 854 -8.62 -19.59 30.87
N GLY D 855 -9.78 -19.62 31.52
CA GLY D 855 -10.67 -18.50 31.64
C GLY D 855 -11.81 -18.52 30.65
N VAL D 856 -11.59 -19.08 29.45
CA VAL D 856 -12.64 -19.13 28.44
C VAL D 856 -13.74 -20.08 28.89
N ASN D 857 -14.98 -19.60 28.85
CA ASN D 857 -16.14 -20.42 29.18
C ASN D 857 -16.83 -20.99 27.95
N GLU D 858 -17.14 -20.14 26.98
CA GLU D 858 -17.85 -20.56 25.78
C GLU D 858 -17.15 -19.98 24.55
N LEU D 859 -17.09 -20.77 23.48
CA LEU D 859 -16.44 -20.37 22.24
C LEU D 859 -17.33 -20.78 21.08
N VAL D 860 -17.80 -19.79 20.31
CA VAL D 860 -18.66 -20.02 19.17
C VAL D 860 -18.09 -19.29 17.95
N ARG D 861 -18.19 -19.91 16.79
CA ARG D 861 -17.72 -19.34 15.54
C ARG D 861 -18.80 -19.48 14.49
N VAL D 862 -19.07 -18.40 13.76
CA VAL D 862 -20.11 -18.37 12.73
C VAL D 862 -19.42 -18.29 11.37
N TYR D 863 -19.89 -19.12 10.44
CA TYR D 863 -19.36 -19.16 9.07
C TYR D 863 -20.40 -18.55 8.14
N VAL D 864 -19.99 -17.52 7.38
CA VAL D 864 -20.87 -16.81 6.46
C VAL D 864 -20.34 -17.01 5.05
N ALA D 865 -21.24 -17.33 4.12
CA ALA D 865 -20.90 -17.56 2.72
C ALA D 865 -21.50 -16.47 1.84
N GLN D 866 -20.89 -16.27 0.68
CA GLN D 866 -21.29 -15.23 -0.25
C GLN D 866 -21.16 -15.77 -1.67
N LYS D 867 -22.19 -15.55 -2.49
CA LYS D 867 -22.18 -15.93 -3.89
C LYS D 867 -21.82 -14.67 -4.67
N ARG D 868 -20.58 -14.59 -5.14
CA ARG D 868 -20.04 -13.39 -5.77
C ARG D 868 -20.24 -13.48 -7.28
N LYS D 869 -21.16 -12.69 -7.80
CA LYS D 869 -21.27 -12.52 -9.25
C LYS D 869 -20.06 -11.75 -9.76
N ILE D 870 -19.62 -12.10 -10.97
CA ILE D 870 -18.50 -11.39 -11.57
C ILE D 870 -18.89 -9.94 -11.76
N SER D 871 -18.26 -9.04 -11.00
CA SER D 871 -18.66 -7.65 -10.94
C SER D 871 -17.60 -6.76 -11.58
N ASP D 872 -18.05 -5.66 -12.18
CA ASP D 872 -17.13 -4.67 -12.73
C ASP D 872 -16.18 -4.18 -11.65
N GLY D 873 -14.88 -4.24 -11.94
CA GLY D 873 -13.84 -3.94 -10.99
C GLY D 873 -13.00 -5.16 -10.63
N ASP D 874 -13.58 -6.35 -10.70
CA ASP D 874 -12.83 -7.57 -10.44
C ASP D 874 -11.71 -7.73 -11.46
N LYS D 875 -10.73 -8.55 -11.10
CA LYS D 875 -9.50 -8.70 -11.86
C LYS D 875 -9.50 -10.07 -12.54
N LEU D 876 -9.54 -10.07 -13.87
CA LEU D 876 -9.41 -11.29 -14.67
C LEU D 876 -8.04 -11.35 -15.31
N ALA D 877 -7.69 -12.53 -15.81
CA ALA D 877 -6.38 -12.72 -16.42
C ALA D 877 -6.34 -14.09 -17.08
N GLY D 878 -5.51 -14.21 -18.12
CA GLY D 878 -5.26 -15.46 -18.78
C GLY D 878 -3.98 -16.12 -18.27
N ARG D 879 -3.63 -17.23 -18.92
CA ARG D 879 -2.46 -18.00 -18.52
C ARG D 879 -1.15 -17.42 -19.06
N HIS D 880 -1.21 -16.34 -19.83
CA HIS D 880 -0.02 -15.76 -20.45
C HIS D 880 0.42 -14.47 -19.78
N GLY D 881 -0.02 -14.23 -18.54
CA GLY D 881 0.32 -13.03 -17.83
C GLY D 881 -0.56 -11.83 -18.11
N ASN D 882 -1.43 -11.91 -19.12
CA ASN D 882 -2.33 -10.82 -19.41
C ASN D 882 -3.35 -10.66 -18.28
N LYS D 883 -3.46 -9.44 -17.75
CA LYS D 883 -4.35 -9.18 -16.64
C LYS D 883 -5.01 -7.82 -16.84
N GLY D 884 -6.17 -7.65 -16.22
CA GLY D 884 -6.91 -6.40 -16.33
C GLY D 884 -8.22 -6.49 -15.58
N VAL D 885 -8.71 -5.32 -15.17
CA VAL D 885 -9.95 -5.23 -14.42
C VAL D 885 -11.12 -5.21 -15.39
N ILE D 886 -12.34 -5.34 -14.86
CA ILE D 886 -13.55 -5.30 -15.67
C ILE D 886 -14.01 -3.85 -15.68
N GLY D 887 -13.75 -3.17 -16.80
CA GLY D 887 -14.13 -1.77 -16.91
C GLY D 887 -15.63 -1.56 -17.08
N LYS D 888 -16.31 -2.47 -17.75
CA LYS D 888 -17.76 -2.33 -17.94
C LYS D 888 -18.35 -3.69 -18.29
N ILE D 889 -19.67 -3.79 -18.11
CA ILE D 889 -20.39 -5.00 -18.49
C ILE D 889 -21.63 -4.64 -19.28
N LEU D 890 -21.58 -4.77 -20.62
CA LEU D 890 -22.72 -4.38 -21.42
C LEU D 890 -23.80 -5.46 -21.40
N PRO D 891 -25.06 -5.08 -21.53
CA PRO D 891 -26.11 -6.08 -21.75
C PRO D 891 -25.81 -6.86 -23.03
N VAL D 892 -26.23 -8.13 -23.03
CA VAL D 892 -25.93 -8.99 -24.17
C VAL D 892 -26.47 -8.41 -25.47
N GLU D 893 -27.44 -7.50 -25.39
CA GLU D 893 -28.02 -6.93 -26.61
C GLU D 893 -27.00 -6.09 -27.38
N ASP D 894 -26.41 -5.10 -26.71
CA ASP D 894 -25.46 -4.19 -27.36
C ASP D 894 -24.04 -4.72 -27.16
N MET D 895 -23.70 -5.74 -27.95
CA MET D 895 -22.42 -6.40 -27.86
C MET D 895 -22.05 -6.91 -29.25
N PRO D 896 -20.81 -6.70 -29.70
CA PRO D 896 -20.43 -7.22 -31.02
C PRO D 896 -20.75 -8.70 -31.15
N PHE D 897 -21.62 -9.03 -32.08
CA PHE D 897 -22.10 -10.40 -32.25
C PHE D 897 -21.84 -10.88 -33.67
N LEU D 898 -21.53 -12.18 -33.78
CA LEU D 898 -21.31 -12.80 -35.07
C LEU D 898 -22.59 -12.78 -35.90
N PRO D 899 -22.50 -13.15 -37.18
CA PRO D 899 -23.72 -13.23 -38.00
C PRO D 899 -24.78 -14.16 -37.43
N ASP D 900 -24.37 -15.17 -36.65
CA ASP D 900 -25.34 -16.04 -35.99
C ASP D 900 -26.26 -15.30 -35.03
N GLY D 901 -25.93 -14.06 -34.67
CA GLY D 901 -26.52 -13.43 -33.52
C GLY D 901 -25.85 -13.80 -32.21
N THR D 902 -24.84 -14.67 -32.25
CA THR D 902 -24.09 -15.14 -31.09
C THR D 902 -23.20 -14.02 -30.55
N PRO D 903 -23.60 -13.38 -29.46
CA PRO D 903 -22.79 -12.30 -28.90
C PRO D 903 -21.47 -12.82 -28.35
N VAL D 904 -20.45 -11.97 -28.40
CA VAL D 904 -19.16 -12.29 -27.80
C VAL D 904 -19.25 -12.05 -26.30
N ASP D 905 -18.43 -12.78 -25.54
CA ASP D 905 -18.44 -12.71 -24.09
C ASP D 905 -17.59 -11.57 -23.53
N ILE D 906 -16.37 -11.40 -24.05
CA ILE D 906 -15.47 -10.37 -23.57
C ILE D 906 -14.78 -9.72 -24.76
N ILE D 907 -14.57 -8.40 -24.67
CA ILE D 907 -13.91 -7.62 -25.71
C ILE D 907 -12.56 -7.17 -25.15
N LEU D 908 -11.48 -7.67 -25.74
CA LEU D 908 -10.13 -7.37 -25.28
C LEU D 908 -9.43 -6.47 -26.30
N ASN D 909 -8.95 -5.32 -25.84
CA ASN D 909 -8.15 -4.46 -26.69
C ASN D 909 -6.82 -5.14 -26.99
N THR D 910 -6.09 -4.57 -27.95
CA THR D 910 -4.79 -5.12 -28.37
C THR D 910 -3.73 -4.63 -27.41
N HIS D 911 -3.64 -5.29 -26.25
CA HIS D 911 -2.66 -4.91 -25.24
C HIS D 911 -1.23 -5.00 -25.80
N GLY D 912 -0.92 -6.10 -26.48
CA GLY D 912 0.43 -6.33 -26.94
C GLY D 912 0.93 -5.36 -27.98
N VAL D 913 1.63 -4.33 -27.54
CA VAL D 913 2.28 -3.39 -28.46
C VAL D 913 3.40 -4.14 -29.18
N PRO D 914 3.90 -3.63 -30.30
CA PRO D 914 4.96 -4.34 -31.01
C PRO D 914 6.20 -4.53 -30.14
N ARG D 915 6.89 -5.63 -30.35
CA ARG D 915 8.04 -6.01 -29.54
C ARG D 915 7.58 -6.60 -28.21
N ARG D 916 6.60 -5.96 -27.57
CA ARG D 916 6.01 -6.55 -26.36
C ARG D 916 5.34 -7.88 -26.68
N MET D 917 4.61 -7.94 -27.81
CA MET D 917 4.14 -9.21 -28.35
C MET D 917 3.02 -9.83 -27.52
N ASN D 918 3.39 -10.70 -26.58
CA ASN D 918 2.43 -11.58 -25.91
C ASN D 918 1.76 -12.49 -26.93
N ILE D 919 2.60 -13.21 -27.67
CA ILE D 919 2.15 -14.00 -28.81
C ILE D 919 1.32 -15.19 -28.36
N GLY D 920 1.74 -15.85 -27.27
CA GLY D 920 1.04 -17.06 -26.85
C GLY D 920 -0.46 -16.87 -26.73
N GLN D 921 -0.89 -15.70 -26.27
CA GLN D 921 -2.33 -15.44 -26.12
C GLN D 921 -3.06 -15.56 -27.45
N ILE D 922 -2.49 -15.00 -28.51
CA ILE D 922 -3.16 -15.03 -29.81
C ILE D 922 -3.34 -16.46 -30.29
N LEU D 923 -2.36 -17.32 -30.01
CA LEU D 923 -2.41 -18.69 -30.51
C LEU D 923 -3.56 -19.48 -29.89
N GLU D 924 -3.64 -19.49 -28.56
CA GLU D 924 -4.71 -20.24 -27.91
C GLU D 924 -6.09 -19.68 -28.26
N THR D 925 -6.17 -18.40 -28.62
CA THR D 925 -7.46 -17.84 -29.03
C THR D 925 -7.96 -18.49 -30.31
N HIS D 926 -7.08 -18.63 -31.31
CA HIS D 926 -7.46 -19.30 -32.55
C HIS D 926 -7.74 -20.77 -32.30
N LEU D 927 -6.82 -21.47 -31.63
CA LEU D 927 -7.06 -22.86 -31.29
C LEU D 927 -8.36 -23.01 -30.50
N GLY D 928 -8.66 -22.04 -29.64
CA GLY D 928 -9.91 -22.08 -28.91
C GLY D 928 -11.12 -22.16 -29.82
N TRP D 929 -11.11 -21.38 -30.91
CA TRP D 929 -12.21 -21.46 -31.87
C TRP D 929 -12.17 -22.77 -32.65
N VAL D 930 -10.96 -23.25 -32.98
CA VAL D 930 -10.84 -24.54 -33.65
C VAL D 930 -11.45 -25.65 -32.79
N ALA D 931 -11.00 -25.74 -31.54
CA ALA D 931 -11.50 -26.78 -30.65
C ALA D 931 -13.00 -26.66 -30.41
N LYS D 932 -13.53 -25.44 -30.43
CA LYS D 932 -14.96 -25.22 -30.20
C LYS D 932 -15.81 -25.66 -31.39
N ALA D 933 -15.30 -25.52 -32.61
CA ALA D 933 -16.07 -25.83 -33.80
C ALA D 933 -15.61 -27.10 -34.51
N GLY D 934 -14.59 -27.78 -33.99
CA GLY D 934 -14.08 -28.95 -34.67
C GLY D 934 -13.38 -28.59 -35.98
N TRP D 935 -13.11 -29.62 -36.76
CA TRP D 935 -12.44 -29.42 -38.05
C TRP D 935 -12.42 -30.73 -38.81
N ASN D 936 -12.03 -30.63 -40.09
CA ASN D 936 -11.90 -31.79 -40.97
C ASN D 936 -11.03 -31.36 -42.14
N ILE D 937 -9.83 -31.92 -42.24
CA ILE D 937 -8.85 -31.47 -43.22
C ILE D 937 -9.34 -31.66 -44.66
N ASP D 938 -10.39 -32.43 -44.87
CA ASP D 938 -10.91 -32.69 -46.21
C ASP D 938 -9.79 -33.23 -47.11
N VAL D 939 -9.16 -34.30 -46.65
CA VAL D 939 -8.02 -34.87 -47.36
C VAL D 939 -8.47 -35.38 -48.71
N ALA D 940 -7.88 -34.85 -49.78
CA ALA D 940 -8.16 -35.29 -51.14
C ALA D 940 -6.84 -35.37 -51.90
N ALA D 941 -6.50 -36.55 -52.38
CA ALA D 941 -5.21 -36.80 -53.03
C ALA D 941 -4.07 -36.50 -52.08
N GLY D 942 -4.08 -37.21 -50.95
CA GLY D 942 -3.09 -36.99 -49.91
C GLY D 942 -3.56 -35.96 -48.90
N VAL D 943 -2.63 -35.62 -48.00
CA VAL D 943 -2.89 -34.62 -46.97
C VAL D 943 -1.93 -33.45 -47.18
N PRO D 944 -2.35 -32.21 -46.89
CA PRO D 944 -1.47 -31.06 -47.12
C PRO D 944 -0.11 -31.25 -46.46
N ASP D 945 0.89 -30.55 -47.01
CA ASP D 945 2.25 -30.68 -46.52
C ASP D 945 2.40 -30.28 -45.07
N TRP D 946 1.53 -29.40 -44.56
CA TRP D 946 1.66 -28.96 -43.17
C TRP D 946 1.25 -30.06 -42.20
N ALA D 947 0.30 -30.91 -42.58
CA ALA D 947 -0.18 -31.98 -41.72
C ALA D 947 0.76 -33.19 -41.71
N SER D 948 1.81 -33.18 -42.53
CA SER D 948 2.73 -34.32 -42.56
C SER D 948 3.34 -34.57 -41.18
N LYS D 949 3.78 -33.51 -40.50
CA LYS D 949 4.34 -33.65 -39.16
C LYS D 949 3.29 -34.05 -38.13
N LEU D 950 2.00 -33.99 -38.47
CA LEU D 950 0.94 -34.29 -37.53
C LEU D 950 0.67 -35.78 -37.45
N PRO D 951 0.31 -36.28 -36.26
CA PRO D 951 -0.15 -37.66 -36.15
C PRO D 951 -1.66 -37.76 -36.35
N GLU D 952 -2.08 -38.89 -36.90
CA GLU D 952 -3.50 -39.09 -37.15
C GLU D 952 -4.27 -39.23 -35.85
N GLU D 953 -5.37 -38.49 -35.74
CA GLU D 953 -6.21 -38.38 -34.55
C GLU D 953 -6.76 -36.96 -34.50
N LEU D 954 -5.91 -36.00 -34.84
CA LEU D 954 -6.30 -34.60 -34.97
C LEU D 954 -6.78 -34.27 -36.38
N TYR D 955 -6.75 -35.23 -37.30
CA TYR D 955 -7.27 -34.99 -38.64
C TYR D 955 -8.73 -34.58 -38.59
N SER D 956 -9.57 -35.41 -37.97
CA SER D 956 -10.98 -35.11 -37.78
C SER D 956 -11.27 -35.00 -36.29
N ALA D 957 -12.07 -34.00 -35.92
CA ALA D 957 -12.45 -33.78 -34.54
C ALA D 957 -13.81 -33.11 -34.49
N PRO D 958 -14.69 -33.55 -33.62
CA PRO D 958 -16.03 -32.95 -33.52
C PRO D 958 -15.97 -31.61 -32.80
N ALA D 959 -17.13 -30.98 -32.68
CA ALA D 959 -17.22 -29.69 -32.02
C ALA D 959 -17.02 -29.84 -30.51
N ASP D 960 -16.47 -28.78 -29.90
CA ASP D 960 -16.25 -28.71 -28.47
C ASP D 960 -15.19 -29.68 -27.97
N SER D 961 -14.30 -30.13 -28.85
CA SER D 961 -13.25 -31.06 -28.46
C SER D 961 -12.14 -30.34 -27.70
N THR D 962 -11.64 -30.99 -26.65
CA THR D 962 -10.53 -30.45 -25.88
C THR D 962 -9.21 -30.85 -26.52
N VAL D 963 -8.25 -29.93 -26.48
CA VAL D 963 -6.95 -30.13 -27.12
C VAL D 963 -5.86 -29.96 -26.08
N ALA D 964 -4.72 -30.60 -26.32
CA ALA D 964 -3.57 -30.54 -25.44
C ALA D 964 -2.32 -30.28 -26.28
N THR D 965 -1.64 -29.16 -26.00
CA THR D 965 -0.39 -28.81 -26.67
C THR D 965 0.67 -28.63 -25.60
N PRO D 966 1.36 -29.69 -25.20
CA PRO D 966 2.41 -29.55 -24.18
C PRO D 966 3.35 -28.41 -24.52
N VAL D 967 3.92 -27.81 -23.47
CA VAL D 967 4.66 -26.55 -23.57
C VAL D 967 5.51 -26.47 -24.82
N PHE D 968 6.72 -27.05 -24.78
CA PHE D 968 7.64 -26.93 -25.90
C PHE D 968 7.23 -27.79 -27.09
N ASP D 969 6.63 -28.96 -26.84
CA ASP D 969 6.16 -29.83 -27.91
C ASP D 969 4.66 -29.62 -28.06
N GLY D 970 4.29 -28.63 -28.87
CA GLY D 970 2.89 -28.34 -29.11
C GLY D 970 2.56 -28.10 -30.56
N ALA D 971 1.34 -27.63 -30.84
CA ALA D 971 0.97 -27.29 -32.19
C ALA D 971 1.91 -26.22 -32.75
N GLN D 972 2.05 -26.21 -34.07
CA GLN D 972 2.97 -25.30 -34.75
C GLN D 972 2.20 -24.41 -35.73
N GLU D 973 2.84 -23.31 -36.11
CA GLU D 973 2.17 -22.28 -36.91
C GLU D 973 1.49 -22.88 -38.12
N GLY D 974 2.23 -23.63 -38.94
CA GLY D 974 1.64 -24.22 -40.13
C GLY D 974 0.41 -25.04 -39.83
N GLU D 975 0.51 -25.93 -38.83
CA GLU D 975 -0.61 -26.78 -38.48
C GLU D 975 -1.82 -25.96 -38.06
N LEU D 976 -1.60 -24.85 -37.36
CA LEU D 976 -2.68 -23.96 -36.96
C LEU D 976 -3.48 -23.50 -38.18
N ALA D 977 -2.86 -22.70 -39.06
CA ALA D 977 -3.57 -22.16 -40.22
C ALA D 977 -4.36 -23.25 -40.93
N GLY D 978 -3.79 -24.45 -41.01
CA GLY D 978 -4.52 -25.57 -41.60
C GLY D 978 -5.82 -25.85 -40.88
N LEU D 979 -5.75 -25.94 -39.54
CA LEU D 979 -6.97 -26.10 -38.76
C LEU D 979 -7.92 -24.92 -38.93
N LEU D 980 -7.37 -23.71 -39.09
CA LEU D 980 -8.21 -22.56 -39.39
C LEU D 980 -9.01 -22.79 -40.66
N GLY D 981 -8.39 -23.39 -41.68
CA GLY D 981 -9.09 -23.64 -42.92
C GLY D 981 -10.30 -24.55 -42.73
N SER D 982 -10.16 -25.56 -41.87
CA SER D 982 -11.25 -26.50 -41.60
C SER D 982 -12.03 -26.02 -40.39
N THR D 983 -13.29 -25.65 -40.61
CA THR D 983 -14.16 -25.19 -39.53
C THR D 983 -15.59 -25.60 -39.85
N LEU D 984 -16.15 -26.49 -39.04
CA LEU D 984 -17.50 -26.94 -39.26
C LEU D 984 -18.48 -25.78 -39.08
N PRO D 985 -19.32 -25.48 -40.06
CA PRO D 985 -20.29 -24.39 -39.91
C PRO D 985 -21.28 -24.68 -38.77
N ASN D 986 -22.07 -23.65 -38.46
CA ASN D 986 -23.11 -23.77 -37.43
C ASN D 986 -24.38 -24.37 -38.03
N ARG D 987 -25.50 -24.18 -37.35
CA ARG D 987 -26.79 -24.54 -37.93
C ARG D 987 -27.09 -23.62 -39.10
N ASP D 988 -27.42 -24.23 -40.25
CA ASP D 988 -27.68 -23.54 -41.52
C ASP D 988 -26.44 -23.61 -42.41
N GLY D 989 -25.28 -23.90 -41.82
CA GLY D 989 -24.08 -24.09 -42.59
C GLY D 989 -23.25 -22.85 -42.86
N GLU D 990 -23.71 -21.68 -42.43
CA GLU D 990 -22.91 -20.48 -42.59
C GLU D 990 -21.59 -20.62 -41.84
N VAL D 991 -20.58 -19.87 -42.29
CA VAL D 991 -19.27 -19.87 -41.65
C VAL D 991 -19.11 -18.58 -40.85
N MET D 992 -18.55 -18.71 -39.65
CA MET D 992 -18.40 -17.57 -38.74
C MET D 992 -16.98 -17.03 -38.69
N VAL D 993 -15.97 -17.84 -39.01
CA VAL D 993 -14.58 -17.42 -38.96
C VAL D 993 -13.87 -17.89 -40.22
N ASP D 994 -13.00 -17.05 -40.75
CA ASP D 994 -12.25 -17.35 -41.96
C ASP D 994 -10.92 -18.00 -41.59
N ALA D 995 -10.05 -18.20 -42.58
CA ALA D 995 -8.73 -18.77 -42.33
C ALA D 995 -7.83 -17.82 -41.56
N ASP D 996 -8.20 -16.55 -41.43
CA ASP D 996 -7.44 -15.58 -40.66
C ASP D 996 -7.90 -15.47 -39.22
N GLY D 997 -8.92 -16.23 -38.82
CA GLY D 997 -9.44 -16.13 -37.46
C GLY D 997 -10.22 -14.87 -37.19
N LYS D 998 -10.73 -14.20 -38.22
CA LYS D 998 -11.47 -12.96 -38.09
C LYS D 998 -12.90 -13.16 -38.55
N SER D 999 -13.77 -12.23 -38.15
CA SER D 999 -15.18 -12.29 -38.51
C SER D 999 -15.75 -10.87 -38.52
N THR D 1000 -16.78 -10.67 -39.34
CA THR D 1000 -17.42 -9.36 -39.46
C THR D 1000 -18.47 -9.25 -38.37
N LEU D 1001 -18.16 -8.50 -37.31
CA LEU D 1001 -19.05 -8.38 -36.16
C LEU D 1001 -19.99 -7.21 -36.34
N PHE D 1002 -21.20 -7.37 -35.83
CA PHE D 1002 -22.23 -6.35 -35.88
C PHE D 1002 -22.27 -5.60 -34.55
N ASP D 1003 -22.08 -4.29 -34.60
CA ASP D 1003 -22.20 -3.47 -33.39
C ASP D 1003 -23.61 -3.54 -32.83
N GLY D 1004 -23.75 -4.14 -31.65
CA GLY D 1004 -25.06 -4.37 -31.04
C GLY D 1004 -25.83 -3.11 -30.73
N ARG D 1005 -25.21 -1.95 -30.84
CA ARG D 1005 -25.86 -0.67 -30.58
C ARG D 1005 -26.33 -0.01 -31.87
N SER D 1006 -25.40 0.39 -32.75
CA SER D 1006 -25.80 1.01 -34.00
C SER D 1006 -26.55 0.04 -34.90
N GLY D 1007 -26.27 -1.25 -34.77
CA GLY D 1007 -26.81 -2.25 -35.67
C GLY D 1007 -25.98 -2.48 -36.91
N GLU D 1008 -25.17 -1.52 -37.30
CA GLU D 1008 -24.33 -1.65 -38.49
C GLU D 1008 -23.09 -2.47 -38.18
N PRO D 1009 -22.59 -3.23 -39.14
CA PRO D 1009 -21.40 -4.04 -38.91
C PRO D 1009 -20.16 -3.19 -38.72
N PHE D 1010 -19.16 -3.76 -38.08
CA PHE D 1010 -17.88 -3.10 -37.96
C PHE D 1010 -17.15 -3.18 -39.29
N PRO D 1011 -16.63 -2.06 -39.80
CA PRO D 1011 -16.11 -2.04 -41.18
C PRO D 1011 -15.10 -3.14 -41.48
N TYR D 1012 -14.23 -3.45 -40.53
CA TYR D 1012 -13.19 -4.43 -40.80
C TYR D 1012 -13.46 -5.74 -40.07
N PRO D 1013 -12.96 -6.86 -40.60
CA PRO D 1013 -13.12 -8.14 -39.89
C PRO D 1013 -12.29 -8.15 -38.61
N VAL D 1014 -12.89 -8.63 -37.53
CA VAL D 1014 -12.29 -8.61 -36.21
C VAL D 1014 -11.92 -10.04 -35.81
N THR D 1015 -10.81 -10.18 -35.09
CA THR D 1015 -10.37 -11.48 -34.61
C THR D 1015 -11.26 -11.94 -33.46
N VAL D 1016 -11.86 -13.12 -33.59
CA VAL D 1016 -12.67 -13.70 -32.53
C VAL D 1016 -12.15 -15.10 -32.24
N GLY D 1017 -12.51 -15.59 -31.05
CA GLY D 1017 -12.06 -16.90 -30.64
C GLY D 1017 -12.48 -17.17 -29.21
N TYR D 1018 -11.95 -18.27 -28.68
CA TYR D 1018 -12.24 -18.71 -27.32
C TYR D 1018 -10.93 -18.75 -26.53
N MET D 1019 -10.85 -17.96 -25.47
CA MET D 1019 -9.67 -17.89 -24.62
C MET D 1019 -10.05 -18.29 -23.20
N TYR D 1020 -9.12 -18.98 -22.53
CA TYR D 1020 -9.35 -19.48 -21.18
C TYR D 1020 -8.87 -18.43 -20.18
N ILE D 1021 -9.81 -17.74 -19.55
CA ILE D 1021 -9.51 -16.67 -18.61
C ILE D 1021 -9.83 -17.14 -17.20
N LEU D 1022 -9.22 -16.47 -16.22
CA LEU D 1022 -9.32 -16.83 -14.82
C LEU D 1022 -9.89 -15.65 -14.02
N LYS D 1023 -10.47 -15.98 -12.87
CA LYS D 1023 -10.94 -14.97 -11.92
C LYS D 1023 -9.97 -14.93 -10.75
N LEU D 1024 -9.29 -13.80 -10.58
CA LEU D 1024 -8.22 -13.67 -9.61
C LEU D 1024 -8.74 -13.24 -8.24
N HIS D 1025 -7.96 -13.53 -7.21
CA HIS D 1025 -8.40 -13.32 -5.84
C HIS D 1025 -8.70 -11.85 -5.56
N HIS D 1026 -8.02 -10.94 -6.24
CA HIS D 1026 -8.31 -9.51 -6.10
C HIS D 1026 -9.76 -9.25 -6.48
N LEU D 1027 -10.59 -8.88 -5.51
CA LEU D 1027 -12.02 -8.68 -5.73
C LEU D 1027 -12.44 -7.31 -5.22
N VAL D 1028 -13.37 -6.68 -5.92
CA VAL D 1028 -13.79 -5.33 -5.57
C VAL D 1028 -14.39 -5.31 -4.17
N ASP D 1029 -15.29 -6.25 -3.88
CA ASP D 1029 -15.94 -6.27 -2.57
C ASP D 1029 -14.94 -6.23 -1.44
N ASP D 1030 -13.75 -6.81 -1.65
CA ASP D 1030 -12.73 -6.86 -0.61
C ASP D 1030 -11.83 -5.64 -0.60
N LYS D 1031 -11.77 -4.88 -1.69
CA LYS D 1031 -10.84 -3.77 -1.81
C LYS D 1031 -11.49 -2.39 -1.74
N ILE D 1032 -12.82 -2.31 -1.70
CA ILE D 1032 -13.48 -1.01 -1.60
C ILE D 1032 -13.54 -0.61 -0.13
N HIS D 1033 -13.02 0.58 0.19
CA HIS D 1033 -13.03 1.10 1.54
C HIS D 1033 -13.47 2.56 1.53
N ALA D 1034 -14.29 2.92 2.51
CA ALA D 1034 -14.76 4.29 2.68
C ALA D 1034 -14.91 4.55 4.17
N ARG D 1035 -14.68 5.79 4.56
CA ARG D 1035 -14.69 6.15 5.98
C ARG D 1035 -15.02 7.62 6.14
N SER D 1036 -16.07 7.92 6.90
CA SER D 1036 -16.35 9.27 7.35
C SER D 1036 -15.78 9.50 8.75
N THR D 1037 -16.25 8.74 9.73
CA THR D 1037 -15.67 8.72 11.06
C THR D 1037 -15.55 7.28 11.51
N GLY D 1038 -14.67 7.05 12.49
CA GLY D 1038 -14.43 5.72 12.98
C GLY D 1038 -13.51 5.66 14.17
N PRO D 1039 -13.02 4.47 14.50
CA PRO D 1039 -12.17 4.31 15.67
C PRO D 1039 -10.82 5.01 15.49
N TYR D 1040 -10.20 5.33 16.62
CA TYR D 1040 -8.91 5.99 16.65
C TYR D 1040 -7.98 5.22 17.58
N SER D 1041 -6.71 5.14 17.20
CA SER D 1041 -5.72 4.43 18.00
C SER D 1041 -5.62 5.04 19.39
N MET D 1042 -5.01 4.29 20.30
CA MET D 1042 -4.86 4.74 21.68
C MET D 1042 -3.62 5.61 21.84
N ILE D 1043 -2.43 5.06 21.55
CA ILE D 1043 -1.19 5.81 21.72
C ILE D 1043 -1.23 7.08 20.88
N THR D 1044 -1.33 6.91 19.56
CA THR D 1044 -1.47 8.02 18.63
C THR D 1044 -2.94 8.14 18.23
N GLN D 1045 -3.49 9.35 18.35
CA GLN D 1045 -4.92 9.54 18.20
C GLN D 1045 -5.34 9.52 16.74
N GLN D 1046 -4.50 8.93 15.89
CA GLN D 1046 -4.77 8.90 14.48
C GLN D 1046 -5.88 7.89 14.17
N PRO D 1047 -6.64 8.11 13.09
CA PRO D 1047 -7.73 7.19 12.75
C PRO D 1047 -7.21 5.78 12.53
N LEU D 1048 -7.69 4.85 13.36
CA LEU D 1048 -7.28 3.46 13.31
C LEU D 1048 -8.31 2.62 12.58
N GLY D 1049 -7.84 1.76 11.69
CA GLY D 1049 -8.73 0.85 10.99
C GLY D 1049 -9.38 -0.14 11.92
N GLY D 1050 -10.62 0.13 12.32
CA GLY D 1050 -11.32 -0.76 13.22
C GLY D 1050 -11.34 -2.19 12.70
N LYS D 1051 -11.32 -3.14 13.64
CA LYS D 1051 -11.34 -4.55 13.25
C LYS D 1051 -12.59 -4.89 12.46
N ALA D 1052 -13.69 -4.18 12.70
CA ALA D 1052 -14.85 -4.29 11.82
C ALA D 1052 -14.54 -3.74 10.45
N GLN D 1053 -14.16 -2.46 10.38
CA GLN D 1053 -13.63 -1.83 9.18
C GLN D 1053 -13.44 -0.33 9.41
N PHE D 1054 -13.69 0.47 8.38
CA PHE D 1054 -13.63 1.93 8.48
C PHE D 1054 -12.20 2.44 8.63
N GLY D 1055 -11.24 1.66 8.14
CA GLY D 1055 -9.86 2.10 8.21
C GLY D 1055 -9.62 3.32 7.34
N GLY D 1056 -8.95 4.32 7.91
CA GLY D 1056 -8.64 5.51 7.17
C GLY D 1056 -7.46 5.33 6.23
N GLN D 1057 -7.43 6.14 5.19
CA GLN D 1057 -6.33 6.13 4.23
C GLN D 1057 -5.13 6.89 4.78
N ARG D 1058 -3.95 6.48 4.36
CA ARG D 1058 -2.72 7.12 4.79
C ARG D 1058 -2.36 8.26 3.84
N PHE D 1059 -2.12 9.43 4.41
CA PHE D 1059 -1.61 10.57 3.64
C PHE D 1059 -0.10 10.65 3.88
N GLY D 1060 0.63 9.83 3.15
CA GLY D 1060 2.06 9.69 3.35
C GLY D 1060 2.86 10.96 3.18
N GLU D 1061 4.17 10.85 3.37
CA GLU D 1061 5.04 12.02 3.23
C GLU D 1061 5.01 12.54 1.79
N MET D 1062 5.04 11.64 0.81
CA MET D 1062 5.09 12.07 -0.58
C MET D 1062 3.84 12.85 -0.97
N GLU D 1063 2.67 12.38 -0.54
CA GLU D 1063 1.44 13.12 -0.83
C GLU D 1063 1.53 14.55 -0.29
N CYS D 1064 2.08 14.71 0.92
CA CYS D 1064 2.28 16.05 1.46
C CYS D 1064 3.10 16.91 0.50
N TRP D 1065 4.17 16.35 -0.07
CA TRP D 1065 4.95 17.09 -1.06
C TRP D 1065 4.07 17.57 -2.19
N ALA D 1066 3.23 16.68 -2.74
CA ALA D 1066 2.34 17.09 -3.82
C ALA D 1066 1.37 18.17 -3.36
N MET D 1067 0.91 18.08 -2.12
CA MET D 1067 0.01 19.12 -1.61
C MET D 1067 0.72 20.45 -1.47
N GLN D 1068 1.96 20.44 -0.98
CA GLN D 1068 2.75 21.67 -0.91
C GLN D 1068 3.04 22.21 -2.31
N ALA D 1069 3.23 21.32 -3.29
CA ALA D 1069 3.51 21.78 -4.65
C ALA D 1069 2.37 22.63 -5.19
N TYR D 1070 1.12 22.21 -4.94
CA TYR D 1070 -0.03 22.99 -5.39
C TYR D 1070 -0.17 24.30 -4.63
N GLY D 1071 0.43 24.42 -3.45
CA GLY D 1071 0.22 25.58 -2.62
C GLY D 1071 -1.06 25.57 -1.83
N ALA D 1072 -1.77 24.44 -1.78
CA ALA D 1072 -3.02 24.33 -1.02
C ALA D 1072 -2.67 24.12 0.45
N ALA D 1073 -2.29 25.22 1.10
CA ALA D 1073 -1.90 25.15 2.50
C ALA D 1073 -3.06 24.68 3.38
N TYR D 1074 -4.28 25.15 3.08
CA TYR D 1074 -5.42 24.80 3.92
C TYR D 1074 -5.78 23.32 3.80
N THR D 1075 -5.81 22.80 2.58
CA THR D 1075 -6.11 21.37 2.41
C THR D 1075 -5.09 20.51 3.14
N LEU D 1076 -3.81 20.87 3.06
CA LEU D 1076 -2.78 20.10 3.76
C LEU D 1076 -3.01 20.17 5.27
N GLN D 1077 -3.13 21.38 5.82
CA GLN D 1077 -3.39 21.52 7.25
C GLN D 1077 -4.63 20.72 7.67
N GLU D 1078 -5.69 20.78 6.86
CA GLU D 1078 -6.91 20.06 7.18
C GLU D 1078 -6.64 18.57 7.33
N LEU D 1079 -5.76 18.01 6.48
CA LEU D 1079 -5.53 16.58 6.50
C LEU D 1079 -4.72 16.15 7.72
N LEU D 1080 -3.72 16.93 8.10
CA LEU D 1080 -2.82 16.57 9.18
C LEU D 1080 -3.30 17.00 10.56
N THR D 1081 -4.50 17.57 10.66
CA THR D 1081 -5.00 18.05 11.94
C THR D 1081 -6.42 17.58 12.22
N ILE D 1082 -7.42 18.35 11.78
CA ILE D 1082 -8.80 18.04 12.15
C ILE D 1082 -9.22 16.68 11.60
N LYS D 1083 -8.60 16.23 10.51
CA LYS D 1083 -8.92 14.94 9.94
C LYS D 1083 -8.16 13.78 10.57
N SER D 1084 -7.37 14.03 11.61
CA SER D 1084 -6.52 12.99 12.17
C SER D 1084 -6.20 13.20 13.65
N ASP D 1085 -5.18 14.01 13.94
CA ASP D 1085 -4.61 14.10 15.27
C ASP D 1085 -5.30 15.11 16.19
N ASP D 1086 -6.22 15.92 15.68
CA ASP D 1086 -6.85 16.94 16.50
C ASP D 1086 -7.90 16.30 17.38
N THR D 1087 -7.59 16.15 18.68
CA THR D 1087 -8.50 15.48 19.60
C THR D 1087 -9.84 16.20 19.67
N VAL D 1088 -9.80 17.52 19.91
CA VAL D 1088 -11.03 18.32 19.96
C VAL D 1088 -11.46 18.86 18.61
N GLY D 1089 -10.57 18.84 17.61
CA GLY D 1089 -10.88 19.32 16.27
C GLY D 1089 -11.84 18.46 15.47
N ARG D 1090 -11.53 17.17 15.32
CA ARG D 1090 -12.37 16.32 14.50
C ARG D 1090 -13.78 16.20 15.05
N VAL D 1091 -13.94 16.34 16.37
CA VAL D 1091 -15.28 16.28 16.95
C VAL D 1091 -16.03 17.57 16.65
N LYS D 1092 -15.38 18.72 16.78
CA LYS D 1092 -16.04 19.99 16.50
C LYS D 1092 -16.30 20.17 15.02
N VAL D 1093 -15.50 19.52 14.16
CA VAL D 1093 -15.77 19.56 12.72
C VAL D 1093 -17.03 18.77 12.40
N TYR D 1094 -17.11 17.52 12.87
CA TYR D 1094 -18.32 16.74 12.70
C TYR D 1094 -19.53 17.49 13.25
N GLU D 1095 -19.39 18.06 14.44
CA GLU D 1095 -20.45 18.88 15.00
C GLU D 1095 -20.81 20.02 14.06
N ALA D 1096 -19.80 20.75 13.57
CA ALA D 1096 -20.06 21.87 12.69
C ALA D 1096 -20.69 21.43 11.37
N ILE D 1097 -20.33 20.24 10.89
CA ILE D 1097 -20.88 19.76 9.63
C ILE D 1097 -22.36 19.43 9.79
N VAL D 1098 -22.74 18.78 10.90
CA VAL D 1098 -24.14 18.40 11.10
C VAL D 1098 -25.01 19.63 11.24
N LYS D 1099 -24.55 20.63 12.00
CA LYS D 1099 -25.31 21.86 12.14
C LYS D 1099 -25.35 22.66 10.84
N GLY D 1100 -24.35 22.50 9.99
CA GLY D 1100 -24.23 23.32 8.81
C GLY D 1100 -23.43 24.59 9.01
N GLU D 1101 -22.65 24.67 10.08
CA GLU D 1101 -21.85 25.85 10.38
C GLU D 1101 -20.51 25.79 9.64
N ASN D 1102 -19.79 26.91 9.67
CA ASN D 1102 -18.44 26.91 9.13
C ASN D 1102 -17.55 25.95 9.92
N ILE D 1103 -16.58 25.39 9.23
CA ILE D 1103 -15.64 24.46 9.87
C ILE D 1103 -14.65 25.26 10.71
N PRO D 1104 -14.45 24.89 11.98
CA PRO D 1104 -13.59 25.69 12.86
C PRO D 1104 -12.13 25.60 12.46
N GLU D 1105 -11.34 26.47 13.08
CA GLU D 1105 -9.91 26.51 12.83
C GLU D 1105 -9.23 25.32 13.48
N PRO D 1106 -8.29 24.68 12.78
CA PRO D 1106 -7.63 23.50 13.35
C PRO D 1106 -6.85 23.84 14.60
N GLY D 1107 -6.72 22.86 15.48
CA GLY D 1107 -5.99 22.97 16.73
C GLY D 1107 -4.57 22.46 16.60
N ILE D 1108 -4.09 21.79 17.65
CA ILE D 1108 -2.74 21.26 17.70
C ILE D 1108 -2.82 19.75 17.43
N PRO D 1109 -2.13 19.22 16.42
CA PRO D 1109 -2.19 17.77 16.18
C PRO D 1109 -1.54 17.01 17.32
N GLU D 1110 -2.20 15.94 17.78
CA GLU D 1110 -1.68 15.19 18.92
C GLU D 1110 -0.27 14.66 18.65
N SER D 1111 0.05 14.38 17.39
CA SER D 1111 1.39 13.90 17.07
C SER D 1111 2.45 14.87 17.55
N PHE D 1112 2.26 16.16 17.29
CA PHE D 1112 3.25 17.14 17.72
C PHE D 1112 3.36 17.18 19.24
N LYS D 1113 2.23 17.19 19.94
CA LYS D 1113 2.26 17.18 21.40
C LYS D 1113 3.04 15.98 21.92
N VAL D 1114 2.81 14.80 21.34
CA VAL D 1114 3.58 13.62 21.72
C VAL D 1114 5.06 13.83 21.46
N LEU D 1115 5.38 14.54 20.37
CA LEU D 1115 6.78 14.79 20.04
C LEU D 1115 7.50 15.52 21.17
N LEU D 1116 6.90 16.61 21.66
CA LEU D 1116 7.52 17.35 22.75
C LEU D 1116 7.72 16.47 23.98
N LYS D 1117 6.74 15.62 24.29
CA LYS D 1117 6.89 14.72 25.42
C LYS D 1117 8.06 13.77 25.23
N GLU D 1118 8.18 13.19 24.03
CA GLU D 1118 9.31 12.32 23.73
C GLU D 1118 10.62 13.05 23.95
N LEU D 1119 10.69 14.32 23.55
CA LEU D 1119 11.92 15.09 23.73
C LEU D 1119 12.23 15.29 25.20
N GLN D 1120 11.24 15.70 25.99
CA GLN D 1120 11.45 15.91 27.42
C GLN D 1120 11.92 14.63 28.10
N SER D 1121 11.26 13.50 27.79
CA SER D 1121 11.72 12.22 28.33
C SER D 1121 13.19 11.99 28.04
N LEU D 1122 13.69 12.48 26.90
CA LEU D 1122 15.09 12.42 26.55
C LEU D 1122 15.93 13.50 27.24
N CYS D 1123 15.36 14.18 28.24
CA CYS D 1123 16.02 15.26 28.97
C CYS D 1123 16.30 16.49 28.09
N LEU D 1124 15.52 16.69 27.04
CA LEU D 1124 15.63 17.87 26.20
C LEU D 1124 14.54 18.85 26.61
N ASN D 1125 14.94 19.95 27.26
CA ASN D 1125 13.99 20.97 27.71
C ASN D 1125 13.61 21.82 26.50
N VAL D 1126 12.45 21.52 25.91
CA VAL D 1126 11.93 22.25 24.76
C VAL D 1126 10.79 23.13 25.24
N GLU D 1127 10.72 24.35 24.70
CA GLU D 1127 9.68 25.31 25.05
C GLU D 1127 9.16 25.96 23.79
N VAL D 1128 7.86 25.87 23.56
CA VAL D 1128 7.22 26.50 22.41
C VAL D 1128 7.07 27.99 22.69
N LEU D 1129 8.10 28.77 22.38
CA LEU D 1129 8.12 30.18 22.73
C LEU D 1129 7.21 30.97 21.80
N SER D 1130 6.41 31.86 22.40
CA SER D 1130 5.58 32.77 21.61
C SER D 1130 6.40 34.01 21.22
N SER D 1131 5.84 34.79 20.29
CA SER D 1131 6.52 36.02 19.87
C SER D 1131 6.76 36.95 21.06
N ASP D 1132 5.80 36.99 21.99
CA ASP D 1132 5.96 37.81 23.19
C ASP D 1132 5.42 37.12 24.44
N GLY D 1133 5.00 35.87 24.34
CA GLY D 1133 4.42 35.13 25.45
C GLY D 1133 5.38 34.24 26.21
N ALA D 1134 6.67 34.29 25.92
CA ALA D 1134 7.68 33.50 26.64
C ALA D 1134 7.32 32.02 26.47
N ALA D 1135 7.23 31.24 27.53
CA ALA D 1135 6.95 29.82 27.43
C ALA D 1135 5.44 29.56 27.39
N ILE D 1136 5.08 28.42 26.82
CA ILE D 1136 3.69 27.98 26.74
C ILE D 1136 3.68 26.46 26.84
N GLU D 1137 2.57 25.92 27.33
CA GLU D 1137 2.38 24.48 27.34
C GLU D 1137 0.99 24.15 26.81
N MET D 1138 0.85 22.89 26.36
CA MET D 1138 -0.36 22.46 25.69
C MET D 1138 -1.51 22.32 26.68
N ARG D 1139 -1.47 21.27 27.49
CA ARG D 1139 -2.47 21.07 28.55
C ARG D 1139 -3.89 21.27 28.05
N ASP E 3 -3.08 26.84 23.55
CA ASP E 3 -3.68 26.25 22.35
C ASP E 3 -4.13 27.33 21.37
N VAL E 4 -3.28 28.33 21.16
CA VAL E 4 -3.60 29.41 20.24
C VAL E 4 -3.36 29.03 18.79
N ASN E 5 -2.43 28.10 18.54
CA ASN E 5 -2.07 27.59 17.22
C ASN E 5 -1.15 28.53 16.46
N PHE E 6 -0.67 29.60 17.08
CA PHE E 6 0.25 30.55 16.44
C PHE E 6 1.33 30.92 17.46
N PHE E 7 2.43 30.18 17.43
CA PHE E 7 3.60 30.46 18.26
C PHE E 7 4.77 30.84 17.36
N ASP E 8 5.50 31.88 17.76
CA ASP E 8 6.56 32.40 16.90
C ASP E 8 7.76 31.46 16.86
N GLU E 9 8.31 31.12 18.02
CA GLU E 9 9.55 30.38 18.10
C GLU E 9 9.36 29.00 18.71
N LEU E 10 10.42 28.20 18.65
CA LEU E 10 10.46 26.88 19.27
C LEU E 10 11.92 26.61 19.63
N ARG E 11 12.20 26.48 20.93
CA ARG E 11 13.58 26.45 21.40
C ARG E 11 13.83 25.22 22.27
N ILE E 12 15.08 24.76 22.25
CA ILE E 12 15.49 23.62 23.05
C ILE E 12 16.50 24.07 24.11
N GLY E 13 17.16 23.11 24.74
CA GLY E 13 18.13 23.40 25.78
C GLY E 13 18.31 22.23 26.73
N LEU E 14 19.49 22.11 27.32
CA LEU E 14 19.74 21.00 28.25
C LEU E 14 18.81 21.11 29.46
N ALA E 15 18.03 20.06 29.69
CA ALA E 15 17.12 20.03 30.83
C ALA E 15 17.92 19.72 32.09
N THR E 16 17.94 20.67 33.02
CA THR E 16 18.63 20.49 34.27
C THR E 16 17.83 19.57 35.21
N ALA E 17 18.50 19.10 36.26
CA ALA E 17 17.82 18.28 37.24
C ALA E 17 16.63 19.01 37.85
N ASP E 18 16.77 20.31 38.08
CA ASP E 18 15.65 21.09 38.59
C ASP E 18 14.50 21.15 37.59
N ASP E 19 14.82 21.44 36.32
CA ASP E 19 13.79 21.43 35.28
C ASP E 19 13.03 20.11 35.31
N ILE E 20 13.74 18.99 35.35
CA ILE E 20 13.09 17.69 35.39
C ILE E 20 12.23 17.57 36.64
N ARG E 21 12.76 17.98 37.79
CA ARG E 21 11.98 17.92 39.02
C ARG E 21 10.75 18.81 38.94
N ASN E 22 10.86 19.96 38.29
CA ASN E 22 9.72 20.85 38.16
C ASN E 22 8.65 20.26 37.26
N TRP E 23 9.06 19.63 36.16
CA TRP E 23 8.11 18.95 35.28
C TRP E 23 7.31 17.91 36.05
N SER E 24 8.01 17.01 36.75
CA SER E 24 7.38 15.84 37.33
C SER E 24 6.26 16.22 38.29
N TYR E 25 5.28 15.32 38.39
CA TYR E 25 4.19 15.43 39.35
C TYR E 25 4.39 14.57 40.57
N GLY E 26 5.59 14.02 40.74
CA GLY E 26 5.90 13.15 41.87
C GLY E 26 6.87 12.07 41.43
N GLU E 27 7.74 11.67 42.35
CA GLU E 27 8.74 10.65 42.05
C GLU E 27 8.10 9.27 42.05
N VAL E 28 8.32 8.51 40.98
CA VAL E 28 7.94 7.11 40.93
C VAL E 28 8.97 6.30 41.71
N LYS E 29 8.55 5.70 42.82
CA LYS E 29 9.46 5.03 43.72
C LYS E 29 9.56 3.53 43.50
N LYS E 30 8.55 2.91 42.89
CA LYS E 30 8.56 1.46 42.77
C LYS E 30 8.59 1.03 41.31
N PRO E 31 9.20 -0.12 41.02
CA PRO E 31 9.20 -0.63 39.65
C PRO E 31 7.96 -1.45 39.35
N GLU E 32 6.83 -1.07 39.92
CA GLU E 32 5.58 -1.80 39.76
C GLU E 32 4.68 -1.13 38.73
N THR E 33 3.86 -1.95 38.07
CA THR E 33 2.93 -1.45 37.07
C THR E 33 1.50 -1.49 37.60
N ILE E 34 0.89 -2.68 37.61
CA ILE E 34 -0.49 -2.85 38.03
C ILE E 34 -0.61 -4.14 38.84
N ASN E 35 -1.53 -4.15 39.80
CA ASN E 35 -1.75 -5.32 40.63
C ASN E 35 -2.19 -6.49 39.77
N TYR E 36 -1.54 -7.65 39.96
CA TYR E 36 -1.84 -8.81 39.14
C TYR E 36 -3.27 -9.29 39.30
N ARG E 37 -3.96 -8.90 40.37
CA ARG E 37 -5.34 -9.30 40.58
C ARG E 37 -6.30 -8.17 40.20
N THR E 38 -6.27 -7.08 40.96
CA THR E 38 -7.15 -5.95 40.66
C THR E 38 -6.86 -5.39 39.28
N LEU E 39 -5.63 -5.50 38.80
CA LEU E 39 -5.22 -4.93 37.53
C LEU E 39 -5.26 -3.41 37.53
N LYS E 40 -5.33 -2.80 38.73
CA LYS E 40 -5.29 -1.35 38.87
C LYS E 40 -3.87 -0.87 39.11
N PRO E 41 -3.57 0.37 38.76
CA PRO E 41 -2.20 0.88 38.92
C PRO E 41 -1.76 0.84 40.36
N GLU E 42 -0.57 0.28 40.59
CA GLU E 42 0.01 0.24 41.93
C GLU E 42 0.48 1.61 42.36
N LYS E 43 0.40 1.87 43.67
CA LYS E 43 0.77 3.16 44.22
C LYS E 43 2.29 3.32 44.26
N ASP E 44 2.74 4.56 44.05
CA ASP E 44 4.15 4.91 44.16
C ASP E 44 4.97 4.36 43.00
N GLY E 45 4.35 3.56 42.13
CA GLY E 45 5.03 2.96 41.01
C GLY E 45 4.61 3.58 39.69
N LEU E 46 5.06 2.94 38.61
CA LEU E 46 4.63 3.34 37.28
C LEU E 46 3.11 3.22 37.18
N PHE E 47 2.51 4.14 36.43
CA PHE E 47 1.06 4.25 36.25
C PHE E 47 0.36 4.78 37.48
N CYS E 48 1.08 5.10 38.56
CA CYS E 48 0.47 5.60 39.78
C CYS E 48 -0.45 6.79 39.50
N GLU E 49 -1.76 6.60 39.70
CA GLU E 49 -2.70 7.68 39.48
C GLU E 49 -2.38 8.88 40.36
N LYS E 50 -1.83 8.64 41.55
CA LYS E 50 -1.48 9.73 42.45
C LYS E 50 -0.53 10.73 41.81
N ILE E 51 0.24 10.30 40.80
CA ILE E 51 1.18 11.17 40.10
C ILE E 51 0.73 11.46 38.68
N PHE E 52 0.60 10.42 37.85
CA PHE E 52 0.33 10.63 36.44
C PHE E 52 -1.09 11.12 36.19
N GLY E 53 -2.07 10.53 36.85
CA GLY E 53 -3.44 10.96 36.70
C GLY E 53 -4.44 9.83 36.90
N PRO E 54 -5.71 10.19 37.10
CA PRO E 54 -6.73 9.18 37.32
C PRO E 54 -7.03 8.40 36.05
N THR E 55 -7.61 7.21 36.22
CA THR E 55 -7.98 6.39 35.08
C THR E 55 -9.33 6.77 34.53
N ARG E 56 -10.26 7.16 35.39
CA ARG E 56 -11.61 7.56 35.00
C ARG E 56 -11.80 9.06 35.24
N ASP E 57 -12.63 9.67 34.41
CA ASP E 57 -12.85 11.11 34.48
C ASP E 57 -13.49 11.50 35.80
N TRP E 58 -12.79 12.33 36.57
CA TRP E 58 -13.31 12.87 37.83
C TRP E 58 -13.62 11.76 38.83
N GLU E 59 -12.73 10.77 38.91
CA GLU E 59 -12.86 9.67 39.87
C GLU E 59 -11.50 9.42 40.52
N CYS E 60 -11.43 9.57 41.84
CA CYS E 60 -10.20 9.23 42.53
C CYS E 60 -10.04 7.71 42.61
N TYR E 61 -8.90 7.28 43.15
CA TYR E 61 -8.60 5.85 43.23
C TYR E 61 -9.58 5.13 44.15
N CYS E 62 -9.74 5.62 45.38
CA CYS E 62 -10.62 4.94 46.34
C CYS E 62 -12.07 5.07 45.95
N GLY E 63 -12.50 6.27 45.56
CA GLY E 63 -13.88 6.51 45.16
C GLY E 63 -14.65 7.50 46.02
N LYS E 64 -14.06 8.06 47.08
CA LYS E 64 -14.80 9.02 47.91
C LYS E 64 -15.20 10.25 47.13
N TYR E 65 -14.62 10.47 45.95
CA TYR E 65 -15.01 11.57 45.06
C TYR E 65 -15.22 10.99 43.67
N LYS E 66 -16.45 11.07 43.18
CA LYS E 66 -16.79 10.41 41.92
C LYS E 66 -17.45 11.34 40.90
N ARG E 67 -18.28 12.29 41.34
CA ARG E 67 -19.00 13.15 40.43
C ARG E 67 -18.12 14.31 39.97
N VAL E 68 -18.59 15.01 38.94
CA VAL E 68 -17.81 16.05 38.28
C VAL E 68 -17.93 17.29 39.15
N ARG E 69 -18.75 17.18 40.19
CA ARG E 69 -19.05 18.31 41.05
C ARG E 69 -17.77 18.97 41.54
N PHE E 70 -16.82 18.16 42.03
CA PHE E 70 -15.57 18.68 42.56
C PHE E 70 -14.44 18.38 41.59
N LYS E 71 -13.78 19.43 41.11
CA LYS E 71 -12.62 19.30 40.23
C LYS E 71 -11.51 20.22 40.73
N GLY E 72 -10.28 19.83 40.42
CA GLY E 72 -9.11 20.56 40.89
C GLY E 72 -8.73 20.28 42.32
N ILE E 73 -9.44 19.39 43.01
CA ILE E 73 -9.10 19.01 44.36
C ILE E 73 -8.42 17.65 44.34
N ILE E 74 -7.85 17.25 45.47
CA ILE E 74 -7.15 15.98 45.60
C ILE E 74 -7.79 15.19 46.74
N CYS E 75 -7.93 13.88 46.53
CA CYS E 75 -8.52 13.01 47.54
C CYS E 75 -7.54 12.79 48.68
N GLU E 76 -8.00 13.06 49.91
CA GLU E 76 -7.15 12.96 51.10
C GLU E 76 -6.85 11.52 51.49
N ARG E 77 -7.46 10.55 50.81
CA ARG E 77 -7.21 9.13 51.06
C ARG E 77 -6.21 8.53 50.08
N CYS E 78 -6.58 8.44 48.80
CA CYS E 78 -5.70 7.87 47.78
C CYS E 78 -4.75 8.88 47.16
N GLY E 79 -4.92 10.17 47.44
CA GLY E 79 -4.05 11.17 46.89
C GLY E 79 -4.17 11.38 45.40
N VAL E 80 -5.36 11.20 44.85
CA VAL E 80 -5.60 11.35 43.42
C VAL E 80 -6.36 12.64 43.18
N GLU E 81 -5.86 13.46 42.26
CA GLU E 81 -6.56 14.66 41.86
C GLU E 81 -7.74 14.33 40.96
N VAL E 82 -8.88 14.94 41.25
CA VAL E 82 -10.11 14.71 40.49
C VAL E 82 -10.09 15.64 39.29
N THR E 83 -9.74 15.09 38.13
CA THR E 83 -9.71 15.86 36.89
C THR E 83 -9.87 14.87 35.74
N ARG E 84 -9.93 15.41 34.51
CA ARG E 84 -10.10 14.57 33.34
C ARG E 84 -9.01 13.50 33.28
N ALA E 85 -9.37 12.35 32.71
CA ALA E 85 -8.42 11.25 32.59
C ALA E 85 -7.34 11.50 31.56
N LYS E 86 -7.47 12.56 30.76
CA LYS E 86 -6.48 12.84 29.71
C LYS E 86 -5.13 13.20 30.30
N VAL E 87 -5.12 13.75 31.51
CA VAL E 87 -3.89 14.26 32.13
C VAL E 87 -2.91 13.11 32.25
N ARG E 88 -3.46 11.89 32.27
CA ARG E 88 -2.66 10.67 32.20
C ARG E 88 -1.72 10.65 31.00
N ARG E 89 -1.91 11.54 30.03
CA ARG E 89 -1.08 11.60 28.84
C ARG E 89 -0.21 12.86 28.77
N GLU E 90 -0.44 13.83 29.65
CA GLU E 90 0.32 15.07 29.67
C GLU E 90 1.28 15.18 30.85
N ARG E 91 1.07 14.41 31.92
CA ARG E 91 1.85 14.56 33.14
C ARG E 91 3.00 13.56 33.15
N MET E 92 4.16 14.02 33.61
CA MET E 92 5.37 13.22 33.69
C MET E 92 5.72 12.99 35.15
N GLY E 93 6.60 12.01 35.36
CA GLY E 93 7.18 11.78 36.67
C GLY E 93 8.68 12.00 36.64
N HIS E 94 9.39 11.50 37.65
CA HIS E 94 10.84 11.61 37.66
C HIS E 94 11.39 10.57 38.62
N ILE E 95 12.70 10.36 38.55
CA ILE E 95 13.39 9.38 39.37
C ILE E 95 14.64 10.06 39.93
N GLU E 96 14.69 10.22 41.25
CA GLU E 96 15.87 10.77 41.89
C GLU E 96 16.94 9.69 42.00
N LEU E 97 18.09 9.93 41.38
CA LEU E 97 19.15 8.95 41.29
C LEU E 97 20.03 9.03 42.54
N ALA E 98 20.32 7.86 43.12
CA ALA E 98 21.25 7.80 44.25
C ALA E 98 22.68 8.12 43.85
N ALA E 99 22.97 8.20 42.55
CA ALA E 99 24.29 8.51 42.04
C ALA E 99 24.11 9.17 40.68
N PRO E 100 24.84 10.26 40.40
CA PRO E 100 24.69 10.92 39.10
C PRO E 100 24.96 9.95 37.96
N VAL E 101 24.48 10.32 36.77
CA VAL E 101 24.61 9.49 35.58
C VAL E 101 24.81 10.39 34.38
N THR E 102 25.65 9.95 33.44
CA THR E 102 25.91 10.72 32.24
C THR E 102 24.81 10.50 31.21
N HIS E 103 24.45 11.58 30.51
CA HIS E 103 23.51 11.48 29.40
C HIS E 103 24.21 10.88 28.20
N ILE E 104 23.76 9.69 27.77
CA ILE E 104 24.51 8.94 26.76
C ILE E 104 24.69 9.75 25.48
N TRP E 105 23.76 10.68 25.21
CA TRP E 105 23.84 11.44 23.96
C TRP E 105 25.08 12.32 23.92
N TYR E 106 25.51 12.85 25.05
CA TYR E 106 26.68 13.71 25.11
C TYR E 106 27.98 12.94 25.38
N PHE E 107 27.89 11.66 25.73
CA PHE E 107 29.08 10.86 25.96
C PHE E 107 29.46 10.04 24.72
N LYS E 108 28.57 9.14 24.30
CA LYS E 108 28.84 8.29 23.14
C LYS E 108 28.52 8.97 21.81
N GLY E 109 27.79 10.08 21.83
CA GLY E 109 27.49 10.79 20.61
C GLY E 109 28.74 11.37 19.96
N VAL E 110 29.11 10.85 18.79
CA VAL E 110 30.32 11.28 18.10
C VAL E 110 30.08 12.57 17.31
N PRO E 111 30.96 13.56 17.50
CA PRO E 111 32.08 13.47 18.44
C PRO E 111 31.65 13.75 19.87
N SER E 112 32.30 13.10 20.84
CA SER E 112 31.95 13.24 22.25
C SER E 112 31.84 14.70 22.66
N ARG E 113 30.61 15.16 22.92
CA ARG E 113 30.42 16.54 23.36
C ARG E 113 31.11 16.79 24.69
N LEU E 114 31.07 15.82 25.60
CA LEU E 114 31.78 15.97 26.87
C LEU E 114 33.29 15.83 26.67
N GLY E 115 33.71 14.85 25.88
CA GLY E 115 35.14 14.69 25.62
C GLY E 115 35.77 15.93 25.06
N TYR E 116 35.09 16.58 24.10
CA TYR E 116 35.58 17.84 23.56
C TYR E 116 35.49 18.97 24.57
N LEU E 117 34.64 18.85 25.59
CA LEU E 117 34.44 19.92 26.55
C LEU E 117 35.48 19.92 27.66
N LEU E 118 36.15 18.78 27.90
CA LEU E 118 37.12 18.67 28.97
C LEU E 118 38.48 18.13 28.51
N ASP E 119 38.64 17.86 27.22
CA ASP E 119 39.90 17.31 26.69
C ASP E 119 40.14 15.89 27.19
N LEU E 120 39.08 15.08 27.20
CA LEU E 120 39.19 13.67 27.54
C LEU E 120 38.84 12.84 26.32
N ALA E 121 39.80 12.06 25.84
CA ALA E 121 39.55 11.23 24.67
C ALA E 121 38.34 10.34 24.94
N PRO E 122 37.48 10.11 23.95
CA PRO E 122 36.31 9.26 24.19
C PRO E 122 36.66 7.90 24.78
N LYS E 123 37.80 7.34 24.40
CA LYS E 123 38.23 6.07 24.98
C LYS E 123 38.67 6.24 26.43
N ASP E 124 39.19 7.42 26.79
CA ASP E 124 39.52 7.71 28.17
C ASP E 124 38.26 8.04 28.99
N LEU E 125 37.39 8.88 28.43
CA LEU E 125 36.16 9.23 29.14
C LEU E 125 35.28 8.00 29.38
N GLU E 126 35.26 7.08 28.42
CA GLU E 126 34.48 5.86 28.60
C GLU E 126 34.96 5.07 29.82
N LYS E 127 36.28 5.07 30.06
CA LYS E 127 36.82 4.36 31.21
C LYS E 127 36.47 5.05 32.53
N ILE E 128 36.15 6.35 32.49
CA ILE E 128 35.86 7.08 33.72
C ILE E 128 34.43 6.81 34.17
N ILE E 129 33.44 7.19 33.35
CA ILE E 129 32.05 7.11 33.77
C ILE E 129 31.55 5.68 33.90
N TYR E 130 32.31 4.69 33.40
CA TYR E 130 31.95 3.29 33.54
C TYR E 130 32.80 2.57 34.58
N PHE E 131 33.55 3.30 35.39
CA PHE E 131 34.27 2.74 36.54
C PHE E 131 35.36 1.76 36.08
N ALA E 132 36.18 2.20 35.13
CA ALA E 132 37.32 1.44 34.66
C ALA E 132 38.64 2.11 34.98
N ALA E 133 38.62 3.30 35.57
CA ALA E 133 39.83 4.02 35.93
C ALA E 133 39.46 5.19 36.82
N TYR E 134 40.41 5.61 37.65
CA TYR E 134 40.24 6.76 38.52
C TYR E 134 40.67 8.03 37.80
N VAL E 135 40.05 9.15 38.16
CA VAL E 135 40.37 10.46 37.61
C VAL E 135 40.73 11.38 38.76
N ILE E 136 41.76 12.20 38.55
CA ILE E 136 42.22 13.14 39.58
C ILE E 136 41.28 14.34 39.56
N THR E 137 40.51 14.51 40.63
CA THR E 137 39.56 15.61 40.73
C THR E 137 40.17 16.87 41.32
N SER E 138 41.02 16.72 42.34
CA SER E 138 41.61 17.87 43.01
C SER E 138 43.05 17.55 43.39
N VAL E 139 43.81 18.61 43.64
CA VAL E 139 45.21 18.48 44.05
C VAL E 139 45.60 19.73 44.81
N ASP E 140 46.32 19.54 45.91
CA ASP E 140 46.77 20.64 46.77
C ASP E 140 48.20 21.00 46.36
N ASP E 141 48.35 22.09 45.61
CA ASP E 141 49.66 22.46 45.10
C ASP E 141 50.56 22.97 46.22
N GLU E 142 50.04 23.80 47.12
CA GLU E 142 50.87 24.36 48.18
C GLU E 142 51.41 23.27 49.10
N MET E 143 50.55 22.34 49.52
CA MET E 143 51.01 21.29 50.41
C MET E 143 51.96 20.32 49.70
N ARG E 144 51.69 20.02 48.43
CA ARG E 144 52.60 19.15 47.69
C ARG E 144 53.96 19.80 47.48
N HIS E 145 53.99 21.13 47.38
CA HIS E 145 55.26 21.83 47.19
C HIS E 145 56.00 22.01 48.51
N ASN E 146 55.27 22.32 49.59
CA ASN E 146 55.92 22.54 50.88
C ASN E 146 56.52 21.26 51.44
N GLU E 147 55.94 20.11 51.11
CA GLU E 147 56.40 18.82 51.62
C GLU E 147 57.22 18.04 50.60
N LEU E 148 57.47 18.60 49.42
CA LEU E 148 58.19 17.87 48.38
C LEU E 148 59.55 17.41 48.87
N SER E 149 60.24 18.24 49.65
CA SER E 149 61.58 17.90 50.09
C SER E 149 61.58 16.60 50.89
N THR E 150 60.78 16.55 51.97
CA THR E 150 60.79 15.36 52.83
C THR E 150 60.27 14.15 52.07
N LEU E 151 59.23 14.32 51.25
CA LEU E 151 58.70 13.20 50.48
C LEU E 151 59.77 12.62 49.58
N GLU E 152 60.55 13.48 48.91
CA GLU E 152 61.63 12.99 48.05
C GLU E 152 62.66 12.21 48.85
N ALA E 153 63.05 12.74 50.01
CA ALA E 153 64.01 12.04 50.86
C ALA E 153 63.48 10.67 51.26
N GLU E 154 62.28 10.63 51.84
CA GLU E 154 61.68 9.36 52.23
C GLU E 154 61.55 8.42 51.03
N MET E 155 61.33 8.97 49.84
CA MET E 155 61.20 8.14 48.65
C MET E 155 62.55 7.57 48.23
N ALA E 156 63.58 8.41 48.21
CA ALA E 156 64.92 7.92 47.87
C ALA E 156 65.40 6.91 48.89
N VAL E 157 65.20 7.18 50.19
CA VAL E 157 65.60 6.23 51.21
C VAL E 157 64.92 4.89 51.01
N GLU E 158 63.58 4.90 50.87
CA GLU E 158 62.87 3.66 50.60
C GLU E 158 63.36 3.00 49.32
N LYS E 159 63.66 3.80 48.30
CA LYS E 159 64.20 3.24 47.06
C LYS E 159 65.58 2.64 47.30
N LYS E 160 66.40 3.29 48.13
CA LYS E 160 67.74 2.76 48.42
C LYS E 160 67.66 1.46 49.19
N ALA E 161 66.77 1.39 50.19
CA ALA E 161 66.61 0.15 50.94
C ALA E 161 66.27 -1.02 50.02
N VAL E 162 65.61 -0.75 48.90
CA VAL E 162 65.34 -1.80 47.92
C VAL E 162 66.61 -2.19 47.20
N GLU E 163 67.48 -1.22 46.92
CA GLU E 163 68.74 -1.53 46.25
C GLU E 163 69.67 -2.31 47.17
N ASP E 164 69.79 -1.88 48.42
CA ASP E 164 70.64 -2.61 49.37
C ASP E 164 70.20 -4.06 49.49
N GLN E 165 68.89 -4.30 49.54
CA GLN E 165 68.38 -5.67 49.57
C GLN E 165 68.74 -6.42 48.30
N ARG E 166 68.57 -5.78 47.14
CA ARG E 166 68.84 -6.45 45.87
C ARG E 166 70.29 -6.89 45.78
N ASP E 167 71.22 -5.93 45.88
CA ASP E 167 72.64 -6.26 45.77
C ASP E 167 73.05 -7.27 46.83
N ALA E 168 72.49 -7.16 48.04
CA ALA E 168 72.78 -8.13 49.09
C ALA E 168 72.27 -9.52 48.72
N ASP E 169 71.15 -9.60 48.00
CA ASP E 169 70.60 -10.89 47.62
C ASP E 169 71.44 -11.57 46.54
N LEU E 170 71.85 -10.81 45.52
CA LEU E 170 72.61 -11.39 44.43
C LEU E 170 73.95 -11.94 44.91
N GLU E 171 74.66 -11.18 45.74
CA GLU E 171 75.93 -11.68 46.24
C GLU E 171 75.76 -12.97 47.04
N ALA E 172 74.61 -13.12 47.71
CA ALA E 172 74.35 -14.37 48.43
C ALA E 172 74.07 -15.51 47.48
N ARG E 173 73.45 -15.23 46.33
CA ARG E 173 73.20 -16.27 45.34
C ARG E 173 74.47 -16.63 44.58
N ALA E 174 75.26 -15.62 44.19
CA ALA E 174 76.50 -15.90 43.48
C ALA E 174 77.52 -16.58 44.40
N GLN E 175 77.65 -16.10 45.64
CA GLN E 175 78.56 -16.74 46.57
C GLN E 175 78.12 -18.16 46.90
N LYS E 176 76.81 -18.40 46.94
CA LYS E 176 76.31 -19.76 47.13
C LYS E 176 76.53 -20.62 45.88
N LEU E 177 76.43 -20.01 44.69
CA LEU E 177 76.71 -20.74 43.47
C LEU E 177 78.18 -21.13 43.37
N GLU E 178 79.08 -20.30 43.91
CA GLU E 178 80.50 -20.65 43.91
C GLU E 178 80.76 -21.87 44.78
N ALA E 179 80.03 -22.01 45.89
CA ALA E 179 80.20 -23.17 46.75
C ALA E 179 79.64 -24.43 46.09
N ASP E 180 78.46 -24.31 45.46
CA ASP E 180 77.88 -25.47 44.78
C ASP E 180 78.75 -25.91 43.62
N LEU E 181 79.34 -24.95 42.90
CA LEU E 181 80.25 -25.31 41.81
C LEU E 181 81.58 -25.82 42.34
N ALA E 182 82.05 -25.27 43.46
CA ALA E 182 83.28 -25.78 44.07
C ALA E 182 83.13 -27.24 44.50
N GLU E 183 81.93 -27.62 44.94
CA GLU E 183 81.67 -29.02 45.28
C GLU E 183 81.78 -29.92 44.06
N LEU E 184 81.62 -29.37 42.85
CA LEU E 184 81.63 -30.23 41.66
C LEU E 184 83.04 -30.68 41.30
N GLU E 185 84.05 -29.87 41.61
CA GLU E 185 85.43 -30.30 41.37
C GLU E 185 85.84 -31.42 42.32
N ALA E 186 85.37 -31.36 43.57
CA ALA E 186 85.64 -32.44 44.51
C ALA E 186 84.86 -33.70 44.17
N GLU E 187 83.70 -33.55 43.53
CA GLU E 187 82.87 -34.67 43.11
C GLU E 187 83.13 -34.98 41.64
N GLY E 188 82.43 -36.00 41.14
CA GLY E 188 82.51 -36.34 39.74
C GLY E 188 82.07 -35.18 38.87
N ALA E 189 82.97 -34.67 38.04
CA ALA E 189 82.72 -33.48 37.24
C ALA E 189 82.11 -33.87 35.90
N LYS E 190 80.84 -33.53 35.70
CA LYS E 190 80.18 -33.68 34.41
C LYS E 190 80.27 -32.35 33.67
N SER E 191 81.06 -32.31 32.60
CA SER E 191 81.22 -31.08 31.84
C SER E 191 79.88 -30.53 31.39
N ASP E 192 78.91 -31.40 31.06
CA ASP E 192 77.59 -30.93 30.68
C ASP E 192 76.83 -30.38 31.88
N VAL E 193 76.89 -31.07 33.02
CA VAL E 193 76.19 -30.60 34.21
C VAL E 193 76.81 -29.30 34.71
N ARG E 194 78.13 -29.14 34.56
CA ARG E 194 78.77 -27.89 34.97
C ARG E 194 78.15 -26.70 34.27
N ARG E 195 77.87 -26.83 32.97
CA ARG E 195 77.20 -25.77 32.23
C ARG E 195 75.70 -25.73 32.53
N LYS E 196 75.11 -26.87 32.88
CA LYS E 196 73.69 -26.89 33.21
C LYS E 196 73.42 -26.18 34.53
N VAL E 197 74.28 -26.40 35.53
CA VAL E 197 74.09 -25.75 36.82
C VAL E 197 74.32 -24.25 36.69
N ARG E 198 75.40 -23.85 36.03
CA ARG E 198 75.68 -22.43 35.87
C ARG E 198 74.55 -21.73 35.12
N ASP E 199 74.08 -22.32 34.03
CA ASP E 199 72.94 -21.76 33.32
C ASP E 199 71.75 -21.59 34.24
N SER E 200 71.51 -22.57 35.12
CA SER E 200 70.42 -22.46 36.07
C SER E 200 70.68 -21.35 37.08
N GLY E 201 71.92 -21.26 37.58
CA GLY E 201 72.24 -20.24 38.55
C GLY E 201 72.20 -18.83 37.97
N GLU E 202 72.80 -18.66 36.79
CA GLU E 202 72.82 -17.35 36.15
C GLU E 202 71.40 -16.84 35.92
N ARG E 203 70.55 -17.66 35.32
CA ARG E 203 69.17 -17.23 35.05
C ARG E 203 68.44 -16.90 36.35
N GLU E 204 68.70 -17.66 37.42
CA GLU E 204 68.08 -17.34 38.70
C GLU E 204 68.51 -15.95 39.18
N MET E 205 69.78 -15.61 38.98
CA MET E 205 70.24 -14.27 39.33
C MET E 205 69.47 -13.21 38.53
N ARG E 206 69.36 -13.41 37.21
CA ARG E 206 68.60 -12.47 36.40
C ARG E 206 67.18 -12.29 36.92
N GLN E 207 66.56 -13.39 37.36
CA GLN E 207 65.22 -13.28 37.95
C GLN E 207 65.24 -12.42 39.20
N LEU E 208 66.14 -12.74 40.14
CA LEU E 208 66.21 -11.96 41.38
C LEU E 208 66.52 -10.50 41.11
N ARG E 209 67.33 -10.21 40.09
CA ARG E 209 67.67 -8.84 39.77
C ARG E 209 66.55 -8.12 39.03
N ASP E 210 65.79 -8.83 38.20
CA ASP E 210 64.70 -8.19 37.47
C ASP E 210 63.49 -7.94 38.36
N ARG E 211 63.20 -8.87 39.28
CA ARG E 211 62.14 -8.62 40.25
C ARG E 211 62.39 -7.31 41.00
N ALA E 212 63.63 -7.10 41.45
CA ALA E 212 63.97 -5.85 42.12
C ALA E 212 63.77 -4.65 41.20
N GLN E 213 64.24 -4.75 39.96
CA GLN E 213 64.09 -3.66 39.00
C GLN E 213 62.63 -3.27 38.85
N ARG E 214 61.74 -4.25 38.73
CA ARG E 214 60.33 -3.95 38.57
C ARG E 214 59.78 -3.16 39.77
N GLU E 215 60.21 -3.53 40.98
CA GLU E 215 59.80 -2.75 42.15
C GLU E 215 60.36 -1.34 42.10
N LEU E 216 61.61 -1.19 41.67
CA LEU E 216 62.18 0.14 41.53
C LEU E 216 61.38 0.96 40.53
N ASP E 217 61.05 0.36 39.38
CA ASP E 217 60.24 1.07 38.40
C ASP E 217 58.87 1.42 38.96
N ARG E 218 58.23 0.47 39.66
CA ARG E 218 56.97 0.78 40.31
C ARG E 218 57.12 1.95 41.28
N LEU E 219 58.22 1.96 42.04
CA LEU E 219 58.48 3.10 42.92
C LEU E 219 58.68 4.38 42.10
N ASP E 220 59.58 4.34 41.12
CA ASP E 220 59.77 5.49 40.25
C ASP E 220 58.44 5.91 39.63
N GLU E 221 57.64 4.94 39.19
CA GLU E 221 56.32 5.26 38.65
C GLU E 221 55.48 5.98 39.67
N ILE E 222 55.48 5.50 40.92
CA ILE E 222 54.69 6.14 41.98
C ILE E 222 55.11 7.60 42.14
N TRP E 223 56.43 7.83 42.27
CA TRP E 223 56.91 9.18 42.55
C TRP E 223 56.65 10.13 41.37
N ASN E 224 56.99 9.70 40.16
CA ASN E 224 56.79 10.55 39.00
C ASN E 224 55.34 10.99 38.86
N THR E 225 54.41 10.05 39.01
CA THR E 225 52.99 10.38 38.85
C THR E 225 52.54 11.38 39.91
N PHE E 226 53.05 11.24 41.14
CA PHE E 226 52.61 12.13 42.21
C PHE E 226 53.11 13.56 41.98
N THR E 227 54.38 13.71 41.60
CA THR E 227 54.91 15.04 41.35
C THR E 227 54.17 15.72 40.21
N LYS E 228 54.08 15.05 39.06
CA LYS E 228 53.37 15.57 37.90
C LYS E 228 51.86 15.42 38.01
N LEU E 229 51.36 15.03 39.18
CA LEU E 229 49.94 14.78 39.35
C LEU E 229 49.14 16.04 39.11
N ALA E 230 48.29 16.00 38.08
CA ALA E 230 47.42 17.11 37.72
C ALA E 230 46.00 16.63 37.55
N PRO E 231 45.02 17.45 37.93
CA PRO E 231 43.61 17.07 37.73
C PRO E 231 43.32 16.78 36.27
N LYS E 232 42.34 15.92 36.03
CA LYS E 232 41.94 15.38 34.74
C LYS E 232 42.84 14.21 34.34
N GLN E 233 43.87 13.88 35.12
CA GLN E 233 44.70 12.72 34.82
C GLN E 233 43.97 11.44 35.22
N LEU E 234 44.24 10.37 34.49
CA LEU E 234 43.57 9.09 34.68
C LEU E 234 44.55 8.08 35.24
N ILE E 235 44.15 7.40 36.31
CA ILE E 235 44.96 6.35 36.93
C ILE E 235 44.25 5.01 36.75
N VAL E 236 44.58 4.31 35.66
CA VAL E 236 43.95 3.02 35.37
C VAL E 236 44.59 1.88 36.13
N ASP E 237 45.62 2.14 36.94
CA ASP E 237 46.40 1.06 37.54
C ASP E 237 45.78 0.51 38.81
N GLU E 238 44.87 1.25 39.45
CA GLU E 238 44.22 0.74 40.65
C GLU E 238 45.24 0.49 41.75
N VAL E 239 46.02 -0.59 41.62
CA VAL E 239 47.08 -0.88 42.59
C VAL E 239 47.97 0.34 42.77
N LEU E 240 48.42 0.91 41.66
CA LEU E 240 49.16 2.17 41.73
C LEU E 240 48.35 3.23 42.45
N TYR E 241 47.10 3.41 42.05
CA TYR E 241 46.25 4.41 42.68
C TYR E 241 46.16 4.17 44.19
N ARG E 242 45.94 2.92 44.59
CA ARG E 242 45.87 2.61 46.01
C ARG E 242 47.15 3.02 46.73
N GLU E 243 48.29 2.58 46.21
CA GLU E 243 49.56 2.96 46.80
C GLU E 243 49.77 4.46 46.71
N LEU E 244 49.31 5.08 45.61
CA LEU E 244 49.30 6.54 45.51
C LEU E 244 48.31 7.18 46.47
N GLN E 245 47.41 6.41 47.07
CA GLN E 245 46.44 6.91 48.03
C GLN E 245 46.86 6.67 49.48
N ASP E 246 47.47 5.50 49.76
CA ASP E 246 47.98 5.25 51.10
C ASP E 246 48.93 6.35 51.54
N ARG E 247 49.91 6.66 50.71
CA ARG E 247 50.77 7.82 50.90
C ARG E 247 50.35 8.92 49.94
N TYR E 248 50.45 10.17 50.39
CA TYR E 248 50.04 11.35 49.63
C TYR E 248 48.53 11.47 49.53
N GLY E 249 47.76 10.67 50.27
CA GLY E 249 46.32 10.69 50.14
C GLY E 249 45.70 12.02 50.51
N GLU E 250 46.38 12.79 51.36
CA GLU E 250 45.86 14.08 51.81
C GLU E 250 46.27 15.23 50.90
N TYR E 251 46.97 14.95 49.80
CA TYR E 251 47.41 15.98 48.87
C TYR E 251 46.49 16.12 47.66
N PHE E 252 45.71 15.11 47.34
CA PHE E 252 44.89 15.11 46.14
C PHE E 252 43.57 14.39 46.43
N THR E 253 42.75 14.25 45.39
CA THR E 253 41.50 13.52 45.48
C THR E 253 41.18 12.91 44.12
N GLY E 254 40.55 11.74 44.15
CA GLY E 254 40.20 11.05 42.92
C GLY E 254 38.95 10.23 43.12
N ALA E 255 38.21 10.04 42.02
CA ALA E 255 36.97 9.29 42.07
C ALA E 255 36.69 8.70 40.70
N MET E 256 35.62 7.89 40.64
CA MET E 256 35.19 7.25 39.42
C MET E 256 33.73 7.60 39.16
N GLY E 257 33.23 7.19 37.99
CA GLY E 257 31.82 7.31 37.69
C GLY E 257 31.41 8.71 37.28
N ALA E 258 30.11 8.86 37.07
CA ALA E 258 29.56 10.13 36.60
C ALA E 258 29.79 11.26 37.60
N GLU E 259 29.78 10.96 38.91
CA GLU E 259 29.96 12.03 39.89
C GLU E 259 31.33 12.66 39.78
N SER E 260 32.35 11.87 39.42
CA SER E 260 33.67 12.46 39.18
C SER E 260 33.63 13.39 37.98
N ILE E 261 33.01 12.95 36.88
CA ILE E 261 32.80 13.84 35.74
C ILE E 261 31.99 15.06 36.16
N LYS E 262 31.06 14.87 37.09
CA LYS E 262 30.27 16.00 37.58
C LYS E 262 31.16 17.02 38.28
N LYS E 263 32.19 16.54 38.99
CA LYS E 263 33.07 17.44 39.70
C LYS E 263 33.95 18.23 38.73
N LEU E 264 34.61 17.53 37.80
CA LEU E 264 35.41 18.21 36.79
C LEU E 264 34.62 19.31 36.10
N ILE E 265 33.32 19.11 35.90
CA ILE E 265 32.48 20.15 35.33
C ILE E 265 32.19 21.24 36.36
N GLU E 266 32.16 20.90 37.64
CA GLU E 266 31.95 21.89 38.68
C GLU E 266 33.03 22.96 38.62
N ASN E 267 34.27 22.60 38.99
CA ASN E 267 35.40 23.51 38.90
C ASN E 267 35.88 23.52 37.45
N PHE E 268 35.17 24.30 36.63
CA PHE E 268 35.49 24.41 35.20
C PHE E 268 35.12 25.83 34.77
N ASP E 269 36.12 26.72 34.73
CA ASP E 269 35.88 28.10 34.30
C ASP E 269 35.65 28.12 32.80
N ILE E 270 34.40 28.31 32.39
CA ILE E 270 34.07 28.26 30.96
C ILE E 270 34.82 29.33 30.19
N ASP E 271 34.88 30.55 30.74
CA ASP E 271 35.58 31.62 30.05
C ASP E 271 37.09 31.37 30.01
N ALA E 272 37.67 30.93 31.13
CA ALA E 272 39.09 30.65 31.17
C ALA E 272 39.46 29.58 30.15
N GLU E 273 38.74 28.46 30.15
CA GLU E 273 38.99 27.41 29.17
C GLU E 273 38.82 27.91 27.75
N ALA E 274 38.05 28.98 27.54
CA ALA E 274 37.86 29.50 26.19
C ALA E 274 39.03 30.37 25.76
N GLU E 275 39.50 31.26 26.64
CA GLU E 275 40.59 32.16 26.25
C GLU E 275 41.85 31.38 25.89
N SER E 276 42.22 30.39 26.71
CA SER E 276 43.35 29.55 26.35
C SER E 276 43.10 28.81 25.04
N LEU E 277 41.83 28.59 24.70
CA LEU E 277 41.47 28.02 23.41
C LEU E 277 41.38 29.07 22.32
N ARG E 278 41.26 30.34 22.69
CA ARG E 278 41.24 31.43 21.71
C ARG E 278 42.57 31.56 20.96
N GLU E 279 43.60 30.84 21.38
CA GLU E 279 44.91 30.91 20.76
C GLU E 279 44.84 30.57 19.27
N VAL E 280 44.61 31.57 18.43
CA VAL E 280 44.71 31.35 16.98
C VAL E 280 46.16 31.27 16.53
N ILE E 281 47.12 31.57 17.40
CA ILE E 281 48.53 31.39 17.09
C ILE E 281 48.96 29.98 17.48
N ARG E 282 50.07 29.87 18.20
CA ARG E 282 50.62 28.58 18.62
C ARG E 282 50.61 27.57 17.47
N SER E 283 51.34 27.94 16.41
CA SER E 283 51.29 27.21 15.15
C SER E 283 49.87 27.26 14.59
N GLY E 284 49.18 26.12 14.59
CA GLY E 284 47.82 26.05 14.15
C GLY E 284 47.64 25.45 12.77
N LYS E 285 48.65 25.57 11.90
CA LYS E 285 48.57 24.95 10.58
C LYS E 285 48.35 23.45 10.70
N GLY E 286 48.93 22.82 11.73
CA GLY E 286 48.65 21.43 12.00
C GLY E 286 47.31 21.24 12.69
N GLN E 287 46.87 19.98 12.74
CA GLN E 287 45.58 19.68 13.34
C GLN E 287 45.53 20.07 14.82
N LYS E 288 46.69 20.16 15.48
CA LYS E 288 46.72 20.43 16.92
C LYS E 288 45.83 21.62 17.26
N LYS E 289 45.86 22.67 16.43
CA LYS E 289 44.94 23.79 16.65
C LYS E 289 43.53 23.44 16.22
N LEU E 290 43.39 22.70 15.11
CA LEU E 290 42.07 22.23 14.70
C LEU E 290 41.44 21.36 15.78
N ARG E 291 42.23 20.48 16.40
CA ARG E 291 41.72 19.72 17.55
C ARG E 291 41.14 20.66 18.60
N ALA E 292 41.80 21.80 18.83
CA ALA E 292 41.22 22.82 19.68
C ALA E 292 40.14 23.62 18.95
N LEU E 293 40.30 23.80 17.64
CA LEU E 293 39.27 24.48 16.86
C LEU E 293 37.96 23.71 16.89
N LYS E 294 38.02 22.41 16.57
CA LYS E 294 36.81 21.59 16.61
C LYS E 294 36.19 21.59 18.00
N ARG E 295 37.03 21.52 19.05
CA ARG E 295 36.51 21.51 20.41
C ARG E 295 35.99 22.88 20.83
N LEU E 296 36.56 23.96 20.28
CA LEU E 296 36.14 25.29 20.70
C LEU E 296 34.66 25.54 20.45
N LYS E 297 34.11 24.93 19.40
CA LYS E 297 32.68 25.11 19.12
C LYS E 297 31.83 24.68 20.30
N VAL E 298 32.14 23.51 20.88
CA VAL E 298 31.35 23.03 22.01
C VAL E 298 31.59 23.88 23.25
N VAL E 299 32.79 24.42 23.41
CA VAL E 299 33.07 25.27 24.56
C VAL E 299 32.43 26.64 24.39
N ALA E 300 32.52 27.20 23.18
CA ALA E 300 31.93 28.51 22.94
C ALA E 300 30.40 28.46 23.03
N ALA E 301 29.81 27.37 22.56
CA ALA E 301 28.36 27.23 22.60
C ALA E 301 27.83 27.39 24.01
N PHE E 302 28.48 26.76 24.99
CA PHE E 302 28.06 26.91 26.38
C PHE E 302 28.28 28.33 26.87
N GLN E 303 29.32 29.01 26.38
CA GLN E 303 29.60 30.37 26.83
C GLN E 303 28.62 31.36 26.22
N GLN E 304 28.39 31.26 24.91
CA GLN E 304 27.50 32.21 24.24
C GLN E 304 26.06 32.04 24.71
N SER E 305 25.70 30.84 25.16
CA SER E 305 24.39 30.59 25.74
C SER E 305 24.46 30.61 27.26
N GLY E 306 23.34 30.28 27.91
CA GLY E 306 23.23 30.22 29.35
C GLY E 306 23.16 28.83 29.92
N ASN E 307 23.27 27.79 29.10
CA ASN E 307 23.17 26.42 29.56
C ASN E 307 24.36 26.05 30.44
N SER E 308 24.08 25.55 31.63
CA SER E 308 25.12 25.05 32.50
C SER E 308 25.55 23.67 32.02
N PRO E 309 26.85 23.45 31.75
CA PRO E 309 27.29 22.13 31.29
C PRO E 309 26.96 21.00 32.26
N MET E 310 26.51 21.31 33.49
CA MET E 310 26.09 20.26 34.41
C MET E 310 24.92 19.45 33.87
N GLY E 311 24.16 20.01 32.91
CA GLY E 311 23.04 19.30 32.33
C GLY E 311 23.41 17.97 31.70
N MET E 312 24.68 17.80 31.33
CA MET E 312 25.13 16.55 30.73
C MET E 312 25.18 15.40 31.71
N VAL E 313 25.08 15.66 33.01
CA VAL E 313 24.99 14.62 34.03
C VAL E 313 23.68 14.80 34.77
N LEU E 314 22.86 13.77 34.77
CA LEU E 314 21.52 13.84 35.34
C LEU E 314 21.54 13.39 36.80
N ASP E 315 20.95 14.20 37.68
CA ASP E 315 20.66 13.77 39.03
C ASP E 315 19.25 13.20 39.17
N ALA E 316 18.35 13.59 38.28
CA ALA E 316 17.00 13.05 38.22
C ALA E 316 16.64 12.75 36.77
N VAL E 317 15.81 11.74 36.57
CA VAL E 317 15.44 11.27 35.25
C VAL E 317 13.94 11.43 35.09
N PRO E 318 13.46 12.08 34.03
CA PRO E 318 12.01 12.23 33.84
C PRO E 318 11.38 10.92 33.37
N VAL E 319 10.14 10.72 33.78
CA VAL E 319 9.38 9.52 33.45
C VAL E 319 8.23 9.93 32.52
N ILE E 320 8.20 9.32 31.33
CA ILE E 320 7.23 9.67 30.30
C ILE E 320 5.83 9.30 30.77
N PRO E 321 4.80 10.03 30.35
CA PRO E 321 3.44 9.74 30.82
C PRO E 321 3.04 8.31 30.49
N PRO E 322 2.09 7.74 31.23
CA PRO E 322 1.75 6.32 31.00
C PRO E 322 1.09 6.07 29.66
N GLU E 323 0.18 6.94 29.23
CA GLU E 323 -0.54 6.70 27.97
C GLU E 323 0.42 6.55 26.80
N LEU E 324 1.55 7.25 26.81
CA LEU E 324 2.56 7.06 25.80
C LEU E 324 3.33 5.76 25.95
N ARG E 325 3.30 5.15 27.15
CA ARG E 325 3.91 3.83 27.37
C ARG E 325 2.85 2.87 27.91
N PRO E 326 1.70 2.79 27.24
CA PRO E 326 0.53 2.16 27.86
C PRO E 326 0.70 0.67 28.11
N MET E 327 -0.10 0.17 29.04
CA MET E 327 -0.24 -1.26 29.29
C MET E 327 -1.73 -1.59 29.27
N VAL E 328 -2.19 -2.17 28.17
CA VAL E 328 -3.60 -2.47 27.97
C VAL E 328 -3.75 -3.97 27.76
N GLN E 329 -4.93 -4.48 28.11
CA GLN E 329 -5.22 -5.91 27.93
C GLN E 329 -5.71 -6.15 26.51
N LEU E 330 -5.01 -7.03 25.81
CA LEU E 330 -5.30 -7.28 24.40
C LEU E 330 -6.62 -8.01 24.23
N ASP E 331 -7.18 -7.91 23.03
CA ASP E 331 -8.33 -8.71 22.66
C ASP E 331 -7.95 -10.19 22.67
N GLY E 332 -8.66 -10.97 23.48
CA GLY E 332 -8.30 -12.35 23.71
C GLY E 332 -7.74 -12.62 25.10
N GLY E 333 -7.81 -11.66 26.01
CA GLY E 333 -7.40 -11.86 27.38
C GLY E 333 -5.95 -11.58 27.68
N ARG E 334 -5.11 -11.44 26.67
CA ARG E 334 -3.68 -11.25 26.87
C ARG E 334 -3.35 -9.78 27.10
N PHE E 335 -2.19 -9.54 27.71
CA PHE E 335 -1.74 -8.20 28.06
C PHE E 335 -0.62 -7.75 27.14
N ALA E 336 -0.58 -6.44 26.90
CA ALA E 336 0.46 -5.82 26.09
C ALA E 336 0.92 -4.54 26.76
N THR E 337 2.21 -4.23 26.64
CA THR E 337 2.76 -3.03 27.26
C THR E 337 4.04 -2.64 26.53
N SER E 338 4.33 -1.35 26.55
CA SER E 338 5.51 -0.83 25.88
C SER E 338 6.79 -1.35 26.54
N ASP E 339 7.90 -1.22 25.81
CA ASP E 339 9.20 -1.58 26.36
C ASP E 339 9.74 -0.57 27.35
N LEU E 340 9.30 0.70 27.24
CA LEU E 340 9.76 1.71 28.18
C LEU E 340 9.53 1.29 29.62
N ASN E 341 8.43 0.59 29.89
CA ASN E 341 8.14 0.15 31.24
C ASN E 341 9.20 -0.81 31.75
N ASP E 342 9.67 -1.73 30.90
CA ASP E 342 10.74 -2.63 31.31
C ASP E 342 12.08 -1.91 31.38
N LEU E 343 12.27 -0.85 30.60
CA LEU E 343 13.49 -0.07 30.71
C LEU E 343 13.50 0.80 31.96
N TYR E 344 12.37 1.47 32.24
CA TYR E 344 12.26 2.19 33.50
C TYR E 344 12.41 1.26 34.70
N ARG E 345 11.84 0.06 34.60
CA ARG E 345 11.94 -0.90 35.69
C ARG E 345 13.40 -1.24 36.00
N ARG E 346 14.20 -1.50 34.97
CA ARG E 346 15.62 -1.77 35.19
C ARG E 346 16.30 -0.59 35.85
N VAL E 347 15.91 0.63 35.51
CA VAL E 347 16.53 1.81 36.10
C VAL E 347 16.11 1.95 37.56
N ILE E 348 14.80 1.91 37.83
CA ILE E 348 14.33 2.13 39.19
C ILE E 348 14.73 0.98 40.11
N ASN E 349 14.86 -0.23 39.57
CA ASN E 349 15.32 -1.35 40.38
C ASN E 349 16.77 -1.14 40.81
N ARG E 350 17.67 -0.94 39.83
CA ARG E 350 19.07 -0.76 40.15
C ARG E 350 19.28 0.48 41.02
N ASN E 351 18.52 1.54 40.80
CA ASN E 351 18.64 2.73 41.63
C ASN E 351 18.28 2.42 43.08
N ASN E 352 17.16 1.71 43.29
CA ASN E 352 16.75 1.37 44.65
C ASN E 352 17.78 0.47 45.32
N ARG E 353 18.25 -0.56 44.62
CA ARG E 353 19.27 -1.43 45.18
C ARG E 353 20.50 -0.64 45.59
N LEU E 354 20.80 0.45 44.89
CA LEU E 354 21.96 1.27 45.24
C LEU E 354 21.76 1.93 46.60
N LYS E 355 20.59 2.54 46.80
CA LYS E 355 20.27 3.09 48.13
C LYS E 355 20.45 2.03 49.19
N ARG E 356 19.98 0.82 48.93
CA ARG E 356 20.14 -0.28 49.87
C ARG E 356 21.60 -0.52 50.18
N LEU E 357 22.43 -0.66 49.13
CA LEU E 357 23.85 -0.92 49.34
C LEU E 357 24.53 0.25 50.05
N ILE E 358 24.20 1.48 49.65
CA ILE E 358 24.78 2.65 50.31
C ILE E 358 24.48 2.62 51.80
N ASP E 359 23.23 2.32 52.15
CA ASP E 359 22.85 2.31 53.57
C ASP E 359 23.45 1.12 54.29
N LEU E 360 23.72 0.03 53.59
CA LEU E 360 24.33 -1.15 54.19
C LEU E 360 25.84 -1.01 54.37
N GLY E 361 26.41 0.14 54.03
CA GLY E 361 27.86 0.29 54.11
C GLY E 361 28.61 -0.82 53.40
N ALA E 362 28.14 -1.21 52.22
CA ALA E 362 28.78 -2.29 51.48
C ALA E 362 30.10 -1.83 50.90
N PRO E 363 30.97 -2.78 50.53
CA PRO E 363 32.26 -2.42 49.92
C PRO E 363 32.05 -1.61 48.65
N GLU E 364 33.13 -0.95 48.23
CA GLU E 364 33.05 -0.09 47.05
C GLU E 364 32.94 -0.89 45.76
N ILE E 365 33.48 -2.11 45.75
CA ILE E 365 33.36 -2.95 44.56
C ILE E 365 31.88 -3.20 44.24
N ILE E 366 31.09 -3.52 45.26
CA ILE E 366 29.67 -3.77 45.07
C ILE E 366 28.95 -2.47 44.72
N VAL E 367 29.24 -1.40 45.46
CA VAL E 367 28.58 -0.12 45.21
C VAL E 367 28.94 0.40 43.83
N ASN E 368 30.24 0.47 43.53
CA ASN E 368 30.66 0.92 42.19
C ASN E 368 30.05 0.02 41.12
N ASN E 369 29.99 -1.28 41.36
CA ASN E 369 29.35 -2.17 40.41
C ASN E 369 27.89 -1.80 40.20
N GLU E 370 27.25 -1.23 41.22
CA GLU E 370 25.85 -0.83 41.09
C GLU E 370 25.72 0.47 40.30
N LYS E 371 26.57 1.46 40.60
CA LYS E 371 26.54 2.70 39.82
C LYS E 371 26.77 2.41 38.34
N ARG E 372 27.74 1.56 38.04
CA ARG E 372 27.97 1.16 36.65
C ARG E 372 26.73 0.52 36.05
N MET E 373 26.05 -0.35 36.81
CA MET E 373 24.81 -0.94 36.33
C MET E 373 23.71 0.10 36.17
N LEU E 374 23.60 1.01 37.14
CA LEU E 374 22.64 2.10 37.00
C LEU E 374 22.95 2.95 35.78
N GLN E 375 24.22 3.32 35.60
CA GLN E 375 24.62 4.11 34.43
C GLN E 375 24.16 3.44 33.14
N GLU E 376 24.33 2.12 33.03
CA GLU E 376 23.98 1.44 31.79
C GLU E 376 22.46 1.34 31.62
N SER E 377 21.71 1.33 32.72
CA SER E 377 20.26 1.25 32.61
C SER E 377 19.68 2.54 32.04
N VAL E 378 20.20 3.68 32.45
CA VAL E 378 19.74 4.95 31.88
C VAL E 378 20.17 5.06 30.42
N ASP E 379 21.38 4.60 30.10
CA ASP E 379 21.82 4.58 28.71
C ASP E 379 20.87 3.76 27.86
N ALA E 380 20.48 2.58 28.33
CA ALA E 380 19.53 1.76 27.60
C ALA E 380 18.17 2.44 27.51
N LEU E 381 17.74 3.10 28.58
CA LEU E 381 16.46 3.79 28.55
C LEU E 381 16.43 4.87 27.49
N PHE E 382 17.53 5.59 27.32
CA PHE E 382 17.57 6.70 26.36
C PHE E 382 17.83 6.19 24.95
N ASP E 383 19.02 5.63 24.71
CA ASP E 383 19.41 5.11 23.41
C ASP E 383 19.95 3.69 23.61
N ASN E 384 19.04 2.73 23.72
CA ASN E 384 19.45 1.34 23.91
C ASN E 384 20.22 0.86 22.69
N GLY E 385 21.32 0.15 22.95
CA GLY E 385 22.16 -0.37 21.90
C GLY E 385 23.25 0.56 21.42
N ARG E 386 23.15 1.86 21.71
CA ARG E 386 24.18 2.80 21.26
C ARG E 386 25.55 2.43 21.82
N ARG E 387 25.58 1.80 22.99
CA ARG E 387 26.81 1.28 23.57
C ARG E 387 26.58 -0.15 24.03
N GLY E 388 27.49 -1.05 23.67
CA GLY E 388 27.37 -2.45 24.04
C GLY E 388 26.15 -3.10 23.45
N ARG E 389 25.92 -4.36 23.81
CA ARG E 389 24.77 -5.08 23.28
C ARG E 389 23.48 -4.49 23.84
N PRO E 390 22.46 -4.31 23.00
CA PRO E 390 21.22 -3.71 23.49
C PRO E 390 20.46 -4.65 24.41
N VAL E 391 19.71 -4.06 25.34
CA VAL E 391 18.85 -4.85 26.22
C VAL E 391 17.79 -5.53 25.37
N THR E 392 17.71 -6.85 25.48
CA THR E 392 16.79 -7.65 24.68
C THR E 392 15.81 -8.38 25.58
N GLY E 393 14.55 -8.43 25.16
CA GLY E 393 13.54 -9.17 25.89
C GLY E 393 13.41 -10.58 25.35
N PRO E 394 12.37 -11.29 25.77
CA PRO E 394 12.14 -12.65 25.23
C PRO E 394 12.18 -12.63 23.71
N GLY E 395 12.73 -13.70 23.13
CA GLY E 395 12.97 -13.75 21.71
C GLY E 395 14.22 -13.04 21.26
N ASN E 396 14.98 -12.42 22.18
CA ASN E 396 16.23 -11.75 21.85
C ASN E 396 15.99 -10.54 20.95
N ARG E 397 14.90 -9.81 21.20
CA ARG E 397 14.75 -8.62 20.38
C ARG E 397 15.14 -7.37 21.17
N PRO E 398 15.85 -6.44 20.54
CA PRO E 398 16.28 -5.23 21.25
C PRO E 398 15.08 -4.36 21.62
N LEU E 399 15.00 -3.99 22.90
CA LEU E 399 13.91 -3.15 23.38
C LEU E 399 13.97 -1.78 22.70
N LYS E 400 12.79 -1.19 22.52
CA LYS E 400 12.67 0.11 21.87
C LYS E 400 12.85 1.20 22.93
N SER E 401 13.95 1.93 22.85
CA SER E 401 14.24 2.99 23.81
C SER E 401 13.53 4.28 23.37
N LEU E 402 13.83 5.38 24.05
CA LEU E 402 13.23 6.66 23.68
C LEU E 402 13.78 7.17 22.36
N SER E 403 15.05 6.89 22.08
CA SER E 403 15.63 7.30 20.80
C SER E 403 14.90 6.64 19.63
N ASP E 404 14.83 5.30 19.64
CA ASP E 404 14.12 4.61 18.57
C ASP E 404 12.69 5.08 18.46
N LEU E 405 12.02 5.25 19.60
CA LEU E 405 10.64 5.74 19.59
C LEU E 405 10.54 7.09 18.90
N LEU E 406 11.58 7.92 19.02
CA LEU E 406 11.52 9.26 18.45
C LEU E 406 11.65 9.21 16.92
N LYS E 407 12.64 8.48 16.42
CA LYS E 407 13.00 8.48 15.01
C LYS E 407 12.49 7.19 14.34
N GLY E 408 13.03 6.88 13.17
CA GLY E 408 12.66 5.71 12.42
C GLY E 408 11.89 6.06 11.16
N LYS E 409 12.07 5.24 10.12
CA LYS E 409 11.31 5.44 8.89
C LYS E 409 9.81 5.42 9.16
N GLN E 410 9.32 4.34 9.76
CA GLN E 410 7.96 4.26 10.26
C GLN E 410 7.82 4.83 11.67
N GLY E 411 8.90 5.39 12.22
CA GLY E 411 8.85 5.96 13.56
C GLY E 411 8.25 7.36 13.58
N ARG E 412 8.03 7.86 14.80
CA ARG E 412 7.33 9.11 15.00
C ARG E 412 8.13 10.34 14.55
N PHE E 413 9.35 10.17 14.04
CA PHE E 413 10.15 11.31 13.62
C PHE E 413 9.96 11.64 12.14
N ARG E 414 10.34 10.71 11.26
CA ARG E 414 10.32 10.97 9.83
C ARG E 414 8.91 11.06 9.27
N GLN E 415 8.19 9.93 9.23
CA GLN E 415 6.91 9.88 8.55
C GLN E 415 5.71 9.59 9.43
N ASN E 416 5.89 8.92 10.58
CA ASN E 416 4.77 8.72 11.50
C ASN E 416 4.21 10.05 11.98
N LEU E 417 5.07 11.06 12.13
CA LEU E 417 4.61 12.40 12.46
C LEU E 417 4.19 13.17 11.21
N LEU E 418 4.98 13.08 10.14
CA LEU E 418 4.65 13.78 8.91
C LEU E 418 3.47 13.11 8.21
N GLY E 419 3.55 11.81 7.98
CA GLY E 419 2.50 11.07 7.30
C GLY E 419 1.58 10.34 8.26
N LYS E 420 0.32 10.77 8.33
CA LYS E 420 -0.67 10.19 9.22
C LYS E 420 -1.92 9.85 8.43
N ARG E 421 -2.76 9.01 9.02
CA ARG E 421 -4.02 8.62 8.39
C ARG E 421 -5.10 9.67 8.66
N VAL E 422 -6.08 9.73 7.75
CA VAL E 422 -7.07 10.79 7.77
C VAL E 422 -8.47 10.21 7.62
N ASP E 423 -9.44 10.87 8.26
CA ASP E 423 -10.85 10.54 8.09
C ASP E 423 -11.34 10.98 6.71
N TYR E 424 -12.63 10.80 6.47
CA TYR E 424 -13.27 11.22 5.23
C TYR E 424 -12.44 10.83 4.01
N SER E 425 -12.12 9.54 3.93
CA SER E 425 -11.25 9.02 2.88
C SER E 425 -11.71 7.62 2.49
N GLY E 426 -11.12 7.12 1.42
CA GLY E 426 -11.47 5.80 0.93
C GLY E 426 -10.71 5.52 -0.35
N ARG E 427 -10.76 4.26 -0.76
CA ARG E 427 -10.07 3.83 -1.97
C ARG E 427 -10.82 2.65 -2.58
N SER E 428 -10.42 2.29 -3.79
CA SER E 428 -10.99 1.15 -4.50
C SER E 428 -10.24 1.03 -5.83
N VAL E 429 -10.45 -0.08 -6.51
CA VAL E 429 -9.81 -0.28 -7.81
C VAL E 429 -10.44 0.66 -8.83
N ILE E 430 -9.64 1.07 -9.81
CA ILE E 430 -10.07 2.04 -10.81
C ILE E 430 -10.41 1.32 -12.10
N VAL E 431 -11.37 1.87 -12.83
CA VAL E 431 -11.75 1.38 -14.15
C VAL E 431 -11.90 2.58 -15.08
N VAL E 432 -11.67 2.35 -16.38
CA VAL E 432 -11.73 3.44 -17.34
C VAL E 432 -13.13 4.04 -17.36
N GLY E 433 -13.18 5.35 -17.58
CA GLY E 433 -14.43 6.07 -17.72
C GLY E 433 -14.45 6.90 -18.97
N PRO E 434 -14.46 6.22 -20.13
CA PRO E 434 -14.33 6.94 -21.41
C PRO E 434 -15.41 7.99 -21.63
N GLN E 435 -16.58 7.86 -21.01
CA GLN E 435 -17.67 8.81 -21.19
C GLN E 435 -17.61 9.98 -20.23
N LEU E 436 -16.65 10.01 -19.32
CA LEU E 436 -16.56 11.08 -18.34
C LEU E 436 -16.01 12.36 -18.96
N LYS E 437 -16.44 13.49 -18.40
CA LYS E 437 -15.80 14.75 -18.72
C LYS E 437 -14.49 14.86 -17.95
N LEU E 438 -13.55 15.66 -18.48
CA LEU E 438 -12.23 15.73 -17.88
C LEU E 438 -12.29 16.15 -16.42
N HIS E 439 -13.30 16.92 -16.04
CA HIS E 439 -13.43 17.40 -14.67
C HIS E 439 -14.28 16.49 -13.80
N GLN E 440 -14.59 15.28 -14.27
CA GLN E 440 -15.50 14.39 -13.58
C GLN E 440 -14.78 13.11 -13.16
N CYS E 441 -15.41 12.38 -12.25
CA CYS E 441 -14.88 11.09 -11.79
C CYS E 441 -16.03 10.20 -11.34
N GLY E 442 -15.91 8.92 -11.65
CA GLY E 442 -16.90 7.95 -11.22
C GLY E 442 -16.67 7.49 -9.79
N LEU E 443 -17.66 7.68 -8.93
CA LEU E 443 -17.55 7.34 -7.52
C LEU E 443 -18.61 6.30 -7.16
N PRO E 444 -18.22 5.14 -6.63
CA PRO E 444 -19.23 4.16 -6.22
C PRO E 444 -20.21 4.76 -5.22
N LYS E 445 -21.50 4.50 -5.43
CA LYS E 445 -22.53 5.08 -4.58
C LYS E 445 -22.25 4.79 -3.11
N LEU E 446 -21.93 3.53 -2.79
CA LEU E 446 -21.64 3.19 -1.40
C LEU E 446 -20.47 4.00 -0.86
N MET E 447 -19.43 4.18 -1.66
CA MET E 447 -18.28 4.95 -1.20
C MET E 447 -18.64 6.41 -0.99
N ALA E 448 -19.38 7.00 -1.94
CA ALA E 448 -19.79 8.39 -1.79
C ALA E 448 -20.77 8.56 -0.64
N LEU E 449 -21.53 7.51 -0.32
CA LEU E 449 -22.47 7.59 0.79
C LEU E 449 -21.73 7.70 2.12
N GLU E 450 -20.91 6.69 2.44
CA GLU E 450 -20.16 6.72 3.69
C GLU E 450 -19.25 7.92 3.77
N LEU E 451 -18.76 8.40 2.62
CA LEU E 451 -17.86 9.54 2.61
C LEU E 451 -18.58 10.82 3.03
N PHE E 452 -19.79 11.04 2.50
CA PHE E 452 -20.59 12.22 2.82
C PHE E 452 -21.59 11.97 3.93
N LYS E 453 -21.49 10.83 4.62
CA LYS E 453 -22.47 10.46 5.65
C LYS E 453 -22.93 11.63 6.52
N PRO E 454 -22.03 12.43 7.11
CA PRO E 454 -22.51 13.58 7.90
C PRO E 454 -23.36 14.55 7.08
N PHE E 455 -22.97 14.80 5.82
CA PHE E 455 -23.71 15.75 4.99
C PHE E 455 -25.13 15.26 4.72
N VAL E 456 -25.25 14.06 4.13
CA VAL E 456 -26.56 13.52 3.82
C VAL E 456 -27.42 13.41 5.07
N MET E 457 -26.80 13.14 6.23
CA MET E 457 -27.55 13.06 7.47
C MET E 457 -28.27 14.39 7.75
N LYS E 458 -27.56 15.50 7.58
CA LYS E 458 -28.17 16.81 7.82
C LYS E 458 -29.25 17.11 6.80
N ARG E 459 -28.99 16.81 5.52
CA ARG E 459 -29.96 17.13 4.48
C ARG E 459 -31.26 16.37 4.68
N LEU E 460 -31.17 15.06 4.90
CA LEU E 460 -32.39 14.29 5.11
C LEU E 460 -33.03 14.54 6.47
N VAL E 461 -32.41 15.38 7.30
CA VAL E 461 -33.07 15.89 8.51
C VAL E 461 -33.69 17.25 8.27
N ASP E 462 -33.02 18.11 7.51
CA ASP E 462 -33.65 19.35 7.05
C ASP E 462 -34.95 19.04 6.33
N LEU E 463 -34.89 18.13 5.35
CA LEU E 463 -36.10 17.56 4.80
C LEU E 463 -36.73 16.62 5.83
N ASN E 464 -38.04 16.73 6.01
CA ASN E 464 -38.71 16.00 7.08
C ASN E 464 -38.74 14.49 6.83
N HIS E 465 -37.65 13.94 6.29
CA HIS E 465 -37.55 12.50 6.12
C HIS E 465 -37.25 11.81 7.46
N ALA E 466 -36.19 12.24 8.12
CA ALA E 466 -35.87 11.79 9.48
C ALA E 466 -36.07 12.95 10.44
N GLN E 467 -36.55 12.64 11.65
CA GLN E 467 -36.94 13.68 12.58
C GLN E 467 -35.79 14.18 13.45
N ASN E 468 -34.78 13.35 13.69
CA ASN E 468 -33.62 13.76 14.48
C ASN E 468 -32.37 13.14 13.89
N ILE E 469 -31.22 13.58 14.41
CA ILE E 469 -29.93 13.11 13.90
C ILE E 469 -29.84 11.59 13.98
N LYS E 470 -30.12 11.04 15.17
CA LYS E 470 -30.06 9.59 15.35
C LYS E 470 -30.92 8.88 14.31
N SER E 471 -32.12 9.40 14.03
CA SER E 471 -32.96 8.80 13.01
C SER E 471 -32.32 8.89 11.64
N ALA E 472 -31.52 9.93 11.39
CA ALA E 472 -30.86 10.07 10.10
C ALA E 472 -29.67 9.12 9.98
N LYS E 473 -29.02 8.77 11.10
CA LYS E 473 -27.86 7.89 11.03
C LYS E 473 -28.25 6.50 10.57
N ARG E 474 -29.22 5.88 11.25
CA ARG E 474 -29.69 4.56 10.82
C ARG E 474 -30.24 4.60 9.41
N MET E 475 -30.87 5.72 9.02
CA MET E 475 -31.41 5.83 7.66
C MET E 475 -30.31 5.72 6.62
N VAL E 476 -29.10 6.16 6.95
CA VAL E 476 -27.98 6.04 6.03
C VAL E 476 -27.30 4.68 6.18
N GLU E 477 -27.15 4.20 7.42
CA GLU E 477 -26.46 2.95 7.64
C GLU E 477 -27.18 1.78 6.97
N ARG E 478 -28.50 1.70 7.14
CA ARG E 478 -29.28 0.66 6.50
C ARG E 478 -29.51 0.92 5.01
N GLN E 479 -29.08 2.08 4.51
CA GLN E 479 -29.12 2.38 3.07
C GLN E 479 -30.56 2.35 2.56
N ARG E 480 -31.46 3.02 3.28
CA ARG E 480 -32.83 3.11 2.83
C ARG E 480 -32.90 3.86 1.50
N PRO E 481 -33.70 3.39 0.54
CA PRO E 481 -33.65 3.97 -0.82
C PRO E 481 -33.98 5.46 -0.88
N GLN E 482 -34.39 6.09 0.21
CA GLN E 482 -34.77 7.49 0.17
C GLN E 482 -33.57 8.43 0.20
N VAL E 483 -32.39 7.93 0.58
CA VAL E 483 -31.23 8.79 0.73
C VAL E 483 -30.59 9.12 -0.62
N TRP E 484 -30.66 8.21 -1.58
CA TRP E 484 -29.94 8.38 -2.84
C TRP E 484 -30.23 9.72 -3.48
N ASP E 485 -31.52 10.07 -3.62
CA ASP E 485 -31.88 11.37 -4.18
C ASP E 485 -31.24 12.50 -3.39
N VAL E 486 -31.15 12.35 -2.07
CA VAL E 486 -30.50 13.35 -1.24
C VAL E 486 -28.99 13.37 -1.51
N LEU E 487 -28.43 12.22 -1.89
CA LEU E 487 -26.98 12.12 -2.05
C LEU E 487 -26.50 12.91 -3.25
N GLU E 488 -27.22 12.84 -4.36
CA GLU E 488 -26.77 13.56 -5.56
C GLU E 488 -26.76 15.07 -5.33
N GLU E 489 -27.58 15.56 -4.39
CA GLU E 489 -27.57 16.98 -4.09
C GLU E 489 -26.35 17.37 -3.28
N VAL E 490 -26.11 16.67 -2.17
CA VAL E 490 -24.94 16.96 -1.34
C VAL E 490 -23.66 16.81 -2.15
N ILE E 491 -23.65 15.88 -3.12
CA ILE E 491 -22.45 15.65 -3.92
C ILE E 491 -22.27 16.73 -4.97
N ALA E 492 -23.36 17.32 -5.46
CA ALA E 492 -23.28 18.27 -6.57
C ALA E 492 -22.32 19.41 -6.24
N GLU E 493 -21.47 19.75 -7.21
CA GLU E 493 -20.52 20.85 -7.08
C GLU E 493 -19.71 20.75 -5.79
N HIS E 494 -19.50 19.53 -5.32
CA HIS E 494 -18.64 19.27 -4.15
C HIS E 494 -17.44 18.46 -4.60
N PRO E 495 -16.28 19.08 -4.76
CA PRO E 495 -15.15 18.37 -5.37
C PRO E 495 -14.52 17.37 -4.41
N VAL E 496 -13.90 16.33 -5.00
CA VAL E 496 -13.16 15.33 -4.25
C VAL E 496 -11.79 15.18 -4.88
N LEU E 497 -10.84 14.71 -4.08
CA LEU E 497 -9.45 14.57 -4.49
C LEU E 497 -9.14 13.11 -4.77
N LEU E 498 -8.50 12.86 -5.90
CA LEU E 498 -8.06 11.52 -6.27
C LEU E 498 -6.54 11.45 -6.25
N ASN E 499 -6.01 10.34 -5.72
CA ASN E 499 -4.58 10.15 -5.60
C ASN E 499 -4.26 8.68 -5.80
N ARG E 500 -3.13 8.41 -6.45
CA ARG E 500 -2.64 7.06 -6.66
C ARG E 500 -1.19 6.98 -6.22
N ALA E 501 -0.88 6.03 -5.35
CA ALA E 501 0.49 5.81 -4.92
C ALA E 501 1.26 5.01 -5.97
N PRO E 502 2.55 5.33 -6.15
CA PRO E 502 3.25 6.39 -5.42
C PRO E 502 3.01 7.78 -6.02
N THR E 503 3.10 8.81 -5.18
CA THR E 503 2.91 10.20 -5.62
C THR E 503 4.28 10.76 -5.99
N LEU E 504 4.49 10.98 -7.29
CA LEU E 504 5.76 11.47 -7.81
C LEU E 504 5.75 12.99 -8.00
N HIS E 505 4.81 13.51 -8.79
CA HIS E 505 4.63 14.93 -8.99
C HIS E 505 3.29 15.37 -8.42
N ARG E 506 3.07 16.69 -8.44
CA ARG E 506 1.83 17.22 -7.86
C ARG E 506 0.61 16.77 -8.63
N LEU E 507 0.74 16.59 -9.96
CA LEU E 507 -0.38 16.08 -10.74
C LEU E 507 -0.83 14.69 -10.30
N GLY E 508 -0.04 14.01 -9.48
CA GLY E 508 -0.49 12.74 -8.89
C GLY E 508 -1.69 12.89 -7.98
N ILE E 509 -2.13 14.11 -7.71
CA ILE E 509 -3.35 14.37 -6.95
C ILE E 509 -4.13 15.45 -7.68
N GLN E 510 -5.38 15.17 -8.04
CA GLN E 510 -6.20 16.11 -8.76
C GLN E 510 -7.63 16.05 -8.23
N ALA E 511 -8.38 17.13 -8.46
CA ALA E 511 -9.77 17.23 -8.03
C ALA E 511 -10.70 16.86 -9.17
N PHE E 512 -11.88 16.36 -8.81
CA PHE E 512 -12.85 15.92 -9.79
C PHE E 512 -14.26 16.15 -9.25
N GLU E 513 -15.22 16.22 -10.18
CA GLU E 513 -16.63 16.27 -9.81
C GLU E 513 -17.14 14.86 -9.57
N PRO E 514 -17.64 14.54 -8.38
CA PRO E 514 -18.08 13.16 -8.10
C PRO E 514 -19.42 12.87 -8.76
N GLN E 515 -19.46 11.79 -9.54
CA GLN E 515 -20.70 11.29 -10.13
C GLN E 515 -21.01 9.93 -9.53
N LEU E 516 -22.18 9.79 -8.92
CA LEU E 516 -22.59 8.50 -8.41
C LEU E 516 -22.68 7.50 -9.54
N VAL E 517 -21.93 6.40 -9.41
CA VAL E 517 -21.84 5.37 -10.43
C VAL E 517 -22.19 4.03 -9.82
N GLU E 518 -22.91 3.21 -10.56
CA GLU E 518 -23.22 1.86 -10.10
C GLU E 518 -21.95 1.01 -10.09
N GLY E 519 -21.87 0.11 -9.12
CA GLY E 519 -20.70 -0.73 -8.94
C GLY E 519 -19.84 -0.26 -7.79
N LYS E 520 -18.79 -1.03 -7.53
CA LYS E 520 -17.89 -0.78 -6.42
C LYS E 520 -16.53 -0.25 -6.87
N ALA E 521 -16.37 0.05 -8.15
CA ALA E 521 -15.11 0.54 -8.69
C ALA E 521 -15.15 2.05 -8.90
N ILE E 522 -13.98 2.63 -9.12
CA ILE E 522 -13.83 4.05 -9.37
C ILE E 522 -13.58 4.25 -10.85
N GLN E 523 -14.40 5.10 -11.49
CA GLN E 523 -14.27 5.38 -12.91
C GLN E 523 -13.36 6.58 -13.08
N LEU E 524 -12.19 6.36 -13.65
CA LEU E 524 -11.19 7.40 -13.87
C LEU E 524 -11.19 7.85 -15.32
N HIS E 525 -11.05 9.15 -15.53
CA HIS E 525 -11.03 9.68 -16.88
C HIS E 525 -9.80 9.16 -17.63
N PRO E 526 -9.94 8.75 -18.89
CA PRO E 526 -8.82 8.11 -19.59
C PRO E 526 -7.67 9.05 -19.91
N LEU E 527 -7.84 10.36 -19.78
CA LEU E 527 -6.77 11.29 -20.10
C LEU E 527 -5.81 11.53 -18.93
N VAL E 528 -6.30 11.43 -17.68
CA VAL E 528 -5.45 11.64 -16.52
C VAL E 528 -4.56 10.45 -16.21
N CYS E 529 -4.74 9.33 -16.91
CA CYS E 529 -3.92 8.15 -16.63
C CYS E 529 -2.44 8.47 -16.76
N GLU E 530 -2.06 9.22 -17.79
CA GLU E 530 -0.66 9.60 -17.97
C GLU E 530 -0.10 10.24 -16.70
N ALA E 531 -0.85 11.17 -16.12
CA ALA E 531 -0.39 11.86 -14.92
C ALA E 531 -0.23 10.90 -13.76
N PHE E 532 -1.32 10.22 -13.39
CA PHE E 532 -1.27 9.26 -12.30
C PHE E 532 -0.41 8.04 -12.62
N ASN E 533 -0.02 7.85 -13.88
CA ASN E 533 0.68 6.64 -14.29
C ASN E 533 -0.12 5.41 -13.87
N ALA E 534 -1.44 5.46 -14.06
CA ALA E 534 -2.35 4.46 -13.54
C ALA E 534 -2.66 3.43 -14.62
N ASP E 535 -2.14 2.22 -14.44
CA ASP E 535 -2.61 1.09 -15.22
C ASP E 535 -4.01 0.70 -14.77
N PHE E 536 -4.70 -0.06 -15.62
CA PHE E 536 -6.01 -0.60 -15.29
C PHE E 536 -5.94 -2.10 -15.02
N ASP E 537 -4.78 -2.58 -14.58
CA ASP E 537 -4.59 -3.98 -14.19
C ASP E 537 -4.72 -4.16 -12.68
N GLY E 538 -5.81 -3.67 -12.11
CA GLY E 538 -6.04 -3.79 -10.69
C GLY E 538 -5.55 -2.63 -9.85
N ASP E 539 -5.10 -1.54 -10.48
CA ASP E 539 -4.61 -0.40 -9.73
C ASP E 539 -5.72 0.17 -8.86
N GLN E 540 -5.33 0.67 -7.70
CA GLN E 540 -6.26 1.31 -6.76
C GLN E 540 -5.91 2.79 -6.63
N MET E 541 -6.92 3.59 -6.30
CA MET E 541 -6.74 5.01 -6.05
C MET E 541 -7.48 5.39 -4.79
N ALA E 542 -6.98 6.45 -4.14
CA ALA E 542 -7.57 6.93 -2.90
C ALA E 542 -8.45 8.15 -3.17
N VAL E 543 -9.43 8.35 -2.29
CA VAL E 543 -10.36 9.48 -2.39
C VAL E 543 -10.31 10.24 -1.08
N HIS E 544 -10.19 11.57 -1.17
CA HIS E 544 -10.20 12.44 -0.01
C HIS E 544 -11.25 13.51 -0.21
N LEU E 545 -12.01 13.81 0.85
CA LEU E 545 -13.14 14.72 0.77
C LEU E 545 -12.76 16.07 1.37
N PRO E 546 -12.45 17.08 0.58
CA PRO E 546 -12.19 18.41 1.16
C PRO E 546 -13.43 18.93 1.86
N LEU E 547 -13.22 19.51 3.05
CA LEU E 547 -14.32 19.92 3.92
C LEU E 547 -14.46 21.44 3.96
N SER E 548 -13.53 22.14 4.60
CA SER E 548 -13.65 23.57 4.80
C SER E 548 -13.81 24.30 3.45
N ALA E 549 -14.33 25.53 3.54
CA ALA E 549 -14.49 26.34 2.34
C ALA E 549 -13.16 26.59 1.65
N GLU E 550 -12.10 26.84 2.43
CA GLU E 550 -10.79 27.02 1.83
C GLU E 550 -10.34 25.77 1.07
N ALA E 551 -10.53 24.60 1.68
CA ALA E 551 -10.14 23.36 1.02
C ALA E 551 -10.84 23.18 -0.32
N GLN E 552 -12.17 23.33 -0.32
CA GLN E 552 -12.91 23.22 -1.56
C GLN E 552 -12.43 24.24 -2.58
N ALA E 553 -12.18 25.47 -2.15
CA ALA E 553 -11.65 26.49 -3.05
C ALA E 553 -10.32 26.04 -3.65
N GLU E 554 -9.45 25.45 -2.82
CA GLU E 554 -8.16 24.99 -3.33
C GLU E 554 -8.33 23.87 -4.35
N ALA E 555 -9.33 23.01 -4.14
CA ALA E 555 -9.56 21.93 -5.08
C ALA E 555 -10.15 22.44 -6.39
N ARG E 556 -11.18 23.29 -6.30
CA ARG E 556 -11.82 23.78 -7.52
C ARG E 556 -10.88 24.63 -8.35
N ILE E 557 -9.99 25.40 -7.70
CA ILE E 557 -9.15 26.36 -8.41
C ILE E 557 -7.77 25.76 -8.68
N LEU E 558 -7.09 25.32 -7.63
CA LEU E 558 -5.69 24.93 -7.76
C LEU E 558 -5.55 23.52 -8.33
N MET E 559 -6.28 22.55 -7.78
CA MET E 559 -6.06 21.15 -8.09
C MET E 559 -7.10 20.57 -9.03
N LEU E 560 -7.92 21.42 -9.67
CA LEU E 560 -8.92 20.91 -10.59
C LEU E 560 -8.25 20.17 -11.74
N SER E 561 -8.89 19.08 -12.17
CA SER E 561 -8.30 18.26 -13.23
C SER E 561 -8.13 19.05 -14.52
N SER E 562 -9.20 19.73 -14.97
CA SER E 562 -9.16 20.43 -16.24
C SER E 562 -8.20 21.62 -16.24
N ASN E 563 -7.86 22.16 -15.08
CA ASN E 563 -6.92 23.27 -15.02
C ASN E 563 -5.47 22.83 -15.09
N ASN E 564 -5.19 21.54 -14.88
CA ASN E 564 -3.84 21.01 -14.90
C ASN E 564 -3.70 20.11 -16.11
N ILE E 565 -3.29 20.68 -17.24
CA ILE E 565 -3.07 19.94 -18.47
C ILE E 565 -1.59 19.82 -18.81
N LEU E 566 -0.83 20.90 -18.62
CA LEU E 566 0.58 20.90 -18.99
C LEU E 566 1.43 20.31 -17.86
N SER E 567 2.46 19.57 -18.23
CA SER E 567 3.38 19.02 -17.26
C SER E 567 4.14 20.15 -16.56
N PRO E 568 4.08 20.24 -15.23
CA PRO E 568 4.83 21.30 -14.54
C PRO E 568 6.33 21.04 -14.52
N ALA E 569 6.81 20.24 -15.46
CA ALA E 569 8.24 19.97 -15.59
C ALA E 569 8.78 20.36 -16.95
N SER E 570 8.07 20.03 -18.02
CA SER E 570 8.48 20.37 -19.36
C SER E 570 7.56 21.34 -20.07
N GLY E 571 6.41 21.67 -19.47
CA GLY E 571 5.41 22.47 -20.14
C GLY E 571 4.62 21.73 -21.21
N LYS E 572 5.08 20.55 -21.63
CA LYS E 572 4.35 19.78 -22.61
C LYS E 572 3.03 19.30 -22.03
N PRO E 573 2.06 18.97 -22.88
CA PRO E 573 0.75 18.55 -22.39
C PRO E 573 0.75 17.08 -22.00
N LEU E 574 0.06 16.77 -20.90
CA LEU E 574 -0.10 15.40 -20.44
C LEU E 574 -1.47 14.83 -20.77
N ALA E 575 -2.53 15.65 -20.72
CA ALA E 575 -3.86 15.20 -21.11
C ALA E 575 -3.98 14.94 -22.60
N MET E 576 -2.88 15.06 -23.35
CA MET E 576 -2.92 14.79 -24.78
C MET E 576 -3.40 13.37 -25.04
N PRO E 577 -4.19 13.16 -26.11
CA PRO E 577 -4.63 11.80 -26.43
C PRO E 577 -3.44 10.87 -26.60
N ARG E 578 -3.67 9.58 -26.34
CA ARG E 578 -2.62 8.59 -26.42
C ARG E 578 -3.24 7.22 -26.65
N LEU E 579 -2.44 6.29 -27.17
CA LEU E 579 -2.84 4.91 -27.38
C LEU E 579 -4.00 4.89 -28.37
N ASP E 580 -5.17 4.35 -28.01
CA ASP E 580 -6.27 4.21 -28.97
C ASP E 580 -6.63 5.55 -29.59
N MET E 581 -6.74 6.58 -28.76
CA MET E 581 -7.15 7.89 -29.27
C MET E 581 -6.23 8.38 -30.38
N VAL E 582 -4.95 8.02 -30.33
CA VAL E 582 -4.02 8.41 -31.39
C VAL E 582 -4.32 7.64 -32.67
N THR E 583 -4.33 6.31 -32.59
CA THR E 583 -4.63 5.51 -33.77
C THR E 583 -6.01 5.83 -34.33
N GLY E 584 -6.97 6.12 -33.45
CA GLY E 584 -8.29 6.50 -33.91
C GLY E 584 -8.26 7.75 -34.76
N LEU E 585 -7.57 8.79 -34.28
CA LEU E 585 -7.45 10.02 -35.05
C LEU E 585 -6.50 9.85 -36.22
N TYR E 586 -5.45 9.04 -36.07
CA TYR E 586 -4.57 8.74 -37.19
C TYR E 586 -5.36 8.11 -38.34
N TYR E 587 -6.23 7.16 -38.03
CA TYR E 587 -7.06 6.55 -39.06
C TYR E 587 -8.09 7.55 -39.58
N LEU E 588 -8.62 8.41 -38.71
CA LEU E 588 -9.66 9.34 -39.12
C LEU E 588 -9.15 10.33 -40.15
N THR E 589 -7.91 10.79 -40.01
CA THR E 589 -7.37 11.86 -40.86
C THR E 589 -6.45 11.35 -41.95
N THR E 590 -6.10 10.07 -41.95
CA THR E 590 -5.22 9.55 -42.99
C THR E 590 -5.88 9.66 -44.36
N LEU E 591 -5.05 9.91 -45.37
CA LEU E 591 -5.50 10.09 -46.76
C LEU E 591 -5.14 8.84 -47.55
N VAL E 592 -6.16 8.18 -48.09
CA VAL E 592 -5.98 6.94 -48.85
C VAL E 592 -6.18 7.26 -50.33
N GLU E 593 -5.14 7.06 -51.13
CA GLU E 593 -5.25 7.24 -52.57
C GLU E 593 -6.18 6.19 -53.15
N GLY E 594 -6.92 6.59 -54.19
CA GLY E 594 -7.88 5.69 -54.79
C GLY E 594 -9.04 5.33 -53.90
N ALA E 595 -9.46 6.23 -53.02
CA ALA E 595 -10.57 5.96 -52.13
C ALA E 595 -11.86 5.79 -52.93
N THR E 596 -12.91 5.37 -52.23
CA THR E 596 -14.19 5.09 -52.89
C THR E 596 -14.78 6.34 -53.53
N GLY E 597 -14.92 7.41 -52.75
CA GLY E 597 -15.50 8.63 -53.28
C GLY E 597 -14.45 9.63 -53.73
N GLU E 598 -13.28 9.13 -54.13
CA GLU E 598 -12.16 10.01 -54.44
C GLU E 598 -12.54 11.06 -55.46
N TYR E 599 -11.97 12.25 -55.32
CA TYR E 599 -12.25 13.35 -56.23
C TYR E 599 -11.59 13.11 -57.58
N GLN E 600 -12.27 13.54 -58.64
CA GLN E 600 -11.78 13.42 -60.00
C GLN E 600 -11.99 14.72 -60.75
N ALA E 601 -10.94 15.20 -61.41
CA ALA E 601 -11.04 16.44 -62.17
C ALA E 601 -12.08 16.30 -63.27
N ALA E 602 -12.75 17.41 -63.57
CA ALA E 602 -13.76 17.43 -64.62
C ALA E 602 -13.18 16.93 -65.94
N THR E 603 -13.82 15.92 -66.51
CA THR E 603 -13.34 15.31 -67.75
C THR E 603 -13.87 16.11 -68.94
N LYS E 604 -13.86 15.51 -70.13
CA LYS E 604 -14.31 16.22 -71.33
C LYS E 604 -15.83 16.36 -71.35
N ASP E 605 -16.56 15.39 -70.82
CA ASP E 605 -18.01 15.39 -70.89
C ASP E 605 -18.68 15.38 -69.51
N ALA E 606 -17.92 15.56 -68.43
CA ALA E 606 -18.47 15.53 -67.09
C ALA E 606 -17.70 16.48 -66.20
N PRO E 607 -18.34 17.07 -65.18
CA PRO E 607 -17.63 17.98 -64.28
C PRO E 607 -16.89 17.25 -63.18
N GLU E 608 -16.27 18.00 -62.27
CA GLU E 608 -15.61 17.40 -61.12
C GLU E 608 -16.62 16.65 -60.26
N GLN E 609 -16.33 15.38 -59.98
CA GLN E 609 -17.25 14.53 -59.24
C GLN E 609 -16.92 14.42 -57.76
N GLY E 610 -15.75 14.89 -57.33
CA GLY E 610 -15.38 14.82 -55.94
C GLY E 610 -15.85 15.96 -55.07
N VAL E 611 -16.42 17.00 -55.66
CA VAL E 611 -16.84 18.17 -54.90
C VAL E 611 -18.18 17.90 -54.23
N TYR E 612 -18.38 18.48 -53.06
CA TYR E 612 -19.62 18.37 -52.31
C TYR E 612 -20.04 19.74 -51.80
N SER E 613 -21.36 19.95 -51.75
CA SER E 613 -21.89 21.25 -51.34
C SER E 613 -21.37 21.65 -49.96
N SER E 614 -21.61 20.82 -48.95
CA SER E 614 -21.20 21.13 -47.59
C SER E 614 -20.69 19.86 -46.91
N PRO E 615 -20.13 19.97 -45.70
CA PRO E 615 -19.74 18.75 -44.98
C PRO E 615 -20.90 17.83 -44.69
N ALA E 616 -22.10 18.38 -44.52
CA ALA E 616 -23.28 17.53 -44.28
C ALA E 616 -23.54 16.61 -45.47
N GLU E 617 -23.43 17.14 -46.69
CA GLU E 617 -23.61 16.30 -47.87
C GLU E 617 -22.63 15.14 -47.85
N ALA E 618 -21.35 15.43 -47.62
CA ALA E 618 -20.35 14.36 -47.55
C ALA E 618 -20.75 13.31 -46.52
N ILE E 619 -21.36 13.74 -45.42
CA ILE E 619 -21.85 12.79 -44.42
C ILE E 619 -22.92 11.90 -45.02
N MET E 620 -23.87 12.51 -45.74
CA MET E 620 -24.91 11.72 -46.40
C MET E 620 -24.32 10.81 -47.46
N ALA E 621 -23.32 11.31 -48.20
CA ALA E 621 -22.63 10.47 -49.16
C ALA E 621 -21.85 9.37 -48.47
N MET E 622 -21.33 9.64 -47.26
CA MET E 622 -20.61 8.62 -46.51
C MET E 622 -21.55 7.50 -46.06
N ASP E 623 -22.75 7.86 -45.58
CA ASP E 623 -23.70 6.85 -45.14
C ASP E 623 -24.00 5.85 -46.24
N ARG E 624 -24.27 6.35 -47.45
CA ARG E 624 -24.33 5.47 -48.61
C ARG E 624 -22.92 5.09 -49.03
N GLY E 625 -22.82 4.07 -49.88
CA GLY E 625 -21.52 3.58 -50.30
C GLY E 625 -20.78 4.50 -51.25
N ALA E 626 -21.08 5.81 -51.17
CA ALA E 626 -20.52 6.76 -52.13
C ALA E 626 -19.15 7.26 -51.68
N LEU E 627 -19.07 7.80 -50.47
CA LEU E 627 -17.88 8.52 -50.01
C LEU E 627 -17.18 7.71 -48.92
N SER E 628 -15.86 7.59 -49.05
CA SER E 628 -15.02 7.00 -48.01
C SER E 628 -14.44 8.11 -47.14
N VAL E 629 -14.44 7.88 -45.82
CA VAL E 629 -14.00 8.91 -44.89
C VAL E 629 -12.59 9.38 -45.21
N ARG E 630 -11.76 8.51 -45.79
CA ARG E 630 -10.36 8.80 -46.06
C ARG E 630 -10.10 9.11 -47.53
N ALA E 631 -11.12 9.62 -48.22
CA ALA E 631 -10.97 9.97 -49.63
C ALA E 631 -10.39 11.38 -49.77
N LYS E 632 -10.08 11.75 -51.01
CA LYS E 632 -9.45 13.04 -51.32
C LYS E 632 -10.44 14.04 -51.88
N ILE E 633 -11.68 14.03 -51.40
CA ILE E 633 -12.68 14.94 -51.94
C ILE E 633 -12.31 16.39 -51.63
N LYS E 634 -12.92 17.31 -52.38
CA LYS E 634 -12.80 18.74 -52.15
C LYS E 634 -14.20 19.30 -51.91
N VAL E 635 -14.36 20.04 -50.81
CA VAL E 635 -15.67 20.52 -50.37
C VAL E 635 -15.55 21.98 -49.94
N ARG E 636 -16.71 22.60 -49.77
CA ARG E 636 -16.82 23.99 -49.34
C ARG E 636 -17.13 24.03 -47.84
N LEU E 637 -16.50 24.98 -47.16
CA LEU E 637 -16.68 25.14 -45.71
C LEU E 637 -17.08 26.57 -45.40
N THR E 638 -18.04 26.71 -44.50
CA THR E 638 -18.55 28.02 -44.09
C THR E 638 -18.22 28.38 -42.65
N GLU E 639 -18.20 27.41 -41.74
CA GLU E 639 -17.98 27.66 -40.31
C GLU E 639 -16.62 27.15 -39.84
N LEU E 640 -15.68 26.93 -40.75
CA LEU E 640 -14.34 26.47 -40.41
C LEU E 640 -13.33 27.51 -40.88
N ARG E 641 -12.09 27.35 -40.41
CA ARG E 641 -11.05 28.33 -40.70
C ARG E 641 -10.06 27.77 -41.70
N PRO E 642 -9.73 28.53 -42.74
CA PRO E 642 -8.76 28.05 -43.73
C PRO E 642 -7.34 28.28 -43.25
N PRO E 643 -6.36 27.63 -43.86
CA PRO E 643 -4.97 27.84 -43.46
C PRO E 643 -4.59 29.31 -43.55
N THR E 644 -3.69 29.72 -42.66
CA THR E 644 -3.28 31.13 -42.63
C THR E 644 -2.71 31.57 -43.97
N ASP E 645 -1.84 30.76 -44.56
CA ASP E 645 -1.19 31.16 -45.81
C ASP E 645 -2.17 31.17 -46.97
N LEU E 646 -3.04 30.16 -47.05
CA LEU E 646 -3.94 30.05 -48.19
C LEU E 646 -5.05 31.09 -48.14
N GLU E 647 -5.55 31.40 -46.95
CA GLU E 647 -6.65 32.36 -46.85
C GLU E 647 -6.25 33.72 -47.37
N ALA E 648 -5.11 34.25 -46.90
CA ALA E 648 -4.66 35.59 -47.25
C ALA E 648 -4.89 35.87 -48.73
N GLN E 649 -4.69 34.86 -49.57
CA GLN E 649 -5.02 34.98 -50.98
C GLN E 649 -6.52 35.10 -51.19
N LEU E 650 -7.30 34.22 -50.54
CA LEU E 650 -8.74 34.21 -50.74
C LEU E 650 -9.45 35.36 -50.05
N PHE E 651 -8.80 36.02 -49.09
CA PHE E 651 -9.49 37.05 -48.32
C PHE E 651 -8.63 38.30 -48.14
N GLU E 652 -7.99 38.42 -46.98
CA GLU E 652 -7.30 39.63 -46.56
C GLU E 652 -8.30 40.62 -45.99
N ASN E 653 -9.52 40.64 -46.55
CA ASN E 653 -10.58 41.45 -45.98
C ASN E 653 -10.96 40.96 -44.58
N GLY E 654 -10.76 39.68 -44.29
CA GLY E 654 -11.07 39.12 -42.99
C GLY E 654 -11.33 37.63 -43.02
N TRP E 655 -10.95 36.92 -41.97
CA TRP E 655 -11.17 35.48 -41.91
C TRP E 655 -12.66 35.17 -41.92
N LYS E 656 -13.00 34.06 -42.56
CA LYS E 656 -14.40 33.72 -42.81
C LYS E 656 -15.15 33.41 -41.52
N PRO E 657 -16.15 34.21 -41.13
CA PRO E 657 -17.02 33.83 -40.01
C PRO E 657 -18.14 32.91 -40.48
N GLY E 658 -18.76 33.29 -41.59
CA GLY E 658 -19.76 32.47 -42.25
C GLY E 658 -19.47 32.38 -43.73
N ASP E 659 -18.35 32.95 -44.15
CA ASP E 659 -17.97 32.96 -45.55
C ASP E 659 -17.64 31.54 -46.03
N ALA E 660 -17.93 31.28 -47.29
CA ALA E 660 -17.67 29.96 -47.88
C ALA E 660 -16.30 29.94 -48.54
N TRP E 661 -15.71 28.75 -48.58
CA TRP E 661 -14.44 28.53 -49.26
C TRP E 661 -14.23 27.04 -49.40
N THR E 662 -13.56 26.65 -50.49
CA THR E 662 -13.40 25.25 -50.85
C THR E 662 -11.93 24.86 -50.79
N ALA E 663 -11.64 23.75 -50.12
CA ALA E 663 -10.32 23.16 -50.16
C ALA E 663 -10.47 21.65 -50.24
N GLU E 664 -9.42 21.00 -50.75
CA GLU E 664 -9.42 19.56 -50.96
C GLU E 664 -8.79 18.89 -49.74
N THR E 665 -9.56 18.04 -49.07
CA THR E 665 -9.11 17.37 -47.85
C THR E 665 -9.71 15.98 -47.84
N THR E 666 -9.80 15.39 -46.64
CA THR E 666 -10.58 14.18 -46.40
C THR E 666 -11.71 14.52 -45.44
N LEU E 667 -12.85 13.84 -45.61
CA LEU E 667 -13.96 14.08 -44.69
C LEU E 667 -13.53 13.92 -43.24
N GLY E 668 -12.64 12.95 -42.97
CA GLY E 668 -12.11 12.81 -41.64
C GLY E 668 -11.44 14.09 -41.16
N ARG E 669 -10.46 14.58 -41.93
CA ARG E 669 -9.79 15.82 -41.56
C ARG E 669 -10.78 16.96 -41.38
N VAL E 670 -11.88 16.96 -42.13
CA VAL E 670 -12.94 17.95 -41.90
C VAL E 670 -13.61 17.68 -40.57
N MET E 671 -14.09 16.45 -40.35
CA MET E 671 -14.69 16.10 -39.08
C MET E 671 -13.73 16.34 -37.92
N PHE E 672 -12.42 16.19 -38.16
CA PHE E 672 -11.44 16.43 -37.12
C PHE E 672 -11.39 17.91 -36.74
N ASN E 673 -11.14 18.78 -37.73
CA ASN E 673 -11.04 20.21 -37.44
C ASN E 673 -12.30 20.74 -36.78
N GLU E 674 -13.46 20.13 -37.02
CA GLU E 674 -14.66 20.52 -36.31
C GLU E 674 -14.48 20.38 -34.81
N LEU E 675 -13.61 19.47 -34.37
CA LEU E 675 -13.35 19.29 -32.94
C LEU E 675 -12.58 20.47 -32.37
N LEU E 676 -11.59 20.97 -33.11
CA LEU E 676 -10.79 22.09 -32.65
C LEU E 676 -11.67 23.33 -32.51
N PRO E 677 -11.17 24.41 -31.91
CA PRO E 677 -11.99 25.62 -31.77
C PRO E 677 -12.33 26.19 -33.13
N LYS E 678 -13.47 26.89 -33.18
CA LYS E 678 -13.90 27.51 -34.44
C LYS E 678 -12.89 28.56 -34.90
N SER E 679 -12.16 29.18 -33.98
CA SER E 679 -11.17 30.19 -34.31
C SER E 679 -9.84 29.60 -34.77
N TYR E 680 -9.66 28.28 -34.69
CA TYR E 680 -8.37 27.71 -35.05
C TYR E 680 -8.33 27.43 -36.54
N PRO E 681 -7.27 27.81 -37.25
CA PRO E 681 -7.21 27.56 -38.69
C PRO E 681 -7.16 26.07 -39.00
N PHE E 682 -7.49 25.77 -40.25
CA PHE E 682 -7.46 24.39 -40.73
C PHE E 682 -6.04 23.83 -40.63
N VAL E 683 -5.94 22.51 -40.59
CA VAL E 683 -4.68 21.81 -40.49
C VAL E 683 -4.41 20.95 -41.73
N ASN E 684 -5.35 20.06 -42.07
CA ASN E 684 -5.25 19.20 -43.23
C ASN E 684 -3.93 18.40 -43.21
N GLU E 685 -3.91 17.42 -42.32
CA GLU E 685 -2.78 16.52 -42.17
C GLU E 685 -3.25 15.26 -41.48
N GLN E 686 -2.57 14.15 -41.76
CA GLN E 686 -2.79 12.93 -40.98
C GLN E 686 -2.12 13.11 -39.63
N MET E 687 -2.89 12.98 -38.56
CA MET E 687 -2.48 13.44 -37.25
C MET E 687 -1.67 12.37 -36.52
N HIS E 688 -0.43 12.69 -36.19
CA HIS E 688 0.42 11.84 -35.36
C HIS E 688 0.39 12.38 -33.93
N LYS E 689 0.95 11.59 -33.00
CA LYS E 689 1.16 12.08 -31.64
C LYS E 689 1.82 13.45 -31.66
N LYS E 690 2.90 13.59 -32.42
CA LYS E 690 3.62 14.86 -32.45
C LYS E 690 2.73 15.97 -33.03
N VAL E 691 2.10 15.69 -34.18
CA VAL E 691 1.18 16.67 -34.77
C VAL E 691 0.13 17.08 -33.74
N GLN E 692 -0.53 16.09 -33.13
CA GLN E 692 -1.47 16.38 -32.05
C GLN E 692 -0.75 17.03 -30.87
N ALA E 693 0.48 16.58 -30.60
CA ALA E 693 1.29 17.25 -29.58
C ALA E 693 1.66 18.66 -30.04
N ARG E 694 2.09 18.79 -31.31
CA ARG E 694 2.40 20.11 -31.85
C ARG E 694 1.16 20.99 -31.86
N ILE E 695 0.00 20.42 -32.14
CA ILE E 695 -1.23 21.20 -32.24
C ILE E 695 -1.73 21.60 -30.85
N ILE E 696 -1.76 20.64 -29.93
CA ILE E 696 -2.28 20.94 -28.59
C ILE E 696 -1.46 22.04 -27.93
N ASN E 697 -0.13 21.94 -28.03
CA ASN E 697 0.73 23.01 -27.54
C ASN E 697 0.35 24.35 -28.17
N ASP E 698 0.37 24.41 -29.51
CA ASP E 698 0.08 25.66 -30.21
C ASP E 698 -1.23 26.27 -29.73
N LEU E 699 -2.27 25.45 -29.59
CA LEU E 699 -3.57 25.95 -29.16
C LEU E 699 -3.63 26.18 -27.66
N ALA E 700 -2.72 25.59 -26.89
CA ALA E 700 -2.68 25.85 -25.46
C ALA E 700 -2.14 27.25 -25.16
N GLU E 701 -1.25 27.75 -26.01
CA GLU E 701 -0.70 29.09 -25.80
C GLU E 701 -1.71 30.17 -26.14
N ARG E 702 -2.55 29.93 -27.15
CA ARG E 702 -3.42 30.96 -27.72
C ARG E 702 -4.83 30.91 -27.18
N PHE E 703 -5.16 29.96 -26.32
CA PHE E 703 -6.52 29.82 -25.79
C PHE E 703 -6.47 29.53 -24.31
N PRO E 704 -7.47 30.00 -23.56
CA PRO E 704 -7.59 29.58 -22.15
C PRO E 704 -7.76 28.07 -22.07
N MET E 705 -7.37 27.51 -20.92
CA MET E 705 -7.36 26.05 -20.81
C MET E 705 -8.75 25.46 -20.96
N ILE E 706 -9.79 26.17 -20.55
CA ILE E 706 -11.15 25.66 -20.75
C ILE E 706 -11.37 25.30 -22.22
N VAL E 707 -10.89 26.15 -23.13
CA VAL E 707 -10.94 25.82 -24.54
C VAL E 707 -10.08 24.59 -24.83
N VAL E 708 -8.90 24.51 -24.21
CA VAL E 708 -8.03 23.36 -24.41
C VAL E 708 -8.63 22.13 -23.74
N ALA E 709 -9.22 22.30 -22.56
CA ALA E 709 -9.83 21.17 -21.87
C ALA E 709 -10.94 20.55 -22.71
N GLN E 710 -11.83 21.38 -23.25
CA GLN E 710 -12.91 20.86 -24.08
C GLN E 710 -12.37 20.28 -25.38
N THR E 711 -11.32 20.87 -25.94
CA THR E 711 -10.78 20.38 -27.20
C THR E 711 -10.16 19.00 -27.03
N VAL E 712 -9.49 18.76 -25.90
CA VAL E 712 -8.89 17.45 -25.65
C VAL E 712 -9.99 16.41 -25.41
N ASP E 713 -11.08 16.82 -24.74
CA ASP E 713 -12.19 15.90 -24.54
C ASP E 713 -12.81 15.48 -25.86
N LYS E 714 -13.04 16.44 -26.77
CA LYS E 714 -13.61 16.11 -28.06
C LYS E 714 -12.71 15.18 -28.86
N LEU E 715 -11.40 15.39 -28.77
CA LEU E 715 -10.47 14.47 -29.42
C LEU E 715 -10.55 13.07 -28.82
N LYS E 716 -10.80 12.97 -27.52
CA LYS E 716 -10.96 11.66 -26.88
C LYS E 716 -12.12 10.88 -27.50
N ASP E 717 -13.28 11.52 -27.62
CA ASP E 717 -14.44 10.86 -28.20
C ASP E 717 -14.15 10.40 -29.63
N ALA E 718 -13.67 11.32 -30.47
CA ALA E 718 -13.37 10.98 -31.85
C ALA E 718 -12.32 9.88 -31.92
N GLY E 719 -11.23 10.03 -31.18
CA GLY E 719 -10.19 9.01 -31.19
C GLY E 719 -10.72 7.64 -30.83
N PHE E 720 -11.49 7.57 -29.75
CA PHE E 720 -12.07 6.29 -29.34
C PHE E 720 -13.05 5.78 -30.37
N TYR E 721 -13.98 6.64 -30.81
CA TYR E 721 -14.98 6.23 -31.78
C TYR E 721 -14.34 5.62 -33.03
N TRP E 722 -13.37 6.33 -33.60
CA TRP E 722 -12.72 5.84 -34.82
C TRP E 722 -11.68 4.76 -34.53
N ALA E 723 -11.17 4.68 -33.30
CA ALA E 723 -10.32 3.56 -32.93
C ALA E 723 -11.05 2.23 -33.11
N THR E 724 -12.35 2.20 -32.83
CA THR E 724 -13.13 0.97 -33.01
C THR E 724 -13.34 0.68 -34.49
N ARG E 725 -13.78 1.68 -35.25
CA ARG E 725 -13.92 1.52 -36.69
C ARG E 725 -12.57 1.46 -37.41
N SER E 726 -11.47 1.55 -36.69
CA SER E 726 -10.15 1.53 -37.31
C SER E 726 -9.81 0.17 -37.89
N GLY E 727 -10.47 -0.89 -37.45
CA GLY E 727 -10.13 -2.23 -37.92
C GLY E 727 -8.80 -2.73 -37.43
N VAL E 728 -8.35 -2.27 -36.26
CA VAL E 728 -7.08 -2.69 -35.69
C VAL E 728 -7.31 -3.93 -34.85
N THR E 729 -6.79 -5.07 -35.31
CA THR E 729 -6.89 -6.32 -34.58
C THR E 729 -5.64 -7.15 -34.86
N VAL E 730 -5.27 -7.98 -33.92
CA VAL E 730 -4.08 -8.82 -34.04
C VAL E 730 -4.51 -10.24 -34.38
N SER E 731 -3.65 -10.93 -35.12
CA SER E 731 -3.91 -12.30 -35.55
C SER E 731 -2.58 -12.94 -35.92
N MET E 732 -2.65 -14.19 -36.40
CA MET E 732 -1.45 -14.86 -36.87
C MET E 732 -0.86 -14.16 -38.08
N ALA E 733 -1.68 -13.95 -39.11
CA ALA E 733 -1.21 -13.29 -40.33
C ALA E 733 -0.62 -11.91 -40.05
N ASP E 734 -1.01 -11.27 -38.94
CA ASP E 734 -0.45 -9.97 -38.60
C ASP E 734 0.95 -10.11 -38.01
N VAL E 735 1.19 -11.18 -37.24
CA VAL E 735 2.50 -11.41 -36.63
C VAL E 735 3.28 -12.41 -37.45
N LEU E 736 2.96 -13.70 -37.28
CA LEU E 736 3.64 -14.80 -37.95
C LEU E 736 5.12 -14.52 -38.16
N VAL E 737 5.68 -14.97 -39.28
CA VAL E 737 7.11 -14.80 -39.53
C VAL E 737 7.34 -14.55 -41.02
N PRO E 738 8.26 -13.66 -41.38
CA PRO E 738 8.70 -13.58 -42.77
C PRO E 738 9.57 -14.78 -43.11
N PRO E 739 9.05 -15.74 -43.88
CA PRO E 739 9.80 -16.97 -44.12
C PRO E 739 11.18 -16.74 -44.72
N GLN E 740 11.36 -15.64 -45.45
CA GLN E 740 12.68 -15.34 -46.02
C GLN E 740 13.71 -15.06 -44.92
N LYS E 741 13.25 -14.61 -43.75
CA LYS E 741 14.19 -14.27 -42.68
C LYS E 741 14.92 -15.51 -42.17
N GLN E 742 14.18 -16.54 -41.76
CA GLN E 742 14.81 -17.75 -41.26
C GLN E 742 15.72 -18.38 -42.31
N GLU E 743 15.29 -18.37 -43.56
CA GLU E 743 16.14 -18.90 -44.64
C GLU E 743 17.37 -18.03 -44.84
N ILE E 744 17.18 -16.72 -44.98
CA ILE E 744 18.31 -15.84 -45.23
C ILE E 744 19.25 -15.75 -44.03
N LEU E 745 18.71 -15.90 -42.82
CA LEU E 745 19.56 -15.90 -41.63
C LEU E 745 20.53 -17.07 -41.65
N GLU E 746 20.05 -18.25 -42.04
CA GLU E 746 20.95 -19.39 -42.21
C GLU E 746 21.92 -19.17 -43.35
N ARG E 747 21.55 -18.33 -44.32
CA ARG E 747 22.46 -18.01 -45.41
C ARG E 747 23.65 -17.18 -44.93
N HIS E 748 23.38 -16.06 -44.26
CA HIS E 748 24.46 -15.21 -43.78
C HIS E 748 25.25 -15.89 -42.66
N GLU E 749 24.61 -16.76 -41.89
CA GLU E 749 25.34 -17.50 -40.86
C GLU E 749 26.46 -18.33 -41.46
N ALA E 750 26.25 -18.88 -42.67
CA ALA E 750 27.30 -19.64 -43.33
C ALA E 750 28.48 -18.75 -43.71
N GLU E 751 28.22 -17.49 -44.06
CA GLU E 751 29.31 -16.58 -44.39
C GLU E 751 30.18 -16.28 -43.18
N ALA E 752 29.58 -16.26 -41.98
CA ALA E 752 30.37 -16.01 -40.78
C ALA E 752 31.14 -17.25 -40.32
N ASP E 753 30.62 -18.45 -40.62
CA ASP E 753 31.31 -19.67 -40.24
C ASP E 753 32.48 -19.96 -41.16
N ALA E 754 32.25 -19.89 -42.48
CA ALA E 754 33.33 -20.16 -43.42
C ALA E 754 34.39 -19.06 -43.38
N ILE E 755 33.99 -17.82 -43.04
CA ILE E 755 34.99 -16.77 -42.84
C ILE E 755 35.94 -17.15 -41.71
N GLU E 756 35.40 -17.77 -40.65
CA GLU E 756 36.26 -18.25 -39.58
C GLU E 756 37.17 -19.37 -40.08
N ARG E 757 36.66 -20.21 -40.98
CA ARG E 757 37.51 -21.20 -41.64
C ARG E 757 38.64 -20.53 -42.40
N LYS E 758 38.30 -19.52 -43.21
CA LYS E 758 39.33 -18.77 -43.92
C LYS E 758 40.25 -18.02 -42.96
N TYR E 759 39.71 -17.61 -41.81
CA TYR E 759 40.53 -16.91 -40.82
C TYR E 759 41.60 -17.82 -40.24
N GLN E 760 41.26 -19.09 -40.00
CA GLN E 760 42.17 -19.99 -39.31
C GLN E 760 43.41 -20.27 -40.15
N ARG E 761 43.23 -20.56 -41.44
CA ARG E 761 44.36 -20.95 -42.28
C ARG E 761 45.44 -19.87 -42.31
N GLY E 762 45.06 -18.66 -42.70
CA GLY E 762 46.04 -17.57 -42.80
C GLY E 762 45.49 -16.37 -43.52
N ALA E 763 44.21 -16.40 -43.86
CA ALA E 763 43.52 -15.29 -44.48
C ALA E 763 42.92 -14.33 -43.46
N LEU E 764 43.32 -14.45 -42.19
CA LEU E 764 42.77 -13.58 -41.15
C LEU E 764 43.02 -12.11 -41.47
N ASN E 765 44.27 -11.75 -41.71
CA ASN E 765 44.64 -10.37 -41.98
C ASN E 765 44.19 -9.44 -40.85
N HIS E 766 44.33 -9.92 -39.62
CA HIS E 766 43.99 -9.14 -38.43
C HIS E 766 42.56 -8.63 -38.46
N THR E 767 42.42 -7.30 -38.55
CA THR E 767 41.11 -6.65 -38.41
C THR E 767 40.18 -6.94 -39.58
N GLU E 768 40.65 -7.62 -40.63
CA GLU E 768 39.76 -7.93 -41.75
C GLU E 768 38.56 -8.74 -41.30
N ARG E 769 38.78 -9.71 -40.40
CA ARG E 769 37.69 -10.54 -39.90
C ARG E 769 36.65 -9.70 -39.17
N ASN E 770 37.09 -8.98 -38.12
CA ASN E 770 36.16 -8.21 -37.31
C ASN E 770 35.29 -7.30 -38.18
N GLU E 771 35.90 -6.62 -39.14
CA GLU E 771 35.13 -5.75 -40.04
C GLU E 771 34.24 -6.58 -40.96
N SER E 772 34.78 -7.66 -41.52
CA SER E 772 33.99 -8.49 -42.43
C SER E 772 32.79 -9.12 -41.72
N LEU E 773 33.05 -9.76 -40.58
CA LEU E 773 31.95 -10.35 -39.81
C LEU E 773 30.88 -9.31 -39.48
N VAL E 774 31.31 -8.08 -39.19
CA VAL E 774 30.34 -7.02 -38.92
C VAL E 774 29.57 -6.68 -40.19
N LYS E 775 30.25 -6.63 -41.34
CA LYS E 775 29.57 -6.32 -42.60
C LYS E 775 28.50 -7.37 -42.90
N ILE E 776 28.81 -8.65 -42.67
CA ILE E 776 27.83 -9.70 -42.91
C ILE E 776 26.69 -9.60 -41.92
N TRP E 777 27.01 -9.49 -40.63
CA TRP E 777 25.96 -9.42 -39.61
C TRP E 777 25.06 -8.22 -39.83
N GLN E 778 25.64 -7.05 -40.14
CA GLN E 778 24.83 -5.87 -40.40
C GLN E 778 24.13 -5.95 -41.75
N ASP E 779 24.76 -6.59 -42.73
CA ASP E 779 24.10 -6.78 -44.03
C ASP E 779 22.89 -7.68 -43.89
N ALA E 780 23.00 -8.74 -43.09
CA ALA E 780 21.84 -9.59 -42.83
C ALA E 780 20.83 -8.88 -41.94
N THR E 781 21.31 -8.20 -40.90
CA THR E 781 20.40 -7.41 -40.05
C THR E 781 19.67 -6.36 -40.87
N GLU E 782 20.39 -5.68 -41.77
CA GLU E 782 19.74 -4.69 -42.63
C GLU E 782 18.87 -5.35 -43.69
N GLU E 783 19.22 -6.56 -44.11
CA GLU E 783 18.43 -7.25 -45.12
C GLU E 783 17.14 -7.80 -44.54
N VAL E 784 17.12 -8.14 -43.25
CA VAL E 784 15.91 -8.65 -42.63
C VAL E 784 14.91 -7.53 -42.40
N GLY E 785 15.39 -6.32 -42.10
CA GLY E 785 14.48 -5.19 -41.94
C GLY E 785 13.66 -4.95 -43.19
N LYS E 786 14.31 -4.95 -44.35
CA LYS E 786 13.58 -4.82 -45.61
C LYS E 786 12.68 -6.03 -45.84
N ALA E 787 13.24 -7.23 -45.67
CA ALA E 787 12.44 -8.45 -45.85
C ALA E 787 11.22 -8.47 -44.95
N LEU E 788 11.23 -7.73 -43.84
CA LEU E 788 10.10 -7.63 -42.92
C LEU E 788 9.27 -6.37 -43.14
N GLU E 789 9.92 -5.22 -43.34
CA GLU E 789 9.17 -3.98 -43.55
C GLU E 789 8.44 -4.00 -44.88
N GLU E 790 9.10 -4.48 -45.94
CA GLU E 790 8.45 -4.54 -47.24
C GLU E 790 7.42 -5.65 -47.30
N PHE E 791 7.59 -6.70 -46.49
CA PHE E 791 6.63 -7.79 -46.46
C PHE E 791 5.37 -7.43 -45.69
N TYR E 792 5.47 -6.53 -44.73
CA TYR E 792 4.30 -6.10 -43.97
C TYR E 792 3.57 -5.00 -44.73
N PRO E 793 2.26 -5.13 -44.94
CA PRO E 793 1.53 -4.07 -45.66
C PRO E 793 1.67 -2.73 -44.97
N ALA E 794 1.54 -1.66 -45.76
CA ALA E 794 1.65 -0.31 -45.21
C ALA E 794 0.60 -0.05 -44.15
N ASP E 795 -0.60 -0.62 -44.30
CA ASP E 795 -1.69 -0.44 -43.37
C ASP E 795 -1.85 -1.61 -42.40
N ASN E 796 -0.81 -2.43 -42.25
CA ASN E 796 -0.89 -3.54 -41.31
C ASN E 796 -1.17 -3.01 -39.90
N PRO E 797 -2.02 -3.69 -39.13
CA PRO E 797 -2.36 -3.19 -37.80
C PRO E 797 -1.15 -2.91 -36.91
N ILE E 798 -0.13 -3.78 -36.96
CA ILE E 798 1.07 -3.55 -36.17
C ILE E 798 1.78 -2.29 -36.65
N ILE E 799 1.86 -2.10 -37.97
CA ILE E 799 2.55 -0.93 -38.51
C ILE E 799 1.76 0.34 -38.24
N THR E 800 0.43 0.26 -38.37
CA THR E 800 -0.41 1.43 -38.11
C THR E 800 -0.19 1.96 -36.70
N ILE E 801 -0.23 1.07 -35.70
CA ILE E 801 -0.02 1.48 -34.32
C ILE E 801 1.35 2.14 -34.16
N VAL E 802 2.35 1.62 -34.87
CA VAL E 802 3.70 2.16 -34.75
C VAL E 802 3.79 3.55 -35.38
N LYS E 803 3.25 3.70 -36.59
CA LYS E 803 3.35 4.97 -37.29
C LYS E 803 2.65 6.09 -36.52
N SER E 804 1.43 5.82 -36.04
CA SER E 804 0.67 6.86 -35.36
C SER E 804 1.41 7.39 -34.14
N GLY E 805 2.22 6.57 -33.50
CA GLY E 805 2.94 6.98 -32.31
C GLY E 805 2.24 6.65 -31.01
N ALA E 806 1.17 5.84 -31.03
CA ALA E 806 0.49 5.48 -29.79
C ALA E 806 1.44 4.75 -28.85
N THR E 807 2.23 3.83 -29.38
CA THR E 807 3.20 3.09 -28.56
C THR E 807 4.56 3.76 -28.59
N SER E 838 11.19 -11.89 -31.24
CA SER E 838 10.64 -12.67 -32.35
C SER E 838 10.43 -14.13 -31.95
N PHE E 839 9.49 -14.36 -31.05
CA PHE E 839 9.14 -15.70 -30.61
C PHE E 839 8.12 -16.38 -31.51
N ARG E 840 7.90 -15.85 -32.71
CA ARG E 840 6.84 -16.37 -33.57
C ARG E 840 7.10 -17.83 -33.95
N GLU E 841 8.36 -18.18 -34.22
CA GLU E 841 8.70 -19.55 -34.59
C GLU E 841 8.71 -20.49 -33.39
N GLY E 842 8.84 -19.96 -32.18
CA GLY E 842 8.94 -20.79 -30.98
C GLY E 842 10.37 -21.16 -30.64
N LEU E 843 10.73 -21.23 -29.37
CA LEU E 843 12.08 -21.55 -28.96
C LEU E 843 12.12 -22.91 -28.29
N THR E 844 13.20 -23.66 -28.56
CA THR E 844 13.36 -24.97 -27.97
C THR E 844 13.69 -24.85 -26.48
N VAL E 845 13.95 -25.99 -25.85
CA VAL E 845 14.19 -26.01 -24.41
C VAL E 845 15.40 -25.16 -24.05
N LEU E 846 16.55 -25.44 -24.69
CA LEU E 846 17.77 -24.72 -24.34
C LEU E 846 17.68 -23.25 -24.69
N GLU E 847 16.99 -22.92 -25.79
CA GLU E 847 16.89 -21.52 -26.20
C GLU E 847 16.18 -20.69 -25.15
N TYR E 848 15.15 -21.25 -24.51
CA TYR E 848 14.39 -20.48 -23.52
C TYR E 848 15.16 -20.31 -22.23
N PHE E 849 16.01 -21.28 -21.87
CA PHE E 849 16.81 -21.16 -20.65
C PHE E 849 17.72 -19.94 -20.71
N ILE E 850 18.41 -19.75 -21.84
CA ILE E 850 19.35 -18.63 -21.95
C ILE E 850 18.61 -17.31 -21.84
N ASN E 851 17.41 -17.23 -22.40
CA ASN E 851 16.65 -15.98 -22.37
C ASN E 851 16.30 -15.57 -20.94
N THR E 852 16.11 -16.55 -20.05
CA THR E 852 15.77 -16.22 -18.67
C THR E 852 16.95 -15.61 -17.93
N HIS E 853 18.18 -15.96 -18.31
CA HIS E 853 19.35 -15.44 -17.62
C HIS E 853 19.37 -13.91 -17.64
N GLY E 854 18.98 -13.31 -18.76
CA GLY E 854 19.01 -11.87 -18.88
C GLY E 854 17.72 -11.19 -18.45
N ALA E 855 16.58 -11.87 -18.68
CA ALA E 855 15.30 -11.27 -18.33
C ALA E 855 15.18 -11.03 -16.82
N ARG E 856 15.74 -11.92 -16.01
CA ARG E 856 15.69 -11.74 -14.55
C ARG E 856 16.56 -10.60 -14.08
N LYS E 857 17.59 -10.22 -14.83
CA LYS E 857 18.41 -9.08 -14.43
C LYS E 857 17.65 -7.77 -14.60
N GLY E 858 16.77 -7.69 -15.60
CA GLY E 858 16.00 -6.48 -15.80
C GLY E 858 14.98 -6.24 -14.69
N LEU E 859 14.39 -7.31 -14.17
CA LEU E 859 13.44 -7.16 -13.06
C LEU E 859 14.15 -6.77 -11.77
N ALA E 860 15.29 -7.38 -11.50
CA ALA E 860 16.06 -7.02 -10.32
C ALA E 860 16.66 -5.62 -10.45
N ASP E 861 17.20 -5.30 -11.62
CA ASP E 861 17.74 -3.96 -11.84
C ASP E 861 16.66 -2.90 -11.73
N THR E 862 15.43 -3.24 -12.10
CA THR E 862 14.32 -2.30 -11.96
C THR E 862 13.94 -2.09 -10.50
N ALA E 863 14.24 -3.05 -9.62
CA ALA E 863 13.95 -2.87 -8.20
C ALA E 863 14.85 -1.80 -7.59
N LEU E 864 16.08 -1.66 -8.06
CA LEU E 864 16.99 -0.64 -7.56
C LEU E 864 16.73 0.72 -8.19
N ARG E 865 16.06 0.77 -9.33
CA ARG E 865 15.76 2.06 -9.96
C ARG E 865 14.76 2.87 -9.14
N THR E 866 13.79 2.19 -8.52
CA THR E 866 12.73 2.90 -7.81
C THR E 866 13.15 3.33 -6.41
N ALA E 867 13.98 2.52 -5.74
CA ALA E 867 14.36 2.83 -4.37
C ALA E 867 15.20 4.10 -4.31
N ASP E 868 16.30 4.14 -5.08
CA ASP E 868 17.20 5.28 -5.00
C ASP E 868 16.54 6.55 -5.52
N SER E 869 15.69 6.43 -6.55
CA SER E 869 15.01 7.60 -7.08
C SER E 869 14.12 8.24 -6.03
N GLY E 870 13.49 7.43 -5.17
CA GLY E 870 12.73 7.96 -4.06
C GLY E 870 13.61 8.46 -2.93
N TYR E 871 14.79 7.87 -2.76
CA TYR E 871 15.72 8.38 -1.76
C TYR E 871 16.40 9.66 -2.25
N LEU E 872 16.60 9.79 -3.56
CA LEU E 872 17.11 11.05 -4.11
C LEU E 872 16.04 12.14 -4.08
N THR E 873 14.81 11.80 -4.46
CA THR E 873 13.74 12.79 -4.48
C THR E 873 13.48 13.37 -3.09
N ARG E 874 13.72 12.57 -2.04
CA ARG E 874 13.51 13.09 -0.69
C ARG E 874 14.59 14.10 -0.33
N ARG E 875 15.85 13.80 -0.64
CA ARG E 875 16.92 14.76 -0.39
C ARG E 875 16.73 16.01 -1.24
N LEU E 876 16.33 15.85 -2.50
CA LEU E 876 16.00 17.00 -3.33
C LEU E 876 14.96 17.87 -2.65
N VAL E 877 13.85 17.27 -2.22
CA VAL E 877 12.81 18.03 -1.53
C VAL E 877 13.36 18.61 -0.23
N ASP E 878 14.21 17.85 0.46
CA ASP E 878 14.76 18.29 1.74
C ASP E 878 15.59 19.57 1.61
N VAL E 879 16.11 19.86 0.43
CA VAL E 879 17.01 21.00 0.27
C VAL E 879 16.35 22.20 -0.41
N SER E 880 15.25 22.00 -1.14
CA SER E 880 14.65 23.06 -1.95
C SER E 880 13.21 23.37 -1.55
N GLN E 881 12.70 22.76 -0.47
CA GLN E 881 11.29 22.93 -0.15
C GLN E 881 10.96 24.37 0.26
N ASP E 882 11.89 25.06 0.93
CA ASP E 882 11.63 26.42 1.39
C ASP E 882 11.78 27.46 0.30
N VAL E 883 12.09 27.07 -0.93
CA VAL E 883 12.26 28.02 -2.03
C VAL E 883 10.89 28.34 -2.59
N ILE E 884 10.49 29.61 -2.48
CA ILE E 884 9.21 30.08 -3.02
C ILE E 884 9.39 31.48 -3.59
N VAL E 885 8.50 31.84 -4.50
CA VAL E 885 8.47 33.20 -5.03
C VAL E 885 8.02 34.15 -3.92
N ARG E 886 8.79 35.21 -3.68
CA ARG E 886 8.46 36.16 -2.64
C ARG E 886 8.13 37.55 -3.16
N GLU E 887 8.51 37.89 -4.39
CA GLU E 887 8.20 39.20 -4.95
C GLU E 887 8.16 39.10 -6.46
N HIS E 888 7.53 40.09 -7.08
CA HIS E 888 7.33 40.06 -8.53
C HIS E 888 8.65 40.25 -9.27
N ASP E 889 9.54 41.09 -8.75
CA ASP E 889 10.77 41.41 -9.46
C ASP E 889 11.81 41.90 -8.48
N CYS E 890 13.03 41.37 -8.62
CA CYS E 890 14.17 41.86 -7.84
C CYS E 890 14.94 42.96 -8.57
N GLU E 891 14.73 43.11 -9.87
CA GLU E 891 15.26 44.23 -10.66
C GLU E 891 16.76 44.13 -10.88
N THR E 892 17.35 42.94 -10.73
CA THR E 892 18.77 42.77 -10.99
C THR E 892 19.02 42.56 -12.48
N GLU E 893 20.06 43.23 -12.99
CA GLU E 893 20.44 43.06 -14.38
C GLU E 893 21.10 41.72 -14.65
N ARG E 894 21.58 41.04 -13.60
CA ARG E 894 22.28 39.78 -13.76
C ARG E 894 21.44 38.79 -14.57
N GLY E 895 22.13 38.00 -15.40
CA GLY E 895 21.49 36.99 -16.20
C GLY E 895 22.52 36.00 -16.70
N ILE E 896 22.03 34.98 -17.41
CA ILE E 896 22.88 33.95 -17.99
C ILE E 896 22.59 33.84 -19.48
N ASN E 897 23.64 33.68 -20.27
CA ASN E 897 23.50 33.58 -21.71
C ASN E 897 23.04 32.18 -22.11
N VAL E 898 22.35 32.11 -23.25
CA VAL E 898 21.83 30.87 -23.79
C VAL E 898 22.38 30.68 -25.20
N THR E 899 22.74 29.45 -25.54
CA THR E 899 23.34 29.19 -26.84
C THR E 899 22.34 29.42 -27.97
N LEU E 900 21.08 29.03 -27.76
CA LEU E 900 19.99 29.33 -28.69
C LEU E 900 20.36 29.12 -30.15
N ALA E 901 20.21 27.88 -30.64
CA ALA E 901 20.47 27.59 -32.05
C ALA E 901 21.96 27.62 -32.37
N GLU E 902 22.34 26.99 -33.48
CA GLU E 902 23.74 26.88 -33.88
C GLU E 902 23.84 26.48 -35.34
N ARG E 903 22.69 26.18 -35.97
CA ARG E 903 22.69 25.73 -37.36
C ARG E 903 23.40 26.72 -38.26
N GLY E 904 22.96 27.98 -38.25
CA GLY E 904 23.57 29.00 -39.09
C GLY E 904 23.36 28.76 -40.58
N ARG E 911 18.43 25.71 -35.68
CA ARG E 911 17.83 25.67 -34.35
C ARG E 911 18.58 24.68 -33.47
N ASP E 912 18.86 25.08 -32.22
CA ASP E 912 19.53 24.18 -31.30
C ASP E 912 18.59 23.05 -30.86
N ALA E 913 19.19 21.92 -30.50
CA ALA E 913 18.46 20.73 -30.08
C ALA E 913 17.86 20.87 -28.69
N HIS E 914 18.39 21.73 -27.84
CA HIS E 914 17.95 21.84 -26.46
C HIS E 914 17.50 23.25 -26.11
N VAL E 915 17.05 24.02 -27.10
CA VAL E 915 16.48 25.33 -26.83
C VAL E 915 15.17 25.22 -26.07
N GLU E 916 14.49 24.08 -26.14
CA GLU E 916 13.19 23.95 -25.50
C GLU E 916 13.32 23.80 -23.99
N THR E 917 14.47 23.31 -23.51
CA THR E 917 14.66 23.12 -22.07
C THR E 917 15.30 24.33 -21.39
N SER E 918 16.18 25.05 -22.09
CA SER E 918 16.93 26.15 -21.51
C SER E 918 16.45 27.52 -21.94
N ALA E 919 15.95 27.67 -23.17
CA ALA E 919 15.52 28.97 -23.69
C ALA E 919 14.02 29.20 -23.55
N PHE E 920 13.21 28.18 -23.79
CA PHE E 920 11.77 28.35 -23.75
C PHE E 920 11.30 28.71 -22.34
N ALA E 921 10.30 29.58 -22.26
CA ALA E 921 9.70 29.98 -20.99
C ALA E 921 10.71 30.70 -20.10
N ARG E 922 11.47 31.61 -20.68
CA ARG E 922 12.45 32.42 -19.97
C ARG E 922 12.10 33.90 -20.11
N THR E 923 12.84 34.74 -19.39
CA THR E 923 12.69 36.18 -19.44
C THR E 923 14.03 36.81 -19.75
N LEU E 924 14.03 37.78 -20.66
CA LEU E 924 15.27 38.40 -21.12
C LEU E 924 15.74 39.48 -20.17
N ALA E 925 17.01 39.37 -19.74
CA ALA E 925 17.59 40.41 -18.90
C ALA E 925 18.03 41.61 -19.73
N THR E 926 18.36 41.40 -21.01
CA THR E 926 18.72 42.47 -21.92
C THR E 926 17.91 42.32 -23.20
N ASP E 927 17.71 43.44 -23.90
CA ASP E 927 16.97 43.41 -25.15
C ASP E 927 17.72 42.59 -26.19
N ALA E 928 16.96 42.07 -27.16
CA ALA E 928 17.52 41.32 -28.28
C ALA E 928 17.75 42.29 -29.43
N VAL E 929 19.02 42.62 -29.68
CA VAL E 929 19.39 43.59 -30.69
C VAL E 929 19.95 42.87 -31.92
N ASP E 930 19.44 43.21 -33.09
CA ASP E 930 19.94 42.67 -34.35
C ASP E 930 21.09 43.55 -34.86
N ALA E 931 21.98 42.93 -35.63
CA ALA E 931 23.12 43.66 -36.16
C ALA E 931 22.69 44.83 -37.03
N ASN E 932 21.55 44.71 -37.70
CA ASN E 932 21.06 45.77 -38.58
C ASN E 932 20.47 46.95 -37.82
N GLY E 933 20.47 46.91 -36.49
CA GLY E 933 19.93 47.99 -35.69
C GLY E 933 18.47 47.86 -35.33
N ASN E 934 17.80 46.78 -35.73
CA ASN E 934 16.40 46.57 -35.41
C ASN E 934 16.30 45.72 -34.16
N VAL E 935 15.63 46.24 -33.14
CA VAL E 935 15.44 45.53 -31.88
C VAL E 935 14.20 44.66 -31.98
N ILE E 936 14.34 43.37 -31.69
CA ILE E 936 13.25 42.41 -31.75
C ILE E 936 13.17 41.71 -30.40
N ILE E 937 11.99 41.72 -29.79
CA ILE E 937 11.78 41.16 -28.46
C ILE E 937 12.49 42.03 -27.43
N GLU E 938 11.72 42.73 -26.61
CA GLU E 938 12.26 43.61 -25.59
C GLU E 938 12.55 42.83 -24.30
N ARG E 939 13.43 43.40 -23.48
CA ARG E 939 13.80 42.75 -22.23
C ARG E 939 12.58 42.54 -21.36
N GLY E 940 12.62 41.49 -20.54
CA GLY E 940 11.49 41.17 -19.70
C GLY E 940 10.31 40.59 -20.44
N HIS E 941 10.54 39.92 -21.56
CA HIS E 941 9.48 39.30 -22.33
C HIS E 941 9.41 37.81 -22.01
N ASP E 942 8.25 37.22 -22.30
CA ASP E 942 7.99 35.84 -21.92
C ASP E 942 8.81 34.85 -22.73
N LEU E 943 9.30 35.24 -23.91
CA LEU E 943 10.07 34.35 -24.77
C LEU E 943 9.24 33.12 -25.15
N GLY E 944 8.05 33.34 -25.66
CA GLY E 944 7.27 32.25 -26.20
C GLY E 944 7.88 31.71 -27.48
N ASP E 945 7.50 30.48 -27.82
CA ASP E 945 8.01 29.87 -29.04
C ASP E 945 7.87 30.77 -30.26
N PRO E 946 6.77 31.51 -30.45
CA PRO E 946 6.76 32.51 -31.53
C PRO E 946 7.89 33.51 -31.40
N ALA E 947 8.22 33.91 -30.16
CA ALA E 947 9.35 34.82 -29.95
C ALA E 947 10.66 34.16 -30.36
N ILE E 948 10.81 32.87 -30.09
CA ILE E 948 12.02 32.15 -30.49
C ILE E 948 12.17 32.21 -32.00
N ASP E 949 11.07 31.99 -32.74
CA ASP E 949 11.14 32.06 -34.20
C ASP E 949 11.40 33.48 -34.67
N ALA E 950 10.68 34.46 -34.11
CA ALA E 950 10.97 35.85 -34.42
C ALA E 950 12.43 36.18 -34.17
N LEU E 951 12.98 35.67 -33.07
CA LEU E 951 14.41 35.81 -32.82
C LEU E 951 15.22 35.08 -33.91
N LEU E 952 14.84 33.85 -34.22
CA LEU E 952 15.55 33.10 -35.26
C LEU E 952 15.41 33.77 -36.61
N ALA E 953 14.34 34.55 -36.81
CA ALA E 953 14.19 35.27 -38.07
C ALA E 953 15.33 36.25 -38.28
N ALA E 954 15.68 37.00 -37.24
CA ALA E 954 16.79 37.94 -37.31
C ALA E 954 18.15 37.25 -37.21
N GLY E 955 18.18 35.95 -36.91
CA GLY E 955 19.42 35.22 -36.83
C GLY E 955 20.33 35.66 -35.70
N ILE E 956 19.80 35.66 -34.48
CA ILE E 956 20.57 35.98 -33.28
C ILE E 956 20.96 34.67 -32.60
N THR E 957 22.26 34.49 -32.39
CA THR E 957 22.73 33.21 -31.85
C THR E 957 22.41 33.08 -30.36
N THR E 958 22.85 34.04 -29.55
CA THR E 958 22.71 33.95 -28.11
C THR E 958 21.76 35.01 -27.58
N VAL E 959 21.32 34.82 -26.35
CA VAL E 959 20.42 35.74 -25.66
C VAL E 959 20.69 35.66 -24.16
N LYS E 960 20.75 36.82 -23.51
CA LYS E 960 20.89 36.88 -22.07
C LYS E 960 19.53 36.75 -21.42
N VAL E 961 19.46 35.93 -20.37
CA VAL E 961 18.18 35.52 -19.78
C VAL E 961 18.27 35.58 -18.26
N ARG E 962 17.18 36.00 -17.63
CA ARG E 962 17.07 35.96 -16.19
C ARG E 962 17.06 34.52 -15.70
N SER E 963 17.57 34.32 -14.49
CA SER E 963 17.63 32.99 -13.90
C SER E 963 17.65 33.08 -12.38
N VAL E 964 17.11 32.05 -11.73
CA VAL E 964 17.16 31.96 -10.28
C VAL E 964 18.58 31.83 -9.75
N LEU E 965 19.53 31.54 -10.64
CA LEU E 965 20.93 31.53 -10.22
C LEU E 965 21.43 32.94 -9.93
N THR E 966 20.86 33.94 -10.60
CA THR E 966 21.30 35.32 -10.48
C THR E 966 20.31 36.19 -9.71
N CYS E 967 19.14 35.66 -9.36
CA CYS E 967 18.15 36.46 -8.64
C CYS E 967 18.72 36.97 -7.32
N THR E 968 18.56 38.27 -7.10
CA THR E 968 19.07 38.93 -5.89
C THR E 968 18.04 39.00 -4.77
N SER E 969 16.94 38.27 -4.88
CA SER E 969 15.90 38.32 -3.86
C SER E 969 16.47 37.92 -2.50
N ALA E 970 16.21 38.75 -1.50
CA ALA E 970 16.67 38.44 -0.14
C ALA E 970 16.06 37.13 0.34
N THR E 971 14.82 36.86 -0.01
CA THR E 971 14.10 35.65 0.40
C THR E 971 13.59 34.94 -0.84
N GLY E 972 13.93 33.65 -0.96
CA GLY E 972 13.45 32.87 -2.09
C GLY E 972 13.89 33.49 -3.40
N VAL E 973 12.95 33.53 -4.36
CA VAL E 973 13.19 34.08 -5.68
C VAL E 973 12.00 34.94 -6.07
N CYS E 974 12.13 35.64 -7.20
CA CYS E 974 11.10 36.52 -7.71
C CYS E 974 10.45 35.91 -8.96
N ALA E 975 9.26 36.41 -9.29
CA ALA E 975 8.52 35.88 -10.42
C ALA E 975 9.29 36.06 -11.72
N MET E 976 9.76 37.29 -11.98
CA MET E 976 10.42 37.57 -13.25
C MET E 976 11.63 36.68 -13.46
N CYS E 977 12.51 36.59 -12.45
CA CYS E 977 13.70 35.76 -12.60
C CYS E 977 13.33 34.32 -12.89
N TYR E 978 12.30 33.80 -12.20
CA TYR E 978 11.91 32.42 -12.43
C TYR E 978 11.33 32.22 -13.83
N GLY E 979 10.33 33.02 -14.18
CA GLY E 979 9.77 33.00 -15.51
C GLY E 979 8.40 32.35 -15.56
N ARG E 980 8.04 31.90 -16.75
CA ARG E 980 6.74 31.31 -16.98
C ARG E 980 6.59 30.01 -16.18
N SER E 981 5.43 29.85 -15.54
CA SER E 981 5.10 28.60 -14.89
C SER E 981 4.78 27.54 -15.94
N MET E 982 5.45 26.39 -15.85
CA MET E 982 5.26 25.35 -16.85
C MET E 982 3.81 24.86 -16.89
N ALA E 983 3.13 24.89 -15.75
CA ALA E 983 1.74 24.41 -15.70
C ALA E 983 0.77 25.43 -16.27
N THR E 984 0.89 26.69 -15.83
CA THR E 984 -0.08 27.70 -16.23
C THR E 984 0.19 28.26 -17.62
N GLY E 985 1.44 28.21 -18.09
CA GLY E 985 1.81 28.87 -19.32
C GLY E 985 1.95 30.37 -19.23
N LYS E 986 1.58 30.96 -18.10
CA LYS E 986 1.71 32.39 -17.86
C LYS E 986 2.83 32.62 -16.84
N LEU E 987 3.02 33.87 -16.46
CA LEU E 987 4.02 34.18 -15.44
C LEU E 987 3.70 33.45 -14.15
N VAL E 988 4.75 33.03 -13.44
CA VAL E 988 4.57 32.28 -12.21
C VAL E 988 3.88 33.15 -11.17
N ASP E 989 2.94 32.56 -10.45
CA ASP E 989 2.26 33.29 -9.37
C ASP E 989 3.21 33.49 -8.19
N ILE E 990 2.94 34.54 -7.42
CA ILE E 990 3.84 34.93 -6.35
C ILE E 990 4.01 33.80 -5.34
N GLY E 991 2.91 33.13 -4.99
CA GLY E 991 2.96 32.13 -3.94
C GLY E 991 3.60 30.81 -4.30
N GLU E 992 3.82 30.55 -5.59
CA GLU E 992 4.33 29.26 -6.04
C GLU E 992 5.54 28.82 -5.21
N ALA E 993 5.48 27.57 -4.74
CA ALA E 993 6.63 26.93 -4.08
C ALA E 993 7.38 26.16 -5.15
N VAL E 994 8.35 26.81 -5.78
CA VAL E 994 9.00 26.22 -6.93
C VAL E 994 10.03 25.16 -6.53
N GLY E 995 10.60 25.28 -5.33
CA GLY E 995 11.61 24.31 -4.91
C GLY E 995 11.08 22.88 -4.93
N ILE E 996 9.91 22.66 -4.34
CA ILE E 996 9.34 21.32 -4.30
C ILE E 996 8.99 20.85 -5.71
N VAL E 997 8.32 21.71 -6.48
CA VAL E 997 8.00 21.37 -7.87
C VAL E 997 9.26 20.98 -8.63
N ALA E 998 10.36 21.68 -8.35
CA ALA E 998 11.63 21.33 -8.99
C ALA E 998 12.10 19.95 -8.58
N ALA E 999 12.07 19.67 -7.27
CA ALA E 999 12.51 18.37 -6.78
C ALA E 999 11.70 17.25 -7.42
N GLN E 1000 10.37 17.39 -7.45
CA GLN E 1000 9.53 16.37 -8.07
C GLN E 1000 9.81 16.27 -9.56
N SER E 1001 9.91 17.41 -10.24
CA SER E 1001 10.21 17.41 -11.67
C SER E 1001 11.50 16.66 -11.97
N ILE E 1002 12.41 16.56 -11.00
CA ILE E 1002 13.67 15.87 -11.17
C ILE E 1002 13.62 14.43 -10.67
N GLY E 1003 12.91 14.20 -9.55
CA GLY E 1003 12.87 12.87 -8.98
C GLY E 1003 11.97 11.92 -9.76
N GLU E 1004 10.84 12.41 -10.28
CA GLU E 1004 9.91 11.56 -11.01
C GLU E 1004 10.58 10.77 -12.12
N PRO E 1005 11.30 11.37 -13.07
CA PRO E 1005 11.90 10.59 -14.15
C PRO E 1005 13.04 9.69 -13.70
N GLY E 1006 13.43 9.72 -12.43
CA GLY E 1006 14.50 8.86 -11.95
C GLY E 1006 14.27 7.39 -12.23
N THR E 1007 13.01 6.99 -12.44
CA THR E 1007 12.71 5.60 -12.75
C THR E 1007 13.22 5.18 -14.12
N GLN E 1008 13.52 6.14 -15.00
CA GLN E 1008 13.97 5.85 -16.36
C GLN E 1008 15.48 5.97 -16.51
N LEU E 1009 16.23 5.97 -15.40
CA LEU E 1009 17.67 6.07 -15.43
C LEU E 1009 18.31 4.69 -15.51
N THR E 1010 19.36 4.58 -16.31
CA THR E 1010 20.06 3.31 -16.49
C THR E 1010 21.22 3.17 -15.51
N GLY E 1027 26.56 6.81 -16.00
CA GLY E 1027 25.65 7.54 -16.88
C GLY E 1027 24.19 7.34 -16.53
N GLY E 1028 23.87 7.48 -15.24
CA GLY E 1028 22.50 7.32 -14.79
C GLY E 1028 22.27 7.87 -13.40
N LEU E 1029 21.42 7.19 -12.63
CA LEU E 1029 21.11 7.64 -11.28
C LEU E 1029 22.36 7.86 -10.42
N PRO E 1030 23.36 6.99 -10.44
CA PRO E 1030 24.56 7.27 -9.62
C PRO E 1030 25.29 8.53 -10.05
N ARG E 1031 25.37 8.77 -11.36
CA ARG E 1031 25.99 9.99 -11.85
C ARG E 1031 25.24 11.22 -11.33
N VAL E 1032 23.91 11.16 -11.30
CA VAL E 1032 23.12 12.30 -10.85
C VAL E 1032 23.39 12.59 -9.38
N GLN E 1033 23.30 11.57 -8.53
CA GLN E 1033 23.61 11.75 -7.11
C GLN E 1033 25.04 12.23 -6.91
N GLU E 1034 25.96 11.80 -7.79
CA GLU E 1034 27.33 12.31 -7.71
C GLU E 1034 27.37 13.82 -7.89
N LEU E 1035 26.48 14.35 -8.74
CA LEU E 1035 26.46 15.78 -9.02
C LEU E 1035 25.77 16.56 -7.91
N PHE E 1036 24.52 16.20 -7.60
CA PHE E 1036 23.77 16.95 -6.59
C PHE E 1036 24.38 16.85 -5.20
N GLU E 1037 25.20 15.83 -4.95
CA GLU E 1037 25.84 15.69 -3.66
C GLU E 1037 27.22 16.34 -3.60
N ALA E 1038 27.73 16.85 -4.72
CA ALA E 1038 28.98 17.60 -4.79
C ALA E 1038 30.20 16.74 -4.47
N ARG E 1039 30.09 15.42 -4.55
CA ARG E 1039 31.23 14.57 -4.32
C ARG E 1039 32.23 14.68 -5.49
N VAL E 1040 33.50 14.44 -5.18
CA VAL E 1040 34.51 14.44 -6.24
C VAL E 1040 34.16 13.38 -7.26
N PRO E 1041 34.37 13.61 -8.56
CA PRO E 1041 33.91 12.66 -9.56
C PRO E 1041 34.51 11.28 -9.36
N ARG E 1042 33.75 10.25 -9.76
CA ARG E 1042 34.25 8.89 -9.74
C ARG E 1042 35.62 8.80 -10.41
N ASN E 1043 35.71 9.27 -11.65
CA ASN E 1043 36.98 9.37 -12.38
C ASN E 1043 37.22 10.85 -12.66
N LYS E 1044 38.09 11.46 -11.87
CA LYS E 1044 38.32 12.90 -11.97
C LYS E 1044 38.88 13.26 -13.34
N ALA E 1045 38.63 14.51 -13.75
CA ALA E 1045 39.12 15.05 -15.01
C ALA E 1045 39.63 16.46 -14.76
N PRO E 1046 40.72 16.85 -15.40
CA PRO E 1046 41.32 18.16 -15.15
C PRO E 1046 40.72 19.26 -16.02
N ILE E 1047 40.84 20.49 -15.52
CA ILE E 1047 40.39 21.69 -16.22
C ILE E 1047 41.57 22.64 -16.39
N ALA E 1048 41.46 23.48 -17.42
CA ALA E 1048 42.54 24.43 -17.71
C ALA E 1048 42.58 25.53 -16.65
N ASP E 1049 43.68 25.58 -15.91
CA ASP E 1049 43.85 26.57 -14.86
C ASP E 1049 44.17 27.95 -15.40
N VAL E 1050 44.43 28.09 -16.70
CA VAL E 1050 44.79 29.37 -17.31
C VAL E 1050 44.58 29.24 -18.82
N ALA E 1051 44.81 30.34 -19.54
CA ALA E 1051 44.61 30.38 -20.99
C ALA E 1051 45.96 30.36 -21.70
N GLY E 1052 46.00 29.64 -22.81
CA GLY E 1052 47.22 29.54 -23.59
C GLY E 1052 47.23 28.28 -24.44
N ARG E 1053 48.41 27.96 -24.94
CA ARG E 1053 48.60 26.76 -25.75
C ARG E 1053 48.81 25.54 -24.85
N VAL E 1054 48.85 24.37 -25.48
CA VAL E 1054 48.96 23.11 -24.76
C VAL E 1054 50.06 22.27 -25.41
N ARG E 1055 50.86 21.61 -24.56
CA ARG E 1055 51.91 20.70 -25.01
C ARG E 1055 51.53 19.29 -24.60
N LEU E 1056 51.13 18.48 -25.58
CA LEU E 1056 50.76 17.10 -25.34
C LEU E 1056 52.01 16.23 -25.38
N GLU E 1057 52.30 15.55 -24.27
CA GLU E 1057 53.45 14.68 -24.16
C GLU E 1057 52.97 13.24 -23.95
N GLU E 1058 53.57 12.31 -24.68
CA GLU E 1058 53.19 10.91 -24.67
C GLU E 1058 54.24 10.11 -23.89
N SER E 1059 53.81 9.51 -22.78
CA SER E 1059 54.67 8.63 -22.00
C SER E 1059 53.89 7.38 -21.63
N ASP E 1060 54.56 6.23 -21.70
CA ASP E 1060 53.89 4.96 -21.43
C ASP E 1060 53.22 4.98 -20.06
N LYS E 1061 53.87 5.59 -19.06
CA LYS E 1061 53.30 5.62 -17.72
C LYS E 1061 52.02 6.43 -17.68
N PHE E 1062 52.07 7.69 -18.13
CA PHE E 1062 50.91 8.57 -18.06
C PHE E 1062 51.00 9.61 -19.16
N PHE E 1063 49.84 10.20 -19.47
CA PHE E 1063 49.77 11.35 -20.37
C PHE E 1063 50.15 12.62 -19.62
N LYS E 1064 50.87 13.51 -20.29
CA LYS E 1064 51.28 14.79 -19.71
C LYS E 1064 50.76 15.92 -20.58
N ILE E 1065 50.02 16.84 -19.97
CA ILE E 1065 49.48 18.01 -20.65
C ILE E 1065 50.03 19.24 -19.97
N THR E 1066 50.90 19.97 -20.67
CA THR E 1066 51.44 21.23 -20.18
C THR E 1066 50.75 22.37 -20.91
N ILE E 1067 50.42 23.42 -20.17
CA ILE E 1067 49.74 24.59 -20.71
C ILE E 1067 50.71 25.76 -20.70
N VAL E 1068 51.01 26.29 -21.88
CA VAL E 1068 51.87 27.46 -22.02
C VAL E 1068 50.99 28.70 -22.02
N PRO E 1069 50.94 29.46 -20.94
CA PRO E 1069 50.03 30.61 -20.89
C PRO E 1069 50.41 31.67 -21.92
N ASP E 1070 49.43 32.52 -22.22
CA ASP E 1070 49.64 33.65 -23.12
C ASP E 1070 50.06 34.92 -22.38
N ASP E 1071 50.56 34.78 -21.15
CA ASP E 1071 50.97 35.93 -20.36
C ASP E 1071 52.26 36.57 -20.90
N GLY E 1072 53.34 35.80 -21.03
CA GLY E 1072 53.36 34.40 -20.66
C GLY E 1072 54.07 34.17 -19.35
N GLY E 1073 53.39 33.51 -18.42
CA GLY E 1073 53.95 33.28 -17.09
C GLY E 1073 54.32 31.84 -16.83
N GLU E 1074 54.26 31.45 -15.56
CA GLU E 1074 54.65 30.09 -15.17
C GLU E 1074 53.77 29.06 -15.87
N GLU E 1075 54.40 28.05 -16.45
CA GLU E 1075 53.68 26.99 -17.13
C GLU E 1075 52.89 26.15 -16.11
N VAL E 1076 51.73 25.68 -16.54
CA VAL E 1076 50.87 24.84 -15.72
C VAL E 1076 50.99 23.41 -16.20
N VAL E 1077 51.39 22.51 -15.31
CA VAL E 1077 51.67 21.12 -15.65
C VAL E 1077 50.55 20.25 -15.12
N TYR E 1078 50.07 19.34 -15.97
CA TYR E 1078 49.11 18.31 -15.58
C TYR E 1078 49.74 16.95 -15.90
N ASP E 1079 50.76 16.59 -15.10
CA ASP E 1079 51.58 15.43 -15.42
C ASP E 1079 50.83 14.13 -15.23
N LYS E 1080 50.25 13.92 -14.05
CA LYS E 1080 49.57 12.67 -13.75
C LYS E 1080 48.28 12.56 -14.56
N LEU E 1081 48.26 11.62 -15.50
CA LEU E 1081 47.09 11.41 -16.36
C LEU E 1081 47.06 9.96 -16.81
N SER E 1082 45.91 9.31 -16.64
CA SER E 1082 45.72 7.94 -17.06
C SER E 1082 45.27 7.90 -18.51
N LYS E 1083 45.96 7.11 -19.33
CA LYS E 1083 45.60 7.01 -20.74
C LYS E 1083 44.19 6.45 -20.91
N ARG E 1084 43.71 5.67 -19.94
CA ARG E 1084 42.37 5.08 -20.03
C ARG E 1084 41.28 6.14 -19.98
N GLN E 1085 41.61 7.39 -19.65
CA GLN E 1085 40.62 8.46 -19.59
C GLN E 1085 40.43 9.16 -20.93
N ARG E 1086 41.25 8.86 -21.93
CA ARG E 1086 41.11 9.45 -23.25
C ARG E 1086 41.35 10.96 -23.24
N LEU E 1087 40.96 11.63 -24.31
CA LEU E 1087 41.11 13.07 -24.45
C LEU E 1087 39.74 13.72 -24.60
N ARG E 1088 39.70 15.04 -24.38
CA ARG E 1088 38.50 15.81 -24.63
C ARG E 1088 38.37 16.11 -26.12
N VAL E 1089 37.13 16.24 -26.57
CA VAL E 1089 36.84 16.47 -27.98
C VAL E 1089 36.63 17.96 -28.20
N ILE E 1090 36.94 18.41 -29.41
CA ILE E 1090 36.80 19.82 -29.77
C ILE E 1090 35.37 20.30 -29.57
N GLY E 1098 37.19 17.61 -33.78
CA GLY E 1098 38.36 16.78 -33.59
C GLY E 1098 38.77 16.66 -32.14
N VAL E 1099 39.88 15.97 -31.90
CA VAL E 1099 40.38 15.77 -30.55
C VAL E 1099 41.38 16.88 -30.22
N LEU E 1100 41.51 17.17 -28.93
CA LEU E 1100 42.50 18.13 -28.47
C LEU E 1100 43.90 17.63 -28.80
N SER E 1101 44.59 18.31 -29.71
CA SER E 1101 45.89 17.90 -30.19
C SER E 1101 46.97 18.82 -29.64
N ASP E 1102 48.23 18.51 -30.01
CA ASP E 1102 49.36 19.30 -29.54
C ASP E 1102 49.39 20.65 -30.24
N GLY E 1103 49.41 21.72 -29.47
CA GLY E 1103 49.48 23.07 -30.00
C GLY E 1103 48.16 23.80 -30.08
N ASP E 1104 47.05 23.15 -29.75
CA ASP E 1104 45.75 23.79 -29.79
C ASP E 1104 45.66 24.86 -28.69
N HIS E 1105 44.70 25.76 -28.86
CA HIS E 1105 44.44 26.79 -27.87
C HIS E 1105 43.39 26.30 -26.88
N VAL E 1106 43.55 26.72 -25.63
CA VAL E 1106 42.64 26.34 -24.56
C VAL E 1106 42.23 27.58 -23.79
N GLU E 1107 40.98 27.62 -23.36
CA GLU E 1107 40.44 28.76 -22.61
C GLU E 1107 40.46 28.47 -21.11
N VAL E 1108 40.01 29.45 -20.33
CA VAL E 1108 40.18 29.39 -18.88
C VAL E 1108 39.32 28.31 -18.23
N GLY E 1109 38.23 27.88 -18.87
CA GLY E 1109 37.35 26.92 -18.26
C GLY E 1109 37.19 25.62 -19.01
N ASP E 1110 38.02 25.41 -20.03
CA ASP E 1110 37.90 24.22 -20.85
C ASP E 1110 38.27 22.97 -20.06
N GLN E 1111 37.69 21.84 -20.45
CA GLN E 1111 37.98 20.54 -19.87
C GLN E 1111 39.00 19.84 -20.75
N LEU E 1112 40.06 19.31 -20.14
CA LEU E 1112 41.18 18.77 -20.90
C LEU E 1112 41.00 17.31 -21.27
N MET E 1113 40.46 16.48 -20.38
CA MET E 1113 40.30 15.06 -20.64
C MET E 1113 38.85 14.64 -20.38
N GLU E 1114 38.45 13.56 -21.06
CA GLU E 1114 37.10 13.03 -20.92
C GLU E 1114 36.84 12.59 -19.49
N GLY E 1115 35.66 12.90 -18.99
CA GLY E 1115 35.26 12.51 -17.66
C GLY E 1115 34.45 13.61 -17.00
N ALA E 1116 34.48 13.61 -15.67
CA ALA E 1116 33.75 14.58 -14.87
C ALA E 1116 34.74 15.47 -14.12
N ALA E 1117 34.61 16.78 -14.30
CA ALA E 1117 35.48 17.72 -13.64
C ALA E 1117 35.05 17.92 -12.20
N ASP E 1118 36.02 18.07 -11.30
CA ASP E 1118 35.75 18.29 -9.90
C ASP E 1118 35.01 19.61 -9.72
N PRO E 1119 33.73 19.58 -9.34
CA PRO E 1119 33.00 20.84 -9.16
C PRO E 1119 33.70 21.81 -8.22
N HIS E 1120 34.31 21.31 -7.13
CA HIS E 1120 35.10 22.18 -6.27
C HIS E 1120 36.28 22.78 -7.02
N GLU E 1121 36.78 22.07 -8.03
CA GLU E 1121 37.90 22.59 -8.82
C GLU E 1121 37.44 23.76 -9.69
N VAL E 1122 36.35 23.57 -10.45
CA VAL E 1122 35.85 24.62 -11.31
C VAL E 1122 35.33 25.81 -10.52
N LEU E 1123 35.00 25.62 -9.24
CA LEU E 1123 34.52 26.74 -8.43
C LEU E 1123 35.61 27.79 -8.24
N ARG E 1124 36.76 27.37 -7.68
CA ARG E 1124 37.84 28.32 -7.43
C ARG E 1124 38.46 28.85 -8.73
N VAL E 1125 38.19 28.21 -9.86
CA VAL E 1125 38.76 28.63 -11.13
C VAL E 1125 37.82 29.60 -11.83
N GLN E 1126 36.61 29.14 -12.14
CA GLN E 1126 35.68 29.95 -12.91
C GLN E 1126 34.74 30.78 -12.03
N GLY E 1127 34.59 30.44 -10.76
CA GLY E 1127 33.71 31.18 -9.88
C GLY E 1127 32.38 30.50 -9.66
N PRO E 1128 31.59 31.02 -8.71
CA PRO E 1128 30.32 30.35 -8.38
C PRO E 1128 29.35 30.28 -9.55
N ARG E 1129 29.15 31.38 -10.28
CA ARG E 1129 28.16 31.40 -11.34
C ARG E 1129 28.44 30.35 -12.39
N GLU E 1130 29.72 30.16 -12.75
CA GLU E 1130 30.04 29.19 -13.79
C GLU E 1130 29.93 27.76 -13.28
N VAL E 1131 30.11 27.55 -11.97
CA VAL E 1131 29.86 26.23 -11.40
C VAL E 1131 28.41 25.82 -11.61
N GLN E 1132 27.49 26.71 -11.23
CA GLN E 1132 26.06 26.39 -11.36
C GLN E 1132 25.70 26.10 -12.80
N ILE E 1133 26.31 26.81 -13.76
CA ILE E 1133 26.07 26.50 -15.17
C ILE E 1133 26.60 25.12 -15.52
N HIS E 1134 27.72 24.74 -14.93
CA HIS E 1134 28.30 23.43 -15.22
C HIS E 1134 27.43 22.31 -14.66
N LEU E 1135 27.09 22.39 -13.38
CA LEU E 1135 26.27 21.34 -12.76
C LEU E 1135 24.97 21.14 -13.51
N VAL E 1136 24.27 22.22 -13.83
CA VAL E 1136 23.06 22.11 -14.63
C VAL E 1136 23.38 21.48 -15.98
N LYS E 1137 24.55 21.79 -16.54
CA LYS E 1137 24.93 21.23 -17.82
C LYS E 1137 25.06 19.72 -17.75
N GLU E 1138 25.81 19.22 -16.76
CA GLU E 1138 26.01 17.79 -16.63
C GLU E 1138 24.72 17.08 -16.21
N VAL E 1139 24.03 17.65 -15.21
CA VAL E 1139 22.79 17.03 -14.74
C VAL E 1139 21.80 16.87 -15.88
N GLN E 1140 21.58 17.95 -16.65
CA GLN E 1140 20.65 17.87 -17.77
C GLN E 1140 21.12 16.88 -18.83
N GLU E 1141 22.43 16.74 -18.98
CA GLU E 1141 22.94 15.82 -20.00
C GLU E 1141 22.63 14.37 -19.65
N VAL E 1142 22.61 14.04 -18.36
CA VAL E 1142 22.22 12.69 -17.95
C VAL E 1142 20.78 12.40 -18.36
N TYR E 1143 19.85 13.24 -17.89
CA TYR E 1143 18.44 13.03 -18.21
C TYR E 1143 18.20 13.07 -19.71
N ARG E 1144 18.82 14.02 -20.41
CA ARG E 1144 18.65 14.09 -21.86
C ARG E 1144 19.10 12.79 -22.52
N ALA E 1145 20.14 12.15 -21.98
CA ALA E 1145 20.57 10.87 -22.53
C ALA E 1145 19.45 9.84 -22.49
N GLN E 1146 18.58 9.93 -21.50
CA GLN E 1146 17.43 9.04 -21.38
C GLN E 1146 16.18 9.60 -22.07
N GLY E 1147 16.31 10.70 -22.80
CA GLY E 1147 15.16 11.31 -23.46
C GLY E 1147 14.16 11.94 -22.51
N VAL E 1148 14.64 12.56 -21.44
CA VAL E 1148 13.79 13.20 -20.43
C VAL E 1148 13.89 14.71 -20.60
N SER E 1149 12.73 15.37 -20.72
CA SER E 1149 12.66 16.81 -20.92
C SER E 1149 12.41 17.48 -19.58
N ILE E 1150 13.45 18.10 -19.02
CA ILE E 1150 13.34 18.86 -17.78
C ILE E 1150 13.83 20.27 -18.08
N HIS E 1151 13.02 21.26 -17.72
CA HIS E 1151 13.42 22.64 -17.94
C HIS E 1151 14.55 23.02 -16.98
N ASP E 1152 15.56 23.70 -17.52
CA ASP E 1152 16.75 24.01 -16.73
C ASP E 1152 16.40 24.68 -15.41
N LYS E 1153 15.34 25.50 -15.39
CA LYS E 1153 15.02 26.25 -14.18
C LYS E 1153 14.82 25.32 -12.99
N HIS E 1154 14.25 24.13 -13.22
CA HIS E 1154 14.09 23.18 -12.12
C HIS E 1154 15.43 22.80 -11.53
N ILE E 1155 16.38 22.39 -12.38
CA ILE E 1155 17.72 22.07 -11.89
C ILE E 1155 18.36 23.29 -11.26
N GLU E 1156 18.20 24.45 -11.89
CA GLU E 1156 18.78 25.68 -11.34
C GLU E 1156 18.29 25.94 -9.93
N VAL E 1157 17.00 25.72 -9.67
CA VAL E 1157 16.46 25.92 -8.33
C VAL E 1157 17.22 25.05 -7.33
N ILE E 1158 17.52 23.80 -7.71
CA ILE E 1158 18.27 22.92 -6.82
C ILE E 1158 19.71 23.41 -6.68
N VAL E 1159 20.33 23.80 -7.79
CA VAL E 1159 21.73 24.22 -7.75
C VAL E 1159 21.89 25.51 -6.95
N ARG E 1160 20.91 26.42 -7.04
CA ARG E 1160 21.00 27.67 -6.30
C ARG E 1160 21.27 27.43 -4.81
N GLN E 1161 20.70 26.35 -4.26
CA GLN E 1161 20.80 26.08 -2.84
C GLN E 1161 22.16 25.50 -2.43
N MET E 1162 23.04 25.20 -3.39
CA MET E 1162 24.36 24.68 -3.04
C MET E 1162 25.37 25.79 -2.75
N LEU E 1163 25.31 26.88 -3.52
CA LEU E 1163 26.25 27.99 -3.38
C LEU E 1163 25.69 29.12 -2.52
N ARG E 1164 24.82 28.79 -1.57
CA ARG E 1164 24.18 29.80 -0.74
C ARG E 1164 24.99 30.18 0.50
N ARG E 1165 26.10 29.50 0.76
CA ARG E 1165 26.88 29.74 1.95
C ARG E 1165 28.36 29.88 1.60
N VAL E 1166 29.09 30.51 2.53
CA VAL E 1166 30.53 30.76 2.38
C VAL E 1166 31.24 30.28 3.63
N THR E 1167 32.52 29.95 3.46
CA THR E 1167 33.36 29.52 4.58
C THR E 1167 34.00 30.74 5.24
N ILE E 1168 33.98 30.75 6.57
CA ILE E 1168 34.53 31.84 7.37
C ILE E 1168 35.93 31.43 7.78
N ILE E 1169 36.94 31.95 7.08
CA ILE E 1169 38.33 31.69 7.45
C ILE E 1169 38.73 32.50 8.68
N ASP E 1170 38.24 33.73 8.79
CA ASP E 1170 38.51 34.58 9.94
C ASP E 1170 37.31 35.48 10.19
N SER E 1171 36.93 35.59 11.45
CA SER E 1171 35.78 36.40 11.84
C SER E 1171 36.11 37.89 11.76
N THR E 1182 28.59 29.99 5.85
CA THR E 1182 27.46 30.76 6.36
C THR E 1182 26.77 31.51 5.22
N GLU E 1183 25.56 32.02 5.49
CA GLU E 1183 24.76 32.66 4.46
C GLU E 1183 25.39 33.98 4.02
N ARG E 1184 24.85 34.53 2.93
CA ARG E 1184 25.40 35.74 2.34
C ARG E 1184 24.87 37.01 3.02
N ALA E 1185 23.61 37.00 3.42
CA ALA E 1185 22.98 38.21 3.95
C ALA E 1185 23.69 38.72 5.21
N GLU E 1186 24.35 37.82 5.95
CA GLU E 1186 24.97 38.24 7.21
C GLU E 1186 26.19 39.12 6.98
N PHE E 1187 26.87 38.97 5.84
CA PHE E 1187 28.10 39.72 5.62
C PHE E 1187 27.83 41.19 5.31
N GLU E 1188 26.70 41.49 4.66
CA GLU E 1188 26.41 42.88 4.30
C GLU E 1188 26.28 43.76 5.54
N ALA E 1189 25.80 43.20 6.64
CA ALA E 1189 25.64 43.98 7.88
C ALA E 1189 26.66 43.55 8.93
N ALA E 1202 37.34 39.19 8.59
CA ALA E 1202 35.99 38.84 8.20
C ALA E 1202 35.91 38.56 6.70
N ALA E 1203 36.72 37.61 6.24
CA ALA E 1203 36.76 37.23 4.84
C ALA E 1203 36.19 35.82 4.67
N GLY E 1204 35.43 35.63 3.59
CA GLY E 1204 34.83 34.34 3.31
C GLY E 1204 34.88 34.04 1.82
N ARG E 1205 35.00 32.75 1.52
CA ARG E 1205 35.10 32.31 0.13
C ARG E 1205 33.84 31.55 -0.28
N PRO E 1206 33.42 31.68 -1.53
CA PRO E 1206 32.26 30.90 -2.00
C PRO E 1206 32.49 29.41 -1.81
N VAL E 1207 31.46 28.71 -1.34
CA VAL E 1207 31.54 27.30 -1.00
C VAL E 1207 30.53 26.53 -1.82
N LEU E 1208 30.93 25.34 -2.26
CA LEU E 1208 30.05 24.39 -2.92
C LEU E 1208 29.88 23.18 -2.02
N MET E 1209 28.64 22.78 -1.77
CA MET E 1209 28.37 21.66 -0.88
C MET E 1209 27.15 20.89 -1.38
N GLY E 1210 27.13 19.60 -1.08
CA GLY E 1210 26.03 18.75 -1.50
C GLY E 1210 24.72 19.14 -0.86
N ILE E 1211 23.64 18.58 -1.43
CA ILE E 1211 22.30 18.91 -0.95
C ILE E 1211 22.10 18.40 0.47
N THR E 1212 22.59 17.19 0.77
CA THR E 1212 22.41 16.63 2.11
C THR E 1212 23.08 17.52 3.17
N LYS E 1213 24.33 17.91 2.92
CA LYS E 1213 25.02 18.78 3.87
C LYS E 1213 24.34 20.14 3.96
N ALA E 1214 23.91 20.68 2.82
CA ALA E 1214 23.24 21.97 2.82
C ALA E 1214 21.93 21.91 3.61
N SER E 1215 21.12 20.89 3.34
CA SER E 1215 19.85 20.74 4.03
C SER E 1215 20.04 20.67 5.54
N LEU E 1216 21.05 19.91 5.99
CA LEU E 1216 21.33 19.81 7.42
C LEU E 1216 21.79 21.14 8.02
N ALA E 1217 22.16 22.10 7.19
CA ALA E 1217 22.61 23.41 7.67
C ALA E 1217 21.48 24.44 7.71
N THR E 1218 20.23 24.01 7.60
CA THR E 1218 19.11 24.94 7.61
C THR E 1218 18.93 25.54 9.00
N ASP E 1219 18.35 26.75 9.03
CA ASP E 1219 18.15 27.46 10.29
C ASP E 1219 17.16 26.76 11.21
N SER E 1220 16.29 25.91 10.67
CA SER E 1220 15.31 25.18 11.47
C SER E 1220 15.93 23.91 12.02
N TRP E 1221 15.83 23.71 13.33
CA TRP E 1221 16.45 22.53 13.94
C TRP E 1221 15.53 21.31 13.93
N LEU E 1222 14.23 21.50 14.18
CA LEU E 1222 13.33 20.36 14.07
C LEU E 1222 13.09 19.97 12.63
N SER E 1223 13.25 20.90 11.69
CA SER E 1223 13.27 20.54 10.28
C SER E 1223 14.48 19.68 9.96
N ALA E 1224 15.66 20.11 10.42
CA ALA E 1224 16.87 19.33 10.20
C ALA E 1224 16.86 18.03 10.99
N ALA E 1225 16.24 18.03 12.17
CA ALA E 1225 16.15 16.81 12.96
C ALA E 1225 15.33 15.76 12.24
N SER E 1226 14.26 16.17 11.56
CA SER E 1226 13.42 15.22 10.83
C SER E 1226 14.13 14.66 9.62
N PHE E 1227 15.09 15.39 9.05
CA PHE E 1227 15.80 14.94 7.86
C PHE E 1227 16.63 13.70 8.14
N GLN E 1228 17.84 13.88 8.65
CA GLN E 1228 18.76 12.77 8.87
C GLN E 1228 19.39 12.86 10.26
N GLU E 1229 19.70 11.68 10.81
CA GLU E 1229 20.29 11.52 12.13
C GLU E 1229 19.77 12.56 13.11
N THR E 1230 18.70 12.22 13.83
CA THR E 1230 18.07 13.18 14.73
C THR E 1230 18.91 13.42 15.98
N THR E 1231 19.74 12.45 16.37
CA THR E 1231 20.50 12.57 17.61
C THR E 1231 21.49 13.73 17.54
N ARG E 1232 22.36 13.72 16.53
CA ARG E 1232 23.37 14.78 16.43
C ARG E 1232 22.73 16.15 16.33
N VAL E 1233 21.69 16.28 15.49
CA VAL E 1233 21.00 17.56 15.37
C VAL E 1233 20.40 17.97 16.71
N LEU E 1234 19.75 17.02 17.40
CA LEU E 1234 19.14 17.34 18.68
C LEU E 1234 20.19 17.70 19.72
N THR E 1235 21.28 16.93 19.79
CA THR E 1235 22.34 17.25 20.75
C THR E 1235 22.97 18.60 20.45
N ASP E 1236 23.38 18.82 19.19
CA ASP E 1236 23.98 20.09 18.81
C ASP E 1236 23.00 21.24 18.99
N ALA E 1237 21.71 20.99 18.71
CA ALA E 1237 20.72 22.04 18.89
C ALA E 1237 20.51 22.36 20.36
N ALA E 1238 20.43 21.33 21.20
CA ALA E 1238 20.24 21.56 22.63
C ALA E 1238 21.41 22.31 23.23
N ILE E 1239 22.64 21.97 22.83
CA ILE E 1239 23.81 22.64 23.37
C ILE E 1239 23.85 24.10 22.90
N ASN E 1240 23.77 24.32 21.59
CA ASN E 1240 23.72 25.68 21.06
C ASN E 1240 22.51 26.46 21.59
N CYS E 1241 21.49 25.76 22.08
CA CYS E 1241 20.28 26.41 22.59
C CYS E 1241 19.56 27.15 21.47
N ARG E 1242 19.54 26.57 20.27
CA ARG E 1242 18.95 27.23 19.13
C ARG E 1242 17.44 27.39 19.30
N SER E 1243 16.90 28.39 18.62
CA SER E 1243 15.47 28.67 18.62
C SER E 1243 14.98 28.69 17.18
N ASP E 1244 13.91 27.93 16.91
CA ASP E 1244 13.36 27.84 15.57
C ASP E 1244 12.22 28.85 15.41
N LYS E 1245 12.37 29.75 14.44
CA LYS E 1245 11.36 30.76 14.19
C LYS E 1245 10.17 30.24 13.39
N LEU E 1246 10.11 28.94 13.11
CA LEU E 1246 9.03 28.36 12.32
C LEU E 1246 8.92 29.06 10.97
N ASN E 1247 10.06 29.27 10.32
CA ASN E 1247 10.10 30.01 9.07
C ASN E 1247 9.77 29.11 7.88
N GLY E 1248 10.26 27.88 7.88
CA GLY E 1248 10.02 26.98 6.78
C GLY E 1248 8.64 26.36 6.84
N LEU E 1249 8.33 25.59 5.79
CA LEU E 1249 7.02 24.95 5.70
C LEU E 1249 6.98 23.58 6.36
N LYS E 1250 8.11 22.88 6.42
CA LYS E 1250 8.15 21.60 7.13
C LYS E 1250 7.74 21.77 8.59
N GLU E 1251 8.30 22.78 9.25
CA GLU E 1251 7.95 23.04 10.66
C GLU E 1251 6.44 23.22 10.81
N ASN E 1252 5.86 24.12 10.02
CA ASN E 1252 4.42 24.35 10.13
C ASN E 1252 3.62 23.08 9.85
N VAL E 1253 4.16 22.19 9.02
CA VAL E 1253 3.48 20.91 8.78
C VAL E 1253 3.48 20.07 10.04
N ILE E 1254 4.63 19.99 10.73
CA ILE E 1254 4.73 19.17 11.93
C ILE E 1254 3.79 19.69 13.01
N ILE E 1255 3.84 20.99 13.29
CA ILE E 1255 3.01 21.56 14.36
C ILE E 1255 1.58 21.83 13.91
N GLY E 1256 1.28 21.69 12.63
CA GLY E 1256 -0.06 21.93 12.13
C GLY E 1256 -0.36 23.36 11.76
N LYS E 1257 0.65 24.17 11.46
CA LYS E 1257 0.44 25.56 11.07
C LYS E 1257 0.36 25.66 9.55
N LEU E 1258 -0.17 26.79 9.08
CA LEU E 1258 -0.31 27.01 7.64
C LEU E 1258 1.06 27.23 7.02
N ILE E 1259 1.41 26.39 6.05
CA ILE E 1259 2.74 26.50 5.43
C ILE E 1259 2.90 27.87 4.80
N PRO E 1260 4.09 28.48 4.86
CA PRO E 1260 4.29 29.80 4.24
C PRO E 1260 4.49 29.70 2.73
N ALA E 1261 3.47 29.20 2.05
CA ALA E 1261 3.50 29.08 0.60
C ALA E 1261 2.07 28.91 0.09
N GLY E 1262 1.84 29.32 -1.15
CA GLY E 1262 0.50 29.25 -1.70
C GLY E 1262 -0.46 30.06 -0.86
N THR E 1263 -1.61 29.48 -0.57
CA THR E 1263 -2.64 30.16 0.23
C THR E 1263 -2.20 30.47 1.64
N GLY E 1264 -0.99 30.09 2.05
CA GLY E 1264 -0.48 30.39 3.36
C GLY E 1264 0.25 31.72 3.50
N ILE E 1265 0.66 32.31 2.37
CA ILE E 1265 1.34 33.60 2.42
C ILE E 1265 0.47 34.63 3.14
N SER E 1266 1.15 35.55 3.84
CA SER E 1266 0.43 36.57 4.60
C SER E 1266 -0.44 37.43 3.67
N ARG E 1267 0.12 37.84 2.53
CA ARG E 1267 -0.63 38.71 1.63
C ARG E 1267 -1.89 38.06 1.10
N TYR E 1268 -1.95 36.72 1.07
CA TYR E 1268 -3.10 36.02 0.51
C TYR E 1268 -4.14 35.64 1.56
N ARG E 1269 -3.70 35.28 2.77
CA ARG E 1269 -4.61 34.83 3.79
C ARG E 1269 -5.22 35.96 4.60
N ASN E 1270 -4.71 37.18 4.46
CA ASN E 1270 -5.24 38.35 5.16
C ASN E 1270 -6.18 39.18 4.30
N ILE E 1271 -6.64 38.64 3.18
CA ILE E 1271 -7.53 39.38 2.30
C ILE E 1271 -8.86 39.61 3.01
N GLN E 1272 -9.47 40.76 2.74
CA GLN E 1272 -10.79 41.11 3.26
C GLN E 1272 -11.79 41.10 2.13
N VAL E 1273 -12.94 40.47 2.36
CA VAL E 1273 -13.98 40.33 1.34
C VAL E 1273 -15.19 41.13 1.81
N GLN E 1274 -15.45 42.25 1.13
CA GLN E 1274 -16.60 43.10 1.43
C GLN E 1274 -17.32 43.39 0.13
N PRO E 1275 -18.64 43.24 0.07
CA PRO E 1275 -19.37 43.50 -1.16
C PRO E 1275 -19.42 44.99 -1.46
N THR E 1276 -19.24 45.34 -2.73
CA THR E 1276 -19.33 46.72 -3.14
C THR E 1276 -20.70 47.29 -2.78
N GLU E 1277 -20.70 48.51 -2.25
CA GLU E 1277 -21.97 49.15 -1.87
C GLU E 1277 -22.96 49.14 -3.02
N GLU E 1278 -22.47 49.20 -4.26
CA GLU E 1278 -23.37 49.17 -5.41
C GLU E 1278 -24.09 47.83 -5.52
N ALA E 1279 -23.38 46.73 -5.23
CA ALA E 1279 -24.00 45.41 -5.32
C ALA E 1279 -25.05 45.22 -4.23
N ARG E 1280 -24.78 45.70 -3.02
CA ARG E 1280 -25.74 45.55 -1.93
C ARG E 1280 -27.06 46.25 -2.25
N ALA E 1281 -27.00 47.36 -3.00
CA ALA E 1281 -28.23 48.05 -3.38
C ALA E 1281 -29.11 47.17 -4.26
N ALA E 1282 -28.50 46.46 -5.21
CA ALA E 1282 -29.26 45.56 -6.06
C ALA E 1282 -29.95 44.47 -5.25
N ALA E 1283 -29.34 44.04 -4.16
CA ALA E 1283 -29.93 43.01 -3.30
C ALA E 1283 -30.25 41.74 -4.08
N ALA F 25 -15.33 31.17 -28.76
CA ALA F 25 -16.03 30.81 -27.53
C ALA F 25 -15.49 29.51 -26.94
N TYR F 26 -15.93 29.18 -25.74
CA TYR F 26 -15.52 27.96 -25.06
C TYR F 26 -16.72 27.04 -24.78
N ASP F 27 -17.70 27.04 -25.68
CA ASP F 27 -18.93 26.26 -25.51
C ASP F 27 -19.56 26.71 -24.19
N THR F 28 -19.83 25.81 -23.25
CA THR F 28 -20.44 26.19 -21.98
C THR F 28 -19.86 25.33 -20.87
N PRO F 29 -19.65 25.91 -19.69
CA PRO F 29 -19.10 25.13 -18.57
C PRO F 29 -20.17 24.31 -17.86
N LEU F 30 -19.73 23.16 -17.34
CA LEU F 30 -20.60 22.25 -16.59
C LEU F 30 -20.17 22.22 -15.13
N GLY F 31 -21.04 22.69 -14.25
CA GLY F 31 -20.83 22.58 -12.82
C GLY F 31 -19.60 23.28 -12.29
N ILE F 32 -18.60 22.49 -11.88
CA ILE F 32 -17.43 23.06 -11.20
C ILE F 32 -16.65 23.97 -12.11
N THR F 33 -16.55 23.62 -13.40
CA THR F 33 -15.76 24.41 -14.33
C THR F 33 -16.35 25.79 -14.60
N ASN F 34 -17.50 26.11 -14.03
CA ASN F 34 -18.10 27.43 -14.19
C ASN F 34 -18.07 28.22 -12.90
N PRO F 35 -17.59 29.48 -12.97
CA PRO F 35 -17.09 30.10 -14.20
C PRO F 35 -15.64 29.72 -14.50
N PRO F 36 -15.19 30.03 -15.72
CA PRO F 36 -13.80 29.71 -16.08
C PRO F 36 -12.80 30.40 -15.16
N ILE F 37 -11.66 29.74 -14.96
CA ILE F 37 -10.62 30.32 -14.10
C ILE F 37 -10.04 31.57 -14.72
N ASP F 38 -9.96 31.62 -16.05
CA ASP F 38 -9.36 32.77 -16.71
C ASP F 38 -10.15 34.04 -16.44
N GLU F 39 -11.47 33.97 -16.57
CA GLU F 39 -12.31 35.13 -16.28
C GLU F 39 -12.31 35.47 -14.79
N LEU F 40 -12.00 34.51 -13.93
CA LEU F 40 -11.90 34.74 -12.50
C LEU F 40 -10.54 35.29 -12.08
N LEU F 41 -9.47 34.90 -12.78
CA LEU F 41 -8.14 35.38 -12.41
C LEU F 41 -7.97 36.86 -12.72
N SER F 42 -8.75 37.40 -13.65
CA SER F 42 -8.68 38.83 -13.92
C SER F 42 -9.18 39.67 -12.76
N ARG F 43 -9.93 39.07 -11.84
CA ARG F 43 -10.50 39.79 -10.70
C ARG F 43 -9.56 39.85 -9.51
N ALA F 44 -8.51 39.03 -9.49
CA ALA F 44 -7.58 38.98 -8.37
C ALA F 44 -6.16 38.90 -8.90
N SER F 45 -5.19 38.89 -7.96
CA SER F 45 -3.79 38.87 -8.35
C SER F 45 -3.39 37.50 -8.89
N SER F 46 -3.39 36.49 -8.03
CA SER F 46 -2.96 35.15 -8.40
C SER F 46 -4.05 34.15 -8.07
N LYS F 47 -3.87 32.93 -8.60
CA LYS F 47 -4.82 31.85 -8.32
C LYS F 47 -4.97 31.62 -6.82
N TYR F 48 -3.93 31.90 -6.04
CA TYR F 48 -4.02 31.72 -4.59
C TYR F 48 -4.92 32.79 -3.97
N ALA F 49 -4.72 34.05 -4.34
CA ALA F 49 -5.59 35.10 -3.86
C ALA F 49 -7.04 34.81 -4.21
N LEU F 50 -7.28 34.26 -5.40
CA LEU F 50 -8.64 33.89 -5.77
C LEU F 50 -9.23 32.89 -4.79
N VAL F 51 -8.40 31.97 -4.28
CA VAL F 51 -8.89 30.96 -3.34
C VAL F 51 -9.40 31.64 -2.07
N ILE F 52 -8.52 32.33 -1.36
CA ILE F 52 -8.92 33.04 -0.14
C ILE F 52 -10.05 34.01 -0.46
N TYR F 53 -9.99 34.65 -1.62
CA TYR F 53 -11.05 35.56 -2.05
C TYR F 53 -12.42 34.91 -1.93
N ALA F 54 -12.61 33.79 -2.63
CA ALA F 54 -13.91 33.12 -2.59
C ALA F 54 -14.13 32.37 -1.29
N ALA F 55 -13.05 31.87 -0.67
CA ALA F 55 -13.20 31.08 0.55
C ALA F 55 -13.87 31.88 1.66
N LYS F 56 -13.28 33.03 2.02
CA LYS F 56 -13.84 33.83 3.09
C LYS F 56 -15.26 34.30 2.76
N ARG F 57 -15.52 34.62 1.49
CA ARG F 57 -16.87 35.02 1.11
C ARG F 57 -17.86 33.88 1.31
N ALA F 58 -17.47 32.65 0.96
CA ALA F 58 -18.33 31.51 1.22
C ALA F 58 -18.65 31.39 2.71
N ARG F 59 -17.65 31.62 3.56
CA ARG F 59 -17.90 31.63 5.01
C ARG F 59 -18.90 32.71 5.37
N GLN F 60 -18.83 33.86 4.69
CA GLN F 60 -19.77 34.95 4.95
C GLN F 60 -21.20 34.54 4.57
N ILE F 61 -21.37 33.97 3.38
CA ILE F 61 -22.71 33.61 2.92
C ILE F 61 -23.34 32.58 3.85
N ASN F 62 -22.61 31.52 4.17
CA ASN F 62 -23.17 30.47 5.02
C ASN F 62 -23.52 31.02 6.40
N ASP F 63 -22.77 32.01 6.89
CA ASP F 63 -23.16 32.69 8.12
C ASP F 63 -24.51 33.38 7.96
N TYR F 64 -24.73 34.01 6.80
CA TYR F 64 -25.98 34.72 6.57
C TYR F 64 -27.18 33.78 6.67
N TYR F 65 -27.11 32.62 6.01
CA TYR F 65 -28.20 31.67 6.11
C TYR F 65 -28.44 31.23 7.55
N ASN F 66 -27.38 31.16 8.35
CA ASN F 66 -27.51 30.93 9.78
C ASN F 66 -27.73 32.28 10.47
N GLN F 67 -27.48 32.35 11.78
CA GLN F 67 -27.51 33.62 12.51
C GLN F 67 -26.10 34.21 12.47
N LEU F 68 -25.95 35.31 11.75
CA LEU F 68 -24.63 35.90 11.55
C LEU F 68 -24.60 37.39 11.86
N GLY F 69 -23.48 37.85 12.41
CA GLY F 69 -22.38 36.94 12.74
C GLY F 69 -22.22 36.87 14.25
N ASP F 70 -23.24 36.31 14.91
CA ASP F 70 -23.28 36.25 16.37
C ASP F 70 -23.49 37.65 16.93
N GLY F 71 -22.43 38.25 17.46
CA GLY F 71 -22.50 39.57 18.09
C GLY F 71 -21.67 40.57 17.30
N ILE F 72 -22.30 41.71 16.96
CA ILE F 72 -21.65 42.87 16.35
C ILE F 72 -21.43 42.76 14.85
N LEU F 73 -21.94 41.70 14.20
CA LEU F 73 -21.71 41.52 12.78
C LEU F 73 -23.01 41.10 12.10
N GLU F 74 -23.19 41.57 10.87
CA GLU F 74 -24.35 41.23 10.05
C GLU F 74 -23.87 40.71 8.71
N TYR F 75 -24.33 39.53 8.32
CA TYR F 75 -23.89 38.92 7.08
C TYR F 75 -24.52 39.63 5.88
N VAL F 76 -23.81 39.57 4.75
CA VAL F 76 -24.27 40.19 3.52
C VAL F 76 -24.35 39.12 2.44
N GLY F 77 -25.16 39.40 1.42
CA GLY F 77 -25.35 38.47 0.33
C GLY F 77 -26.36 37.39 0.66
N PRO F 78 -26.63 36.49 -0.29
CA PRO F 78 -26.02 36.43 -1.62
C PRO F 78 -26.35 37.64 -2.50
N LEU F 79 -25.32 38.20 -3.14
CA LEU F 79 -25.54 39.36 -4.01
C LEU F 79 -26.20 38.95 -5.32
N VAL F 80 -25.85 37.77 -5.84
CA VAL F 80 -26.42 37.29 -7.08
C VAL F 80 -27.61 36.40 -6.78
N GLU F 81 -28.47 36.22 -7.76
CA GLU F 81 -29.63 35.35 -7.60
C GLU F 81 -29.18 33.92 -7.40
N PRO F 82 -29.26 33.37 -6.19
CA PRO F 82 -28.75 32.01 -5.96
C PRO F 82 -29.51 30.99 -6.78
N GLY F 83 -28.82 29.91 -7.10
CA GLY F 83 -29.46 28.79 -7.78
C GLY F 83 -30.43 28.08 -6.88
N LEU F 84 -30.95 26.95 -7.39
CA LEU F 84 -31.91 26.16 -6.64
C LEU F 84 -31.35 25.77 -5.28
N GLN F 85 -30.31 24.93 -5.29
CA GLN F 85 -29.63 24.51 -4.07
C GLN F 85 -28.13 24.80 -4.16
N GLU F 86 -27.76 25.90 -4.80
CA GLU F 86 -26.36 26.19 -5.07
C GLU F 86 -25.57 26.28 -3.76
N LYS F 87 -24.32 25.77 -3.80
CA LYS F 87 -23.46 25.78 -2.63
C LYS F 87 -22.89 27.17 -2.42
N PRO F 88 -22.71 27.60 -1.16
CA PRO F 88 -22.21 28.96 -0.91
C PRO F 88 -20.88 29.26 -1.58
N LEU F 89 -19.98 28.28 -1.64
CA LEU F 89 -18.72 28.49 -2.35
C LEU F 89 -18.98 28.73 -3.84
N SER F 90 -19.94 28.00 -4.42
CA SER F 90 -20.28 28.22 -5.82
C SER F 90 -20.91 29.59 -6.04
N ILE F 91 -21.53 30.16 -5.00
CA ILE F 91 -22.11 31.49 -5.12
C ILE F 91 -21.02 32.56 -5.08
N ALA F 92 -20.05 32.41 -4.17
CA ALA F 92 -18.98 33.39 -4.07
C ALA F 92 -18.15 33.45 -5.35
N LEU F 93 -18.11 32.36 -6.12
CA LEU F 93 -17.38 32.37 -7.38
C LEU F 93 -18.11 33.20 -8.44
N ARG F 94 -19.43 33.03 -8.53
CA ARG F 94 -20.20 33.83 -9.48
C ARG F 94 -20.15 35.32 -9.11
N GLU F 95 -20.19 35.62 -7.80
CA GLU F 95 -20.11 37.01 -7.37
C GLU F 95 -18.76 37.63 -7.78
N ILE F 96 -17.68 36.88 -7.63
CA ILE F 96 -16.38 37.39 -8.06
C ILE F 96 -16.32 37.55 -9.57
N HIS F 97 -17.00 36.65 -10.30
CA HIS F 97 -16.99 36.74 -11.77
C HIS F 97 -17.67 38.01 -12.25
N GLY F 98 -18.69 38.48 -11.54
CA GLY F 98 -19.40 39.69 -11.89
C GLY F 98 -18.87 40.95 -11.24
N ASP F 99 -17.70 40.90 -10.60
CA ASP F 99 -17.09 42.05 -9.94
C ASP F 99 -17.98 42.64 -8.85
N LEU F 100 -18.91 41.85 -8.32
CA LEU F 100 -19.84 42.35 -7.30
C LEU F 100 -19.16 42.62 -5.97
N LEU F 101 -17.87 42.35 -5.83
CA LEU F 101 -17.17 42.61 -4.57
C LEU F 101 -15.72 42.91 -4.86
N GLU F 102 -15.12 43.77 -4.04
CA GLU F 102 -13.73 44.14 -4.14
C GLU F 102 -12.98 43.69 -2.89
N HIS F 103 -11.70 43.38 -3.06
CA HIS F 103 -10.87 42.88 -1.97
C HIS F 103 -9.55 43.66 -1.93
N THR F 104 -8.93 43.64 -0.75
CA THR F 104 -7.64 44.29 -0.53
C THR F 104 -6.68 43.27 0.07
N GLU F 105 -5.51 43.14 -0.54
CA GLU F 105 -4.52 42.17 -0.09
C GLU F 105 -3.60 42.79 0.96
N GLY F 106 -3.24 41.99 1.96
CA GLY F 106 -2.37 42.44 3.02
C GLY F 106 -0.90 42.11 2.78
N ALA G 163 35.50 -2.46 27.29
CA ALA G 163 34.63 -2.93 26.22
C ALA G 163 33.30 -3.45 26.77
N ASP G 164 33.38 -4.41 27.69
CA ASP G 164 32.21 -5.04 28.29
C ASP G 164 32.29 -4.92 29.80
N SER G 165 31.14 -4.68 30.43
CA SER G 165 31.11 -4.36 31.86
C SER G 165 31.23 -5.61 32.73
N VAL G 166 30.45 -6.65 32.44
CA VAL G 166 30.54 -7.88 33.23
C VAL G 166 31.97 -8.41 33.23
N ARG G 167 32.72 -8.15 32.16
CA ARG G 167 34.14 -8.50 32.14
C ARG G 167 34.91 -7.73 33.22
N ALA G 168 34.58 -6.46 33.41
CA ALA G 168 35.31 -5.64 34.37
C ALA G 168 35.09 -6.13 35.80
N TYR G 169 33.84 -6.38 36.16
CA TYR G 169 33.54 -6.83 37.53
C TYR G 169 34.33 -8.09 37.87
N LEU G 170 34.48 -9.00 36.91
CA LEU G 170 35.20 -10.23 37.17
C LEU G 170 36.70 -9.97 37.35
N LYS G 171 37.26 -9.03 36.59
CA LYS G 171 38.68 -8.73 36.73
C LYS G 171 39.03 -8.18 38.10
N GLN G 172 38.06 -7.58 38.80
CA GLN G 172 38.32 -6.99 40.11
C GLN G 172 38.12 -7.99 41.24
N ILE G 173 37.01 -8.75 41.21
CA ILE G 173 36.82 -9.77 42.23
C ILE G 173 37.92 -10.81 42.17
N GLY G 174 38.44 -11.09 40.98
CA GLY G 174 39.54 -12.02 40.84
C GLY G 174 40.83 -11.57 41.49
N LYS G 175 40.94 -10.28 41.81
CA LYS G 175 42.13 -9.78 42.48
C LYS G 175 42.18 -10.20 43.94
N VAL G 176 41.02 -10.29 44.60
CA VAL G 176 41.00 -10.66 46.01
C VAL G 176 41.47 -12.09 46.17
N ALA G 177 42.18 -12.35 47.27
CA ALA G 177 42.72 -13.67 47.54
C ALA G 177 41.71 -14.49 48.35
N LEU G 178 41.40 -15.69 47.85
CA LEU G 178 40.50 -16.58 48.57
C LEU G 178 41.05 -16.89 49.96
N LEU G 179 40.16 -17.36 50.84
CA LEU G 179 40.50 -17.60 52.22
C LEU G 179 40.42 -19.09 52.56
N ASN G 180 41.20 -19.49 53.55
CA ASN G 180 41.15 -20.85 54.09
C ASN G 180 40.22 -20.88 55.29
N ALA G 181 40.03 -22.08 55.84
CA ALA G 181 39.13 -22.23 56.99
C ALA G 181 39.60 -21.40 58.18
N GLU G 182 40.92 -21.33 58.39
CA GLU G 182 41.45 -20.63 59.55
C GLU G 182 41.22 -19.13 59.46
N GLU G 183 41.41 -18.56 58.27
CA GLU G 183 41.25 -17.11 58.12
C GLU G 183 39.82 -16.68 58.37
N GLU G 184 38.85 -17.46 57.87
CA GLU G 184 37.44 -17.10 58.02
C GLU G 184 37.08 -16.87 59.49
N VAL G 185 37.54 -17.74 60.37
CA VAL G 185 37.18 -17.63 61.78
C VAL G 185 37.79 -16.36 62.38
N GLU G 186 39.03 -16.02 62.00
CA GLU G 186 39.67 -14.83 62.53
C GLU G 186 38.88 -13.58 62.13
N LEU G 187 38.54 -13.46 60.85
CA LEU G 187 37.72 -12.33 60.41
C LEU G 187 36.35 -12.37 61.08
N ALA G 188 35.77 -13.56 61.21
CA ALA G 188 34.50 -13.69 61.92
C ALA G 188 34.62 -13.15 63.34
N LYS G 189 35.70 -13.52 64.04
CA LYS G 189 35.91 -13.03 65.40
C LYS G 189 36.01 -11.52 65.42
N ARG G 190 36.86 -10.94 64.55
CA ARG G 190 37.05 -9.51 64.53
C ARG G 190 35.74 -8.77 64.28
N ILE G 191 34.86 -9.34 63.45
CA ILE G 191 33.59 -8.70 63.16
C ILE G 191 32.70 -8.68 64.41
N GLU G 192 32.55 -9.84 65.06
CA GLU G 192 31.73 -9.89 66.27
C GLU G 192 32.31 -9.01 67.37
N ALA G 193 33.64 -8.99 67.49
CA ALA G 193 34.25 -8.07 68.44
C ALA G 193 33.98 -6.62 68.06
N GLY G 194 33.88 -6.33 66.76
CA GLY G 194 33.59 -4.96 66.34
C GLY G 194 32.17 -4.53 66.68
N LEU G 195 31.21 -5.44 66.54
CA LEU G 195 29.83 -5.09 66.85
C LEU G 195 29.63 -4.90 68.35
N TYR G 196 30.16 -5.82 69.16
CA TYR G 196 30.00 -5.70 70.59
C TYR G 196 30.75 -4.49 71.13
N ALA G 197 31.98 -4.26 70.66
CA ALA G 197 32.72 -3.08 71.07
C ALA G 197 31.93 -1.80 70.77
N THR G 198 31.34 -1.73 69.57
CA THR G 198 30.55 -0.55 69.22
C THR G 198 29.30 -0.44 70.09
N GLN G 199 28.65 -1.56 70.36
CA GLN G 199 27.46 -1.53 71.21
C GLN G 199 27.81 -1.22 72.66
N LYS G 200 28.96 -1.71 73.13
CA LYS G 200 29.36 -1.44 74.51
C LYS G 200 29.59 0.05 74.73
N LEU G 201 30.26 0.72 73.79
CA LEU G 201 30.49 2.14 73.94
C LEU G 201 29.19 2.92 73.96
N ALA G 202 28.20 2.49 73.16
CA ALA G 202 26.91 3.16 73.16
C ALA G 202 26.13 2.90 74.43
N GLU G 203 26.21 1.66 74.95
CA GLU G 203 25.47 1.33 76.17
C GLU G 203 26.06 2.00 77.40
N LEU G 204 27.39 2.19 77.43
CA LEU G 204 28.01 2.81 78.59
C LEU G 204 27.57 4.26 78.75
N ALA G 205 27.35 4.97 77.65
CA ALA G 205 26.85 6.33 77.75
C ALA G 205 25.40 6.36 78.24
N GLU G 206 24.61 5.37 77.82
CA GLU G 206 23.23 5.29 78.29
C GLU G 206 23.18 5.03 79.79
N LYS G 207 24.02 4.11 80.28
CA LYS G 207 24.02 3.71 81.68
C LYS G 207 24.90 4.59 82.56
N GLY G 208 25.40 5.71 82.03
CA GLY G 208 26.22 6.60 82.81
C GLY G 208 27.44 5.92 83.41
N GLU G 209 28.18 5.19 82.58
CA GLU G 209 29.39 4.52 83.00
C GLU G 209 30.57 5.01 82.19
N LYS G 210 31.76 4.92 82.78
CA LYS G 210 33.01 5.28 82.13
C LYS G 210 33.91 4.04 82.06
N LEU G 211 35.03 4.20 81.37
CA LEU G 211 35.99 3.13 81.19
C LEU G 211 37.40 3.70 81.24
N PRO G 212 38.41 2.84 81.43
CA PRO G 212 39.79 3.32 81.36
C PRO G 212 40.06 4.02 80.03
N VAL G 213 40.73 5.16 80.11
CA VAL G 213 40.98 5.97 78.91
C VAL G 213 41.63 5.12 77.82
N GLN G 214 42.78 4.53 78.14
CA GLN G 214 43.52 3.77 77.13
C GLN G 214 42.68 2.61 76.59
N GLN G 215 41.95 1.92 77.47
CA GLN G 215 41.13 0.80 77.00
C GLN G 215 40.00 1.28 76.12
N ARG G 216 39.32 2.37 76.53
CA ARG G 216 38.24 2.89 75.72
C ARG G 216 38.70 3.21 74.31
N ARG G 217 39.89 3.81 74.18
CA ARG G 217 40.43 4.10 72.86
C ARG G 217 40.81 2.83 72.12
N ASP G 218 41.15 1.76 72.84
CA ASP G 218 41.42 0.49 72.20
C ASP G 218 40.17 -0.11 71.59
N MET G 219 39.04 -0.06 72.32
CA MET G 219 37.80 -0.58 71.78
C MET G 219 37.40 0.14 70.50
N GLN G 220 37.57 1.46 70.46
CA GLN G 220 37.24 2.21 69.26
C GLN G 220 37.98 1.66 68.05
N TRP G 221 39.26 1.33 68.22
CA TRP G 221 40.01 0.74 67.11
C TRP G 221 39.49 -0.63 66.73
N ILE G 222 38.89 -1.35 67.71
CA ILE G 222 38.31 -2.66 67.41
C ILE G 222 37.25 -2.53 66.31
N CYS G 223 36.57 -1.38 66.27
CA CYS G 223 35.56 -1.17 65.24
C CYS G 223 36.21 -1.01 63.86
N ARG G 224 37.16 -0.09 63.74
CA ARG G 224 37.87 0.07 62.48
C ARG G 224 38.41 -1.26 61.97
N ASP G 225 38.94 -2.09 62.88
CA ASP G 225 39.41 -3.40 62.46
C ASP G 225 38.25 -4.34 62.19
N GLY G 226 37.13 -4.16 62.87
CA GLY G 226 35.97 -5.00 62.61
C GLY G 226 35.38 -4.78 61.24
N ASP G 227 35.23 -3.50 60.85
CA ASP G 227 34.67 -3.21 59.53
C ASP G 227 35.60 -3.66 58.42
N ARG G 228 36.91 -3.47 58.59
CA ARG G 228 37.86 -4.01 57.62
C ARG G 228 37.69 -5.53 57.49
N ALA G 229 37.41 -6.19 58.60
CA ALA G 229 37.14 -7.62 58.54
C ALA G 229 35.88 -7.91 57.74
N LYS G 230 34.81 -7.15 57.99
CA LYS G 230 33.58 -7.34 57.24
C LYS G 230 33.82 -7.16 55.75
N ASN G 231 34.43 -6.02 55.36
CA ASN G 231 34.70 -5.79 53.95
C ASN G 231 35.62 -6.85 53.38
N HIS G 232 36.63 -7.26 54.14
CA HIS G 232 37.56 -8.27 53.64
C HIS G 232 36.86 -9.61 53.43
N LEU G 233 35.99 -9.99 54.35
CA LEU G 233 35.31 -11.27 54.23
C LEU G 233 34.42 -11.31 52.98
N LEU G 234 33.70 -10.22 52.72
CA LEU G 234 32.84 -10.17 51.53
C LEU G 234 33.67 -10.25 50.25
N GLU G 235 34.69 -9.39 50.15
CA GLU G 235 35.47 -9.30 48.92
C GLU G 235 36.15 -10.61 48.55
N ALA G 236 36.30 -11.52 49.52
CA ALA G 236 36.94 -12.80 49.21
C ALA G 236 35.97 -13.78 48.57
N ASN G 237 34.73 -13.82 49.04
CA ASN G 237 33.74 -14.78 48.56
C ASN G 237 32.89 -14.25 47.42
N LEU G 238 33.25 -13.12 46.81
CA LEU G 238 32.50 -12.63 45.67
C LEU G 238 32.46 -13.64 44.54
N ARG G 239 33.55 -14.41 44.37
CA ARG G 239 33.56 -15.47 43.37
C ARG G 239 32.41 -16.44 43.59
N LEU G 240 32.17 -16.83 44.85
CA LEU G 240 31.08 -17.75 45.15
C LEU G 240 29.75 -17.21 44.65
N VAL G 241 29.51 -15.92 44.81
CA VAL G 241 28.26 -15.33 44.35
C VAL G 241 28.11 -15.53 42.84
N VAL G 242 29.18 -15.27 42.10
CA VAL G 242 29.11 -15.41 40.64
C VAL G 242 28.87 -16.87 40.27
N SER G 243 29.62 -17.79 40.87
CA SER G 243 29.46 -19.20 40.55
C SER G 243 28.02 -19.66 40.76
N LEU G 244 27.29 -19.01 41.67
CA LEU G 244 25.89 -19.35 41.86
C LEU G 244 24.99 -18.58 40.90
N ALA G 245 25.41 -17.38 40.48
CA ALA G 245 24.59 -16.54 39.62
C ALA G 245 24.59 -16.99 38.17
N LYS G 246 25.56 -17.82 37.77
CA LYS G 246 25.60 -18.29 36.38
C LYS G 246 24.37 -19.12 36.03
N ARG G 247 23.82 -19.86 36.98
CA ARG G 247 22.80 -20.85 36.69
C ARG G 247 21.43 -20.22 36.46
N TYR G 248 21.22 -18.97 36.85
CA TYR G 248 19.91 -18.34 36.77
C TYR G 248 19.83 -17.32 35.63
N THR G 249 20.75 -17.38 34.67
CA THR G 249 20.71 -16.46 33.55
C THR G 249 19.61 -16.87 32.57
N GLY G 250 19.16 -15.90 31.78
CA GLY G 250 18.14 -16.14 30.78
C GLY G 250 16.75 -16.36 31.31
N ARG G 251 16.56 -16.34 32.64
CA ARG G 251 15.25 -16.53 33.24
C ARG G 251 14.50 -15.21 33.44
N GLY G 252 14.84 -14.18 32.67
CA GLY G 252 14.18 -12.90 32.80
C GLY G 252 14.87 -11.89 33.70
N MET G 253 16.14 -12.11 34.00
CA MET G 253 16.91 -11.21 34.86
C MET G 253 18.33 -11.13 34.35
N ALA G 254 18.82 -9.91 34.12
CA ALA G 254 20.18 -9.72 33.64
C ALA G 254 21.18 -10.40 34.58
N PHE G 255 22.28 -10.86 34.01
CA PHE G 255 23.28 -11.57 34.81
C PHE G 255 23.76 -10.72 35.97
N LEU G 256 24.08 -9.45 35.70
CA LEU G 256 24.59 -8.58 36.76
C LEU G 256 23.58 -8.43 37.89
N ASP G 257 22.31 -8.19 37.54
CA ASP G 257 21.29 -8.06 38.57
C ASP G 257 21.26 -9.30 39.48
N LEU G 258 21.35 -10.49 38.88
CA LEU G 258 21.47 -11.70 39.69
C LEU G 258 22.69 -11.61 40.61
N ILE G 259 23.83 -11.18 40.07
CA ILE G 259 25.06 -11.10 40.87
C ILE G 259 24.86 -10.15 42.05
N GLN G 260 24.42 -8.91 41.77
CA GLN G 260 24.23 -7.94 42.83
C GLN G 260 23.27 -8.45 43.90
N GLU G 261 22.16 -9.05 43.48
CA GLU G 261 21.25 -9.66 44.46
C GLU G 261 21.95 -10.76 45.23
N GLY G 262 22.78 -11.56 44.55
CA GLY G 262 23.59 -12.53 45.25
C GLY G 262 24.48 -11.89 46.29
N ASN G 263 25.12 -10.77 45.94
CA ASN G 263 25.96 -10.06 46.90
C ASN G 263 25.15 -9.60 48.10
N LEU G 264 23.92 -9.14 47.87
CA LEU G 264 23.03 -8.80 48.98
C LEU G 264 22.85 -9.99 49.91
N GLY G 265 22.55 -11.16 49.34
CA GLY G 265 22.47 -12.36 50.15
C GLY G 265 23.79 -12.66 50.83
N LEU G 266 24.89 -12.58 50.08
CA LEU G 266 26.21 -12.78 50.67
C LEU G 266 26.42 -11.88 51.90
N ILE G 267 26.03 -10.62 51.79
CA ILE G 267 26.20 -9.70 52.91
C ILE G 267 25.51 -10.23 54.16
N ARG G 268 24.29 -10.75 54.01
CA ARG G 268 23.55 -11.26 55.16
C ARG G 268 24.27 -12.47 55.76
N ALA G 269 24.73 -13.39 54.91
CA ALA G 269 25.45 -14.55 55.40
C ALA G 269 26.58 -14.15 56.33
N VAL G 270 27.36 -13.14 55.93
CA VAL G 270 28.43 -12.63 56.78
C VAL G 270 27.85 -12.15 58.11
N GLU G 271 26.70 -11.48 58.08
CA GLU G 271 26.11 -10.97 59.29
C GLU G 271 25.60 -12.06 60.21
N LYS G 272 25.29 -13.25 59.68
CA LYS G 272 24.75 -14.33 60.48
C LYS G 272 25.68 -15.54 60.59
N PHE G 273 26.79 -15.57 59.87
CA PHE G 273 27.71 -16.69 59.95
C PHE G 273 28.18 -16.90 61.39
N ASP G 274 28.45 -18.16 61.73
CA ASP G 274 28.87 -18.54 63.08
C ASP G 274 30.16 -19.34 62.98
N TYR G 275 31.26 -18.76 63.43
CA TYR G 275 32.55 -19.44 63.38
C TYR G 275 32.64 -20.58 64.38
N THR G 276 31.85 -20.56 65.45
CA THR G 276 31.93 -21.60 66.46
C THR G 276 31.44 -22.95 65.96
N LYS G 277 30.60 -22.98 64.93
CA LYS G 277 30.09 -24.24 64.43
C LYS G 277 31.13 -25.02 63.65
N GLY G 278 32.23 -24.38 63.26
CA GLY G 278 33.30 -25.09 62.58
C GLY G 278 33.02 -25.50 61.15
N TYR G 279 31.91 -25.06 60.57
CA TYR G 279 31.61 -25.36 59.18
C TYR G 279 32.30 -24.36 58.26
N LYS G 280 32.74 -24.85 57.10
CA LYS G 280 33.33 -23.97 56.10
C LYS G 280 32.33 -22.89 55.73
N PHE G 281 32.85 -21.68 55.48
CA PHE G 281 31.96 -20.54 55.23
C PHE G 281 31.08 -20.78 54.00
N SER G 282 31.66 -21.29 52.91
CA SER G 282 30.89 -21.50 51.69
C SER G 282 29.67 -22.38 51.94
N THR G 283 29.71 -23.24 52.96
CA THR G 283 28.56 -24.09 53.25
C THR G 283 27.34 -23.27 53.61
N TYR G 284 27.48 -22.34 54.55
CA TYR G 284 26.36 -21.53 55.00
C TYR G 284 26.07 -20.35 54.10
N ALA G 285 27.05 -19.88 53.33
CA ALA G 285 26.80 -18.73 52.46
C ALA G 285 25.98 -19.13 51.23
N THR G 286 26.15 -20.37 50.74
CA THR G 286 25.41 -20.78 49.55
C THR G 286 23.91 -20.70 49.77
N TRP G 287 23.45 -21.00 50.98
CA TRP G 287 22.02 -20.90 51.26
C TRP G 287 21.53 -19.48 51.03
N TRP G 288 22.13 -18.51 51.72
CA TRP G 288 21.66 -17.13 51.62
C TRP G 288 21.83 -16.58 50.20
N ILE G 289 23.00 -16.81 49.60
CA ILE G 289 23.22 -16.34 48.23
C ILE G 289 22.19 -16.97 47.29
N ARG G 290 21.95 -18.27 47.43
CA ARG G 290 20.95 -18.92 46.59
C ARG G 290 19.57 -18.31 46.83
N GLN G 291 19.15 -18.22 48.08
CA GLN G 291 17.82 -17.68 48.38
C GLN G 291 17.71 -16.22 47.94
N ALA G 292 18.80 -15.45 48.08
CA ALA G 292 18.75 -14.05 47.69
C ALA G 292 18.45 -13.90 46.20
N ILE G 293 18.97 -14.80 45.37
CA ILE G 293 18.76 -14.70 43.93
C ILE G 293 17.33 -15.13 43.58
N THR G 294 16.91 -16.30 44.07
CA THR G 294 15.56 -16.77 43.78
C THR G 294 14.51 -15.77 44.26
N ARG G 295 14.61 -15.36 45.53
CA ARG G 295 13.68 -14.36 46.04
C ARG G 295 13.68 -13.10 45.19
N ALA G 296 14.83 -12.73 44.63
CA ALA G 296 14.88 -11.56 43.77
C ALA G 296 14.06 -11.76 42.50
N MET G 297 14.18 -12.94 41.88
CA MET G 297 13.46 -13.18 40.63
C MET G 297 11.95 -13.10 40.83
N ALA G 298 11.46 -13.65 41.94
CA ALA G 298 10.03 -13.57 42.21
C ALA G 298 9.56 -12.14 42.48
N ASP G 299 10.48 -11.24 42.81
CA ASP G 299 10.12 -9.86 43.10
C ASP G 299 10.41 -8.90 41.95
N GLN G 300 11.14 -9.33 40.93
CA GLN G 300 11.55 -8.41 39.86
C GLN G 300 11.45 -8.97 38.45
N ALA G 301 11.45 -10.29 38.25
CA ALA G 301 11.53 -10.83 36.90
C ALA G 301 10.31 -10.45 36.05
N ARG G 302 9.14 -10.33 36.67
CA ARG G 302 7.89 -10.12 35.94
C ARG G 302 7.55 -8.64 35.87
N THR G 303 7.14 -8.18 34.67
CA THR G 303 6.71 -6.80 34.52
C THR G 303 5.54 -6.49 35.45
N ILE G 304 4.60 -7.42 35.58
CA ILE G 304 3.51 -7.32 36.54
C ILE G 304 3.88 -8.19 37.74
N ARG G 305 4.26 -7.56 38.84
CA ARG G 305 4.81 -8.30 39.98
C ARG G 305 3.78 -9.25 40.57
N ILE G 306 4.28 -10.39 41.05
CA ILE G 306 3.46 -11.39 41.73
C ILE G 306 4.10 -11.71 43.06
N PRO G 307 3.37 -11.67 44.16
CA PRO G 307 3.96 -12.02 45.47
C PRO G 307 4.65 -13.38 45.42
N VAL G 308 5.70 -13.52 46.23
CA VAL G 308 6.53 -14.72 46.17
C VAL G 308 5.68 -15.96 46.40
N HIS G 309 4.70 -15.87 47.30
CA HIS G 309 3.89 -17.05 47.59
C HIS G 309 3.12 -17.49 46.35
N MET G 310 2.68 -16.54 45.52
CA MET G 310 2.03 -16.90 44.27
C MET G 310 3.05 -17.39 43.24
N VAL G 311 4.20 -16.72 43.13
CA VAL G 311 5.27 -17.26 42.31
C VAL G 311 5.67 -18.64 42.79
N GLU G 312 5.53 -18.88 44.10
CA GLU G 312 5.84 -20.18 44.66
C GLU G 312 4.88 -21.25 44.16
N VAL G 313 3.58 -20.96 44.20
CA VAL G 313 2.57 -21.94 43.80
C VAL G 313 2.57 -22.14 42.29
N ILE G 314 2.79 -21.06 41.54
CA ILE G 314 2.83 -21.17 40.07
C ILE G 314 3.91 -22.16 39.66
N ASN G 315 5.11 -22.04 40.22
CA ASN G 315 6.18 -22.97 39.90
C ASN G 315 5.84 -24.38 40.37
N LYS G 316 5.18 -24.50 41.52
CA LYS G 316 4.77 -25.81 41.99
C LYS G 316 3.77 -26.46 41.03
N LEU G 317 2.84 -25.66 40.49
CA LEU G 317 1.88 -26.20 39.54
C LEU G 317 2.57 -26.64 38.26
N GLY G 318 3.45 -25.79 37.71
CA GLY G 318 4.22 -26.19 36.54
C GLY G 318 5.06 -27.44 36.80
N ARG G 319 5.54 -27.61 38.03
CA ARG G 319 6.28 -28.82 38.36
C ARG G 319 5.37 -30.04 38.32
N ILE G 320 4.20 -29.95 38.95
CA ILE G 320 3.23 -31.04 38.89
C ILE G 320 2.82 -31.30 37.45
N GLN G 321 2.52 -30.24 36.70
CA GLN G 321 2.19 -30.36 35.29
C GLN G 321 3.27 -31.14 34.55
N ARG G 322 4.52 -30.70 34.68
CA ARG G 322 5.61 -31.37 33.99
C ARG G 322 5.75 -32.81 34.43
N GLU G 323 5.57 -33.08 35.72
CA GLU G 323 5.64 -34.45 36.22
C GLU G 323 4.43 -35.26 35.71
N LEU G 324 3.23 -34.73 35.90
CA LEU G 324 2.04 -35.39 35.36
C LEU G 324 2.12 -35.56 33.85
N LEU G 325 2.72 -34.57 33.17
CA LEU G 325 2.90 -34.70 31.73
C LEU G 325 3.78 -35.89 31.38
N GLN G 326 4.81 -36.15 32.20
CA GLN G 326 5.73 -37.24 31.92
C GLN G 326 5.14 -38.60 32.27
N ASP G 327 4.20 -38.65 33.21
CA ASP G 327 3.62 -39.92 33.61
C ASP G 327 2.50 -40.35 32.67
N LEU G 328 1.56 -39.45 32.40
CA LEU G 328 0.40 -39.81 31.59
C LEU G 328 0.66 -39.81 30.10
N GLY G 329 1.70 -39.11 29.64
CA GLY G 329 1.91 -38.93 28.22
C GLY G 329 0.95 -37.97 27.56
N ARG G 330 0.18 -37.21 28.34
CA ARG G 330 -0.72 -36.20 27.82
C ARG G 330 -0.83 -35.09 28.85
N GLU G 331 -1.00 -33.87 28.36
CA GLU G 331 -1.14 -32.71 29.24
C GLU G 331 -2.26 -32.95 30.25
N PRO G 332 -1.98 -32.96 31.54
CA PRO G 332 -3.03 -33.24 32.52
C PRO G 332 -4.11 -32.15 32.50
N THR G 333 -5.36 -32.59 32.58
CA THR G 333 -6.49 -31.68 32.58
C THR G 333 -6.55 -30.92 33.89
N PRO G 334 -7.39 -29.87 33.96
CA PRO G 334 -7.55 -29.16 35.23
C PRO G 334 -7.96 -30.06 36.39
N GLU G 335 -8.76 -31.09 36.12
CA GLU G 335 -9.15 -32.01 37.18
C GLU G 335 -7.97 -32.82 37.67
N GLU G 336 -7.23 -33.45 36.75
CA GLU G 336 -6.04 -34.19 37.14
C GLU G 336 -5.04 -33.29 37.85
N LEU G 337 -4.82 -32.09 37.30
CA LEU G 337 -3.83 -31.19 37.88
C LEU G 337 -4.31 -30.62 39.22
N ALA G 338 -5.62 -30.44 39.38
CA ALA G 338 -6.14 -29.97 40.67
C ALA G 338 -6.10 -31.06 41.72
N LYS G 339 -6.40 -32.30 41.34
CA LYS G 339 -6.34 -33.41 42.29
C LYS G 339 -4.93 -33.60 42.84
N GLU G 340 -3.96 -33.76 41.95
CA GLU G 340 -2.58 -33.98 42.39
C GLU G 340 -2.08 -32.83 43.26
N MET G 341 -2.60 -31.62 43.03
CA MET G 341 -2.16 -30.44 43.77
C MET G 341 -3.06 -30.10 44.95
N ASP G 342 -4.13 -30.87 45.17
CA ASP G 342 -5.01 -30.69 46.32
C ASP G 342 -5.58 -29.27 46.36
N ILE G 343 -6.14 -28.83 45.23
CA ILE G 343 -6.80 -27.53 45.13
C ILE G 343 -7.93 -27.65 44.10
N THR G 344 -8.80 -26.66 44.10
CA THR G 344 -9.95 -26.69 43.21
C THR G 344 -9.50 -26.52 41.75
N PRO G 345 -10.16 -27.19 40.80
CA PRO G 345 -9.81 -26.96 39.39
C PRO G 345 -9.95 -25.51 38.97
N GLU G 346 -10.95 -24.81 39.52
CA GLU G 346 -11.10 -23.39 39.21
C GLU G 346 -9.91 -22.58 39.72
N LYS G 347 -9.29 -23.03 40.82
CA LYS G 347 -8.12 -22.32 41.33
C LYS G 347 -6.96 -22.42 40.36
N VAL G 348 -6.66 -23.63 39.88
CA VAL G 348 -5.58 -23.80 38.92
C VAL G 348 -5.84 -22.96 37.67
N LEU G 349 -7.10 -22.85 37.26
CA LEU G 349 -7.44 -21.97 36.15
C LEU G 349 -7.13 -20.51 36.50
N GLU G 350 -7.62 -20.06 37.66
CA GLU G 350 -7.29 -18.71 38.12
C GLU G 350 -5.78 -18.54 38.24
N ILE G 351 -5.08 -19.59 38.67
CA ILE G 351 -3.63 -19.53 38.76
C ILE G 351 -3.02 -19.46 37.36
N GLN G 352 -3.53 -20.27 36.43
CA GLN G 352 -2.99 -20.28 35.08
C GLN G 352 -3.19 -18.94 34.37
N GLN G 353 -4.18 -18.14 34.80
CA GLN G 353 -4.33 -16.81 34.24
C GLN G 353 -3.26 -15.87 34.77
N TYR G 354 -2.90 -16.01 36.06
CA TYR G 354 -1.88 -15.15 36.64
C TYR G 354 -0.51 -15.39 36.02
N ALA G 355 -0.22 -16.63 35.61
CA ALA G 355 1.12 -16.95 35.13
C ALA G 355 1.44 -16.25 33.81
N ARG G 356 0.42 -15.93 33.01
CA ARG G 356 0.67 -15.34 31.70
C ARG G 356 1.37 -13.99 31.85
N GLU G 357 2.43 -13.79 31.06
CA GLU G 357 3.17 -12.54 31.02
C GLU G 357 2.72 -11.69 29.85
N PRO G 358 2.99 -10.38 29.89
CA PRO G 358 2.50 -9.48 28.85
C PRO G 358 3.34 -9.58 27.57
N ILE G 359 2.81 -8.94 26.53
CA ILE G 359 3.48 -8.89 25.23
C ILE G 359 3.89 -7.46 24.94
N SER G 360 4.81 -7.30 23.99
CA SER G 360 5.39 -6.00 23.69
C SER G 360 4.54 -5.27 22.65
N LEU G 361 4.05 -4.08 23.01
CA LEU G 361 3.36 -3.24 22.04
C LEU G 361 4.31 -2.81 20.92
N ASP G 362 5.57 -2.55 21.27
CA ASP G 362 6.57 -2.13 20.29
C ASP G 362 6.97 -3.24 19.33
N GLN G 363 6.38 -4.42 19.48
CA GLN G 363 6.62 -5.51 18.54
C GLN G 363 6.06 -5.13 17.16
N THR G 364 6.42 -5.94 16.16
CA THR G 364 6.02 -5.69 14.77
C THR G 364 5.19 -6.87 14.29
N ILE G 365 3.86 -6.75 14.42
CA ILE G 365 2.97 -7.76 13.88
C ILE G 365 2.79 -7.60 12.37
N GLY G 366 2.74 -6.35 11.90
CA GLY G 366 2.65 -6.12 10.47
C GLY G 366 3.88 -6.64 9.75
N ASP G 367 3.69 -7.02 8.49
CA ASP G 367 4.77 -7.59 7.70
C ASP G 367 5.85 -6.56 7.42
N GLU G 368 7.11 -6.97 7.61
CA GLU G 368 8.27 -6.14 7.28
C GLU G 368 8.16 -4.76 7.92
N GLY G 369 7.82 -4.74 9.20
CA GLY G 369 7.75 -3.48 9.94
C GLY G 369 6.78 -2.48 9.37
N ASP G 370 5.72 -2.95 8.71
CA ASP G 370 4.72 -2.02 8.19
C ASP G 370 4.11 -1.18 9.30
N SER G 371 3.87 -1.79 10.47
CA SER G 371 3.32 -1.09 11.61
C SER G 371 3.52 -1.94 12.85
N GLN G 372 3.81 -1.28 13.97
CA GLN G 372 3.95 -1.99 15.24
C GLN G 372 2.58 -2.45 15.74
N LEU G 373 2.60 -3.27 16.78
CA LEU G 373 1.37 -3.82 17.31
C LEU G 373 0.51 -2.74 17.96
N GLY G 374 1.14 -1.82 18.70
CA GLY G 374 0.42 -0.77 19.39
C GLY G 374 -0.50 0.05 18.51
N ASP G 375 -0.18 0.15 17.21
CA ASP G 375 -0.98 1.00 16.33
C ASP G 375 -2.41 0.52 16.19
N PHE G 376 -2.67 -0.76 16.42
CA PHE G 376 -3.99 -1.35 16.19
C PHE G 376 -4.87 -1.32 17.44
N ILE G 377 -4.41 -0.69 18.51
CA ILE G 377 -5.17 -0.65 19.77
C ILE G 377 -6.16 0.50 19.71
N GLU G 378 -7.44 0.18 19.86
CA GLU G 378 -8.46 1.22 19.92
C GLU G 378 -8.40 1.96 21.25
N ASP G 379 -8.79 3.23 21.22
CA ASP G 379 -8.97 4.05 22.41
C ASP G 379 -10.48 4.18 22.63
N SER G 380 -11.07 3.14 23.21
CA SER G 380 -12.52 3.09 23.36
C SER G 380 -13.05 4.23 24.20
N GLU G 381 -12.20 4.86 25.03
CA GLU G 381 -12.64 6.00 25.82
C GLU G 381 -12.72 7.30 25.04
N ALA G 382 -12.12 7.35 23.85
CA ALA G 382 -12.16 8.57 23.04
C ALA G 382 -13.60 8.99 22.77
N VAL G 383 -13.80 10.28 22.59
CA VAL G 383 -15.14 10.81 22.38
C VAL G 383 -15.68 10.36 21.03
N VAL G 384 -16.99 10.18 20.97
CA VAL G 384 -17.69 9.83 19.74
C VAL G 384 -18.41 11.09 19.26
N ALA G 385 -17.98 11.62 18.11
CA ALA G 385 -18.50 12.90 17.64
C ALA G 385 -20.02 12.87 17.53
N VAL G 386 -20.57 11.81 16.93
CA VAL G 386 -22.02 11.75 16.73
C VAL G 386 -22.76 11.77 18.06
N ASP G 387 -22.19 11.11 19.08
CA ASP G 387 -22.85 11.05 20.37
C ASP G 387 -22.80 12.38 21.10
N ALA G 388 -21.63 13.03 21.10
CA ALA G 388 -21.52 14.34 21.73
C ALA G 388 -22.51 15.33 21.14
N VAL G 389 -22.89 15.15 19.88
CA VAL G 389 -23.89 16.01 19.26
C VAL G 389 -25.30 15.58 19.67
N SER G 390 -25.57 14.28 19.61
CA SER G 390 -26.87 13.78 20.07
C SER G 390 -27.06 14.08 21.55
N PHE G 391 -26.03 13.83 22.36
CA PHE G 391 -26.10 14.18 23.78
C PHE G 391 -26.41 15.66 23.96
N THR G 392 -25.78 16.52 23.16
CA THR G 392 -26.06 17.95 23.25
C THR G 392 -27.50 18.25 22.83
N LEU G 393 -27.99 17.57 21.79
CA LEU G 393 -29.38 17.76 21.39
C LEU G 393 -30.34 17.21 22.44
N LEU G 394 -29.94 16.16 23.16
CA LEU G 394 -30.79 15.61 24.21
C LEU G 394 -30.91 16.60 25.36
N GLN G 395 -29.80 17.19 25.78
CA GLN G 395 -29.86 18.23 26.83
C GLN G 395 -30.78 19.36 26.41
N ASP G 396 -30.69 19.80 25.15
CA ASP G 396 -31.57 20.86 24.67
C ASP G 396 -33.02 20.41 24.68
N GLN G 397 -33.28 19.15 24.30
CA GLN G 397 -34.66 18.68 24.24
C GLN G 397 -35.25 18.53 25.63
N LEU G 398 -34.45 18.07 26.60
CA LEU G 398 -34.93 18.00 27.97
C LEU G 398 -35.22 19.38 28.53
N GLN G 399 -34.44 20.39 28.14
CA GLN G 399 -34.70 21.75 28.59
C GLN G 399 -36.14 22.15 28.27
N SER G 400 -36.58 21.89 27.04
CA SER G 400 -37.96 22.19 26.67
C SER G 400 -38.93 21.40 27.51
N VAL G 401 -38.68 20.09 27.66
CA VAL G 401 -39.56 19.25 28.48
C VAL G 401 -39.63 19.79 29.90
N LEU G 402 -38.51 20.28 30.42
CA LEU G 402 -38.52 20.87 31.76
C LEU G 402 -39.39 22.12 31.81
N GLU G 403 -39.54 22.82 30.67
CA GLU G 403 -40.34 24.03 30.66
C GLU G 403 -41.82 23.73 30.89
N THR G 404 -42.30 22.58 30.41
CA THR G 404 -43.71 22.25 30.58
C THR G 404 -44.05 21.99 32.04
N LEU G 405 -43.09 21.52 32.83
CA LEU G 405 -43.33 21.22 34.23
C LEU G 405 -43.40 22.49 35.06
N SER G 406 -43.86 22.34 36.30
CA SER G 406 -43.90 23.47 37.22
C SER G 406 -42.50 23.96 37.52
N GLU G 407 -42.40 25.26 37.83
CA GLU G 407 -41.11 25.84 38.21
C GLU G 407 -40.46 25.02 39.32
N ARG G 408 -41.18 24.84 40.43
CA ARG G 408 -40.67 23.99 41.50
C ARG G 408 -40.57 22.54 41.04
N GLU G 409 -41.53 22.07 40.25
CA GLU G 409 -41.53 20.68 39.83
C GLU G 409 -40.34 20.38 38.92
N ALA G 410 -39.97 21.34 38.07
CA ALA G 410 -38.80 21.14 37.23
C ALA G 410 -37.53 21.09 38.06
N GLY G 411 -37.41 21.96 39.07
CA GLY G 411 -36.24 21.94 39.92
C GLY G 411 -36.09 20.64 40.68
N VAL G 412 -37.22 20.08 41.15
CA VAL G 412 -37.16 18.81 41.87
C VAL G 412 -36.58 17.72 40.98
N VAL G 413 -37.00 17.68 39.71
CA VAL G 413 -36.47 16.68 38.80
C VAL G 413 -34.97 16.91 38.59
N ARG G 414 -34.55 18.16 38.45
CA ARG G 414 -33.13 18.46 38.31
C ARG G 414 -32.35 17.95 39.52
N LEU G 415 -32.76 18.35 40.72
CA LEU G 415 -32.03 17.96 41.92
C LEU G 415 -32.07 16.46 42.15
N ARG G 416 -33.22 15.82 41.88
CA ARG G 416 -33.35 14.40 42.15
C ARG G 416 -32.37 13.60 41.30
N PHE G 417 -32.12 14.03 40.07
CA PHE G 417 -31.15 13.37 39.19
C PHE G 417 -29.84 14.12 39.07
N GLY G 418 -29.74 15.32 39.65
CA GLY G 418 -28.50 16.07 39.60
C GLY G 418 -28.17 16.66 38.24
N LEU G 419 -29.19 17.02 37.46
CA LEU G 419 -28.94 17.61 36.15
C LEU G 419 -28.24 18.95 36.26
N THR G 420 -28.50 19.70 37.33
CA THR G 420 -27.96 21.05 37.46
C THR G 420 -26.54 21.03 38.02
N ASP G 421 -26.34 20.37 39.15
CA ASP G 421 -25.05 20.33 39.83
C ASP G 421 -24.29 19.04 39.62
N GLY G 422 -24.85 18.09 38.88
CA GLY G 422 -24.17 16.85 38.57
C GLY G 422 -24.12 15.84 39.70
N GLN G 423 -24.78 16.10 40.83
CA GLN G 423 -24.81 15.16 41.95
C GLN G 423 -26.24 15.03 42.43
N PRO G 424 -26.83 13.83 42.40
CA PRO G 424 -28.22 13.66 42.83
C PRO G 424 -28.38 14.00 44.31
N ARG G 425 -29.64 14.10 44.72
CA ARG G 425 -29.98 14.41 46.11
C ARG G 425 -31.10 13.48 46.57
N THR G 426 -30.99 13.01 47.81
CA THR G 426 -32.03 12.18 48.37
C THR G 426 -33.28 13.00 48.65
N LEU G 427 -34.39 12.30 48.88
CA LEU G 427 -35.66 12.97 49.13
C LEU G 427 -35.53 13.99 50.25
N ASP G 428 -34.84 13.63 51.34
CA ASP G 428 -34.66 14.55 52.44
C ASP G 428 -33.90 15.79 52.00
N GLU G 429 -32.77 15.59 51.31
CA GLU G 429 -31.99 16.73 50.84
C GLU G 429 -32.82 17.60 49.90
N ILE G 430 -33.55 16.99 48.97
CA ILE G 430 -34.40 17.76 48.07
C ILE G 430 -35.49 18.46 48.87
N GLY G 431 -36.14 17.75 49.78
CA GLY G 431 -37.13 18.38 50.64
C GLY G 431 -36.54 19.42 51.57
N GLN G 432 -35.23 19.38 51.80
CA GLN G 432 -34.60 20.36 52.68
C GLN G 432 -34.44 21.70 51.96
N VAL G 433 -34.17 21.67 50.66
CA VAL G 433 -34.03 22.91 49.90
C VAL G 433 -35.39 23.54 49.65
N TYR G 434 -36.43 22.72 49.49
CA TYR G 434 -37.79 23.24 49.38
C TYR G 434 -38.48 23.36 50.72
N GLY G 435 -37.85 22.89 51.79
CA GLY G 435 -38.39 23.05 53.13
C GLY G 435 -39.67 22.27 53.41
N VAL G 436 -39.73 21.02 52.95
CA VAL G 436 -40.88 20.16 53.19
C VAL G 436 -40.39 18.76 53.53
N THR G 437 -41.32 17.90 53.93
CA THR G 437 -40.98 16.54 54.32
C THR G 437 -40.33 15.81 53.15
N ARG G 438 -39.61 14.74 53.47
CA ARG G 438 -39.01 13.91 52.43
C ARG G 438 -40.06 13.05 51.73
N GLU G 439 -41.18 12.77 52.40
CA GLU G 439 -42.29 12.08 51.74
C GLU G 439 -42.94 12.99 50.70
N ARG G 440 -43.13 14.27 51.04
CA ARG G 440 -43.74 15.19 50.09
C ARG G 440 -42.96 15.23 48.77
N ILE G 441 -41.63 15.21 48.86
CA ILE G 441 -40.81 15.18 47.64
C ILE G 441 -41.05 13.88 46.88
N ARG G 442 -41.18 12.77 47.59
CA ARG G 442 -41.49 11.51 46.93
C ARG G 442 -42.81 11.61 46.17
N GLN G 443 -43.82 12.20 46.79
CA GLN G 443 -45.12 12.36 46.13
C GLN G 443 -45.00 13.26 44.91
N ILE G 444 -44.31 14.39 45.05
CA ILE G 444 -44.17 15.32 43.94
C ILE G 444 -43.45 14.66 42.78
N GLU G 445 -42.36 13.93 43.06
CA GLU G 445 -41.60 13.30 41.99
C GLU G 445 -42.46 12.32 41.20
N SER G 446 -43.20 11.46 41.90
CA SER G 446 -44.03 10.49 41.20
C SER G 446 -44.96 11.16 40.20
N LYS G 447 -45.56 12.28 40.60
CA LYS G 447 -46.45 12.99 39.68
C LYS G 447 -45.70 13.54 38.49
N THR G 448 -44.46 14.01 38.70
CA THR G 448 -43.65 14.48 37.59
C THR G 448 -43.44 13.39 36.56
N MET G 449 -43.12 12.17 37.02
CA MET G 449 -42.90 11.07 36.09
C MET G 449 -44.17 10.75 35.30
N SER G 450 -45.32 10.72 35.98
CA SER G 450 -46.59 10.54 35.28
C SER G 450 -46.78 11.64 34.23
N LYS G 451 -46.56 12.89 34.62
CA LYS G 451 -46.60 13.98 33.66
C LYS G 451 -45.59 13.76 32.53
N LEU G 452 -44.42 13.22 32.87
CA LEU G 452 -43.39 13.00 31.87
C LEU G 452 -43.75 11.85 30.94
N ARG G 453 -44.47 10.84 31.45
CA ARG G 453 -44.89 9.72 30.61
C ARG G 453 -46.08 10.06 29.73
N HIS G 454 -46.63 11.26 29.83
CA HIS G 454 -47.70 11.66 28.94
C HIS G 454 -47.22 11.60 27.49
N PRO G 455 -48.08 11.22 26.54
CA PRO G 455 -47.62 11.09 25.16
C PRO G 455 -47.06 12.38 24.58
N SER G 456 -47.68 13.52 24.88
CA SER G 456 -47.21 14.78 24.32
C SER G 456 -45.78 15.09 24.74
N ARG G 457 -45.49 14.93 26.02
CA ARG G 457 -44.16 15.29 26.54
C ARG G 457 -43.13 14.19 26.29
N SER G 458 -43.56 12.94 26.21
CA SER G 458 -42.65 11.80 26.19
C SER G 458 -42.35 11.27 24.79
N GLN G 459 -43.27 11.44 23.84
CA GLN G 459 -43.08 10.83 22.52
C GLN G 459 -41.79 11.30 21.85
N VAL G 460 -41.35 12.52 22.13
CA VAL G 460 -40.21 13.09 21.42
C VAL G 460 -38.88 12.46 21.83
N LEU G 461 -38.80 11.89 23.04
CA LEU G 461 -37.53 11.44 23.59
C LEU G 461 -37.27 9.95 23.40
N ARG G 462 -38.22 9.21 22.83
CA ARG G 462 -38.02 7.77 22.67
C ARG G 462 -36.79 7.47 21.81
N ASP G 463 -36.57 8.26 20.76
CA ASP G 463 -35.47 7.99 19.84
C ASP G 463 -34.13 7.95 20.52
N TYR G 464 -33.99 8.64 21.66
CA TYR G 464 -32.71 8.74 22.35
C TYR G 464 -32.38 7.50 23.18
N LEU G 465 -33.25 6.49 23.19
CA LEU G 465 -33.04 5.25 23.93
C LEU G 465 -32.15 5.41 25.17
O11 SRN J . 4.31 -14.68 -2.72
C45 SRN J . 5.39 -14.13 -3.04
O10 SRN J . 5.44 -13.43 -4.09
C44 SRN J . 6.63 -14.30 -2.16
C43 SRN J . 6.23 -14.08 -0.69
C42 SRN J . 6.55 -15.36 0.14
C41 SRN J . 5.70 -15.37 1.43
C39 SRN J . 6.56 -14.88 2.60
C40 SRN J . 5.76 -14.92 3.87
C38 SRN J . 7.80 -15.81 2.77
C36 SRN J . 9.04 -15.39 2.44
C37 SRN J . 9.26 -13.98 1.89
C32 SRN J . 10.21 -16.34 2.63
C33 SRN J . 11.10 -15.78 3.68
C47 SRN J . 12.09 -16.71 4.14
C46 SRN J . 11.77 -18.11 4.31
O1 SRN J . 10.24 -15.30 4.84
O7 SRN J . 9.64 -17.72 2.96
C31 SRN J . 10.67 -18.75 3.44
C30 SRN J . 11.27 -19.41 2.28
C29 SRN J . 10.10 -20.15 1.44
C28 SRN J . 9.32 -19.31 0.30
C27 SRN J . 8.15 -19.98 -0.55
C26 SRN J . 6.94 -18.94 -0.60
C25 SRN J . 5.56 -19.70 -0.79
C24 SRN J . 4.76 -19.48 -2.13
C23 SRN J . 3.39 -20.19 -2.37
O6 SRN J . 3.51 -20.99 -3.50
C22 SRN J . 2.34 -19.14 -2.58
O5 SRN J . 2.54 -18.54 -3.82
C21 SRN J . 2.50 -18.05 -1.46
O9 SRN J . 2.42 -18.71 -0.19
C20 SRN J . 1.46 -17.00 -1.68
C19 SRN J . 1.33 -16.04 -0.55
O4 SRN J . 2.49 -15.18 -0.52
C17 SRN J . 1.24 -16.74 0.79
C18 SRN J . -0.10 -17.45 0.91
C16 SRN J . 2.38 -17.81 0.92
C15 SRN J . 2.10 -18.61 2.18
C14 SRN J . 2.79 -17.93 3.41
C13 SRN J . 2.06 -17.91 4.84
C12 SRN J . 2.65 -17.32 5.85
O8 SRN J . 2.79 -18.29 6.98
C35 SRN J . 2.50 -17.71 8.32
C34 SRN J . 1.50 -16.83 8.34
C9 SRN J . 1.78 -15.74 7.73
C10 SRN J . 1.68 -15.91 6.31
C11 SRN J . 2.16 -14.70 5.68
O3 SRN J . 3.48 -15.26 8.11
C8 SRN J . 3.69 -16.95 8.72
C7 SRN J . 4.74 -17.50 8.21
C6 SRN J . 5.82 -16.57 7.55
C5 SRN J . 7.14 -17.12 6.90
C4 SRN J . 8.13 -16.08 6.27
C3 SRN J . 7.82 -14.53 6.29
C2 SRN J . 8.80 -13.46 5.66
C1 SRN J . 10.15 -13.88 4.99
O2 SRN J . 10.98 -13.12 4.64
C1 EDO K . -15.92 31.59 11.68
O1 EDO K . -15.57 32.70 12.52
C2 EDO K . -16.22 32.10 10.27
O2 EDO K . -15.12 32.89 9.81
H11 EDO K . -15.10 30.88 11.65
H12 EDO K . -16.80 31.09 12.08
HO1 EDO K . -15.38 32.37 13.41
H21 EDO K . -16.37 31.26 9.60
H22 EDO K . -17.13 32.70 10.28
HO2 EDO K . -15.31 33.21 8.92
ZN ZN L . 15.29 37.56 -9.31
ZN ZN M . -9.52 8.55 46.70
S SO4 N . 15.38 31.40 -0.34
O1 SO4 N . 16.40 31.26 -1.37
O2 SO4 N . 14.45 30.28 -0.40
O3 SO4 N . 16.02 31.40 0.98
O4 SO4 N . 14.65 32.66 -0.54
S SO4 O . 26.44 39.68 -16.38
O1 SO4 O . 27.55 39.67 -17.33
O2 SO4 O . 25.54 38.58 -16.66
O3 SO4 O . 26.97 39.55 -15.02
O4 SO4 O . 25.71 40.95 -16.49
S SO4 P . 5.67 42.32 -4.73
O1 SO4 P . 6.69 42.52 -5.74
O2 SO4 P . 4.67 41.37 -5.24
O3 SO4 P . 6.27 41.77 -3.51
O4 SO4 P . 5.01 43.58 -4.42
S SO4 Q . -3.04 0.49 4.15
O1 SO4 Q . -2.23 0.79 2.97
O2 SO4 Q . -4.08 -0.47 3.82
O3 SO4 Q . -2.19 -0.06 5.20
O4 SO4 Q . -3.67 1.72 4.64
S SO4 R . 3.05 21.45 37.87
O1 SO4 R . 4.11 21.21 36.89
O2 SO4 R . 1.81 20.84 37.39
O3 SO4 R . 3.42 20.87 39.15
O4 SO4 R . 2.85 22.90 38.03
S SO4 S . 22.18 -11.05 31.26
O1 SO4 S . 23.49 -10.83 30.65
O2 SO4 S . 21.69 -12.38 30.87
O3 SO4 S . 22.26 -10.95 32.71
O4 SO4 S . 21.25 -10.05 30.75
S SO4 T . 42.07 -6.64 56.78
O1 SO4 T . 43.36 -6.53 56.12
O2 SO4 T . 41.50 -7.96 56.53
O3 SO4 T . 42.23 -6.43 58.21
O4 SO4 T . 41.17 -5.61 56.25
S SO4 U . 36.25 9.61 80.45
O1 SO4 U . 36.99 10.05 79.28
O2 SO4 U . 35.32 8.55 80.06
O3 SO4 U . 37.19 9.10 81.44
O4 SO4 U . 35.50 10.73 81.01
S SO4 V . -46.03 22.44 41.97
O1 SO4 V . -44.90 23.21 41.47
O2 SO4 V . -46.89 22.04 40.87
O3 SO4 V . -45.53 21.24 42.65
O4 SO4 V . -46.79 23.25 42.92
#